data_4V1A
#
_entry.id   4V1A
#
_cell.length_a   1.0
_cell.length_b   1.0
_cell.length_c   1.0
_cell.angle_alpha   90.0
_cell.angle_beta   90.0
_cell.angle_gamma   90.0
#
_symmetry.space_group_name_H-M   'P 1'
#
loop_
_entity.id
_entity.type
_entity.pdbx_description
1 polymer 'MITORIBOSOMAL PROTEIN ML37, MRPL37'
2 polymer 'MITORIBOSOMAL PROTEIN ML38, MRPL38'
3 polymer 'MITORIBOSOMAL PROTEIN ML39, MRPL39'
4 polymer 'MITORIBOSOMAL PROTEIN ML40, MRPL40'
5 polymer 'MITORIBOSOMAL PROTEIN ML41, MRPL41'
6 polymer 'MITORIBOSOMAL PROTEIN ML42, MRPL42'
7 polymer 'MITORIBOSOMAL PROTEIN ML43, MRPL43'
8 polymer 'MITORIBOSOMAL PROTEIN ML44, MRPL44'
9 polymer 'MITORIBOSOMAL PROTEIN ML45, MRPL45'
10 polymer 'MITORIBOSOMAL PROTEIN ML46, MRPL46'
11 polymer 'MITORIBOSOMAL PROTEIN ML48, MRPL48'
12 polymer 'MITORIBOSOMAL PROTEIN ML49, MRPL49'
13 polymer 'MITORIBOSOMAL PROTEIN ML50, MRPL50'
14 polymer 'MITORIBOSOMAL PROTEIN ML51, MRPL51'
15 polymer 'MITORIBOSOMAL PROTEIN ML52, MRPL52'
16 polymer 'MITORIBOSOMAL PROTEIN ML53, MRPL53'
17 polymer 'MITORIBOSOMAL PROTEIN ML54, MRPL54'
18 polymer 'MITORIBOSOMAL PROTEIN ML63, MRPL57, MRP63'
19 polymer 'MITORIBOSOMAL PROTEIN ML62, MRPL58, ICT1'
20 polymer 'MITORIBOSOMAL PROTEIN ML64, MRPL59, CRIF1'
21 polymer 'MITORIBOSOMAL PROTEIN ML65, MRPS30'
22 polymer 'MITORIBOSOMAL PROTEIN ML66, MRPS18A'
23 polymer 'UNASSIGNED SECONDARY STRUCTURE ELEMENTS'
24 non-polymer 'ZINC ION'
#
loop_
_entity_poly.entity_id
_entity_poly.type
_entity_poly.pdbx_seq_one_letter_code
_entity_poly.pdbx_strand_id
1 'polypeptide(L)'
;MALASGPARRALARPGRLGFGGCGAPRRGAYEWGVRSTRKPEPPPLDRVYEIPGLEPITYAGKMHFMPGLARPVFPPWDP
GWTHPKFRRLPPLHEHPLYKDQACYVFHQRCRLLEGVKQALWLTKTQLIEGLPEKVLRLADDPRNHIENQDERVLNAISH
ARLWHSTEDIPKRETYCPVIVDSLIQLCKSQILKHPSLARRICAQNNTLSATWNRESILLQVHGSSGARLNAKDPLPPVA
SQEEVEATKNHVLETFYPISPTMGLQECNVYDVNDDTGFQEGYPYPCPHTLYFLESANLRPRRFQPDQLRAKMILFAFGS
ALAQARLLYGNDSKVLEQPVVVQSVGTDGRLFQFLVLQLNTTDLASDEGVKNLAWVDSDQLLYQHFWCLPVIKKKVVVEP
VGPIGFQPETFRKFLALYLHGAV
;
a
2 'polypeptide(L)'
;MAAPWWRAALCASRRWRGFSTSAALSRRAAPLGPMPNEDIDVSDLERLKKYRSFDRYRRRAEQEARKPHWWRTYREHFGE
ESGPKDRVDIGLPPPKVSRTQQLLERKQALRELRANVEEERAARLQTARIPLEAVRAEWERTCGPYHKQRLAEYCGLYRD
LFHGATFVPRVPLHVAYAVGEDDLMPVYHGNEVTPTEAAQAPEVTYEADEGSLWTLLLTNLDGHLLEPDAEYVHWLVTNI
PGNRVTEGQETCPYLPPFPARGSGFHRFAFLLFKQDKRIDFSGDTRPSPCYQLAQRTFHTFDFYKKHQDAMTPAGLAFFQ
CRWDDSVTRVFHQLLDMREPVFEFVRPPPYHPKQKRFPHRQPLRYLDRYRDSHEPTYGIY
;
b
3 'polypeptide(L)'
;MAMGAWGLRLWRAVPRGEAGWRLIATSPASQLSPTELIEMQNDLFNKEKNRQLSLTPRTEKIEVKHVGKTDPGTVFVMNK
NISTPYSCAMHLSEWYCRKSILALVDGQPWDMYKPLTKSCEIKFLTFKDDDPGEVNKAYWRSCAMMMGCVIERAFKDEYV
VSLVRAPEVPVIAGAFCYDVVLDKRLDEWMPTKENLHSFTKDARALIYKDLPFETLEVEAKVALEIFQHNKYKLDFIEEK
ASQNPERIVKLHRFGDFIDVSEGPLIPRTSICFQYEVSAVHNLQTQSSLVRRFQGLSLPVHLRAHFTIWNKLLERSRKMV
TEDKTKPTEESAST
;
c
4 'polypeptide(L)'
;MAAAALGAASRTLRPASRLVGAWPTQTRDAHERGSLFSFWGLVPMRAEPLRKKKKVDPKKDQAAKDRLKKRIRRLEKASQ
ELIPIEDFITPVKFLNKERQRPPVELPFEESERRALLLKRWSLYKQREHEMERSAIRSLLEAQEEALQELRLSSPELHAE
ATKRDPSLFPFERQGPDYTPPISDYQPPEGRYQDITKVYTQVEFKK
;
d
5 'polypeptide(L)'
;MGLLSGAARALVRGADRMSKWTSKRGPRTFCKGRGAKGTGFHGRDGKFVQIKEMIPELVVPELAGFKLKPYVNYRAPEGT
DTPLTAKQLFLETAAPAIEKDFKAGTFDPEHLEKYGFEPTQEGKLFQLYPKNFPR
;
e
6 'polypeptide(L)'
;MALAAVKWVISSRTILKHLFPIQNSASYCVCHKSTYSSLPDDYNCKVELALTSDGRTIVCYHPSVDIPYEHTKPIP
(UNK)(UNK)(UNK)(UNK)(UNK)(UNK)(UNK)(UNK)(UNK)(UNK)(UNK)(UNK)(UNK)(UNK)(UNK)(UNK)
(UNK)(UNK)(UNK)(UNK)(UNK)(UNK)(UNK)(UNK)EHLEQGPMIEQLSKMFFTTKHRWYPRGQYHRRRRKPNPPK
DR
;
f
7 'polypeptide(L)'
;MTARGTASRFLTSVLHNGLGRYVQQLQRLSFSLSRDAPSSRGAREFVEREVTDFARRNPGVVIYVNPRPCCVPRVVAEYL
NGAVREESIHCKSVEEIAALVQKLADQSGLDVIRIRKPFHTDSPSIQGQWHPFTNKPTTLGGLRPREVQDPAPAQVQAQ
;
g
8 'polypeptide(L)'
;MASGLVRLLQWGPRRLLAPAAPTLAPPVRGAKKGFRAAYRFQKELERWRLLRCPPPPVRRSEKPNWDYHAEIQAFGHRLQ
ETFSLDLLKTAFVNSCYIKSEEAKRQKLGIDKEAALLNLKDNQELSEQGISFSQTCLTQFFEDAFPDLPTEGVTSLVDFL
TSEEVVCHVARNLAVEQLALSAEFPVPPPVLRQTFFAVIGALLQSSGPERTALFIRDFLITQMTGKELFEMWTITNPMGL
LVEELKKRKISAPESRLTRQSGSTTALPVYFVGLYCDRKLIAEGPGETVLVAEEEAARVALRKLFGFTENRRPWDYSKPK
EHVRAEKTITAS
;
h
9 'polypeptide(L)'
;MAAPVTRGLSCLPRVLGWWSRQPVLVTQSTAVVPVRTKKRFTPPTYQPKYKSEKEFVEHARKAGLVIPHERLERPIHLAC
TAGIFDAYVPPEGDARISSLSKEGLAQRAERLKKNVASQLSIRKIRESDPNFKIKDFPEKAKDIFIEAHLCLNNSDHDRL
HTLVTENCFPDMVWDIRYKTVRWSFVESLEPPQVVQVRCSSLMNQGNIYGQVTVRMHTRQTLAIYDRFGRLMYGQEDVPR
DVLEYVVFEKHLVDPYGSWRMHGKIIPPWAPPKQPILKTVMIPGPQLKPWEEFEEPQGEVHKPQPARRRNDS
;
i
10 'polypeptide(L)'
;MAAPVRRTMLRVVRGWRRFEGPWAHSLGSRNLALAVAPSSSSSPWRLLGALCLQRPPLVTKPLTPLQEEMADLLQQIEIE
RSLYSDHELRALDEAQQLAKKKSDLYEEEDEQNILLAQDLEDMWEQKFLHFKLGARLTEADKKDDRTSLHRKLDRNLILL
VREKLGDQDIWMLPQSDWQPGETLRQTAERTLATLSENNMEAKFLGNAPCGHYKFKFPQAMRTETSLGAKVFFFKALLLT
GDFSQAGKKGHHVWVSKEELGDYLKPKYLAQVRRFLLDL
;
j
11 'polypeptide(L)'
;MNGALGKALCLRNDTVLKQALSLIRVRASGESPICSAGGILLSTSRHYRSKPTHGIGRYKHLVKAQEPKKKKGKVEVRPI
NLGTDYEYGVLNIHLIAYDMALAESYAQYVHNLCNHLAIKVEESYAMPTKTMEVLQLQEQGSKMFLDAVLTTHERVVQIS
GLSATFAEIFLEIIHSNLPEGVKLSVREHTEEDFKGRFKARPELEELLAKLN
;
k
12 'polypeptide(L)'
;MAATVLCGVLRAWRTGVPLGCGLRRLSQTQGTPEYPSFVESVDEYHFVERLLPPASIPRPPKHEHYPTPSGWQPPRDPAP
SLPYFVRRSRMHNIPVYRDITHGNRQMTVIRKVEGDIWALQKDVEDFLSPLLGKTPVTQVNEVTGTLRVKGYFDQQLKAW
LLEKGF
;
l
13 'polypeptide(L)'
;MAARWVSGLARRSLTCAVSGAPRREFWSPFRKEKQPVVAETVEEVKKEPILVCPPIQSRTYIPPEDLQSRLESHVKEVFG
SSVPSNWQDISLEDVHLKFSFLARLANDLRHAVPNSRLHQMCRVRDVLDFYNVPVQDRSKFDELIASNLPHNLKITWGY
;
m
14 'polypeptide(L)'
;MAGSLSWVTGRGLWGQLPLTCRSFSLGIPRLFHVRVTLPPRKVVDRWNEKRAMFGVYDNIGILGNFEKHPKELIKGPIWL
RGWKGNELQRCIRKKRMVGNRMFIDDLHNLNKRISYLYKHFNRHGKYR
;
n
15 'polypeptide(L)'
;MAAWGILLSTGVRRLHCGTAAQAGSQWRLQQGFAANPSGYGPLTELPDWSYADGRPAPPMKGQLRRKAQREKFARRVVLL
SQEMDAGLQAWQLRQQEKLQEEEGKQKNALKSKGALLQNPQPSQ
;
o
16 'polypeptide(L)'
;MAAALARLGLRAVKQVRVQFCPFEKNVESTRTFLQAVSSEKVRCTNLNCSVIADVRHDGSEPCVDVLFGDGHRLIMRGAH
LTAQEMLTAFASHIQARGAAGSGDKPSASTGR
;
p
17 'polypeptide(L)'
;MAARRLFGAARSWAAWRAWELSDAAVSGRLHVRNYAKRPVIKGGKGGKGAVVGEALKDPEVCTDPFRLTTHAMGVNIYKE
GQDVVLKPDSEYPEWLFEMNVGPPKKLEELDPETREYWRLLRKHNIWRHNRLSKNRKF
;
q
18 'polypeptide(L)'
;MFLTALLRRNRIPGRQWIGKHRRPRPVSAQAKQNMIRRLETEAENQYWLSRPFLTAEQERGHAAVRRAAAFQALKAAQAA
RFPAHRRLEEQLGHLLVTRKWS
;
t
19 'polypeptide(L)'
;MAAARCLRWGLNRAGAWLLPSPTRYPRRALHKQVEGTEFQSIYSLDKLYPESRGSDTAWRLPDDAKQANDIPVDRLTISY
CRSSGPGGQNVNKVNSKAEVRFHLASADWIAEPVRLKLAVKHKNRINRSGELILTSECSRYQFRNLADCLQKLRDMIAEA
SQP(UNK)(UNK)(UNK)(UNK)(UNK)(UNK)(UNK)(UNK)(UNK)(UNK)LRRSRIENMNRERLRKKRISSAIKTSR
RVDVD
;
u
20 'polypeptide(L)'
;MAAPVQQARTLLRLVTTLGQGSRGYRARPPPRRSQEPRWPDPDDPLTPRWQLSPRYAAKQFARHGAASGVAAGSLWPSQE
QLRELEAEEREWYPSLAAMQESLRVQQLAEEQKRQAREQLIEECMAKMPQMIENWRQQQQERR(UNK)(UNK)(UNK)
(UNK)(UNK)(UNK)(UNK)(UNK)(UNK)(UNK)(UNK)(UNK)LQAEAQERLGYHVDPRSARFQELLQDMEKQHRKRL
KEEKQRKKKEARAAAMAAAAAQDPADSETPSS
;
v
21 'polypeptide(L)'
;MAAARCRRFPLRGAGLSLHTAAKAAVTAPEVTGPDVPATPVARYPPIVASLTAKSKAARQRRVEQWQATVHAAKSVDEKL
RILTKMQFMKYVVYPQTFALNADNWYQSFTKTVFLSGLPPTPAKLEPEPTLDITALREAVCDCLLQEHFFLRRKKRAPVI
QDREAIASPFLDQLVASLTGLLSVHNPVLAAAALDCKRPVHFFWLRGEEIIPRGHRKGRVDALRYQINDKPHNQIRISRQ
LPEFVPLDYSIPIEVPVMSCKPDKLPLFKRQYENTIFIGSKTADPLCYGHTQFHLLPDKLKREKLLKQNCADQIEVVFRA
NAIASLFAWTGAQAMYQGFWSEADVTRPFVSQGVITDGKYFSFFCYQLNTLALTAQADQNNPRKNICWGTQSKPLYETIE
DNNVKGFNDDVLLQLVQFLLNRPKEDKSQLLEN
;
w
22 'polypeptide(L)'
;MVGLNVLVSGCGRLLRGLLAGPAATSWARPPSRGFREVVEILDGKTTIIEGRITETPQESPNPPNPTGQCPICRWNLKHK
YNYEDVLLLSQFIRPHGGMLPRRITGLCQEEHLKIEECVKMAHRAGLLPNHRPKLPEGFVPKSKPRLNRYLTRWSPRSVK
PIYNKGHRWNKVRMPVGSPLLKDNVSYSGRPLLLYH
;
x
23 'polypeptide(L)'
;(UNK)(UNK)(UNK)(UNK)(UNK)(UNK)(UNK)(UNK)(UNK)(UNK)(UNK)(UNK)(UNK)(UNK)(UNK)(UNK)
(UNK)(UNK)(UNK)(UNK)(UNK)(UNK)(UNK)(UNK)(UNK)(UNK)(UNK)(UNK)(UNK)(UNK)(UNK)(UNK)
(UNK)(UNK)(UNK)(UNK)(UNK)(UNK)(UNK)(UNK)(UNK)(UNK)(UNK)(UNK)(UNK)(UNK)(UNK)
;
z
#
loop_
_chem_comp.id
_chem_comp.type
_chem_comp.name
_chem_comp.formula
ZN non-polymer 'ZINC ION' 'Zn 2'
#
# COMPACT_ATOMS: atom_id res chain seq x y z
N ALA A 30 12.12 -74.82 -49.59
CA ALA A 30 12.12 -73.71 -50.54
C ALA A 30 12.15 -72.38 -49.80
N TYR A 31 13.34 -71.80 -49.69
CA TYR A 31 13.50 -70.46 -49.14
C TYR A 31 13.89 -69.53 -50.28
N GLU A 32 12.96 -68.69 -50.72
CA GLU A 32 13.25 -67.78 -51.81
C GLU A 32 14.23 -66.73 -51.36
N TRP A 33 15.20 -66.37 -52.20
CA TRP A 33 16.28 -65.52 -51.73
C TRP A 33 16.02 -64.02 -51.76
N GLY A 34 15.00 -63.56 -52.48
CA GLY A 34 14.69 -62.14 -52.41
C GLY A 34 13.85 -61.80 -51.20
N VAL A 35 14.08 -60.63 -50.59
CA VAL A 35 13.20 -60.14 -49.54
C VAL A 35 12.14 -59.18 -50.14
N ARG A 36 10.87 -59.43 -49.84
CA ARG A 36 9.75 -58.69 -50.47
C ARG A 36 9.76 -57.21 -50.15
N SER A 37 10.53 -56.80 -49.15
CA SER A 37 10.60 -55.39 -48.83
C SER A 37 11.53 -54.68 -49.81
N THR A 38 12.48 -55.41 -50.38
CA THR A 38 13.39 -54.82 -51.34
C THR A 38 12.83 -54.75 -52.76
N ARG A 39 12.18 -55.84 -53.20
CA ARG A 39 11.82 -56.02 -54.60
C ARG A 39 11.02 -54.83 -55.11
N LYS A 40 11.20 -54.51 -56.38
CA LYS A 40 10.57 -53.34 -57.00
C LYS A 40 9.09 -53.29 -56.64
N PRO A 41 8.63 -52.13 -56.15
CA PRO A 41 7.27 -52.00 -55.63
C PRO A 41 6.24 -52.50 -56.63
N GLU A 42 5.30 -53.31 -56.15
CA GLU A 42 4.26 -53.87 -57.02
C GLU A 42 3.44 -52.76 -57.66
N PRO A 43 2.92 -53.02 -58.87
CA PRO A 43 2.02 -52.05 -59.53
C PRO A 43 0.79 -51.75 -58.68
N PRO A 44 0.49 -50.46 -58.48
CA PRO A 44 -0.69 -50.04 -57.70
C PRO A 44 -1.96 -50.54 -58.39
N PRO A 45 -2.94 -51.09 -57.64
CA PRO A 45 -4.16 -51.60 -58.26
C PRO A 45 -4.79 -50.57 -59.21
N LEU A 46 -5.20 -51.00 -60.39
CA LEU A 46 -5.70 -50.07 -61.40
C LEU A 46 -7.00 -49.41 -60.93
N ASP A 47 -7.17 -48.13 -61.29
CA ASP A 47 -8.37 -47.41 -60.90
C ASP A 47 -9.62 -48.06 -61.50
N ARG A 48 -10.70 -48.12 -60.71
CA ARG A 48 -11.90 -48.87 -61.07
C ARG A 48 -12.58 -48.45 -62.37
N VAL A 49 -12.33 -47.22 -62.79
CA VAL A 49 -12.90 -46.73 -64.03
C VAL A 49 -12.38 -47.55 -65.22
N TYR A 50 -11.34 -48.34 -65.00
CA TYR A 50 -10.86 -49.24 -66.04
C TYR A 50 -11.57 -50.58 -66.02
N GLU A 51 -12.33 -50.82 -64.95
CA GLU A 51 -13.03 -52.08 -64.77
C GLU A 51 -14.41 -52.07 -65.44
N ILE A 52 -14.91 -50.88 -65.78
CA ILE A 52 -16.27 -50.73 -66.27
C ILE A 52 -16.33 -50.66 -67.78
N PRO A 53 -16.90 -51.69 -68.41
CA PRO A 53 -16.94 -51.86 -69.87
C PRO A 53 -17.67 -50.73 -70.62
N GLY A 54 -17.01 -50.17 -71.62
CA GLY A 54 -17.60 -49.15 -72.48
C GLY A 54 -17.50 -47.72 -71.97
N LEU A 55 -16.80 -47.53 -70.86
CA LEU A 55 -16.73 -46.23 -70.24
C LEU A 55 -15.41 -45.53 -70.58
N GLU A 56 -15.49 -44.24 -70.90
CA GLU A 56 -14.29 -43.43 -71.16
C GLU A 56 -13.66 -42.98 -69.85
N PRO A 57 -12.49 -43.55 -69.51
CA PRO A 57 -11.84 -43.12 -68.27
C PRO A 57 -11.25 -41.73 -68.43
N ILE A 58 -11.47 -40.86 -67.45
CA ILE A 58 -10.90 -39.54 -67.50
C ILE A 58 -9.59 -39.53 -66.73
N THR A 59 -8.50 -39.20 -67.41
CA THR A 59 -7.16 -39.30 -66.82
C THR A 59 -6.52 -37.94 -66.79
N TYR A 60 -5.46 -37.77 -66.02
CA TYR A 60 -4.83 -36.48 -66.02
C TYR A 60 -3.80 -36.38 -67.15
N ALA A 61 -3.74 -37.40 -67.99
CA ALA A 61 -2.84 -37.43 -69.14
C ALA A 61 -2.99 -36.18 -70.03
N GLY A 62 -4.16 -35.57 -70.01
CA GLY A 62 -4.39 -34.33 -70.74
C GLY A 62 -3.67 -33.15 -70.08
N LYS A 63 -3.59 -33.18 -68.76
CA LYS A 63 -2.99 -32.06 -68.02
C LYS A 63 -1.45 -32.11 -67.99
N MET A 64 -0.89 -33.30 -68.21
CA MET A 64 0.57 -33.56 -68.17
C MET A 64 1.23 -33.39 -66.80
N HIS A 65 0.55 -33.83 -65.74
CA HIS A 65 1.07 -33.81 -64.39
C HIS A 65 0.06 -34.50 -63.48
N PHE A 66 0.48 -34.97 -62.33
CA PHE A 66 -0.44 -35.70 -61.47
C PHE A 66 -1.46 -34.76 -60.83
N MET A 67 -2.71 -35.19 -60.76
CA MET A 67 -3.73 -34.51 -59.95
C MET A 67 -4.46 -35.51 -59.08
N PRO A 68 -4.75 -35.14 -57.83
CA PRO A 68 -5.58 -36.03 -57.02
C PRO A 68 -7.04 -36.01 -57.48
N GLY A 69 -7.67 -37.17 -57.55
CA GLY A 69 -9.07 -37.24 -57.94
C GLY A 69 -9.32 -37.64 -59.38
N LEU A 70 -8.32 -37.45 -60.24
CA LEU A 70 -8.39 -37.96 -61.60
C LEU A 70 -7.87 -39.39 -61.63
N ALA A 71 -8.47 -40.21 -62.47
CA ALA A 71 -8.04 -41.61 -62.60
C ALA A 71 -6.63 -41.73 -63.22
N ARG A 72 -5.99 -42.85 -62.92
CA ARG A 72 -4.62 -43.14 -63.36
C ARG A 72 -4.48 -43.39 -64.87
N PRO A 73 -3.69 -42.54 -65.57
CA PRO A 73 -3.45 -42.69 -67.01
C PRO A 73 -2.58 -43.90 -67.30
N VAL A 74 -2.97 -44.70 -68.29
CA VAL A 74 -2.16 -45.83 -68.72
C VAL A 74 -1.49 -45.49 -70.05
N PHE A 75 -0.18 -45.65 -70.14
CA PHE A 75 0.53 -45.22 -71.34
C PHE A 75 1.15 -46.40 -72.09
N PRO A 76 1.11 -46.33 -73.43
CA PRO A 76 1.73 -47.39 -74.23
C PRO A 76 3.23 -47.41 -74.00
N PRO A 77 3.88 -48.57 -74.15
CA PRO A 77 5.34 -48.68 -74.04
C PRO A 77 6.03 -47.72 -75.01
N TRP A 78 6.99 -46.94 -74.52
CA TRP A 78 7.52 -45.84 -75.33
C TRP A 78 8.38 -46.34 -76.49
N ASP A 79 8.12 -45.81 -77.68
CA ASP A 79 8.80 -46.24 -78.89
C ASP A 79 9.50 -45.07 -79.58
N PRO A 80 10.79 -44.90 -79.26
CA PRO A 80 11.67 -43.88 -79.81
C PRO A 80 12.04 -44.24 -81.25
N GLY A 81 11.21 -43.84 -82.22
CA GLY A 81 11.30 -44.30 -83.60
C GLY A 81 12.71 -44.34 -84.16
N TRP A 82 13.52 -43.36 -83.78
CA TRP A 82 14.96 -43.41 -84.01
C TRP A 82 15.68 -43.72 -82.69
N THR A 83 16.54 -44.73 -82.69
CA THR A 83 17.09 -45.25 -81.42
C THR A 83 18.53 -44.82 -81.13
N HIS A 84 18.72 -44.22 -79.96
CA HIS A 84 20.02 -43.74 -79.51
C HIS A 84 20.86 -44.87 -78.92
N PRO A 85 22.11 -45.01 -79.40
CA PRO A 85 23.05 -46.06 -78.97
C PRO A 85 23.28 -46.19 -77.45
N LYS A 86 23.42 -45.07 -76.74
CA LYS A 86 23.69 -45.12 -75.30
C LYS A 86 22.48 -45.42 -74.42
N PHE A 87 21.33 -44.83 -74.75
CA PHE A 87 20.15 -44.90 -73.90
C PHE A 87 19.16 -46.00 -74.26
N ARG A 88 19.46 -46.76 -75.31
CA ARG A 88 18.57 -47.84 -75.74
C ARG A 88 18.71 -49.06 -74.83
N ARG A 89 17.67 -49.89 -74.78
CA ARG A 89 17.65 -51.04 -73.88
C ARG A 89 18.69 -52.05 -74.29
N LEU A 90 19.23 -52.76 -73.30
CA LEU A 90 20.30 -53.73 -73.53
C LEU A 90 19.86 -54.79 -74.52
N PRO A 91 20.58 -54.84 -75.66
CA PRO A 91 20.22 -55.69 -76.79
C PRO A 91 19.97 -57.11 -76.32
N PRO A 92 18.86 -57.69 -76.76
CA PRO A 92 18.45 -59.06 -76.43
C PRO A 92 19.52 -60.06 -76.88
N LEU A 93 19.92 -60.97 -76.00
CA LEU A 93 21.03 -61.88 -76.28
C LEU A 93 20.70 -62.86 -77.40
N HIS A 94 19.49 -63.40 -77.37
CA HIS A 94 19.02 -64.35 -78.36
C HIS A 94 19.10 -63.77 -79.79
N GLU A 95 19.10 -62.43 -79.88
CA GLU A 95 19.11 -61.74 -81.17
C GLU A 95 20.48 -61.71 -81.82
N HIS A 96 21.53 -61.68 -80.99
CA HIS A 96 22.89 -61.52 -81.48
C HIS A 96 23.28 -62.62 -82.49
N PRO A 97 23.93 -62.23 -83.58
CA PRO A 97 24.20 -63.13 -84.72
C PRO A 97 25.12 -64.31 -84.39
N LEU A 98 25.97 -64.15 -83.39
CA LEU A 98 26.94 -65.17 -83.02
C LEU A 98 26.34 -66.24 -82.11
N TYR A 99 25.04 -66.10 -81.82
CA TYR A 99 24.34 -66.96 -80.87
C TYR A 99 24.10 -68.38 -81.38
N LYS A 100 24.53 -69.36 -80.58
CA LYS A 100 24.31 -70.77 -80.89
C LYS A 100 23.69 -71.42 -79.66
N ASP A 101 22.98 -72.53 -79.86
CA ASP A 101 22.18 -73.11 -78.78
C ASP A 101 22.93 -74.13 -77.92
N GLN A 102 24.10 -74.55 -78.38
CA GLN A 102 24.93 -75.48 -77.60
C GLN A 102 25.73 -74.73 -76.56
N ALA A 103 25.52 -75.07 -75.29
CA ALA A 103 26.25 -74.43 -74.21
C ALA A 103 27.73 -74.75 -74.36
N CYS A 104 28.56 -73.71 -74.44
CA CYS A 104 29.99 -73.94 -74.55
C CYS A 104 30.69 -73.47 -73.29
N TYR A 105 31.72 -74.20 -72.87
CA TYR A 105 32.41 -73.86 -71.63
C TYR A 105 33.71 -73.14 -71.90
N VAL A 106 33.70 -71.87 -71.53
CA VAL A 106 34.81 -70.97 -71.77
C VAL A 106 35.68 -70.84 -70.54
N PHE A 107 36.96 -71.16 -70.70
CA PHE A 107 37.97 -70.92 -69.68
C PHE A 107 38.70 -69.63 -70.01
N HIS A 108 38.76 -68.71 -69.05
CA HIS A 108 39.46 -67.45 -69.29
C HIS A 108 40.45 -67.17 -68.19
N GLN A 109 41.29 -66.16 -68.41
CA GLN A 109 42.44 -65.86 -67.56
C GLN A 109 42.15 -65.90 -66.06
N ARG A 110 40.99 -65.42 -65.65
CA ARG A 110 40.67 -65.37 -64.22
C ARG A 110 39.83 -66.54 -63.69
N CYS A 111 39.53 -67.52 -64.54
CA CYS A 111 38.80 -68.72 -64.09
C CYS A 111 39.57 -69.55 -63.08
N ARG A 112 38.89 -69.90 -61.99
CA ARG A 112 39.45 -70.77 -60.95
C ARG A 112 38.96 -72.20 -61.14
N LEU A 113 39.88 -73.13 -61.35
CA LEU A 113 39.51 -74.54 -61.40
C LEU A 113 39.42 -75.14 -60.01
N LEU A 114 38.39 -75.95 -59.78
CA LEU A 114 38.19 -76.51 -58.45
C LEU A 114 39.24 -77.55 -58.10
N GLU A 115 39.38 -78.55 -58.96
CA GLU A 115 40.50 -79.48 -58.86
C GLU A 115 41.48 -79.14 -59.95
N GLY A 116 42.59 -78.50 -59.59
CA GLY A 116 43.43 -77.88 -60.59
C GLY A 116 44.11 -78.87 -61.50
N VAL A 117 44.89 -79.74 -60.89
CA VAL A 117 45.67 -80.70 -61.64
C VAL A 117 44.75 -81.71 -62.33
N LYS A 118 43.85 -82.30 -61.55
CA LYS A 118 42.96 -83.32 -62.10
C LYS A 118 42.14 -82.79 -63.27
N GLN A 119 41.46 -81.66 -63.07
CA GLN A 119 40.61 -81.12 -64.13
C GLN A 119 41.43 -80.68 -65.35
N ALA A 120 42.52 -79.94 -65.15
CA ALA A 120 43.35 -79.52 -66.28
C ALA A 120 43.78 -80.76 -67.07
N LEU A 121 44.20 -81.80 -66.36
CA LEU A 121 44.69 -83.02 -66.99
C LEU A 121 43.59 -83.78 -67.75
N TRP A 122 42.38 -83.84 -67.21
CA TRP A 122 41.31 -84.55 -67.89
C TRP A 122 40.84 -83.79 -69.13
N LEU A 123 40.67 -82.47 -68.98
CA LEU A 123 40.25 -81.61 -70.07
C LEU A 123 41.23 -81.61 -71.24
N THR A 124 42.51 -81.74 -70.91
CA THR A 124 43.56 -81.72 -71.93
C THR A 124 43.95 -83.12 -72.43
N LYS A 125 43.43 -84.17 -71.78
CA LYS A 125 43.85 -85.55 -72.02
C LYS A 125 45.37 -85.73 -71.80
N THR A 126 45.83 -85.34 -70.62
CA THR A 126 47.26 -85.21 -70.32
C THR A 126 47.72 -86.05 -69.12
N GLN A 127 48.91 -86.63 -69.22
CA GLN A 127 49.53 -87.35 -68.12
C GLN A 127 50.60 -86.50 -67.42
N LEU A 128 50.78 -86.69 -66.12
CA LEU A 128 51.68 -85.83 -65.34
C LEU A 128 53.07 -86.45 -65.05
N ILE A 129 54.09 -85.61 -65.06
CA ILE A 129 55.46 -86.04 -64.73
C ILE A 129 56.19 -84.98 -63.89
N GLU A 130 56.76 -85.41 -62.75
CA GLU A 130 57.30 -84.48 -61.76
C GLU A 130 58.44 -83.55 -62.20
N GLY A 131 59.60 -84.11 -62.48
CA GLY A 131 60.76 -83.29 -62.81
C GLY A 131 60.61 -82.62 -64.16
N LEU A 132 61.39 -81.58 -64.39
CA LEU A 132 61.45 -80.97 -65.72
C LEU A 132 62.03 -81.98 -66.69
N PRO A 133 61.71 -81.83 -67.98
CA PRO A 133 62.30 -82.72 -68.97
C PRO A 133 63.83 -82.70 -68.89
N GLU A 134 64.45 -83.84 -69.22
CA GLU A 134 65.88 -84.03 -69.04
C GLU A 134 66.77 -82.98 -69.71
N LYS A 135 66.56 -82.76 -71.01
CA LYS A 135 67.32 -81.78 -71.79
C LYS A 135 67.39 -80.44 -71.06
N VAL A 136 66.22 -79.98 -70.65
CA VAL A 136 66.10 -78.70 -69.94
C VAL A 136 67.03 -78.67 -68.73
N LEU A 137 66.92 -79.71 -67.90
CA LEU A 137 67.67 -79.76 -66.66
C LEU A 137 69.18 -79.83 -66.89
N ARG A 138 69.58 -80.53 -67.96
CA ARG A 138 70.98 -80.62 -68.36
C ARG A 138 71.52 -79.25 -68.77
N LEU A 139 70.70 -78.49 -69.51
CA LEU A 139 71.06 -77.12 -69.81
C LEU A 139 71.26 -76.35 -68.52
N ALA A 140 70.36 -76.55 -67.56
CA ALA A 140 70.40 -75.82 -66.30
C ALA A 140 71.63 -76.16 -65.46
N ASP A 141 72.13 -77.38 -65.62
CA ASP A 141 73.25 -77.83 -64.80
C ASP A 141 74.62 -77.68 -65.45
N ASP A 142 74.64 -77.18 -66.69
CA ASP A 142 75.92 -76.92 -67.37
C ASP A 142 76.62 -75.70 -66.75
N PRO A 143 77.81 -75.91 -66.18
CA PRO A 143 78.64 -74.85 -65.59
C PRO A 143 79.01 -73.73 -66.56
N ARG A 144 78.81 -73.94 -67.86
CA ARG A 144 79.15 -72.93 -68.86
C ARG A 144 78.05 -71.88 -69.03
N ASN A 145 76.85 -72.18 -68.53
CA ASN A 145 75.67 -71.37 -68.80
C ASN A 145 75.39 -70.29 -67.76
N HIS A 146 76.17 -70.27 -66.69
CA HIS A 146 75.98 -69.31 -65.60
C HIS A 146 76.34 -67.90 -66.07
N ILE A 147 75.80 -66.90 -65.40
CA ILE A 147 76.11 -65.50 -65.73
C ILE A 147 77.43 -65.12 -65.06
N GLU A 148 77.89 -63.88 -65.27
CA GLU A 148 79.20 -63.43 -64.80
C GLU A 148 79.41 -63.76 -63.33
N ASN A 149 78.52 -63.28 -62.48
CA ASN A 149 78.39 -63.80 -61.12
C ASN A 149 76.91 -63.92 -60.79
N GLN A 150 76.47 -65.14 -60.52
CA GLN A 150 75.05 -65.39 -60.35
C GLN A 150 74.52 -64.94 -59.00
N ASP A 151 75.24 -65.32 -57.95
CA ASP A 151 74.84 -64.98 -56.59
C ASP A 151 74.79 -63.48 -56.38
N GLU A 152 75.59 -62.75 -57.13
CA GLU A 152 75.55 -61.30 -57.07
C GLU A 152 74.27 -60.85 -57.74
N ARG A 153 74.18 -61.10 -59.04
CA ARG A 153 73.14 -60.51 -59.87
C ARG A 153 71.72 -60.88 -59.43
N VAL A 154 71.53 -62.12 -58.99
CA VAL A 154 70.18 -62.59 -58.64
C VAL A 154 69.74 -62.02 -57.31
N LEU A 155 70.67 -61.96 -56.36
CA LEU A 155 70.42 -61.30 -55.09
C LEU A 155 70.08 -59.84 -55.33
N ASN A 156 70.85 -59.16 -56.17
CA ASN A 156 70.57 -57.78 -56.48
C ASN A 156 69.25 -57.61 -57.21
N ALA A 157 68.86 -58.62 -57.98
CA ALA A 157 67.57 -58.60 -58.66
C ALA A 157 66.48 -58.59 -57.61
N ILE A 158 66.56 -59.55 -56.69
CA ILE A 158 65.57 -59.68 -55.62
C ILE A 158 65.48 -58.42 -54.76
N SER A 159 66.63 -57.94 -54.27
CA SER A 159 66.66 -56.73 -53.47
C SER A 159 66.08 -55.56 -54.23
N HIS A 160 66.41 -55.45 -55.51
CA HIS A 160 65.89 -54.37 -56.35
C HIS A 160 64.39 -54.41 -56.39
N ALA A 161 63.86 -55.60 -56.66
CA ALA A 161 62.42 -55.77 -56.83
C ALA A 161 61.68 -55.64 -55.52
N ARG A 162 62.23 -56.22 -54.47
CA ARG A 162 61.58 -56.28 -53.16
C ARG A 162 61.76 -55.00 -52.31
N LEU A 163 62.80 -54.22 -52.60
CA LEU A 163 63.09 -53.00 -51.85
C LEU A 163 63.40 -51.76 -52.69
N TRP A 164 64.50 -51.85 -53.42
CA TRP A 164 65.12 -50.68 -54.06
C TRP A 164 64.28 -49.97 -55.12
N HIS A 165 63.27 -50.61 -55.67
CA HIS A 165 62.63 -50.07 -56.85
C HIS A 165 61.59 -48.98 -56.58
N SER A 166 61.24 -48.73 -55.32
CA SER A 166 60.17 -47.77 -55.04
C SER A 166 60.50 -46.75 -53.95
N THR A 167 59.68 -45.71 -53.85
CA THR A 167 59.86 -44.67 -52.85
C THR A 167 59.41 -45.14 -51.47
N GLU A 168 58.34 -45.92 -51.45
CA GLU A 168 57.71 -46.37 -50.22
C GLU A 168 58.46 -47.54 -49.58
N ASP A 169 58.41 -47.61 -48.26
CA ASP A 169 59.24 -48.53 -47.48
C ASP A 169 59.00 -50.00 -47.80
N ILE A 170 57.75 -50.36 -48.06
CA ILE A 170 57.38 -51.73 -48.29
C ILE A 170 56.52 -51.84 -49.55
N PRO A 171 57.15 -52.11 -50.69
CA PRO A 171 56.46 -52.22 -51.98
C PRO A 171 55.37 -53.30 -51.96
N LYS A 172 54.24 -53.08 -52.63
CA LYS A 172 53.16 -54.07 -52.66
C LYS A 172 53.47 -55.19 -53.65
N ARG A 173 52.62 -56.20 -53.79
CA ARG A 173 52.85 -57.25 -54.79
C ARG A 173 52.70 -56.72 -56.20
N GLU A 174 51.69 -55.87 -56.37
CA GLU A 174 51.33 -55.31 -57.67
C GLU A 174 52.53 -54.68 -58.33
N THR A 175 53.35 -54.00 -57.54
CA THR A 175 54.56 -53.40 -58.06
C THR A 175 55.68 -54.43 -58.24
N TYR A 176 55.96 -55.25 -57.24
CA TYR A 176 57.21 -55.99 -57.28
C TYR A 176 57.19 -57.26 -58.13
N CYS A 177 56.06 -57.95 -58.20
CA CYS A 177 55.99 -59.19 -58.98
C CYS A 177 56.35 -58.97 -60.48
N PRO A 178 55.67 -58.03 -61.15
CA PRO A 178 56.07 -57.81 -62.54
C PRO A 178 57.50 -57.27 -62.63
N VAL A 179 57.93 -56.53 -61.61
CA VAL A 179 59.31 -56.06 -61.57
C VAL A 179 60.30 -57.23 -61.45
N ILE A 180 59.99 -58.23 -60.63
CA ILE A 180 60.85 -59.42 -60.53
C ILE A 180 60.99 -60.12 -61.86
N VAL A 181 59.86 -60.50 -62.47
CA VAL A 181 59.94 -61.29 -63.69
C VAL A 181 60.67 -60.55 -64.82
N ASP A 182 60.40 -59.25 -64.92
CA ASP A 182 61.10 -58.40 -65.86
C ASP A 182 62.59 -58.44 -65.56
N SER A 183 62.93 -58.39 -64.28
CA SER A 183 64.32 -58.42 -63.85
C SER A 183 65.04 -59.69 -64.30
N LEU A 184 64.45 -60.84 -64.01
CA LEU A 184 65.05 -62.13 -64.36
C LEU A 184 65.19 -62.29 -65.86
N ILE A 185 64.15 -61.91 -66.60
CA ILE A 185 64.20 -61.91 -68.07
C ILE A 185 65.34 -61.00 -68.54
N GLN A 186 65.57 -59.90 -67.84
CA GLN A 186 66.67 -59.01 -68.17
C GLN A 186 68.00 -59.69 -67.90
N LEU A 187 68.03 -60.55 -66.89
CA LEU A 187 69.25 -61.28 -66.55
C LEU A 187 69.57 -62.35 -67.58
N CYS A 188 68.53 -62.92 -68.20
CA CYS A 188 68.74 -63.90 -69.25
C CYS A 188 69.07 -63.25 -70.60
N LYS A 189 68.48 -62.09 -70.84
CA LYS A 189 68.73 -61.34 -72.05
C LYS A 189 70.22 -61.13 -72.27
N SER A 190 70.95 -60.88 -71.18
CA SER A 190 72.37 -60.61 -71.23
C SER A 190 73.19 -61.76 -71.81
N GLN A 191 72.64 -62.97 -71.73
CA GLN A 191 73.31 -64.16 -72.21
C GLN A 191 73.36 -64.25 -73.74
N ILE A 192 72.71 -63.30 -74.40
CA ILE A 192 72.69 -63.22 -75.87
C ILE A 192 74.09 -63.04 -76.46
N LEU A 193 75.01 -62.51 -75.65
CA LEU A 193 76.36 -62.23 -76.12
C LEU A 193 77.16 -63.52 -76.33
N LYS A 194 77.00 -64.47 -75.41
CA LYS A 194 77.71 -65.74 -75.47
C LYS A 194 77.05 -66.77 -76.40
N HIS A 195 75.73 -66.71 -76.48
CA HIS A 195 74.96 -67.78 -77.12
C HIS A 195 73.96 -67.18 -78.12
N PRO A 196 74.49 -66.54 -79.18
CA PRO A 196 73.71 -65.53 -79.92
C PRO A 196 72.67 -66.09 -80.90
N SER A 197 71.85 -67.04 -80.43
CA SER A 197 70.71 -67.48 -81.22
C SER A 197 69.42 -66.81 -80.71
N LEU A 198 69.56 -66.00 -79.66
CA LEU A 198 68.42 -65.47 -78.93
C LEU A 198 67.86 -64.18 -79.52
N ALA A 199 68.43 -63.74 -80.62
CA ALA A 199 67.95 -62.52 -81.29
C ALA A 199 66.72 -62.83 -82.13
N ARG A 200 66.33 -64.11 -82.11
CA ARG A 200 65.21 -64.60 -82.91
C ARG A 200 63.87 -64.53 -82.18
N ARG A 201 63.85 -63.91 -81.00
CA ARG A 201 62.62 -63.86 -80.20
C ARG A 201 61.99 -62.48 -80.05
N ILE A 202 60.67 -62.44 -80.02
CA ILE A 202 59.91 -61.21 -79.80
C ILE A 202 58.87 -61.41 -78.70
N CYS A 203 58.94 -60.56 -77.68
CA CYS A 203 57.94 -60.58 -76.61
C CYS A 203 56.64 -59.89 -77.02
N ALA A 204 55.51 -60.41 -76.55
CA ALA A 204 54.20 -59.86 -76.88
C ALA A 204 53.33 -59.70 -75.63
N GLN A 205 52.51 -58.65 -75.61
CA GLN A 205 51.65 -58.33 -74.48
C GLN A 205 50.17 -58.37 -74.83
N ASN A 206 49.37 -59.10 -74.05
CA ASN A 206 47.91 -59.09 -74.19
C ASN A 206 47.42 -59.52 -75.58
N ASN A 207 47.65 -60.78 -75.91
CA ASN A 207 47.22 -61.34 -77.18
C ASN A 207 45.93 -62.12 -77.03
N THR A 208 44.95 -61.80 -77.87
CA THR A 208 43.66 -62.45 -77.79
C THR A 208 43.78 -63.86 -78.33
N LEU A 209 43.50 -64.83 -77.47
CA LEU A 209 43.69 -66.22 -77.84
C LEU A 209 42.39 -66.98 -77.70
N SER A 210 41.93 -67.54 -78.81
CA SER A 210 40.70 -68.31 -78.80
C SER A 210 40.94 -69.67 -79.44
N ALA A 211 40.87 -70.71 -78.62
CA ALA A 211 41.11 -72.06 -79.09
C ALA A 211 39.97 -72.97 -78.66
N THR A 212 39.31 -73.59 -79.64
CA THR A 212 38.19 -74.47 -79.35
C THR A 212 38.53 -75.93 -79.60
N TRP A 213 38.28 -76.79 -78.61
CA TRP A 213 38.36 -78.23 -78.84
C TRP A 213 37.15 -78.93 -78.27
N ASN A 214 36.92 -80.13 -78.80
CA ASN A 214 35.76 -80.91 -78.42
C ASN A 214 36.17 -82.12 -77.62
N ARG A 215 35.60 -82.25 -76.42
CA ARG A 215 36.03 -83.29 -75.52
C ARG A 215 34.83 -83.99 -74.89
N GLU A 216 34.61 -85.26 -75.24
CA GLU A 216 33.57 -86.06 -74.59
C GLU A 216 32.19 -85.39 -74.50
N SER A 217 31.65 -84.95 -75.64
CA SER A 217 30.34 -84.29 -75.73
C SER A 217 30.33 -82.86 -75.15
N ILE A 218 31.39 -82.52 -74.43
CA ILE A 218 31.53 -81.20 -73.82
C ILE A 218 32.40 -80.30 -74.69
N LEU A 219 31.90 -79.11 -74.98
CA LEU A 219 32.62 -78.20 -75.87
C LEU A 219 33.43 -77.19 -75.08
N LEU A 220 34.71 -77.10 -75.39
CA LEU A 220 35.59 -76.25 -74.58
C LEU A 220 36.32 -75.19 -75.40
N GLN A 221 36.30 -73.98 -74.87
CA GLN A 221 36.95 -72.86 -75.53
C GLN A 221 37.85 -72.19 -74.51
N VAL A 222 39.16 -72.20 -74.76
CA VAL A 222 40.03 -71.38 -73.94
C VAL A 222 40.12 -70.03 -74.66
N HIS A 223 39.65 -68.99 -73.98
CA HIS A 223 39.45 -67.72 -74.64
C HIS A 223 39.88 -66.57 -73.74
N GLY A 224 40.81 -65.75 -74.22
CA GLY A 224 41.22 -64.59 -73.44
C GLY A 224 42.64 -64.12 -73.65
N SER A 225 43.08 -63.22 -72.79
CA SER A 225 44.40 -62.61 -72.89
C SER A 225 45.31 -63.04 -71.74
N SER A 226 46.37 -63.77 -72.03
CA SER A 226 47.34 -64.09 -70.99
C SER A 226 48.27 -62.90 -70.75
N GLY A 227 49.15 -62.99 -69.76
CA GLY A 227 50.02 -61.86 -69.45
C GLY A 227 51.15 -61.50 -70.40
N ALA A 228 52.08 -62.43 -70.61
CA ALA A 228 53.22 -62.17 -71.49
C ALA A 228 53.59 -63.38 -72.34
N ARG A 229 53.51 -63.22 -73.66
CA ARG A 229 53.96 -64.26 -74.58
C ARG A 229 55.41 -63.99 -74.96
N LEU A 230 56.18 -65.05 -75.10
CA LEU A 230 57.51 -64.92 -75.68
C LEU A 230 57.56 -65.77 -76.94
N ASN A 231 57.64 -65.13 -78.10
CA ASN A 231 57.59 -65.88 -79.36
C ASN A 231 58.97 -66.07 -79.96
N ALA A 232 59.15 -67.20 -80.62
CA ALA A 232 60.38 -67.51 -81.33
C ALA A 232 60.14 -67.54 -82.83
N LYS A 233 61.16 -67.12 -83.57
CA LYS A 233 61.16 -67.14 -85.02
C LYS A 233 61.26 -68.59 -85.50
N ASP A 234 61.98 -69.41 -84.75
CA ASP A 234 62.16 -70.82 -85.06
C ASP A 234 61.51 -71.68 -83.97
N PRO A 235 61.02 -72.87 -84.32
CA PRO A 235 60.20 -73.67 -83.40
C PRO A 235 61.00 -74.40 -82.32
N LEU A 236 60.30 -75.17 -81.49
CA LEU A 236 60.89 -75.83 -80.33
C LEU A 236 61.01 -77.35 -80.55
N PRO A 237 62.22 -77.91 -80.32
CA PRO A 237 62.51 -79.34 -80.54
C PRO A 237 61.76 -80.24 -79.56
N PRO A 238 61.08 -81.29 -80.06
CA PRO A 238 60.23 -82.18 -79.25
C PRO A 238 61.01 -82.95 -78.18
N VAL A 239 60.59 -82.85 -76.92
CA VAL A 239 61.40 -83.30 -75.78
C VAL A 239 61.07 -84.67 -75.20
N ALA A 240 60.11 -85.38 -75.81
CA ALA A 240 59.72 -86.69 -75.30
C ALA A 240 60.02 -87.79 -76.32
N SER A 241 60.74 -88.83 -75.90
CA SER A 241 61.06 -89.95 -76.78
C SER A 241 59.80 -90.77 -77.10
N GLN A 242 59.85 -91.55 -78.18
CA GLN A 242 58.72 -92.39 -78.61
C GLN A 242 58.22 -93.28 -77.47
N GLU A 243 59.16 -93.72 -76.65
CA GLU A 243 58.86 -94.52 -75.47
C GLU A 243 57.83 -93.86 -74.57
N GLU A 244 58.19 -92.69 -74.06
CA GLU A 244 57.31 -91.90 -73.21
C GLU A 244 55.97 -91.67 -73.88
N VAL A 245 55.97 -91.58 -75.21
CA VAL A 245 54.72 -91.43 -75.97
C VAL A 245 53.82 -92.67 -75.85
N GLU A 246 54.41 -93.86 -75.92
CA GLU A 246 53.61 -95.10 -75.78
C GLU A 246 53.16 -95.35 -74.33
N ALA A 247 54.07 -95.12 -73.39
CA ALA A 247 53.76 -95.17 -71.97
C ALA A 247 52.61 -94.21 -71.65
N THR A 248 52.57 -93.09 -72.36
CA THR A 248 51.45 -92.14 -72.23
C THR A 248 50.20 -92.74 -72.84
N LYS A 249 50.36 -93.45 -73.95
CA LYS A 249 49.24 -94.13 -74.60
C LYS A 249 48.57 -95.17 -73.68
N ASN A 250 49.30 -95.73 -72.71
CA ASN A 250 48.69 -96.71 -71.80
C ASN A 250 48.05 -96.17 -70.52
N HIS A 251 48.20 -94.87 -70.27
CA HIS A 251 47.75 -94.24 -69.04
C HIS A 251 46.24 -94.28 -68.86
N VAL A 252 45.78 -94.26 -67.61
CA VAL A 252 44.37 -94.11 -67.30
C VAL A 252 44.12 -92.81 -66.51
N LEU A 253 43.35 -91.90 -67.10
CA LEU A 253 43.11 -90.58 -66.52
C LEU A 253 42.37 -90.66 -65.19
N GLU A 254 42.84 -89.89 -64.21
CA GLU A 254 42.22 -89.85 -62.90
C GLU A 254 40.77 -89.35 -62.99
N THR A 255 39.85 -90.10 -62.37
CA THR A 255 38.44 -89.74 -62.40
C THR A 255 37.97 -89.32 -61.02
N PHE A 256 37.31 -88.18 -60.97
CA PHE A 256 36.75 -87.67 -59.72
C PHE A 256 35.24 -87.53 -59.87
N TYR A 257 34.49 -88.40 -59.19
CA TYR A 257 33.07 -88.56 -59.52
C TYR A 257 32.11 -87.42 -59.20
N PRO A 258 32.09 -86.93 -57.93
CA PRO A 258 31.05 -85.96 -57.58
C PRO A 258 31.13 -84.69 -58.41
N ILE A 259 32.35 -84.28 -58.74
CA ILE A 259 32.55 -83.04 -59.47
C ILE A 259 32.66 -83.27 -60.98
N SER A 260 31.75 -82.66 -61.74
CA SER A 260 31.82 -82.74 -63.19
C SER A 260 33.00 -81.91 -63.70
N PRO A 261 33.70 -82.42 -64.72
CA PRO A 261 34.91 -81.76 -65.25
C PRO A 261 34.70 -80.26 -65.51
N THR A 262 33.48 -79.87 -65.89
CA THR A 262 33.15 -78.48 -66.19
C THR A 262 33.42 -77.48 -65.06
N MET A 263 33.42 -77.94 -63.81
CA MET A 263 33.43 -77.04 -62.65
C MET A 263 34.50 -75.95 -62.66
N GLY A 264 34.08 -74.70 -62.49
CA GLY A 264 35.01 -73.56 -62.53
C GLY A 264 35.15 -72.90 -63.91
N LEU A 265 34.24 -73.20 -64.82
CA LEU A 265 34.29 -72.58 -66.14
C LEU A 265 33.11 -71.65 -66.32
N GLN A 266 33.06 -71.01 -67.50
CA GLN A 266 31.99 -70.04 -67.77
C GLN A 266 31.04 -70.62 -68.81
N GLU A 267 29.76 -70.69 -68.46
CA GLU A 267 28.78 -71.23 -69.40
C GLU A 267 28.34 -70.14 -70.38
N CYS A 268 28.52 -70.41 -71.67
CA CYS A 268 28.34 -69.36 -72.67
C CYS A 268 27.52 -69.80 -73.87
N ASN A 269 26.53 -68.97 -74.23
CA ASN A 269 25.72 -69.18 -75.43
C ASN A 269 26.11 -68.33 -76.63
N VAL A 270 27.04 -67.40 -76.46
CA VAL A 270 27.49 -66.58 -77.58
C VAL A 270 29.01 -66.68 -77.72
N TYR A 271 29.44 -67.33 -78.80
CA TYR A 271 30.85 -67.58 -79.01
C TYR A 271 31.12 -67.87 -80.47
N ASP A 272 32.37 -67.72 -80.87
CA ASP A 272 32.76 -68.03 -82.24
C ASP A 272 33.58 -69.29 -82.27
N VAL A 273 33.29 -70.19 -83.20
CA VAL A 273 34.17 -71.34 -83.37
C VAL A 273 35.06 -71.12 -84.57
N ASN A 274 36.30 -70.76 -84.27
CA ASN A 274 37.35 -70.61 -85.25
C ASN A 274 38.63 -70.64 -84.45
N ASP A 275 39.75 -70.92 -85.11
CA ASP A 275 41.00 -71.04 -84.39
C ASP A 275 41.82 -69.79 -84.56
N ASP A 276 42.05 -69.07 -83.46
CA ASP A 276 42.71 -67.78 -83.53
C ASP A 276 43.82 -67.60 -82.51
N THR A 277 44.88 -66.93 -82.93
CA THR A 277 45.94 -66.52 -82.03
C THR A 277 46.07 -65.02 -82.22
N GLY A 278 46.83 -64.36 -81.36
CA GLY A 278 46.92 -62.90 -81.40
C GLY A 278 47.47 -62.36 -82.70
N PHE A 279 47.87 -63.25 -83.59
CA PHE A 279 48.59 -62.85 -84.78
C PHE A 279 47.88 -63.20 -86.09
N GLN A 280 48.05 -62.33 -87.07
CA GLN A 280 47.54 -62.51 -88.44
C GLN A 280 48.30 -63.59 -89.17
N GLU A 281 47.95 -63.79 -90.44
CA GLU A 281 48.69 -64.70 -91.30
C GLU A 281 50.02 -64.08 -91.72
N GLY A 282 51.03 -64.93 -91.92
CA GLY A 282 52.33 -64.48 -92.38
C GLY A 282 53.08 -63.64 -91.36
N TYR A 283 53.15 -64.15 -90.14
CA TYR A 283 53.75 -63.42 -89.03
C TYR A 283 55.23 -63.78 -88.85
N PRO A 284 56.10 -62.75 -88.76
CA PRO A 284 57.56 -62.90 -88.68
C PRO A 284 58.06 -63.87 -87.60
N TYR A 285 57.42 -63.91 -86.44
CA TYR A 285 57.88 -64.78 -85.34
C TYR A 285 56.80 -65.78 -84.94
N PRO A 286 56.49 -66.74 -85.85
CA PRO A 286 55.27 -67.55 -85.76
C PRO A 286 55.21 -68.59 -84.63
N CYS A 287 56.32 -68.94 -83.98
CA CYS A 287 56.28 -70.09 -83.08
C CYS A 287 56.43 -69.74 -81.60
N PRO A 288 55.32 -69.79 -80.83
CA PRO A 288 55.26 -69.50 -79.38
C PRO A 288 56.19 -70.36 -78.51
N HIS A 289 56.97 -69.68 -77.67
CA HIS A 289 58.07 -70.29 -76.93
C HIS A 289 57.77 -70.39 -75.43
N THR A 290 57.58 -69.25 -74.77
CA THR A 290 57.31 -69.25 -73.32
C THR A 290 56.13 -68.37 -72.87
N LEU A 291 55.24 -68.94 -72.05
CA LEU A 291 54.13 -68.22 -71.45
C LEU A 291 54.42 -67.84 -70.01
N TYR A 292 54.29 -66.56 -69.69
CA TYR A 292 54.47 -66.07 -68.32
C TYR A 292 53.18 -65.66 -67.66
N PHE A 293 52.89 -66.23 -66.49
CA PHE A 293 51.69 -65.87 -65.75
C PHE A 293 52.03 -65.20 -64.45
N LEU A 294 51.35 -64.10 -64.15
CA LEU A 294 51.68 -63.34 -62.96
C LEU A 294 50.51 -63.20 -62.01
N GLU A 295 50.76 -63.42 -60.73
CA GLU A 295 49.76 -63.07 -59.73
C GLU A 295 50.13 -61.77 -59.03
N SER A 296 49.44 -60.70 -59.42
CA SER A 296 49.65 -59.42 -58.76
C SER A 296 48.31 -58.98 -58.18
N ALA A 297 48.23 -59.06 -56.86
CA ALA A 297 47.04 -58.74 -56.11
C ALA A 297 47.55 -58.48 -54.72
N ASN A 298 46.77 -57.87 -53.85
CA ASN A 298 47.25 -57.71 -52.48
C ASN A 298 46.65 -58.76 -51.54
N LEU A 299 45.33 -58.79 -51.41
CA LEU A 299 44.66 -59.82 -50.61
C LEU A 299 44.96 -61.27 -51.06
N ARG A 300 44.97 -62.20 -50.11
CA ARG A 300 45.03 -63.63 -50.45
C ARG A 300 43.86 -64.09 -51.33
N PRO A 301 42.60 -63.75 -50.97
CA PRO A 301 41.47 -64.22 -51.77
C PRO A 301 41.55 -63.81 -53.23
N ARG A 302 42.24 -62.72 -53.52
CA ARG A 302 42.35 -62.27 -54.90
C ARG A 302 43.33 -63.10 -55.74
N ARG A 303 44.33 -63.70 -55.11
CA ARG A 303 45.30 -64.49 -55.87
C ARG A 303 44.81 -65.90 -56.16
N PHE A 304 45.61 -66.63 -56.93
CA PHE A 304 45.28 -68.02 -57.22
C PHE A 304 45.99 -68.91 -56.20
N GLN A 305 45.36 -70.00 -55.80
CA GLN A 305 46.08 -71.01 -55.01
C GLN A 305 47.18 -71.61 -55.88
N PRO A 306 48.22 -72.16 -55.25
CA PRO A 306 49.31 -72.81 -56.00
C PRO A 306 48.80 -73.91 -56.94
N ASP A 307 47.69 -74.55 -56.60
CA ASP A 307 47.11 -75.56 -57.47
C ASP A 307 46.46 -74.96 -58.73
N GLN A 308 45.56 -74.02 -58.51
CA GLN A 308 44.83 -73.39 -59.60
C GLN A 308 45.75 -72.69 -60.59
N LEU A 309 46.88 -72.16 -60.12
CA LEU A 309 47.84 -71.52 -61.00
C LEU A 309 48.32 -72.55 -62.02
N ARG A 310 48.81 -73.67 -61.51
CA ARG A 310 49.18 -74.81 -62.33
C ARG A 310 48.09 -75.15 -63.32
N ALA A 311 46.85 -75.23 -62.84
CA ALA A 311 45.70 -75.50 -63.70
C ALA A 311 45.66 -74.56 -64.91
N LYS A 312 45.55 -73.25 -64.63
CA LYS A 312 45.33 -72.30 -65.71
C LYS A 312 46.51 -72.27 -66.67
N MET A 313 47.73 -72.52 -66.18
CA MET A 313 48.83 -72.49 -67.12
C MET A 313 48.89 -73.77 -67.96
N ILE A 314 48.46 -74.89 -67.37
CA ILE A 314 48.30 -76.11 -68.14
C ILE A 314 47.29 -75.93 -69.26
N LEU A 315 46.21 -75.21 -68.99
CA LEU A 315 45.19 -74.97 -70.01
C LEU A 315 45.66 -74.01 -71.10
N PHE A 316 46.24 -72.88 -70.70
CA PHE A 316 46.70 -71.91 -71.68
C PHE A 316 47.82 -72.44 -72.58
N ALA A 317 48.75 -73.19 -71.97
CA ALA A 317 49.79 -73.84 -72.76
C ALA A 317 49.14 -74.66 -73.86
N PHE A 318 48.16 -75.43 -73.47
CA PHE A 318 47.43 -76.30 -74.39
C PHE A 318 46.75 -75.54 -75.53
N GLY A 319 46.12 -74.42 -75.19
CA GLY A 319 45.52 -73.56 -76.20
C GLY A 319 46.55 -73.14 -77.23
N SER A 320 47.65 -72.57 -76.75
CA SER A 320 48.72 -72.13 -77.64
C SER A 320 49.26 -73.28 -78.48
N ALA A 321 49.16 -74.50 -77.97
CA ALA A 321 49.59 -75.65 -78.77
C ALA A 321 48.60 -75.96 -79.90
N LEU A 322 47.32 -76.08 -79.57
CA LEU A 322 46.28 -76.36 -80.57
C LEU A 322 46.22 -75.30 -81.67
N ALA A 323 46.53 -74.07 -81.28
CA ALA A 323 46.62 -72.97 -82.23
C ALA A 323 47.61 -73.25 -83.35
N GLN A 324 48.89 -73.35 -82.99
CA GLN A 324 49.94 -73.64 -83.96
C GLN A 324 49.65 -74.90 -84.73
N ALA A 325 49.12 -75.91 -84.02
CA ALA A 325 48.79 -77.18 -84.63
C ALA A 325 47.81 -77.00 -85.79
N ARG A 326 46.77 -76.21 -85.59
CA ARG A 326 45.78 -76.03 -86.65
C ARG A 326 46.15 -74.96 -87.67
N LEU A 327 47.21 -74.18 -87.40
CA LEU A 327 47.77 -73.34 -88.46
C LEU A 327 48.69 -74.12 -89.39
N LEU A 328 49.42 -75.09 -88.82
CA LEU A 328 50.38 -75.89 -89.58
C LEU A 328 49.78 -77.15 -90.18
N TYR A 329 48.56 -77.50 -89.76
CA TYR A 329 47.94 -78.74 -90.21
C TYR A 329 46.50 -78.53 -90.69
N GLY A 330 45.66 -77.97 -89.83
CA GLY A 330 44.25 -77.78 -90.13
C GLY A 330 43.36 -78.63 -89.26
N ASN A 331 42.07 -78.34 -89.31
CA ASN A 331 41.11 -78.75 -88.28
C ASN A 331 40.90 -80.26 -88.15
N ASP A 332 41.47 -81.01 -89.09
CA ASP A 332 41.37 -82.46 -89.07
C ASP A 332 41.97 -83.04 -87.79
N SER A 333 41.30 -84.04 -87.22
CA SER A 333 41.72 -84.65 -85.97
C SER A 333 42.83 -85.70 -86.19
N LYS A 334 43.98 -85.46 -85.57
CA LYS A 334 45.17 -86.26 -85.84
C LYS A 334 45.95 -86.59 -84.57
N VAL A 335 46.94 -87.46 -84.72
CA VAL A 335 48.03 -87.56 -83.75
C VAL A 335 49.31 -87.08 -84.45
N LEU A 336 49.81 -85.91 -84.03
CA LEU A 336 50.85 -85.17 -84.74
C LEU A 336 52.14 -85.94 -85.04
N GLU A 337 52.62 -85.81 -86.28
CA GLU A 337 53.91 -86.37 -86.69
C GLU A 337 55.03 -85.49 -86.18
N GLN A 338 54.72 -84.21 -86.03
CA GLN A 338 55.65 -83.23 -85.49
C GLN A 338 55.05 -82.60 -84.24
N PRO A 339 55.38 -83.18 -83.06
CA PRO A 339 54.86 -82.75 -81.76
C PRO A 339 55.11 -81.26 -81.47
N VAL A 340 54.07 -80.55 -81.05
CA VAL A 340 54.20 -79.15 -80.65
C VAL A 340 54.60 -79.06 -79.18
N VAL A 341 55.54 -78.18 -78.86
CA VAL A 341 55.97 -78.00 -77.47
C VAL A 341 55.90 -76.55 -77.04
N VAL A 342 55.20 -76.29 -75.93
CA VAL A 342 55.13 -74.96 -75.34
C VAL A 342 55.71 -75.03 -73.93
N GLN A 343 56.06 -73.87 -73.38
CA GLN A 343 56.81 -73.76 -72.12
C GLN A 343 56.20 -72.64 -71.27
N SER A 344 55.80 -72.96 -70.04
CA SER A 344 55.08 -72.00 -69.18
C SER A 344 55.75 -71.73 -67.83
N VAL A 345 55.66 -70.50 -67.34
CA VAL A 345 56.18 -70.14 -66.02
C VAL A 345 55.09 -69.38 -65.26
N GLY A 346 55.06 -69.49 -63.93
CA GLY A 346 54.07 -68.73 -63.16
C GLY A 346 54.61 -68.34 -61.80
N THR A 347 54.08 -67.28 -61.22
CA THR A 347 54.74 -66.68 -60.06
C THR A 347 53.81 -65.98 -59.08
N ASP A 348 54.13 -66.08 -57.80
CA ASP A 348 53.49 -65.25 -56.78
C ASP A 348 54.40 -64.06 -56.45
N GLY A 349 55.58 -64.09 -57.06
CA GLY A 349 56.64 -63.12 -56.86
C GLY A 349 57.69 -63.60 -55.87
N ARG A 350 57.32 -64.43 -54.90
CA ARG A 350 58.32 -65.19 -54.15
C ARG A 350 58.40 -66.66 -54.53
N LEU A 351 57.47 -67.13 -55.36
CA LEU A 351 57.37 -68.55 -55.65
C LEU A 351 57.15 -68.80 -57.15
N PHE A 352 57.77 -69.85 -57.67
CA PHE A 352 57.74 -70.11 -59.10
C PHE A 352 57.22 -71.49 -59.46
N GLN A 353 56.54 -71.57 -60.59
CA GLN A 353 56.07 -72.81 -61.16
C GLN A 353 56.64 -72.92 -62.56
N PHE A 354 57.32 -74.03 -62.84
CA PHE A 354 57.87 -74.27 -64.17
C PHE A 354 57.14 -75.42 -64.85
N LEU A 355 56.85 -75.24 -66.13
CA LEU A 355 56.00 -76.18 -66.86
C LEU A 355 56.46 -76.38 -68.30
N VAL A 356 56.42 -77.62 -68.78
CA VAL A 356 56.67 -77.87 -70.19
C VAL A 356 55.63 -78.81 -70.77
N LEU A 357 54.88 -78.32 -71.74
CA LEU A 357 53.81 -79.11 -72.30
C LEU A 357 54.12 -79.55 -73.73
N GLN A 358 54.04 -80.86 -73.95
CA GLN A 358 54.12 -81.42 -75.28
C GLN A 358 52.76 -81.92 -75.70
N LEU A 359 52.28 -81.35 -76.80
CA LEU A 359 50.99 -81.66 -77.35
C LEU A 359 51.14 -82.77 -78.36
N ASN A 360 50.59 -83.92 -78.05
CA ASN A 360 50.67 -85.02 -78.99
C ASN A 360 49.43 -85.32 -79.85
N THR A 361 48.32 -84.64 -79.57
CA THR A 361 47.02 -85.05 -80.14
C THR A 361 46.06 -83.91 -80.48
N THR A 362 45.49 -83.94 -81.69
CA THR A 362 44.46 -83.00 -82.09
C THR A 362 43.04 -83.59 -82.01
N ASP A 363 42.92 -84.85 -81.64
CA ASP A 363 41.60 -85.43 -81.42
C ASP A 363 41.43 -85.78 -79.94
N LEU A 364 40.61 -84.98 -79.27
CA LEU A 364 40.32 -85.18 -77.86
C LEU A 364 38.96 -85.83 -77.63
N ALA A 365 38.25 -86.11 -78.73
CA ALA A 365 36.86 -86.57 -78.69
C ALA A 365 36.67 -87.79 -77.80
N SER A 366 37.55 -88.77 -77.97
CA SER A 366 37.42 -89.99 -77.22
C SER A 366 38.56 -90.09 -76.23
N ASP A 367 38.30 -90.80 -75.14
CA ASP A 367 39.19 -90.84 -74.02
C ASP A 367 40.39 -91.75 -74.26
N GLU A 368 40.23 -92.69 -75.18
CA GLU A 368 41.02 -93.93 -75.20
C GLU A 368 42.30 -93.99 -76.06
N GLY A 369 42.71 -92.90 -76.69
CA GLY A 369 43.89 -92.94 -77.55
C GLY A 369 45.21 -92.62 -76.86
N VAL A 370 46.14 -92.07 -77.63
CA VAL A 370 47.40 -91.54 -77.11
C VAL A 370 47.14 -90.25 -76.32
N LYS A 371 48.01 -89.93 -75.37
CA LYS A 371 47.76 -88.77 -74.51
C LYS A 371 48.81 -87.67 -74.72
N ASN A 372 48.45 -86.45 -74.36
CA ASN A 372 49.39 -85.34 -74.27
C ASN A 372 50.24 -85.50 -73.04
N LEU A 373 51.38 -84.83 -73.04
CA LEU A 373 52.35 -85.08 -71.98
C LEU A 373 52.83 -83.77 -71.38
N ALA A 374 52.75 -83.64 -70.06
CA ALA A 374 53.13 -82.38 -69.42
C ALA A 374 54.04 -82.58 -68.20
N TRP A 375 55.14 -81.82 -68.16
CA TRP A 375 56.07 -81.83 -67.03
C TRP A 375 55.87 -80.62 -66.11
N VAL A 376 55.48 -80.90 -64.87
CA VAL A 376 55.20 -79.86 -63.90
C VAL A 376 56.18 -79.84 -62.73
N ASP A 377 57.05 -78.84 -62.74
CA ASP A 377 57.96 -78.58 -61.63
C ASP A 377 57.30 -77.54 -60.72
N SER A 378 56.88 -77.98 -59.53
CA SER A 378 55.98 -77.19 -58.69
C SER A 378 56.60 -76.69 -57.38
N ASP A 379 56.10 -75.54 -56.92
CA ASP A 379 56.46 -74.98 -55.62
C ASP A 379 57.95 -74.76 -55.43
N GLN A 380 58.56 -74.06 -56.37
CA GLN A 380 59.97 -73.75 -56.27
C GLN A 380 60.15 -72.41 -55.57
N LEU A 381 60.66 -72.46 -54.35
CA LEU A 381 60.83 -71.27 -53.55
C LEU A 381 62.14 -70.58 -53.91
N LEU A 382 62.10 -69.28 -54.12
CA LEU A 382 63.31 -68.52 -54.45
C LEU A 382 63.93 -67.93 -53.18
N TYR A 383 63.17 -67.07 -52.52
CA TYR A 383 63.56 -66.56 -51.22
C TYR A 383 62.45 -66.84 -50.21
N GLN A 384 62.83 -67.14 -48.97
CA GLN A 384 61.86 -67.46 -47.93
C GLN A 384 61.10 -66.24 -47.44
N HIS A 385 61.80 -65.32 -46.78
CA HIS A 385 61.19 -64.11 -46.26
C HIS A 385 62.11 -62.98 -46.66
N PHE A 386 61.67 -61.75 -46.48
CA PHE A 386 62.53 -60.62 -46.79
C PHE A 386 62.33 -59.56 -45.71
N TRP A 387 63.37 -58.81 -45.38
CA TRP A 387 63.17 -57.72 -44.44
C TRP A 387 63.43 -56.38 -45.08
N CYS A 388 62.36 -55.59 -45.16
CA CYS A 388 62.44 -54.26 -45.75
C CYS A 388 63.10 -53.29 -44.78
N LEU A 389 62.86 -53.53 -43.51
CA LEU A 389 63.48 -52.75 -42.46
C LEU A 389 64.20 -53.71 -41.53
N PRO A 390 65.34 -53.28 -40.97
CA PRO A 390 66.12 -54.19 -40.12
C PRO A 390 65.33 -54.52 -38.86
N VAL A 391 65.21 -55.80 -38.48
CA VAL A 391 64.46 -56.13 -37.27
C VAL A 391 65.38 -56.18 -36.07
N ILE A 392 64.94 -55.46 -35.03
CA ILE A 392 65.67 -55.19 -33.81
C ILE A 392 65.05 -55.93 -32.62
N LYS A 393 65.88 -56.56 -31.80
CA LYS A 393 65.39 -57.32 -30.65
C LYS A 393 66.21 -57.02 -29.39
N LYS A 394 65.53 -56.47 -28.39
CA LYS A 394 66.16 -56.08 -27.12
C LYS A 394 67.35 -55.14 -27.36
N LYS A 395 67.10 -54.09 -28.13
CA LYS A 395 68.06 -53.00 -28.39
C LYS A 395 69.32 -53.42 -29.12
N VAL A 396 69.24 -54.51 -29.88
CA VAL A 396 70.33 -54.92 -30.77
C VAL A 396 69.75 -55.18 -32.14
N VAL A 397 70.61 -55.30 -33.15
CA VAL A 397 70.13 -55.71 -34.47
C VAL A 397 70.27 -57.22 -34.66
N VAL A 398 69.12 -57.92 -34.69
CA VAL A 398 69.14 -59.35 -34.99
C VAL A 398 69.21 -59.56 -36.50
N GLU A 399 68.20 -59.12 -37.26
CA GLU A 399 68.29 -59.39 -38.70
C GLU A 399 68.37 -58.15 -39.58
N PRO A 400 69.44 -58.04 -40.38
CA PRO A 400 69.64 -56.88 -41.27
C PRO A 400 68.70 -56.90 -42.47
N VAL A 401 68.70 -55.83 -43.28
CA VAL A 401 67.83 -55.75 -44.44
C VAL A 401 68.35 -56.69 -45.53
N GLY A 402 67.48 -57.56 -46.04
CA GLY A 402 67.86 -58.54 -47.03
C GLY A 402 66.91 -59.73 -47.07
N PRO A 403 67.10 -60.63 -48.05
CA PRO A 403 66.37 -61.91 -48.16
C PRO A 403 66.91 -63.00 -47.22
N ILE A 404 66.02 -63.78 -46.60
CA ILE A 404 66.47 -64.88 -45.75
C ILE A 404 66.46 -66.20 -46.50
N GLY A 405 67.64 -66.75 -46.69
CA GLY A 405 67.76 -68.01 -47.40
C GLY A 405 67.70 -67.68 -48.87
N PHE A 406 68.36 -68.48 -49.69
CA PHE A 406 68.35 -68.24 -51.12
C PHE A 406 68.52 -69.56 -51.84
N GLN A 407 67.80 -69.74 -52.95
CA GLN A 407 67.89 -70.97 -53.71
C GLN A 407 68.39 -70.70 -55.13
N PRO A 408 69.64 -71.08 -55.44
CA PRO A 408 70.15 -70.90 -56.80
C PRO A 408 69.39 -71.76 -57.81
N GLU A 409 68.73 -72.80 -57.30
CA GLU A 409 68.09 -73.80 -58.14
C GLU A 409 66.97 -73.23 -58.99
N THR A 410 66.20 -72.34 -58.38
CA THR A 410 65.09 -71.72 -59.09
C THR A 410 65.62 -70.99 -60.32
N PHE A 411 66.60 -70.12 -60.12
CA PHE A 411 67.11 -69.34 -61.21
C PHE A 411 67.80 -70.22 -62.24
N ARG A 412 68.37 -71.35 -61.82
CA ARG A 412 68.94 -72.27 -62.80
C ARG A 412 67.88 -72.90 -63.69
N LYS A 413 66.74 -73.28 -63.11
CA LYS A 413 65.66 -73.87 -63.90
C LYS A 413 65.01 -72.83 -64.79
N PHE A 414 65.07 -71.57 -64.33
CA PHE A 414 64.66 -70.42 -65.12
C PHE A 414 65.52 -70.28 -66.37
N LEU A 415 66.83 -70.18 -66.13
CA LEU A 415 67.82 -70.12 -67.20
C LEU A 415 67.58 -71.24 -68.20
N ALA A 416 67.33 -72.44 -67.69
CA ALA A 416 67.07 -73.61 -68.50
C ALA A 416 65.97 -73.33 -69.51
N LEU A 417 64.85 -72.83 -69.02
CA LEU A 417 63.71 -72.59 -69.90
C LEU A 417 64.00 -71.49 -70.91
N TYR A 418 64.67 -70.43 -70.47
CA TYR A 418 64.99 -69.33 -71.39
C TYR A 418 65.99 -69.73 -72.46
N LEU A 419 66.86 -70.67 -72.13
CA LEU A 419 67.98 -71.07 -72.99
C LEU A 419 67.66 -72.28 -73.85
N HIS A 420 66.42 -72.74 -73.79
CA HIS A 420 66.04 -73.99 -74.43
C HIS A 420 66.25 -74.06 -75.96
N GLY A 421 65.71 -73.08 -76.68
CA GLY A 421 65.71 -73.12 -78.13
C GLY A 421 67.01 -72.75 -78.84
N ALA A 422 68.05 -72.43 -78.07
CA ALA A 422 69.32 -72.00 -78.64
C ALA A 422 70.36 -73.12 -78.60
N ARG B 27 -27.23 -6.77 48.20
CA ARG B 27 -27.95 -5.73 48.91
C ARG B 27 -29.28 -6.24 49.49
N ARG B 28 -29.41 -6.23 50.80
CA ARG B 28 -30.64 -6.69 51.45
C ARG B 28 -31.41 -5.56 52.11
N ALA B 29 -32.73 -5.59 51.97
CA ALA B 29 -33.57 -4.64 52.70
C ALA B 29 -33.99 -5.26 54.03
N ALA B 30 -34.66 -4.46 54.86
CA ALA B 30 -35.12 -4.93 56.15
C ALA B 30 -36.60 -5.28 56.07
N PRO B 31 -36.92 -6.56 56.29
CA PRO B 31 -38.29 -7.07 56.30
C PRO B 31 -39.19 -6.20 57.20
N LEU B 32 -40.37 -5.85 56.69
CA LEU B 32 -41.26 -4.93 57.39
C LEU B 32 -42.24 -5.70 58.27
N GLY B 33 -42.05 -5.61 59.58
CA GLY B 33 -42.84 -6.39 60.52
C GLY B 33 -42.64 -7.89 60.38
N PRO B 34 -43.75 -8.64 60.50
CA PRO B 34 -43.74 -10.10 60.54
C PRO B 34 -43.33 -10.78 59.22
N MET B 35 -42.49 -11.80 59.32
CA MET B 35 -42.17 -12.67 58.19
C MET B 35 -42.86 -14.00 58.44
N PRO B 36 -43.65 -14.49 57.47
CA PRO B 36 -44.71 -15.49 57.71
C PRO B 36 -44.35 -16.69 58.62
N ASN B 37 -43.19 -17.29 58.47
CA ASN B 37 -42.85 -18.42 59.34
C ASN B 37 -41.95 -18.11 60.54
N GLU B 38 -41.64 -16.83 60.77
CA GLU B 38 -40.70 -16.43 61.81
C GLU B 38 -40.98 -16.99 63.21
N ASP B 39 -42.25 -17.30 63.49
CA ASP B 39 -42.70 -17.58 64.86
C ASP B 39 -42.33 -18.96 65.38
N ILE B 40 -42.13 -19.92 64.47
CA ILE B 40 -41.92 -21.30 64.88
C ILE B 40 -40.43 -21.61 65.07
N ASP B 41 -40.14 -22.46 66.05
CA ASP B 41 -38.77 -22.79 66.41
C ASP B 41 -38.26 -24.03 65.68
N VAL B 42 -37.29 -23.81 64.79
CA VAL B 42 -36.77 -24.86 63.92
C VAL B 42 -35.85 -25.84 64.66
N SER B 43 -35.25 -25.38 65.76
CA SER B 43 -34.48 -26.27 66.63
C SER B 43 -35.40 -27.36 67.17
N ASP B 44 -34.96 -28.62 67.05
CA ASP B 44 -35.73 -29.79 67.52
C ASP B 44 -37.10 -29.89 66.83
N LEU B 45 -37.08 -30.23 65.54
CA LEU B 45 -38.30 -30.26 64.74
C LEU B 45 -39.25 -31.39 65.13
N GLU B 46 -38.73 -32.39 65.84
CA GLU B 46 -39.53 -33.55 66.20
C GLU B 46 -40.63 -33.22 67.23
N ARG B 47 -40.41 -32.17 68.02
CA ARG B 47 -41.32 -31.86 69.10
C ARG B 47 -42.41 -30.87 68.71
N LEU B 48 -42.38 -30.42 67.47
CA LEU B 48 -43.48 -29.61 66.98
C LEU B 48 -44.57 -30.53 66.42
N LYS B 49 -45.82 -30.20 66.74
CA LYS B 49 -46.97 -30.92 66.20
C LYS B 49 -47.01 -30.68 64.69
N LYS B 50 -47.72 -31.54 63.96
CA LYS B 50 -47.71 -31.48 62.49
C LYS B 50 -49.12 -31.37 61.94
N TYR B 51 -49.23 -31.09 60.64
CA TYR B 51 -50.49 -31.29 59.97
C TYR B 51 -50.47 -32.72 59.46
N ARG B 52 -51.24 -33.58 60.10
CA ARG B 52 -51.31 -34.94 59.62
C ARG B 52 -52.31 -35.01 58.48
N SER B 53 -53.27 -34.09 58.49
CA SER B 53 -54.33 -34.05 57.49
C SER B 53 -54.14 -32.94 56.48
N PHE B 54 -54.26 -33.28 55.20
CA PHE B 54 -54.31 -32.30 54.12
C PHE B 54 -55.36 -31.22 54.42
N ASP B 55 -56.45 -31.64 55.05
CA ASP B 55 -57.56 -30.74 55.38
C ASP B 55 -57.16 -29.63 56.37
N ARG B 56 -56.42 -30.01 57.42
CA ARG B 56 -55.96 -29.03 58.42
C ARG B 56 -55.11 -27.97 57.75
N TYR B 57 -54.22 -28.44 56.89
CA TYR B 57 -53.38 -27.56 56.12
C TYR B 57 -54.24 -26.58 55.33
N ARG B 58 -55.24 -27.11 54.63
CA ARG B 58 -56.18 -26.29 53.87
C ARG B 58 -56.79 -25.16 54.71
N ARG B 59 -57.34 -25.52 55.86
CA ARG B 59 -57.91 -24.54 56.80
C ARG B 59 -56.95 -23.43 57.20
N ARG B 60 -55.78 -23.84 57.71
CA ARG B 60 -54.78 -22.87 58.16
C ARG B 60 -54.37 -21.94 57.03
N ALA B 61 -54.24 -22.54 55.84
CA ALA B 61 -53.93 -21.80 54.63
C ALA B 61 -54.95 -20.69 54.38
N GLU B 62 -56.24 -21.02 54.31
CA GLU B 62 -57.25 -19.98 54.08
C GLU B 62 -57.29 -18.91 55.20
N GLN B 63 -57.10 -19.35 56.44
CA GLN B 63 -56.98 -18.44 57.57
C GLN B 63 -55.90 -17.41 57.30
N GLU B 64 -54.76 -17.86 56.79
CA GLU B 64 -53.69 -16.94 56.45
C GLU B 64 -54.05 -16.04 55.27
N ALA B 65 -54.67 -16.62 54.26
CA ALA B 65 -55.05 -15.87 53.07
C ALA B 65 -56.04 -14.72 53.39
N ARG B 66 -56.80 -14.84 54.47
CA ARG B 66 -57.74 -13.78 54.84
C ARG B 66 -57.15 -12.58 55.61
N LYS B 67 -55.99 -12.74 56.23
CA LYS B 67 -55.35 -11.66 57.00
C LYS B 67 -54.65 -10.66 56.07
N PRO B 68 -54.63 -9.37 56.47
CA PRO B 68 -54.06 -8.28 55.66
C PRO B 68 -52.52 -8.18 55.74
N HIS B 69 -51.81 -8.93 54.89
CA HIS B 69 -50.34 -8.94 54.88
C HIS B 69 -49.73 -7.62 54.39
N TRP B 70 -48.44 -7.42 54.68
CA TRP B 70 -47.77 -6.17 54.37
C TRP B 70 -47.10 -6.15 53.00
N TRP B 71 -47.34 -7.18 52.19
CA TRP B 71 -46.73 -7.28 50.86
C TRP B 71 -47.85 -7.35 49.80
N ARG B 72 -47.51 -7.16 48.53
CA ARG B 72 -48.51 -7.22 47.46
C ARG B 72 -49.24 -8.56 47.44
N THR B 73 -50.56 -8.51 47.50
CA THR B 73 -51.35 -9.73 47.65
C THR B 73 -52.50 -9.76 46.63
N TYR B 74 -53.14 -10.91 46.50
CA TYR B 74 -54.25 -11.09 45.57
C TYR B 74 -55.39 -10.11 45.84
N ARG B 75 -55.83 -10.05 47.08
CA ARG B 75 -56.88 -9.13 47.49
C ARG B 75 -56.65 -7.69 47.04
N GLU B 76 -55.39 -7.25 47.13
CA GLU B 76 -55.07 -5.86 46.86
C GLU B 76 -55.39 -5.45 45.41
N HIS B 77 -54.93 -6.24 44.44
CA HIS B 77 -55.10 -5.84 43.06
C HIS B 77 -56.46 -6.20 42.46
N PHE B 78 -57.18 -7.11 43.09
CA PHE B 78 -58.40 -7.63 42.48
C PHE B 78 -59.74 -7.06 42.92
N GLY B 79 -59.73 -5.88 43.54
CA GLY B 79 -60.97 -5.15 43.64
C GLY B 79 -61.96 -5.68 44.66
N GLU B 80 -61.59 -5.56 45.92
CA GLU B 80 -62.32 -6.16 47.04
C GLU B 80 -63.61 -5.38 47.35
N GLU B 81 -63.98 -4.47 46.44
CA GLU B 81 -65.12 -3.56 46.60
C GLU B 81 -64.87 -2.58 47.74
N SER B 82 -63.70 -1.93 47.65
CA SER B 82 -63.23 -0.87 48.55
C SER B 82 -62.60 -1.42 49.83
N GLY B 83 -62.75 -2.73 50.05
CA GLY B 83 -62.27 -3.35 51.27
C GLY B 83 -63.05 -2.85 52.47
N PRO B 84 -62.34 -2.26 53.44
CA PRO B 84 -62.97 -1.61 54.60
C PRO B 84 -63.84 -0.41 54.20
N LYS B 85 -65.07 -0.41 54.68
CA LYS B 85 -65.99 0.70 54.47
C LYS B 85 -66.70 0.96 55.78
N ASP B 86 -66.79 2.23 56.17
CA ASP B 86 -67.46 2.57 57.42
C ASP B 86 -68.93 2.84 57.13
N ARG B 87 -69.76 1.92 57.60
CA ARG B 87 -71.14 1.85 57.17
C ARG B 87 -72.01 2.96 57.72
N VAL B 88 -72.77 3.57 56.84
CA VAL B 88 -73.82 4.47 57.30
C VAL B 88 -75.00 3.53 57.48
N ASP B 89 -75.37 3.30 58.73
CA ASP B 89 -76.43 2.37 59.00
C ASP B 89 -77.69 3.15 59.31
N ILE B 90 -78.65 3.11 58.40
CA ILE B 90 -79.97 3.60 58.75
C ILE B 90 -80.83 2.39 59.01
N GLY B 91 -81.00 2.02 60.27
CA GLY B 91 -81.75 0.83 60.57
C GLY B 91 -83.06 1.09 61.25
N LEU B 92 -83.80 0.02 61.47
CA LEU B 92 -84.80 0.00 62.51
C LEU B 92 -84.08 -0.64 63.68
N PRO B 93 -84.03 0.06 64.82
CA PRO B 93 -83.16 -0.31 65.95
C PRO B 93 -83.27 -1.79 66.34
N PRO B 94 -82.13 -2.41 66.68
CA PRO B 94 -81.99 -3.84 66.97
C PRO B 94 -82.94 -4.31 68.08
N PRO B 95 -83.69 -5.40 67.83
CA PRO B 95 -84.70 -5.91 68.75
C PRO B 95 -84.10 -6.26 70.12
N LYS B 96 -84.71 -5.76 71.20
CA LYS B 96 -84.17 -5.92 72.54
C LYS B 96 -84.49 -7.30 73.12
N VAL B 97 -83.46 -8.02 73.53
CA VAL B 97 -83.63 -9.37 74.08
C VAL B 97 -82.64 -9.62 75.23
N SER B 98 -83.12 -10.30 76.28
CA SER B 98 -82.24 -10.79 77.34
C SER B 98 -81.65 -12.15 76.96
N ARG B 99 -80.31 -12.28 77.05
CA ARG B 99 -79.62 -13.47 76.56
C ARG B 99 -79.70 -14.70 77.46
N THR B 100 -79.72 -14.50 78.78
CA THR B 100 -79.74 -15.62 79.70
C THR B 100 -81.01 -16.45 79.52
N GLN B 101 -82.14 -15.76 79.32
CA GLN B 101 -83.41 -16.44 79.03
C GLN B 101 -83.28 -17.34 77.80
N GLN B 102 -82.84 -16.75 76.68
CA GLN B 102 -82.61 -17.49 75.45
C GLN B 102 -81.71 -18.71 75.65
N LEU B 103 -80.55 -18.50 76.26
CA LEU B 103 -79.58 -19.57 76.50
C LEU B 103 -80.20 -20.72 77.26
N LEU B 104 -80.90 -20.39 78.36
CA LEU B 104 -81.51 -21.42 79.19
C LEU B 104 -82.62 -22.19 78.45
N GLU B 105 -83.54 -21.46 77.85
CA GLU B 105 -84.65 -22.05 77.10
C GLU B 105 -84.14 -22.96 75.98
N ARG B 106 -83.04 -22.56 75.35
CA ARG B 106 -82.41 -23.35 74.30
C ARG B 106 -81.75 -24.62 74.85
N LYS B 107 -81.01 -24.47 75.96
CA LYS B 107 -80.39 -25.62 76.62
C LYS B 107 -81.44 -26.67 76.96
N GLN B 108 -82.56 -26.20 77.51
CA GLN B 108 -83.67 -27.07 77.88
C GLN B 108 -84.34 -27.72 76.67
N ALA B 109 -84.55 -26.93 75.62
CA ALA B 109 -85.12 -27.47 74.38
C ALA B 109 -84.24 -28.59 73.84
N LEU B 110 -82.92 -28.38 73.90
CA LEU B 110 -81.94 -29.38 73.51
C LEU B 110 -82.03 -30.63 74.37
N ARG B 111 -82.17 -30.44 75.68
CA ARG B 111 -82.31 -31.57 76.61
C ARG B 111 -83.52 -32.42 76.29
N GLU B 112 -84.66 -31.75 76.07
CA GLU B 112 -85.90 -32.42 75.73
C GLU B 112 -85.79 -33.18 74.41
N LEU B 113 -85.17 -32.53 73.43
CA LEU B 113 -85.06 -33.09 72.08
C LEU B 113 -84.11 -34.29 72.00
N ARG B 114 -82.97 -34.19 72.66
CA ARG B 114 -81.94 -35.22 72.58
C ARG B 114 -82.27 -36.53 73.33
N ALA B 115 -82.86 -36.39 74.52
CA ALA B 115 -83.12 -37.53 75.40
C ALA B 115 -84.21 -38.47 74.88
N ASN B 116 -84.90 -38.06 73.82
CA ASN B 116 -85.96 -38.89 73.24
C ASN B 116 -85.39 -40.02 72.38
N VAL B 117 -85.81 -41.25 72.68
CA VAL B 117 -85.30 -42.46 72.03
C VAL B 117 -85.77 -42.59 70.58
N GLU B 118 -86.90 -41.94 70.28
CA GLU B 118 -87.43 -41.88 68.92
C GLU B 118 -86.40 -41.27 67.96
N GLU B 119 -85.89 -40.10 68.33
CA GLU B 119 -84.95 -39.35 67.51
C GLU B 119 -83.62 -40.07 67.33
N GLU B 120 -83.20 -40.82 68.36
CA GLU B 120 -81.96 -41.60 68.29
C GLU B 120 -82.11 -42.81 67.35
N ARG B 121 -83.18 -43.59 67.56
CA ARG B 121 -83.47 -44.74 66.69
C ARG B 121 -83.62 -44.31 65.24
N ALA B 122 -84.30 -43.18 65.04
CA ALA B 122 -84.52 -42.62 63.70
C ALA B 122 -83.23 -42.11 63.06
N ALA B 123 -82.39 -41.45 63.85
CA ALA B 123 -81.16 -40.88 63.34
C ALA B 123 -80.16 -41.96 62.91
N ARG B 124 -80.02 -43.01 63.74
CA ARG B 124 -79.09 -44.10 63.43
C ARG B 124 -79.39 -44.79 62.10
N LEU B 125 -80.66 -44.91 61.77
CA LEU B 125 -81.10 -45.64 60.56
C LEU B 125 -81.28 -44.75 59.34
N GLN B 126 -80.86 -43.49 59.48
CA GLN B 126 -80.86 -42.51 58.40
C GLN B 126 -82.26 -42.09 57.93
N THR B 127 -83.25 -42.19 58.79
CA THR B 127 -84.58 -41.69 58.43
C THR B 127 -85.00 -40.53 59.32
N ALA B 128 -85.00 -39.33 58.76
CA ALA B 128 -85.53 -38.15 59.41
C ALA B 128 -85.85 -37.10 58.36
N ARG B 129 -86.71 -36.15 58.73
CA ARG B 129 -87.04 -35.05 57.85
C ARG B 129 -87.03 -33.76 58.64
N ILE B 130 -86.53 -32.70 58.05
CA ILE B 130 -86.62 -31.42 58.72
C ILE B 130 -87.78 -30.62 58.13
N PRO B 131 -88.65 -30.10 59.01
CA PRO B 131 -89.91 -29.43 58.65
C PRO B 131 -89.70 -28.03 58.07
N LEU B 132 -89.48 -27.96 56.75
CA LEU B 132 -89.06 -26.74 56.07
C LEU B 132 -89.84 -25.48 56.46
N GLU B 133 -91.14 -25.62 56.66
CA GLU B 133 -91.97 -24.48 57.05
C GLU B 133 -91.56 -23.85 58.39
N ALA B 134 -91.28 -24.69 59.37
CA ALA B 134 -90.85 -24.21 60.68
C ALA B 134 -89.47 -23.58 60.58
N VAL B 135 -88.61 -24.16 59.74
CA VAL B 135 -87.30 -23.58 59.45
C VAL B 135 -87.42 -22.19 58.84
N ARG B 136 -88.43 -22.03 58.00
CA ARG B 136 -88.73 -20.75 57.37
C ARG B 136 -89.18 -19.75 58.43
N ALA B 137 -89.96 -20.24 59.39
CA ALA B 137 -90.44 -19.42 60.52
C ALA B 137 -89.28 -18.92 61.40
N GLU B 138 -88.34 -19.81 61.72
CA GLU B 138 -87.20 -19.46 62.55
C GLU B 138 -86.20 -18.56 61.84
N TRP B 139 -85.99 -18.86 60.56
CA TRP B 139 -85.14 -18.06 59.69
C TRP B 139 -85.69 -16.65 59.64
N GLU B 140 -87.00 -16.53 59.47
CA GLU B 140 -87.67 -15.24 59.50
C GLU B 140 -87.47 -14.53 60.84
N ARG B 141 -87.68 -15.27 61.93
CA ARG B 141 -87.62 -14.69 63.28
C ARG B 141 -86.23 -14.18 63.67
N THR B 142 -85.20 -14.96 63.37
CA THR B 142 -83.85 -14.63 63.84
C THR B 142 -82.88 -14.24 62.74
N CYS B 143 -82.36 -15.25 62.02
CA CYS B 143 -81.17 -15.08 61.21
C CYS B 143 -81.41 -14.44 59.85
N GLY B 144 -82.59 -14.72 59.28
CA GLY B 144 -82.95 -14.27 57.95
C GLY B 144 -82.70 -12.80 57.65
N PRO B 145 -83.21 -11.90 58.50
CA PRO B 145 -82.96 -10.46 58.33
C PRO B 145 -81.48 -10.08 58.16
N TYR B 146 -80.56 -10.92 58.62
CA TYR B 146 -79.15 -10.67 58.36
C TYR B 146 -78.71 -11.19 56.98
N HIS B 147 -79.24 -12.33 56.57
CA HIS B 147 -78.97 -12.85 55.23
C HIS B 147 -79.47 -11.91 54.17
N LYS B 148 -80.65 -11.34 54.42
CA LYS B 148 -81.22 -10.31 53.55
C LYS B 148 -80.19 -9.22 53.26
N GLN B 149 -79.48 -8.78 54.29
CA GLN B 149 -78.54 -7.68 54.13
C GLN B 149 -77.48 -7.98 53.07
N ARG B 150 -76.86 -9.15 53.18
CA ARG B 150 -75.78 -9.50 52.26
C ARG B 150 -76.29 -9.97 50.92
N LEU B 151 -77.53 -10.45 50.86
CA LEU B 151 -78.10 -10.79 49.56
C LEU B 151 -78.43 -9.53 48.78
N ALA B 152 -78.88 -8.48 49.49
CA ALA B 152 -79.12 -7.19 48.87
C ALA B 152 -77.79 -6.59 48.44
N GLU B 153 -76.78 -6.75 49.30
CA GLU B 153 -75.42 -6.33 48.99
C GLU B 153 -74.88 -7.01 47.74
N TYR B 154 -75.25 -8.27 47.56
CA TYR B 154 -74.82 -9.03 46.41
C TYR B 154 -75.33 -8.41 45.12
N CYS B 155 -76.63 -8.16 45.06
CA CYS B 155 -77.23 -7.60 43.87
C CYS B 155 -77.15 -6.08 43.89
N GLY B 156 -76.49 -5.55 44.93
CA GLY B 156 -76.17 -4.14 45.01
C GLY B 156 -77.38 -3.25 45.19
N LEU B 157 -78.36 -3.72 45.93
CA LEU B 157 -79.57 -2.96 46.17
C LEU B 157 -79.27 -1.70 46.99
N TYR B 158 -78.06 -1.65 47.51
CA TYR B 158 -77.56 -0.54 48.32
C TYR B 158 -76.92 0.57 47.47
N ARG B 159 -75.91 0.22 46.69
CA ARG B 159 -75.17 1.17 45.86
C ARG B 159 -76.02 2.18 45.08
N ASP B 160 -77.02 1.67 44.38
CA ASP B 160 -77.83 2.52 43.50
C ASP B 160 -78.92 3.30 44.22
N LEU B 161 -79.42 2.78 45.34
CA LEU B 161 -80.51 3.43 46.05
C LEU B 161 -80.03 4.39 47.16
N PHE B 162 -79.44 3.84 48.21
CA PHE B 162 -79.10 4.65 49.38
C PHE B 162 -77.65 5.14 49.33
N HIS B 163 -76.94 4.63 48.32
CA HIS B 163 -75.64 5.08 47.78
C HIS B 163 -74.38 4.84 48.61
N GLY B 164 -74.48 4.98 49.93
CA GLY B 164 -73.46 4.48 50.84
C GLY B 164 -73.99 3.54 51.90
N ALA B 165 -75.30 3.52 52.02
CA ALA B 165 -75.90 3.21 53.31
C ALA B 165 -76.52 1.82 53.38
N THR B 166 -76.37 1.18 54.53
CA THR B 166 -76.96 -0.13 54.76
C THR B 166 -78.12 -0.06 55.75
N PHE B 167 -79.27 -0.59 55.33
CA PHE B 167 -80.37 -0.79 56.26
C PHE B 167 -80.56 -2.29 56.47
N VAL B 168 -80.72 -2.69 57.72
CA VAL B 168 -80.99 -4.09 58.01
C VAL B 168 -82.49 -4.31 57.93
N PRO B 169 -82.90 -5.28 57.11
CA PRO B 169 -84.32 -5.57 56.86
C PRO B 169 -84.98 -6.25 58.05
N ARG B 170 -85.42 -5.44 59.01
CA ARG B 170 -86.06 -5.90 60.25
C ARG B 170 -87.41 -6.59 60.04
N VAL B 171 -88.29 -5.94 59.29
CA VAL B 171 -89.64 -6.44 59.08
C VAL B 171 -89.76 -7.35 57.85
N PRO B 172 -90.35 -8.55 58.03
CA PRO B 172 -90.73 -9.50 56.98
C PRO B 172 -91.67 -8.91 55.92
N LEU B 173 -91.34 -9.10 54.64
CA LEU B 173 -92.11 -8.52 53.54
C LEU B 173 -92.52 -9.58 52.53
N HIS B 174 -93.82 -9.86 52.38
CA HIS B 174 -94.23 -10.85 51.41
C HIS B 174 -94.96 -10.22 50.22
N VAL B 175 -94.29 -10.20 49.06
CA VAL B 175 -94.86 -9.66 47.84
C VAL B 175 -95.26 -10.81 46.91
N ALA B 176 -96.46 -10.75 46.34
CA ALA B 176 -96.95 -11.86 45.52
C ALA B 176 -97.78 -11.43 44.31
N TYR B 177 -97.55 -12.06 43.16
CA TYR B 177 -98.33 -11.79 41.96
C TYR B 177 -99.27 -12.96 41.66
N ALA B 178 -100.51 -12.67 41.31
CA ALA B 178 -101.47 -13.74 41.02
C ALA B 178 -101.41 -14.09 39.53
N VAL B 179 -100.97 -15.32 39.23
CA VAL B 179 -100.82 -15.77 37.84
C VAL B 179 -102.05 -16.53 37.35
N GLY B 180 -102.96 -16.83 38.26
CA GLY B 180 -104.19 -17.51 37.93
C GLY B 180 -105.13 -17.39 39.11
N GLU B 181 -106.26 -18.07 39.05
CA GLU B 181 -107.22 -18.07 40.14
C GLU B 181 -106.62 -18.80 41.36
N ASP B 182 -105.98 -19.94 41.10
CA ASP B 182 -105.35 -20.74 42.15
C ASP B 182 -103.83 -20.54 42.29
N ASP B 183 -103.21 -19.76 41.40
CA ASP B 183 -101.75 -19.74 41.35
C ASP B 183 -101.10 -18.45 41.82
N LEU B 184 -100.22 -18.61 42.81
CA LEU B 184 -99.52 -17.49 43.39
C LEU B 184 -98.03 -17.56 43.13
N MET B 185 -97.51 -16.53 42.49
CA MET B 185 -96.08 -16.37 42.28
C MET B 185 -95.49 -15.52 43.39
N PRO B 186 -94.60 -16.11 44.19
CA PRO B 186 -93.89 -15.40 45.26
C PRO B 186 -92.77 -14.50 44.72
N VAL B 187 -92.53 -13.35 45.34
CA VAL B 187 -91.31 -12.60 45.07
C VAL B 187 -90.36 -12.74 46.26
N TYR B 188 -89.34 -13.55 46.07
CA TYR B 188 -88.26 -13.67 47.03
C TYR B 188 -87.15 -12.75 46.59
N HIS B 189 -86.42 -12.23 47.56
CA HIS B 189 -85.21 -11.49 47.25
C HIS B 189 -84.25 -12.34 46.40
N GLY B 190 -83.94 -11.88 45.19
CA GLY B 190 -83.06 -12.61 44.29
C GLY B 190 -83.67 -13.54 43.24
N ASN B 191 -84.97 -13.79 43.32
CA ASN B 191 -85.62 -14.72 42.40
C ASN B 191 -85.87 -14.12 41.00
N GLU B 192 -86.01 -14.99 39.98
CA GLU B 192 -86.35 -14.58 38.62
C GLU B 192 -87.85 -14.68 38.30
N VAL B 193 -88.45 -13.56 37.89
CA VAL B 193 -89.88 -13.51 37.54
C VAL B 193 -90.10 -12.95 36.11
N THR B 194 -91.15 -13.43 35.44
CA THR B 194 -91.50 -13.02 34.06
C THR B 194 -92.47 -11.84 34.03
N PRO B 195 -92.27 -10.88 33.10
CA PRO B 195 -93.18 -9.73 32.93
C PRO B 195 -94.66 -10.12 32.80
N THR B 196 -94.93 -11.37 32.44
CA THR B 196 -96.31 -11.82 32.30
C THR B 196 -97.01 -11.78 33.66
N GLU B 197 -96.34 -12.29 34.69
CA GLU B 197 -96.91 -12.34 36.02
C GLU B 197 -96.93 -10.97 36.68
N ALA B 198 -96.10 -10.07 36.16
CA ALA B 198 -96.01 -8.71 36.67
C ALA B 198 -96.91 -7.73 35.90
N ALA B 199 -97.74 -8.28 35.00
CA ALA B 199 -98.73 -7.50 34.24
C ALA B 199 -99.91 -7.09 35.11
N GLN B 200 -99.99 -7.67 36.30
CA GLN B 200 -101.05 -7.38 37.26
C GLN B 200 -100.46 -6.82 38.56
N ALA B 201 -101.29 -6.16 39.37
CA ALA B 201 -100.81 -5.62 40.63
C ALA B 201 -100.62 -6.72 41.67
N PRO B 202 -99.57 -6.60 42.51
CA PRO B 202 -99.20 -7.53 43.58
C PRO B 202 -100.03 -7.39 44.87
N GLU B 203 -99.99 -8.40 45.74
CA GLU B 203 -100.53 -8.28 47.09
C GLU B 203 -99.40 -8.41 48.11
N VAL B 204 -99.56 -7.75 49.26
CA VAL B 204 -98.48 -7.61 50.24
C VAL B 204 -98.90 -8.08 51.64
N THR B 205 -98.00 -8.80 52.30
CA THR B 205 -98.24 -9.23 53.68
C THR B 205 -97.08 -8.88 54.61
N TYR B 206 -97.41 -8.15 55.68
CA TYR B 206 -96.52 -7.87 56.79
C TYR B 206 -97.41 -7.53 57.97
N GLU B 207 -96.90 -7.63 59.19
CA GLU B 207 -97.77 -7.52 60.36
C GLU B 207 -97.49 -6.34 61.27
N ALA B 208 -98.53 -5.53 61.49
CA ALA B 208 -98.49 -4.42 62.43
C ALA B 208 -99.88 -4.14 63.00
N ASP B 209 -99.96 -3.74 64.27
CA ASP B 209 -101.22 -3.33 64.88
C ASP B 209 -101.63 -1.99 64.31
N GLU B 210 -102.76 -1.41 64.75
CA GLU B 210 -103.00 -0.07 64.26
C GLU B 210 -102.68 1.00 65.30
N GLY B 211 -101.43 1.46 65.29
CA GLY B 211 -101.06 2.84 65.51
C GLY B 211 -100.35 3.21 64.22
N SER B 212 -100.23 2.22 63.34
CA SER B 212 -99.19 2.17 62.31
C SER B 212 -99.32 3.14 61.14
N LEU B 213 -98.16 3.56 60.62
CA LEU B 213 -98.07 4.43 59.47
C LEU B 213 -96.94 3.96 58.56
N TRP B 214 -97.26 3.60 57.32
CA TRP B 214 -96.31 2.95 56.42
C TRP B 214 -96.24 3.60 55.05
N THR B 215 -95.08 3.45 54.39
CA THR B 215 -94.94 3.85 52.99
C THR B 215 -94.16 2.78 52.21
N LEU B 216 -94.76 2.28 51.13
CA LEU B 216 -94.17 1.19 50.34
C LEU B 216 -93.79 1.63 48.92
N LEU B 217 -92.69 1.08 48.40
CA LEU B 217 -92.15 1.51 47.11
C LEU B 217 -91.67 0.36 46.22
N LEU B 218 -91.96 0.46 44.93
CA LEU B 218 -91.41 -0.50 43.98
C LEU B 218 -90.65 0.26 42.90
N THR B 219 -89.34 0.03 42.85
CA THR B 219 -88.44 0.75 41.96
C THR B 219 -87.81 -0.19 40.93
N ASN B 220 -87.61 0.31 39.72
CA ASN B 220 -86.78 -0.39 38.74
C ASN B 220 -85.39 0.25 38.73
N LEU B 221 -84.40 -0.50 39.23
CA LEU B 221 -83.10 0.05 39.60
C LEU B 221 -82.18 0.31 38.41
N ASP B 222 -82.43 -0.38 37.31
CA ASP B 222 -81.71 -0.17 36.07
C ASP B 222 -82.68 -0.25 34.90
N GLY B 223 -82.26 0.20 33.73
CA GLY B 223 -83.14 0.21 32.58
C GLY B 223 -83.69 1.57 32.25
N HIS B 224 -83.17 2.61 32.90
CA HIS B 224 -83.55 3.96 32.51
C HIS B 224 -82.77 4.36 31.26
N LEU B 225 -83.49 4.72 30.22
CA LEU B 225 -82.87 4.88 28.92
C LEU B 225 -82.08 6.17 28.80
N LEU B 226 -82.64 7.27 29.28
CA LEU B 226 -81.97 8.56 29.11
C LEU B 226 -80.85 8.80 30.13
N GLU B 227 -81.11 8.39 31.37
CA GLU B 227 -80.27 8.76 32.51
C GLU B 227 -79.83 7.54 33.33
N PRO B 228 -78.61 7.05 33.06
CA PRO B 228 -78.02 5.87 33.71
C PRO B 228 -78.13 5.82 35.24
N ASP B 229 -78.12 6.97 35.91
CA ASP B 229 -78.15 7.04 37.37
C ASP B 229 -79.55 7.23 37.95
N ALA B 230 -80.54 7.19 37.06
CA ALA B 230 -81.91 7.38 37.45
C ALA B 230 -82.70 6.07 37.32
N GLU B 231 -83.77 5.96 38.09
CA GLU B 231 -84.61 4.76 38.10
C GLU B 231 -86.07 5.08 37.73
N TYR B 232 -86.89 4.03 37.61
CA TYR B 232 -88.32 4.20 37.33
C TYR B 232 -89.17 3.79 38.52
N VAL B 233 -89.83 4.72 39.19
CA VAL B 233 -90.81 4.31 40.19
C VAL B 233 -91.96 3.66 39.44
N HIS B 234 -92.24 2.42 39.78
CA HIS B 234 -93.34 1.70 39.16
C HIS B 234 -94.61 1.87 39.96
N TRP B 235 -94.55 1.41 41.21
CA TRP B 235 -95.70 1.44 42.08
C TRP B 235 -95.37 2.05 43.45
N LEU B 236 -95.93 3.24 43.71
CA LEU B 236 -95.66 3.97 44.95
C LEU B 236 -96.94 4.19 45.77
N VAL B 237 -96.88 3.80 47.04
CA VAL B 237 -98.00 3.84 47.98
C VAL B 237 -97.61 4.60 49.26
N THR B 238 -98.55 5.36 49.83
CA THR B 238 -98.26 6.22 50.99
C THR B 238 -99.33 6.07 52.07
N ASN B 239 -98.98 6.39 53.31
CA ASN B 239 -99.93 6.49 54.42
C ASN B 239 -100.77 5.26 54.64
N ILE B 240 -100.12 4.19 55.11
CA ILE B 240 -100.82 2.94 55.31
C ILE B 240 -100.90 2.55 56.78
N PRO B 241 -102.12 2.48 57.32
CA PRO B 241 -102.32 1.91 58.65
C PRO B 241 -102.19 0.39 58.64
N GLY B 242 -101.42 -0.20 59.56
CA GLY B 242 -101.32 -1.65 59.66
C GLY B 242 -101.02 -2.40 58.37
N ASN B 243 -101.84 -3.41 58.09
CA ASN B 243 -101.68 -4.25 56.91
C ASN B 243 -102.54 -3.81 55.72
N ARG B 244 -103.24 -2.69 55.85
CA ARG B 244 -104.27 -2.36 54.86
C ARG B 244 -103.63 -1.59 53.70
N VAL B 245 -103.52 -2.28 52.57
CA VAL B 245 -102.90 -1.71 51.38
C VAL B 245 -103.89 -0.90 50.52
N THR B 246 -105.13 -1.38 50.42
CA THR B 246 -106.17 -0.70 49.67
C THR B 246 -106.48 0.65 50.30
N GLU B 247 -106.30 0.74 51.62
CA GLU B 247 -106.63 1.93 52.40
C GLU B 247 -105.54 3.01 52.43
N GLY B 248 -104.35 2.69 51.92
CA GLY B 248 -103.29 3.67 51.79
C GLY B 248 -103.47 4.50 50.53
N GLN B 249 -103.15 5.78 50.60
CA GLN B 249 -103.29 6.65 49.42
C GLN B 249 -102.20 6.30 48.41
N GLU B 250 -102.60 5.97 47.20
CA GLU B 250 -101.62 5.61 46.18
C GLU B 250 -101.22 6.82 45.35
N THR B 251 -99.94 6.87 45.00
CA THR B 251 -99.40 7.98 44.22
C THR B 251 -99.17 7.55 42.78
N CYS B 252 -98.29 6.57 42.59
CA CYS B 252 -98.13 5.97 41.27
C CYS B 252 -98.94 4.71 41.16
N PRO B 253 -99.98 4.73 40.32
CA PRO B 253 -100.69 3.47 40.07
C PRO B 253 -99.74 2.44 39.45
N TYR B 254 -100.10 1.17 39.53
CA TYR B 254 -99.18 0.09 39.15
C TYR B 254 -98.85 0.00 37.65
N LEU B 255 -97.55 0.00 37.37
CA LEU B 255 -97.05 -0.14 36.00
C LEU B 255 -96.22 -1.43 35.83
N PRO B 256 -96.70 -2.36 34.96
CA PRO B 256 -95.97 -3.59 34.67
C PRO B 256 -94.57 -3.33 34.13
N PRO B 257 -93.55 -4.07 34.63
CA PRO B 257 -92.14 -3.97 34.23
C PRO B 257 -91.96 -4.04 32.72
N PHE B 258 -91.18 -3.10 32.19
CA PHE B 258 -91.05 -2.95 30.75
C PHE B 258 -89.58 -3.02 30.30
N PRO B 259 -88.93 -4.18 30.51
CA PRO B 259 -87.50 -4.25 30.16
C PRO B 259 -87.28 -4.15 28.65
N ALA B 260 -86.03 -4.12 28.22
CA ALA B 260 -85.74 -4.03 26.80
C ALA B 260 -85.39 -5.42 26.28
N ARG B 261 -85.71 -5.71 25.03
CA ARG B 261 -85.48 -7.02 24.46
C ARG B 261 -84.03 -7.45 24.62
N GLY B 262 -83.11 -6.56 24.28
CA GLY B 262 -81.70 -6.87 24.41
C GLY B 262 -81.15 -6.97 25.81
N SER B 263 -81.28 -5.90 26.59
CA SER B 263 -80.62 -5.83 27.89
C SER B 263 -81.26 -6.81 28.86
N GLY B 264 -80.44 -7.69 29.42
CA GLY B 264 -80.95 -8.76 30.24
C GLY B 264 -81.07 -8.43 31.71
N PHE B 265 -82.04 -9.09 32.34
CA PHE B 265 -82.14 -9.19 33.80
C PHE B 265 -82.01 -7.90 34.58
N HIS B 266 -83.04 -7.05 34.49
CA HIS B 266 -83.19 -5.91 35.38
C HIS B 266 -83.53 -6.41 36.79
N ARG B 267 -83.29 -5.57 37.80
CA ARG B 267 -83.66 -5.89 39.18
C ARG B 267 -84.65 -4.88 39.77
N PHE B 268 -85.69 -5.39 40.42
CA PHE B 268 -86.76 -4.56 40.96
C PHE B 268 -86.85 -4.63 42.48
N ALA B 269 -86.84 -3.46 43.13
CA ALA B 269 -86.77 -3.37 44.60
C ALA B 269 -88.08 -2.96 45.28
N PHE B 270 -88.52 -3.77 46.23
CA PHE B 270 -89.63 -3.41 47.12
C PHE B 270 -89.10 -2.93 48.48
N LEU B 271 -89.43 -1.68 48.80
CA LEU B 271 -88.98 -1.02 50.01
C LEU B 271 -90.14 -0.64 50.94
N LEU B 272 -89.88 -0.66 52.25
CA LEU B 272 -90.83 -0.28 53.29
C LEU B 272 -90.25 0.78 54.20
N PHE B 273 -91.04 1.78 54.58
CA PHE B 273 -90.60 2.82 55.50
C PHE B 273 -91.66 3.01 56.59
N LYS B 274 -91.20 3.23 57.80
CA LYS B 274 -92.07 3.67 58.88
C LYS B 274 -92.10 5.20 58.88
N GLN B 275 -93.29 5.75 59.09
CA GLN B 275 -93.41 7.18 59.27
C GLN B 275 -94.08 7.43 60.62
N ASP B 276 -93.73 8.55 61.24
CA ASP B 276 -94.21 8.88 62.57
C ASP B 276 -95.56 9.60 62.49
N LYS B 277 -95.57 10.79 61.89
CA LYS B 277 -96.80 11.52 61.62
C LYS B 277 -97.18 11.31 60.16
N ARG B 278 -98.48 11.25 59.86
CA ARG B 278 -98.94 11.11 58.48
C ARG B 278 -98.37 12.22 57.61
N ILE B 279 -97.70 11.84 56.52
CA ILE B 279 -97.09 12.83 55.64
C ILE B 279 -97.79 12.87 54.29
N ASP B 280 -97.98 14.08 53.79
CA ASP B 280 -98.50 14.26 52.44
C ASP B 280 -97.55 15.16 51.65
N PHE B 281 -97.17 14.69 50.47
CA PHE B 281 -96.21 15.38 49.63
C PHE B 281 -96.75 15.54 48.22
N SER B 282 -96.92 16.78 47.81
CA SER B 282 -97.51 17.11 46.51
C SER B 282 -96.52 16.98 45.35
N GLY B 283 -95.24 17.24 45.62
CA GLY B 283 -94.20 17.13 44.62
C GLY B 283 -94.10 15.72 44.06
N ASP B 284 -94.41 14.73 44.90
CA ASP B 284 -94.34 13.33 44.52
C ASP B 284 -95.59 12.82 43.79
N THR B 285 -96.70 13.52 43.97
CA THR B 285 -97.99 13.14 43.38
C THR B 285 -97.93 13.10 41.84
N ARG B 286 -98.50 12.05 41.26
CA ARG B 286 -98.49 11.88 39.80
C ARG B 286 -99.90 11.81 39.25
N PRO B 287 -100.08 12.16 37.96
CA PRO B 287 -101.38 12.01 37.28
C PRO B 287 -101.90 10.57 37.40
N SER B 288 -103.22 10.40 37.34
CA SER B 288 -103.83 9.10 37.59
C SER B 288 -103.49 8.01 36.53
N PRO B 289 -103.75 8.26 35.23
CA PRO B 289 -103.30 7.22 34.27
C PRO B 289 -101.77 7.10 34.14
N CYS B 290 -101.09 8.25 34.10
CA CYS B 290 -99.62 8.37 34.06
C CYS B 290 -98.85 7.36 33.19
N TYR B 291 -99.06 7.41 31.87
CA TYR B 291 -98.34 6.53 30.94
C TYR B 291 -96.93 7.01 30.58
N GLN B 292 -96.73 8.34 30.57
CA GLN B 292 -95.47 8.93 30.11
C GLN B 292 -94.28 8.51 30.98
N LEU B 293 -93.14 8.23 30.36
CA LEU B 293 -91.96 7.70 31.03
C LEU B 293 -91.14 8.75 31.76
N ALA B 294 -91.04 9.95 31.19
CA ALA B 294 -90.28 11.03 31.82
C ALA B 294 -90.99 11.53 33.08
N GLN B 295 -92.27 11.24 33.20
CA GLN B 295 -93.00 11.58 34.41
C GLN B 295 -92.50 10.73 35.57
N ARG B 296 -92.14 9.48 35.29
CA ARG B 296 -91.49 8.64 36.30
C ARG B 296 -89.98 8.70 36.12
N THR B 297 -89.33 9.44 37.00
CA THR B 297 -87.88 9.54 37.02
C THR B 297 -87.58 9.66 38.50
N PHE B 298 -86.63 8.88 38.98
CA PHE B 298 -86.54 8.77 40.42
C PHE B 298 -85.12 8.64 40.93
N HIS B 299 -84.90 9.20 42.11
CA HIS B 299 -83.70 8.94 42.88
C HIS B 299 -84.11 8.68 44.30
N THR B 300 -83.90 7.44 44.76
CA THR B 300 -84.28 7.06 46.11
C THR B 300 -83.59 8.00 47.09
N PHE B 301 -82.37 8.38 46.72
CA PHE B 301 -81.54 9.30 47.48
C PHE B 301 -82.29 10.60 47.80
N ASP B 302 -82.65 11.36 46.78
CA ASP B 302 -83.36 12.64 46.94
C ASP B 302 -84.71 12.51 47.65
N PHE B 303 -85.43 11.44 47.34
CA PHE B 303 -86.72 11.14 47.96
C PHE B 303 -86.56 11.01 49.48
N TYR B 304 -85.59 10.17 49.86
CA TYR B 304 -85.28 9.94 51.26
C TYR B 304 -84.64 11.17 51.95
N LYS B 305 -84.01 12.05 51.17
CA LYS B 305 -83.55 13.34 51.70
C LYS B 305 -84.74 14.19 52.10
N LYS B 306 -85.71 14.29 51.19
CA LYS B 306 -86.96 15.01 51.43
C LYS B 306 -87.65 14.57 52.71
N HIS B 307 -87.94 13.26 52.82
CA HIS B 307 -88.73 12.79 53.97
C HIS B 307 -87.92 12.23 55.15
N GLN B 308 -86.60 12.42 55.13
CA GLN B 308 -85.69 11.68 56.01
C GLN B 308 -86.08 11.56 57.49
N ASP B 309 -86.40 12.67 58.14
CA ASP B 309 -86.62 12.65 59.59
C ASP B 309 -87.78 11.74 59.99
N ALA B 310 -88.85 11.76 59.20
CA ALA B 310 -90.05 10.98 59.53
C ALA B 310 -89.99 9.56 58.99
N MET B 311 -89.06 9.31 58.08
CA MET B 311 -89.02 8.03 57.37
C MET B 311 -87.87 7.12 57.78
N THR B 312 -88.17 5.91 58.27
CA THR B 312 -87.14 4.90 58.56
C THR B 312 -87.30 3.63 57.73
N PRO B 313 -86.28 3.27 56.94
CA PRO B 313 -86.35 2.11 56.04
C PRO B 313 -86.51 0.78 56.78
N ALA B 314 -87.43 -0.08 56.30
CA ALA B 314 -87.78 -1.29 57.04
C ALA B 314 -87.58 -2.61 56.26
N GLY B 315 -88.51 -2.92 55.37
CA GLY B 315 -88.46 -4.19 54.65
C GLY B 315 -87.79 -4.10 53.29
N LEU B 316 -87.29 -5.23 52.80
CA LEU B 316 -86.69 -5.30 51.47
C LEU B 316 -87.03 -6.61 50.74
N ALA B 317 -87.63 -6.54 49.56
CA ALA B 317 -87.78 -7.76 48.72
C ALA B 317 -87.57 -7.43 47.24
N PHE B 318 -86.63 -8.09 46.57
CA PHE B 318 -86.36 -7.74 45.17
C PHE B 318 -86.40 -8.93 44.18
N PHE B 319 -86.89 -8.68 42.97
CA PHE B 319 -86.94 -9.76 41.96
C PHE B 319 -86.27 -9.36 40.64
N GLN B 320 -85.68 -10.35 39.98
CA GLN B 320 -84.93 -10.12 38.74
C GLN B 320 -85.69 -10.61 37.50
N CYS B 321 -85.85 -9.72 36.52
CA CYS B 321 -86.74 -9.95 35.39
C CYS B 321 -86.11 -9.60 34.04
N ARG B 322 -86.38 -10.40 33.01
CA ARG B 322 -85.82 -10.18 31.67
C ARG B 322 -86.92 -10.16 30.61
N TRP B 323 -86.59 -9.71 29.40
CA TRP B 323 -87.58 -9.50 28.35
C TRP B 323 -88.43 -10.72 28.08
N ASP B 324 -89.71 -10.48 27.80
CA ASP B 324 -90.69 -11.53 27.58
C ASP B 324 -91.74 -10.97 26.62
N ASP B 325 -92.50 -11.86 25.99
CA ASP B 325 -93.44 -11.53 24.91
C ASP B 325 -94.39 -10.35 25.19
N SER B 326 -94.93 -10.29 26.40
CA SER B 326 -95.91 -9.27 26.77
C SER B 326 -95.42 -7.83 26.60
N VAL B 327 -94.11 -7.65 26.66
CA VAL B 327 -93.51 -6.31 26.60
C VAL B 327 -93.90 -5.52 25.34
N THR B 328 -93.95 -6.18 24.19
CA THR B 328 -94.32 -5.51 22.93
C THR B 328 -95.70 -4.86 23.02
N ARG B 329 -96.61 -5.52 23.73
CA ARG B 329 -97.96 -4.99 23.94
C ARG B 329 -97.90 -3.70 24.73
N VAL B 330 -97.01 -3.64 25.72
CA VAL B 330 -96.83 -2.45 26.53
C VAL B 330 -96.45 -1.23 25.70
N PHE B 331 -95.22 -1.24 25.18
CA PHE B 331 -94.61 -0.10 24.51
C PHE B 331 -95.49 0.59 23.48
N HIS B 332 -96.23 -0.22 22.70
CA HIS B 332 -97.11 0.29 21.67
C HIS B 332 -98.41 0.86 22.21
N GLN B 333 -99.03 0.10 23.12
CA GLN B 333 -100.38 0.43 23.56
C GLN B 333 -100.40 1.52 24.62
N LEU B 334 -99.48 1.44 25.56
CA LEU B 334 -99.44 2.38 26.66
C LEU B 334 -98.65 3.62 26.31
N LEU B 335 -97.37 3.42 26.01
CA LEU B 335 -96.42 4.52 25.88
C LEU B 335 -96.40 5.18 24.49
N ASP B 336 -97.16 4.62 23.55
CA ASP B 336 -97.23 5.13 22.17
C ASP B 336 -95.83 5.27 21.57
N MET B 337 -94.97 4.30 21.85
CA MET B 337 -93.58 4.38 21.44
C MET B 337 -93.08 3.09 20.79
N ARG B 338 -92.18 3.23 19.82
CA ARG B 338 -91.54 2.06 19.22
C ARG B 338 -90.75 1.33 20.31
N GLU B 339 -90.61 0.02 20.16
CA GLU B 339 -89.91 -0.78 21.16
C GLU B 339 -88.42 -0.93 20.84
N PRO B 340 -87.55 -0.57 21.80
CA PRO B 340 -86.10 -0.67 21.65
C PRO B 340 -85.57 -2.11 21.73
N VAL B 341 -84.61 -2.48 20.88
CA VAL B 341 -83.96 -3.78 20.96
C VAL B 341 -82.45 -3.60 21.04
N PHE B 342 -81.84 -4.22 22.05
CA PHE B 342 -80.41 -4.06 22.32
C PHE B 342 -79.65 -5.34 22.00
N GLU B 343 -78.35 -5.21 21.74
CA GLU B 343 -77.52 -6.39 21.53
C GLU B 343 -76.24 -6.37 22.34
N PHE B 344 -75.38 -7.36 22.12
CA PHE B 344 -74.12 -7.42 22.83
C PHE B 344 -72.93 -7.31 21.87
N VAL B 345 -72.13 -6.26 22.06
CA VAL B 345 -70.98 -6.00 21.20
C VAL B 345 -69.67 -6.20 21.98
N ARG B 346 -68.82 -7.08 21.45
CA ARG B 346 -67.49 -7.32 22.01
C ARG B 346 -66.42 -6.69 21.11
N PRO B 347 -65.51 -5.90 21.71
CA PRO B 347 -64.53 -5.10 20.97
C PRO B 347 -63.76 -5.92 19.93
N PRO B 348 -63.53 -5.34 18.73
CA PRO B 348 -62.88 -6.08 17.64
C PRO B 348 -61.47 -6.54 18.03
N PRO B 349 -61.13 -7.80 17.74
CA PRO B 349 -59.87 -8.43 18.19
C PRO B 349 -58.64 -7.61 17.82
N TYR B 350 -57.76 -7.38 18.79
CA TYR B 350 -56.58 -6.55 18.57
C TYR B 350 -55.54 -7.23 17.66
N HIS B 351 -55.19 -6.54 16.58
CA HIS B 351 -54.10 -6.93 15.69
C HIS B 351 -52.91 -5.96 15.75
N PRO B 352 -51.69 -6.49 15.88
CA PRO B 352 -50.51 -5.61 15.88
C PRO B 352 -50.43 -4.83 14.56
N LYS B 353 -49.70 -3.71 14.52
CA LYS B 353 -49.55 -2.95 13.29
C LYS B 353 -49.09 -3.85 12.18
N GLN B 354 -49.67 -3.71 11.00
CA GLN B 354 -49.26 -4.54 9.89
C GLN B 354 -47.88 -4.09 9.44
N LYS B 355 -47.01 -5.02 9.06
CA LYS B 355 -45.67 -4.63 8.60
C LYS B 355 -45.44 -5.00 7.14
N ARG B 356 -44.60 -4.21 6.46
CA ARG B 356 -44.49 -4.30 5.01
C ARG B 356 -44.07 -5.68 4.54
N PHE B 357 -43.10 -6.27 5.21
CA PHE B 357 -42.70 -7.64 4.95
C PHE B 357 -42.93 -8.46 6.19
N PRO B 358 -44.14 -9.01 6.33
CA PRO B 358 -44.38 -9.85 7.50
C PRO B 358 -43.48 -11.06 7.38
N HIS B 359 -42.66 -11.33 8.38
CA HIS B 359 -41.68 -12.39 8.21
C HIS B 359 -42.18 -13.62 8.92
N ARG B 360 -42.07 -14.78 8.27
CA ARG B 360 -42.34 -16.03 8.95
C ARG B 360 -43.81 -16.13 9.44
N GLN B 361 -44.73 -15.58 8.67
CA GLN B 361 -46.15 -15.64 9.01
C GLN B 361 -46.89 -16.50 7.99
N PRO B 362 -48.00 -17.11 8.40
CA PRO B 362 -48.78 -17.91 7.45
C PRO B 362 -49.36 -17.05 6.34
N LEU B 363 -49.84 -17.63 5.27
CA LEU B 363 -50.41 -16.84 4.19
C LEU B 363 -51.62 -16.04 4.67
N ARG B 364 -52.43 -16.66 5.51
CA ARG B 364 -53.65 -16.03 6.00
C ARG B 364 -53.41 -14.76 6.81
N TYR B 365 -52.15 -14.47 7.15
CA TYR B 365 -51.79 -13.20 7.75
C TYR B 365 -52.39 -12.06 6.94
N LEU B 366 -52.28 -12.17 5.62
CA LEU B 366 -52.79 -11.11 4.75
C LEU B 366 -54.26 -10.79 5.03
N ASP B 367 -55.02 -11.81 5.42
CA ASP B 367 -56.46 -11.64 5.63
C ASP B 367 -56.84 -11.09 6.99
N ARG B 368 -55.88 -10.85 7.87
CA ARG B 368 -56.24 -10.25 9.13
C ARG B 368 -56.48 -8.75 8.97
N TYR B 369 -55.78 -8.13 8.02
CA TYR B 369 -55.93 -6.70 7.81
C TYR B 369 -56.88 -6.37 6.69
N ARG B 370 -57.53 -7.42 6.17
CA ARG B 370 -58.55 -7.30 5.16
C ARG B 370 -59.58 -6.26 5.55
N ASP B 371 -59.85 -5.33 4.63
CA ASP B 371 -60.83 -4.27 4.91
C ASP B 371 -62.22 -4.87 4.88
N SER B 372 -62.62 -5.31 3.69
CA SER B 372 -63.89 -6.00 3.49
C SER B 372 -63.66 -7.12 2.48
N HIS B 373 -64.53 -8.14 2.48
CA HIS B 373 -64.33 -9.24 1.55
C HIS B 373 -65.12 -9.06 0.26
N GLU B 374 -64.36 -8.73 -0.78
CA GLU B 374 -64.81 -8.39 -2.13
C GLU B 374 -63.54 -8.07 -2.89
N PRO B 375 -63.41 -8.57 -4.11
CA PRO B 375 -62.25 -8.05 -4.86
C PRO B 375 -62.48 -6.60 -5.25
N THR B 376 -61.42 -5.84 -5.45
CA THR B 376 -61.54 -4.53 -6.04
C THR B 376 -60.56 -4.36 -7.20
N TYR B 377 -61.09 -4.25 -8.40
CA TYR B 377 -60.24 -4.02 -9.54
C TYR B 377 -60.19 -2.52 -9.67
N GLY B 378 -59.04 -1.92 -9.33
CA GLY B 378 -59.00 -0.50 -9.11
C GLY B 378 -59.24 0.34 -10.35
N ILE B 379 -58.37 0.21 -11.35
CA ILE B 379 -58.56 0.95 -12.59
C ILE B 379 -59.17 0.09 -13.67
N TYR B 380 -59.40 -1.17 -13.33
CA TYR B 380 -59.88 -2.10 -14.33
C TYR B 380 -61.40 -2.18 -14.36
N SER C 30 62.92 85.81 -0.57
CA SER C 30 62.24 84.60 -1.03
C SER C 30 62.11 83.57 0.09
N GLN C 31 60.87 83.21 0.41
CA GLN C 31 60.60 82.18 1.40
C GLN C 31 59.76 81.06 0.80
N LEU C 32 60.21 79.82 1.02
CA LEU C 32 59.65 78.67 0.32
C LEU C 32 59.30 77.52 1.27
N SER C 33 58.18 76.85 0.98
CA SER C 33 57.75 75.65 1.71
C SER C 33 58.34 74.40 1.04
N PRO C 34 58.47 73.29 1.79
CA PRO C 34 59.03 72.06 1.19
C PRO C 34 58.19 71.53 0.02
N THR C 35 56.87 71.47 0.20
CA THR C 35 55.97 70.92 -0.82
C THR C 35 55.82 71.83 -2.03
N GLU C 36 55.95 73.13 -1.81
CA GLU C 36 55.85 74.12 -2.89
C GLU C 36 56.93 73.91 -3.95
N LEU C 37 58.17 73.70 -3.48
CA LEU C 37 59.33 73.56 -4.36
C LEU C 37 59.22 72.30 -5.20
N ILE C 38 58.81 71.21 -4.56
CA ILE C 38 58.54 69.95 -5.25
C ILE C 38 57.55 70.14 -6.40
N GLU C 39 56.39 70.71 -6.07
CA GLU C 39 55.33 71.01 -7.03
C GLU C 39 55.82 71.84 -8.19
N MET C 40 56.58 72.88 -7.86
CA MET C 40 57.12 73.79 -8.86
C MET C 40 58.05 73.06 -9.83
N GLN C 41 58.93 72.24 -9.28
CA GLN C 41 59.81 71.42 -10.12
C GLN C 41 59.01 70.54 -11.05
N ASN C 42 57.98 69.88 -10.51
CA ASN C 42 57.12 69.00 -11.31
C ASN C 42 56.36 69.77 -12.40
N ASP C 43 56.01 71.01 -12.11
CA ASP C 43 55.29 71.85 -13.05
C ASP C 43 56.20 72.29 -14.19
N LEU C 44 57.46 72.55 -13.85
CA LEU C 44 58.45 72.91 -14.84
C LEU C 44 58.67 71.73 -15.75
N PHE C 45 58.84 70.56 -15.15
CA PHE C 45 59.00 69.32 -15.90
C PHE C 45 57.81 69.01 -16.82
N ASN C 46 56.60 69.18 -16.32
CA ASN C 46 55.40 68.96 -17.11
C ASN C 46 55.27 69.96 -18.27
N LYS C 47 55.60 71.22 -18.02
CA LYS C 47 55.66 72.24 -19.09
C LYS C 47 56.66 71.82 -20.17
N GLU C 48 57.80 71.29 -19.72
CA GLU C 48 58.78 70.69 -20.62
C GLU C 48 58.12 69.65 -21.51
N LYS C 49 57.58 68.59 -20.89
CA LYS C 49 56.90 67.50 -21.61
C LYS C 49 55.89 67.97 -22.65
N ASN C 50 54.99 68.85 -22.22
CA ASN C 50 53.97 69.42 -23.11
C ASN C 50 54.63 70.12 -24.29
N ARG C 51 55.72 70.83 -24.03
CA ARG C 51 56.45 71.53 -25.09
C ARG C 51 57.17 70.59 -26.06
N GLN C 52 57.57 69.42 -25.57
CA GLN C 52 58.28 68.43 -26.40
C GLN C 52 57.27 67.71 -27.29
N LEU C 53 56.09 67.44 -26.73
CA LEU C 53 55.03 66.73 -27.44
C LEU C 53 54.24 67.62 -28.40
N SER C 54 54.30 68.94 -28.17
CA SER C 54 53.54 69.90 -28.96
C SER C 54 54.30 70.30 -30.22
N LEU C 55 55.41 69.62 -30.49
CA LEU C 55 56.16 69.82 -31.73
C LEU C 55 55.32 69.46 -32.97
N THR C 56 54.14 68.89 -32.73
CA THR C 56 53.19 68.46 -33.75
C THR C 56 53.75 67.42 -34.73
N PRO C 57 54.25 66.28 -34.20
CA PRO C 57 54.63 65.22 -35.15
C PRO C 57 53.41 64.58 -35.81
N ARG C 58 52.27 64.61 -35.11
CA ARG C 58 51.01 64.00 -35.52
C ARG C 58 51.16 62.54 -36.01
N THR C 59 51.78 61.71 -35.18
CA THR C 59 51.94 60.27 -35.45
C THR C 59 52.65 59.96 -36.77
N GLU C 60 53.94 60.26 -36.84
CA GLU C 60 54.74 59.87 -37.99
C GLU C 60 55.25 58.44 -37.82
N LYS C 61 55.22 57.68 -38.92
CA LYS C 61 55.65 56.29 -38.90
C LYS C 61 57.17 56.12 -38.92
N ILE C 62 57.68 55.46 -37.90
CA ILE C 62 59.10 55.20 -37.76
C ILE C 62 59.33 53.70 -37.78
N GLU C 63 60.47 53.25 -38.32
CA GLU C 63 60.70 51.82 -38.43
C GLU C 63 61.90 51.30 -37.63
N VAL C 64 61.66 50.24 -36.87
CA VAL C 64 62.68 49.62 -36.04
C VAL C 64 62.95 48.19 -36.53
N LYS C 65 64.18 47.72 -36.37
CA LYS C 65 64.52 46.35 -36.74
C LYS C 65 65.20 45.63 -35.57
N HIS C 66 64.90 44.35 -35.39
CA HIS C 66 65.48 43.58 -34.29
C HIS C 66 66.74 42.84 -34.76
N VAL C 67 67.88 43.30 -34.24
CA VAL C 67 69.19 42.74 -34.60
C VAL C 67 69.59 41.71 -33.55
N GLY C 68 68.72 41.50 -32.58
CA GLY C 68 68.96 40.54 -31.51
C GLY C 68 69.06 39.13 -32.04
N LYS C 69 69.42 38.20 -31.17
CA LYS C 69 69.74 36.83 -31.59
C LYS C 69 68.54 35.89 -31.59
N THR C 70 67.43 36.31 -31.00
CA THR C 70 66.26 35.45 -30.88
C THR C 70 65.36 35.49 -32.14
N ASP C 71 64.80 36.65 -32.46
CA ASP C 71 63.94 36.78 -33.62
C ASP C 71 64.52 37.76 -34.62
N PRO C 72 65.60 37.36 -35.31
CA PRO C 72 66.20 38.27 -36.29
C PRO C 72 65.28 38.48 -37.49
N GLY C 73 65.46 39.59 -38.20
CA GLY C 73 64.62 39.90 -39.33
C GLY C 73 63.20 40.20 -38.87
N THR C 74 63.09 40.87 -37.74
CA THR C 74 61.80 41.28 -37.18
C THR C 74 61.64 42.79 -37.27
N VAL C 75 60.54 43.23 -37.85
CA VAL C 75 60.35 44.66 -38.09
C VAL C 75 59.25 45.21 -37.18
N PHE C 76 59.38 46.47 -36.80
CA PHE C 76 58.38 47.16 -35.99
C PHE C 76 58.03 48.50 -36.61
N VAL C 77 56.75 48.72 -36.89
CA VAL C 77 56.32 50.01 -37.37
C VAL C 77 55.72 50.76 -36.19
N MET C 78 56.44 51.76 -35.65
CA MET C 78 56.01 52.44 -34.43
C MET C 78 55.82 53.94 -34.62
N ASN C 79 55.48 54.64 -33.54
CA ASN C 79 55.18 56.07 -33.60
C ASN C 79 56.33 56.95 -33.11
N LYS C 80 56.95 57.67 -34.04
CA LYS C 80 58.12 58.47 -33.72
C LYS C 80 57.90 59.43 -32.55
N ASN C 81 58.82 59.37 -31.60
CA ASN C 81 58.86 60.24 -30.43
C ASN C 81 57.66 60.07 -29.49
N ILE C 82 57.02 58.90 -29.58
CA ILE C 82 55.99 58.48 -28.64
C ILE C 82 56.26 57.03 -28.20
N SER C 83 56.23 56.11 -29.16
CA SER C 83 56.48 54.71 -28.90
C SER C 83 57.91 54.50 -28.35
N THR C 84 58.09 53.48 -27.52
CA THR C 84 59.33 53.28 -26.77
C THR C 84 59.93 51.89 -27.04
N PRO C 85 61.22 51.65 -26.69
CA PRO C 85 61.75 50.30 -26.90
C PRO C 85 61.09 49.27 -25.99
N TYR C 86 60.51 49.76 -24.90
CA TYR C 86 59.70 48.92 -24.03
C TYR C 86 58.40 48.52 -24.73
N SER C 87 57.75 49.51 -25.34
CA SER C 87 56.55 49.26 -26.14
C SER C 87 56.87 48.33 -27.31
N CYS C 88 58.15 48.21 -27.65
CA CYS C 88 58.58 47.29 -28.69
C CYS C 88 58.71 45.87 -28.14
N ALA C 89 58.91 45.76 -26.84
CA ALA C 89 59.03 44.44 -26.19
C ALA C 89 57.64 43.81 -26.02
N MET C 90 56.63 44.64 -25.81
CA MET C 90 55.27 44.17 -25.63
C MET C 90 54.76 43.39 -26.85
N HIS C 91 55.46 43.49 -27.98
CA HIS C 91 55.09 42.73 -29.16
C HIS C 91 55.65 41.32 -29.17
N LEU C 92 56.71 41.10 -28.39
CA LEU C 92 57.39 39.81 -28.40
C LEU C 92 56.81 38.86 -27.37
N SER C 93 56.95 39.22 -26.10
CA SER C 93 56.43 38.41 -25.00
C SER C 93 56.70 39.10 -23.68
N GLU C 94 56.08 38.60 -22.63
CA GLU C 94 56.28 39.17 -21.31
C GLU C 94 57.72 39.02 -20.88
N TRP C 95 58.36 37.96 -21.36
CA TRP C 95 59.73 37.65 -21.04
C TRP C 95 60.69 38.82 -21.31
N TYR C 96 60.51 39.47 -22.45
CA TYR C 96 61.33 40.62 -22.76
C TYR C 96 61.01 41.79 -21.84
N CYS C 97 59.71 42.06 -21.70
CA CYS C 97 59.22 43.11 -20.84
C CYS C 97 59.83 43.03 -19.42
N ARG C 98 59.86 41.84 -18.82
CA ARG C 98 60.40 41.68 -17.48
C ARG C 98 61.91 41.55 -17.39
N LYS C 99 62.55 40.89 -18.36
CA LYS C 99 63.99 40.66 -18.29
C LYS C 99 64.89 41.84 -18.69
N SER C 100 64.51 42.56 -19.75
CA SER C 100 65.44 43.52 -20.34
C SER C 100 65.55 44.80 -19.51
N ILE C 101 66.76 45.11 -19.04
CA ILE C 101 67.01 46.35 -18.33
C ILE C 101 67.30 47.53 -19.26
N LEU C 102 68.11 47.27 -20.29
CA LEU C 102 68.62 48.35 -21.13
C LEU C 102 68.61 47.97 -22.61
N ALA C 103 68.27 48.94 -23.46
CA ALA C 103 68.25 48.68 -24.91
C ALA C 103 69.55 49.15 -25.54
N LEU C 104 70.13 48.34 -26.43
CA LEU C 104 71.24 48.83 -27.22
C LEU C 104 70.72 49.18 -28.61
N VAL C 105 70.64 50.48 -28.87
CA VAL C 105 70.22 51.02 -30.15
C VAL C 105 71.42 51.66 -30.83
N ASP C 106 71.88 51.04 -31.92
CA ASP C 106 73.10 51.44 -32.60
C ASP C 106 74.25 51.53 -31.60
N GLY C 107 74.87 52.70 -31.52
CA GLY C 107 75.99 52.89 -30.60
C GLY C 107 75.61 53.52 -29.28
N GLN C 108 74.34 53.46 -28.91
CA GLN C 108 73.91 54.03 -27.64
C GLN C 108 73.10 53.03 -26.82
N PRO C 109 73.35 52.97 -25.51
CA PRO C 109 72.29 52.43 -24.65
C PRO C 109 71.12 53.43 -24.48
N TRP C 110 69.89 52.95 -24.65
CA TRP C 110 68.66 53.69 -24.34
C TRP C 110 68.03 53.03 -23.14
N ASP C 111 67.25 53.79 -22.38
CA ASP C 111 66.48 53.19 -21.30
C ASP C 111 65.06 53.00 -21.79
N MET C 112 64.41 51.95 -21.29
CA MET C 112 63.17 51.44 -21.86
C MET C 112 62.10 52.48 -22.17
N TYR C 113 62.00 53.52 -21.34
CA TYR C 113 60.88 54.46 -21.44
C TYR C 113 61.15 55.74 -22.24
N LYS C 114 62.34 55.83 -22.82
CA LYS C 114 62.68 56.94 -23.70
C LYS C 114 62.09 56.75 -25.09
N PRO C 115 61.22 57.67 -25.53
CA PRO C 115 60.66 57.59 -26.89
C PRO C 115 61.76 57.59 -27.95
N LEU C 116 61.48 57.10 -29.16
CA LEU C 116 62.53 56.93 -30.18
C LEU C 116 62.49 58.02 -31.25
N THR C 117 63.64 58.34 -31.82
CA THR C 117 63.73 59.55 -32.66
C THR C 117 63.63 59.23 -34.14
N LYS C 118 64.71 58.72 -34.74
CA LYS C 118 64.67 58.30 -36.13
C LYS C 118 64.70 56.79 -36.21
N SER C 119 64.63 56.26 -37.44
CA SER C 119 64.64 54.81 -37.67
C SER C 119 65.88 54.17 -37.05
N CYS C 120 65.65 53.05 -36.37
CA CYS C 120 66.65 52.46 -35.49
C CYS C 120 66.81 50.96 -35.70
N GLU C 121 67.81 50.40 -35.03
CA GLU C 121 67.95 48.96 -34.92
C GLU C 121 68.19 48.58 -33.46
N ILE C 122 67.34 47.71 -32.91
CA ILE C 122 67.29 47.48 -31.46
C ILE C 122 67.71 46.08 -31.03
N LYS C 123 68.60 46.02 -30.05
CA LYS C 123 68.97 44.76 -29.39
C LYS C 123 68.68 44.89 -27.90
N PHE C 124 68.16 43.85 -27.25
CA PHE C 124 67.85 43.96 -25.81
C PHE C 124 68.93 43.36 -24.92
N LEU C 125 69.25 44.07 -23.84
CA LEU C 125 70.29 43.62 -22.91
C LEU C 125 69.70 43.07 -21.61
N THR C 126 70.39 42.10 -21.01
CA THR C 126 69.91 41.51 -19.76
C THR C 126 71.07 41.39 -18.74
N PHE C 127 70.74 41.08 -17.50
CA PHE C 127 71.75 40.88 -16.46
C PHE C 127 72.64 39.65 -16.68
N LYS C 128 72.15 38.65 -17.40
CA LYS C 128 72.92 37.42 -17.59
C LYS C 128 73.68 37.40 -18.92
N ASP C 129 73.58 38.46 -19.69
CA ASP C 129 74.28 38.55 -20.97
C ASP C 129 75.81 38.58 -20.75
N ASP C 130 76.58 38.29 -21.80
CA ASP C 130 78.03 38.14 -21.67
C ASP C 130 78.81 39.42 -21.38
N ASP C 131 78.32 40.56 -21.86
CA ASP C 131 78.92 41.88 -21.56
C ASP C 131 77.92 42.81 -20.89
N PRO C 132 77.48 42.43 -19.70
CA PRO C 132 76.45 43.10 -18.92
C PRO C 132 76.88 44.50 -18.46
N GLY C 133 78.17 44.83 -18.63
CA GLY C 133 78.76 46.05 -18.06
C GLY C 133 77.95 47.31 -18.26
N GLU C 134 77.47 47.53 -19.49
CA GLU C 134 76.63 48.67 -19.81
C GLU C 134 75.44 48.78 -18.86
N VAL C 135 74.72 47.66 -18.73
CA VAL C 135 73.67 47.50 -17.74
C VAL C 135 74.16 47.77 -16.31
N ASN C 136 75.31 47.22 -15.94
CA ASN C 136 75.82 47.39 -14.57
C ASN C 136 76.01 48.85 -14.20
N LYS C 137 76.66 49.60 -15.09
CA LYS C 137 76.83 51.03 -14.90
C LYS C 137 75.47 51.69 -14.77
N ALA C 138 74.51 51.21 -15.56
CA ALA C 138 73.14 51.74 -15.52
C ALA C 138 72.45 51.37 -14.21
N TYR C 139 72.91 50.33 -13.56
CA TYR C 139 72.33 49.95 -12.28
C TYR C 139 72.73 50.89 -11.17
N TRP C 140 74.04 51.03 -10.96
CA TRP C 140 74.56 51.87 -9.88
C TRP C 140 73.98 53.29 -9.95
N ARG C 141 73.96 53.86 -11.15
CA ARG C 141 73.38 55.17 -11.39
C ARG C 141 71.96 55.24 -10.86
N SER C 142 71.17 54.25 -11.27
CA SER C 142 69.77 54.17 -10.87
C SER C 142 69.66 54.05 -9.38
N CYS C 143 70.31 53.02 -8.87
CA CYS C 143 70.37 52.74 -7.46
C CYS C 143 70.80 53.96 -6.63
N ALA C 144 71.79 54.69 -7.11
CA ALA C 144 72.26 55.88 -6.41
C ALA C 144 71.15 56.93 -6.29
N MET C 145 70.54 57.24 -7.43
CA MET C 145 69.43 58.19 -7.50
C MET C 145 68.33 57.95 -6.47
N MET C 146 67.96 56.68 -6.28
CA MET C 146 66.97 56.30 -5.26
C MET C 146 67.35 56.86 -3.90
N MET C 147 68.60 56.64 -3.51
CA MET C 147 69.08 57.08 -2.21
C MET C 147 69.01 58.60 -2.02
N GLY C 148 68.87 59.34 -3.11
CA GLY C 148 68.57 60.77 -3.00
C GLY C 148 67.25 60.99 -2.29
N CYS C 149 66.19 60.39 -2.83
CA CYS C 149 64.85 60.49 -2.26
C CYS C 149 64.83 60.06 -0.79
N VAL C 150 65.55 58.99 -0.50
CA VAL C 150 65.68 58.48 0.86
C VAL C 150 66.18 59.55 1.84
N ILE C 151 67.09 60.39 1.36
CA ILE C 151 67.79 61.32 2.26
C ILE C 151 67.09 62.67 2.43
N GLU C 152 66.95 63.43 1.33
CA GLU C 152 66.44 64.80 1.39
C GLU C 152 65.11 64.92 2.13
N ARG C 153 64.25 63.91 1.99
CA ARG C 153 62.91 63.96 2.56
C ARG C 153 62.86 63.46 4.00
N ALA C 154 63.98 62.90 4.47
CA ALA C 154 64.06 62.31 5.80
C ALA C 154 64.58 63.28 6.86
N PHE C 155 64.78 64.53 6.49
CA PHE C 155 65.35 65.48 7.43
C PHE C 155 64.34 66.50 7.94
N LYS C 156 64.57 66.96 9.16
CA LYS C 156 63.74 67.95 9.83
C LYS C 156 63.65 69.26 9.04
N ASP C 157 62.46 69.88 9.08
CA ASP C 157 62.22 71.12 8.35
C ASP C 157 63.23 72.22 8.74
N GLU C 158 63.77 72.13 9.94
CA GLU C 158 64.68 73.14 10.45
C GLU C 158 66.06 73.12 9.78
N TYR C 159 66.47 71.96 9.28
CA TYR C 159 67.77 71.83 8.64
C TYR C 159 67.69 71.96 7.12
N VAL C 160 68.84 71.89 6.46
CA VAL C 160 68.91 72.00 5.01
C VAL C 160 69.80 70.90 4.41
N VAL C 161 69.30 70.23 3.38
CA VAL C 161 70.06 69.17 2.73
C VAL C 161 70.37 69.54 1.29
N SER C 162 71.65 69.64 0.95
CA SER C 162 72.03 69.93 -0.43
C SER C 162 72.68 68.71 -1.08
N LEU C 163 71.98 68.11 -2.03
CA LEU C 163 72.56 66.99 -2.77
C LEU C 163 73.60 67.55 -3.75
N VAL C 164 74.75 66.89 -3.84
CA VAL C 164 75.84 67.43 -4.65
C VAL C 164 75.93 66.75 -6.01
N ARG C 165 76.46 65.54 -6.03
CA ARG C 165 76.61 64.79 -7.27
C ARG C 165 76.49 63.31 -6.95
N ALA C 166 76.39 62.48 -7.99
CA ALA C 166 76.34 61.04 -7.81
C ALA C 166 77.59 60.44 -8.40
N PRO C 167 78.68 60.43 -7.61
CA PRO C 167 80.01 60.01 -8.09
C PRO C 167 79.97 58.56 -8.56
N GLU C 168 80.45 58.33 -9.79
CA GLU C 168 80.32 57.01 -10.38
C GLU C 168 81.55 56.17 -10.08
N VAL C 169 81.35 55.20 -9.20
CA VAL C 169 82.35 54.20 -8.90
C VAL C 169 82.14 53.00 -9.80
N PRO C 170 83.24 52.32 -10.17
CA PRO C 170 83.14 51.05 -10.91
C PRO C 170 82.56 49.94 -10.02
N VAL C 171 82.11 48.85 -10.63
CA VAL C 171 81.34 47.85 -9.89
C VAL C 171 82.21 46.97 -8.95
N ILE C 172 83.51 46.92 -9.20
CA ILE C 172 84.41 46.10 -8.38
C ILE C 172 84.58 46.71 -6.99
N ALA C 173 84.52 48.04 -6.89
CA ALA C 173 84.35 48.68 -5.60
C ALA C 173 83.00 48.25 -5.03
N GLY C 174 82.96 47.94 -3.74
CA GLY C 174 81.83 47.24 -3.17
C GLY C 174 80.59 48.04 -2.78
N ALA C 175 80.46 49.25 -3.33
CA ALA C 175 79.30 50.07 -2.98
C ALA C 175 78.83 50.99 -4.11
N PHE C 176 77.77 51.74 -3.82
CA PHE C 176 77.38 52.89 -4.62
C PHE C 176 77.35 54.08 -3.67
N CYS C 177 77.74 55.25 -4.18
CA CYS C 177 78.00 56.40 -3.33
C CYS C 177 77.23 57.65 -3.77
N TYR C 178 76.66 58.37 -2.82
CA TYR C 178 76.09 59.68 -3.16
C TYR C 178 76.68 60.76 -2.25
N ASP C 179 76.79 61.98 -2.76
CA ASP C 179 77.44 63.07 -2.05
C ASP C 179 76.44 64.10 -1.50
N VAL C 180 76.58 64.46 -0.23
CA VAL C 180 75.59 65.29 0.44
C VAL C 180 76.24 66.34 1.37
N VAL C 181 75.76 67.58 1.31
CA VAL C 181 76.17 68.61 2.27
C VAL C 181 75.01 68.91 3.22
N LEU C 182 75.29 69.05 4.51
CA LEU C 182 74.24 69.30 5.49
C LEU C 182 74.46 70.59 6.29
N ASP C 183 73.40 71.04 6.96
CA ASP C 183 73.41 72.29 7.72
C ASP C 183 74.60 72.36 8.69
N LYS C 184 75.23 73.53 8.74
CA LYS C 184 76.46 73.74 9.50
C LYS C 184 76.36 73.38 10.99
N ARG C 185 75.19 73.60 11.58
CA ARG C 185 74.98 73.30 13.00
C ARG C 185 74.75 71.81 13.19
N LEU C 186 74.44 71.14 12.10
CA LEU C 186 74.11 69.73 12.09
C LEU C 186 75.34 68.87 11.80
N ASP C 187 76.49 69.52 11.60
CA ASP C 187 77.69 68.88 11.10
C ASP C 187 78.54 68.13 12.12
N GLU C 188 78.26 68.27 13.41
CA GLU C 188 79.10 67.60 14.40
C GLU C 188 78.76 66.12 14.65
N TRP C 189 77.47 65.76 14.62
CA TRP C 189 77.08 64.39 14.91
C TRP C 189 77.24 63.51 13.66
N MET C 190 77.61 62.25 13.89
CA MET C 190 77.68 61.27 12.83
C MET C 190 76.69 60.13 13.15
N PRO C 191 76.07 59.54 12.11
CA PRO C 191 74.86 58.70 12.26
C PRO C 191 74.98 57.48 13.17
N THR C 192 73.83 56.99 13.63
CA THR C 192 73.71 55.83 14.51
C THR C 192 73.10 54.69 13.71
N LYS C 193 73.36 53.44 14.11
CA LYS C 193 72.77 52.29 13.41
C LYS C 193 71.25 52.39 13.28
N GLU C 194 70.62 53.11 14.21
CA GLU C 194 69.19 53.39 14.12
C GLU C 194 68.87 54.23 12.89
N ASN C 195 69.56 55.35 12.77
CA ASN C 195 69.41 56.25 11.62
C ASN C 195 69.68 55.54 10.29
N LEU C 196 70.79 54.81 10.23
CA LEU C 196 71.14 53.98 9.07
C LEU C 196 70.01 53.04 8.69
N HIS C 197 69.57 52.25 9.67
CA HIS C 197 68.49 51.30 9.46
C HIS C 197 67.21 52.00 8.98
N SER C 198 67.01 53.24 9.41
CA SER C 198 65.84 54.02 8.98
C SER C 198 65.97 54.45 7.52
N PHE C 199 67.17 54.88 7.14
CA PHE C 199 67.49 55.11 5.74
C PHE C 199 67.14 53.87 4.90
N THR C 200 67.69 52.72 5.29
CA THR C 200 67.41 51.44 4.61
C THR C 200 65.90 51.16 4.51
N LYS C 201 65.21 51.34 5.63
CA LYS C 201 63.77 51.09 5.71
C LYS C 201 62.96 51.97 4.75
N ASP C 202 63.31 53.25 4.67
CA ASP C 202 62.62 54.19 3.79
C ASP C 202 63.00 53.94 2.32
N ALA C 203 64.18 53.41 2.10
CA ALA C 203 64.60 52.98 0.76
C ALA C 203 63.75 51.81 0.27
N ARG C 204 63.61 50.80 1.11
CA ARG C 204 62.79 49.64 0.79
C ARG C 204 61.31 49.99 0.68
N ALA C 205 60.87 50.96 1.47
CA ALA C 205 59.50 51.46 1.39
C ALA C 205 59.31 52.21 0.07
N LEU C 206 60.38 52.82 -0.42
CA LEU C 206 60.37 53.45 -1.73
C LEU C 206 60.24 52.41 -2.84
N ILE C 207 60.97 51.30 -2.69
CA ILE C 207 60.89 50.18 -3.64
C ILE C 207 59.53 49.50 -3.62
N TYR C 208 58.91 49.49 -2.45
CA TYR C 208 57.62 48.83 -2.25
C TYR C 208 56.54 49.31 -3.23
N LYS C 209 56.20 50.58 -3.18
CA LYS C 209 55.36 51.16 -4.22
C LYS C 209 56.19 51.22 -5.50
N ASP C 210 55.55 50.95 -6.63
CA ASP C 210 56.28 50.83 -7.89
C ASP C 210 56.40 52.17 -8.63
N LEU C 211 57.64 52.57 -8.86
CA LEU C 211 57.93 53.84 -9.49
C LEU C 211 58.62 53.61 -10.84
N PRO C 212 58.02 54.11 -11.92
CA PRO C 212 58.70 54.13 -13.23
C PRO C 212 59.77 55.24 -13.30
N PHE C 213 60.80 55.06 -14.13
CA PHE C 213 61.79 56.13 -14.37
C PHE C 213 61.55 56.80 -15.73
N GLU C 214 61.58 58.13 -15.76
CA GLU C 214 61.32 58.85 -17.00
C GLU C 214 62.48 59.76 -17.42
N THR C 215 62.74 59.84 -18.71
CA THR C 215 63.87 60.62 -19.22
C THR C 215 63.43 61.81 -20.08
N LEU C 216 64.00 62.97 -19.76
CA LEU C 216 63.70 64.19 -20.49
C LEU C 216 64.98 64.91 -20.91
N GLU C 217 64.95 65.52 -22.09
CA GLU C 217 66.07 66.30 -22.59
C GLU C 217 65.79 67.78 -22.42
N VAL C 218 66.61 68.47 -21.62
CA VAL C 218 66.38 69.88 -21.36
C VAL C 218 67.55 70.76 -21.87
N GLU C 219 67.22 72.00 -22.23
CA GLU C 219 68.25 72.98 -22.52
C GLU C 219 68.81 73.49 -21.19
N ALA C 220 70.08 73.90 -21.19
CA ALA C 220 70.70 74.43 -19.97
C ALA C 220 69.90 75.58 -19.37
N LYS C 221 69.25 76.38 -20.23
CA LYS C 221 68.49 77.55 -19.81
C LYS C 221 67.25 77.17 -18.98
N VAL C 222 66.52 76.17 -19.46
CA VAL C 222 65.33 75.68 -18.76
C VAL C 222 65.67 74.64 -17.69
N ALA C 223 66.90 74.10 -17.72
CA ALA C 223 67.35 73.17 -16.69
C ALA C 223 67.84 73.90 -15.45
N LEU C 224 68.54 75.02 -15.64
CA LEU C 224 69.07 75.80 -14.52
C LEU C 224 67.96 76.42 -13.66
N GLU C 225 66.75 76.51 -14.19
CA GLU C 225 65.61 77.07 -13.47
C GLU C 225 64.96 76.09 -12.50
N ILE C 226 65.02 74.80 -12.83
CA ILE C 226 64.42 73.76 -11.99
C ILE C 226 65.22 73.55 -10.71
N PHE C 227 66.54 73.44 -10.83
CA PHE C 227 67.34 73.17 -9.64
C PHE C 227 67.53 74.39 -8.75
N GLN C 228 67.94 75.52 -9.33
CA GLN C 228 68.05 76.76 -8.58
C GLN C 228 68.94 76.61 -7.34
N HIS C 229 68.30 76.63 -6.18
CA HIS C 229 68.93 76.80 -4.87
C HIS C 229 70.16 75.95 -4.56
N ASN C 230 70.28 74.78 -5.19
CA ASN C 230 71.53 74.03 -5.11
C ASN C 230 72.57 74.60 -6.06
N LYS C 231 73.68 75.07 -5.53
CA LYS C 231 74.68 75.72 -6.38
C LYS C 231 75.48 74.66 -7.13
N TYR C 232 75.64 73.51 -6.50
CA TYR C 232 76.42 72.40 -7.06
C TYR C 232 75.71 71.78 -8.25
N LYS C 233 74.40 71.69 -8.14
CA LYS C 233 73.58 71.27 -9.27
C LYS C 233 73.76 72.23 -10.44
N LEU C 234 73.66 73.53 -10.15
CA LEU C 234 73.76 74.57 -11.18
C LEU C 234 75.12 74.56 -11.88
N ASP C 235 76.17 74.29 -11.12
CA ASP C 235 77.53 74.27 -11.66
C ASP C 235 77.84 72.98 -12.42
N PHE C 236 77.37 71.86 -11.88
CA PHE C 236 77.51 70.56 -12.51
C PHE C 236 76.80 70.55 -13.87
N ILE C 237 75.59 71.10 -13.87
CA ILE C 237 74.84 71.33 -15.10
C ILE C 237 75.68 72.12 -16.09
N GLU C 238 76.32 73.18 -15.60
CA GLU C 238 77.15 74.05 -16.42
C GLU C 238 78.27 73.26 -17.11
N GLU C 239 79.06 72.52 -16.34
CA GLU C 239 80.19 71.74 -16.88
C GLU C 239 79.74 70.65 -17.85
N LYS C 240 78.80 69.85 -17.38
CA LYS C 240 78.22 68.76 -18.16
C LYS C 240 77.68 69.25 -19.51
N ALA C 241 76.84 70.28 -19.48
CA ALA C 241 76.26 70.84 -20.71
C ALA C 241 77.31 71.54 -21.56
N SER C 242 78.40 71.99 -20.92
CA SER C 242 79.45 72.68 -21.63
C SER C 242 80.25 71.73 -22.50
N GLN C 243 80.56 70.55 -21.96
CA GLN C 243 81.41 69.61 -22.69
C GLN C 243 80.75 69.06 -23.97
N ASN C 244 79.42 69.16 -24.04
CA ASN C 244 78.68 68.74 -25.22
C ASN C 244 77.96 69.92 -25.88
N PRO C 245 78.35 70.24 -27.13
CA PRO C 245 78.16 71.51 -27.87
C PRO C 245 76.75 72.11 -27.93
N GLU C 246 75.71 71.31 -27.71
CA GLU C 246 74.34 71.82 -27.87
C GLU C 246 73.75 72.30 -26.55
N ARG C 247 74.55 72.29 -25.50
CA ARG C 247 74.13 72.66 -24.14
C ARG C 247 72.98 71.78 -23.65
N ILE C 248 73.14 70.46 -23.78
CA ILE C 248 72.07 69.53 -23.43
C ILE C 248 72.24 68.90 -22.05
N VAL C 249 71.22 69.08 -21.21
CA VAL C 249 71.15 68.45 -19.89
C VAL C 249 70.20 67.25 -19.96
N LYS C 250 70.60 66.14 -19.34
CA LYS C 250 69.78 64.93 -19.30
C LYS C 250 69.11 64.76 -17.93
N LEU C 251 67.79 64.91 -17.89
CA LEU C 251 67.06 64.83 -16.63
C LEU C 251 66.31 63.51 -16.45
N HIS C 252 66.31 63.02 -15.21
CA HIS C 252 65.62 61.79 -14.87
C HIS C 252 64.65 62.00 -13.73
N ARG C 253 63.37 61.75 -13.98
CA ARG C 253 62.32 61.96 -13.00
C ARG C 253 61.68 60.65 -12.57
N PHE C 254 61.55 60.45 -11.26
CA PHE C 254 60.72 59.37 -10.76
C PHE C 254 59.96 59.85 -9.52
N GLY C 255 58.66 59.60 -9.50
CA GLY C 255 57.80 60.16 -8.48
C GLY C 255 57.91 61.68 -8.43
N ASP C 256 58.20 62.20 -7.24
CA ASP C 256 58.32 63.63 -7.03
C ASP C 256 59.77 64.08 -7.11
N PHE C 257 60.64 63.14 -7.44
CA PHE C 257 62.07 63.43 -7.46
C PHE C 257 62.63 63.61 -8.87
N ILE C 258 63.49 64.62 -9.03
CA ILE C 258 64.17 64.85 -10.31
C ILE C 258 65.68 64.94 -10.08
N ASP C 259 66.47 64.34 -10.96
CA ASP C 259 67.92 64.36 -10.84
C ASP C 259 68.64 64.28 -12.20
N VAL C 260 69.76 65.00 -12.32
CA VAL C 260 70.56 64.98 -13.54
C VAL C 260 71.71 63.99 -13.40
N SER C 261 71.82 63.05 -14.32
CA SER C 261 72.89 62.06 -14.25
C SER C 261 73.47 61.75 -15.63
N GLU C 262 74.59 61.02 -15.65
CA GLU C 262 75.22 60.61 -16.89
C GLU C 262 74.68 59.24 -17.32
N GLY C 263 74.37 59.09 -18.59
CA GLY C 263 73.88 57.82 -19.11
C GLY C 263 72.47 57.45 -18.69
N PRO C 264 71.98 56.30 -19.19
CA PRO C 264 70.62 55.76 -18.99
C PRO C 264 70.37 55.14 -17.61
N LEU C 265 69.09 54.91 -17.29
CA LEU C 265 68.68 54.30 -16.03
C LEU C 265 67.84 53.03 -16.26
N ILE C 266 67.64 52.21 -15.21
CA ILE C 266 66.84 50.98 -15.31
C ILE C 266 65.34 51.28 -15.30
N PRO C 267 64.52 50.43 -15.95
CA PRO C 267 63.11 50.77 -16.23
C PRO C 267 62.17 51.02 -15.03
N ARG C 268 62.16 50.11 -14.05
CA ARG C 268 61.25 50.23 -12.91
C ARG C 268 62.04 50.17 -11.59
N THR C 269 61.40 50.57 -10.51
CA THR C 269 62.01 50.47 -9.19
C THR C 269 61.94 49.04 -8.68
N SER C 270 60.94 48.31 -9.17
CA SER C 270 60.69 46.92 -8.78
C SER C 270 61.92 46.03 -8.88
N ILE C 271 62.76 46.31 -9.86
CA ILE C 271 63.88 45.44 -10.20
C ILE C 271 64.88 45.32 -9.05
N CYS C 272 64.98 46.36 -8.25
CA CYS C 272 65.87 46.36 -7.09
C CYS C 272 65.28 45.53 -5.94
N PHE C 273 66.02 44.55 -5.45
CA PHE C 273 65.50 43.65 -4.42
C PHE C 273 66.01 43.98 -3.02
N GLN C 274 67.28 43.70 -2.76
CA GLN C 274 67.90 43.98 -1.47
C GLN C 274 68.52 45.38 -1.47
N TYR C 275 68.09 46.23 -0.56
CA TYR C 275 68.67 47.57 -0.48
C TYR C 275 69.27 47.84 0.89
N GLU C 276 70.45 48.43 0.90
CA GLU C 276 71.11 48.76 2.14
C GLU C 276 71.78 50.12 2.08
N VAL C 277 71.56 50.94 3.10
CA VAL C 277 72.41 52.10 3.32
C VAL C 277 73.37 51.62 4.39
N SER C 278 74.62 51.38 4.00
CA SER C 278 75.59 50.77 4.90
C SER C 278 76.33 51.81 5.72
N ALA C 279 77.25 52.52 5.07
CA ALA C 279 78.08 53.44 5.83
C ALA C 279 77.85 54.86 5.36
N VAL C 280 78.16 55.83 6.23
CA VAL C 280 78.19 57.22 5.80
C VAL C 280 79.47 57.85 6.34
N HIS C 281 80.22 58.50 5.46
CA HIS C 281 81.56 58.97 5.77
C HIS C 281 81.71 60.47 5.57
N ASN C 282 82.19 61.15 6.60
CA ASN C 282 82.46 62.57 6.48
C ASN C 282 83.80 62.80 5.81
N LEU C 283 83.74 63.49 4.67
CA LEU C 283 84.93 63.92 3.96
C LEU C 283 84.96 65.45 4.01
N GLN C 284 86.13 66.04 4.23
CA GLN C 284 86.17 67.49 4.40
C GLN C 284 87.20 68.15 3.50
N THR C 285 86.71 69.00 2.60
CA THR C 285 87.57 69.90 1.82
C THR C 285 87.66 71.21 2.60
N GLN C 286 88.38 72.18 2.05
CA GLN C 286 88.54 73.49 2.68
C GLN C 286 87.22 74.28 2.75
N SER C 287 86.56 74.43 1.61
CA SER C 287 85.36 75.27 1.49
C SER C 287 84.05 74.48 1.57
N SER C 288 84.14 73.17 1.80
CA SER C 288 82.97 72.31 1.83
C SER C 288 83.15 71.11 2.76
N LEU C 289 82.05 70.69 3.39
CA LEU C 289 82.02 69.42 4.12
C LEU C 289 81.09 68.46 3.39
N VAL C 290 81.67 67.45 2.75
CA VAL C 290 80.93 66.55 1.89
C VAL C 290 80.86 65.14 2.48
N ARG C 291 79.64 64.67 2.72
CA ARG C 291 79.43 63.33 3.25
C ARG C 291 79.12 62.36 2.12
N ARG C 292 79.80 61.22 2.14
CA ARG C 292 79.47 60.13 1.24
C ARG C 292 78.47 59.20 1.91
N PHE C 293 77.45 58.82 1.16
CA PHE C 293 76.55 57.75 1.59
C PHE C 293 76.83 56.53 0.74
N GLN C 294 77.28 55.47 1.41
CA GLN C 294 77.65 54.24 0.74
C GLN C 294 76.65 53.14 1.04
N GLY C 295 76.23 52.45 -0.02
CA GLY C 295 75.20 51.44 0.08
C GLY C 295 75.39 50.29 -0.89
N LEU C 296 74.57 49.25 -0.75
CA LEU C 296 74.66 48.07 -1.61
C LEU C 296 73.30 47.49 -1.98
N SER C 297 73.16 47.04 -3.23
CA SER C 297 71.89 46.50 -3.69
C SER C 297 72.02 45.46 -4.81
N LEU C 298 71.09 44.51 -4.85
CA LEU C 298 71.08 43.47 -5.87
C LEU C 298 69.70 43.33 -6.51
N PRO C 299 69.67 43.03 -7.83
CA PRO C 299 68.44 42.88 -8.62
C PRO C 299 67.72 41.58 -8.31
N VAL C 300 66.40 41.56 -8.43
CA VAL C 300 65.62 40.38 -8.07
C VAL C 300 66.03 39.16 -8.89
N HIS C 301 66.66 39.41 -10.03
CA HIS C 301 67.15 38.34 -10.90
C HIS C 301 68.38 37.65 -10.35
N LEU C 302 69.30 38.45 -9.84
CA LEU C 302 70.59 37.95 -9.39
C LEU C 302 70.67 37.65 -7.90
N ARG C 303 69.53 37.73 -7.19
CA ARG C 303 69.53 37.79 -5.72
C ARG C 303 70.39 36.71 -5.04
N ALA C 304 71.12 37.13 -4.00
CA ALA C 304 72.17 36.30 -3.41
C ALA C 304 71.78 35.85 -2.02
N HIS C 305 72.41 34.78 -1.55
CA HIS C 305 72.08 34.14 -0.27
C HIS C 305 72.51 34.91 0.99
N PHE C 306 71.77 34.66 2.08
CA PHE C 306 71.88 35.39 3.35
C PHE C 306 73.28 35.43 3.97
N THR C 307 74.11 34.45 3.62
CA THR C 307 75.49 34.48 4.06
C THR C 307 76.33 35.42 3.20
N ILE C 308 76.19 35.31 1.89
CA ILE C 308 76.96 36.14 0.97
C ILE C 308 76.64 37.62 1.18
N TRP C 309 75.37 37.89 1.41
CA TRP C 309 74.92 39.25 1.62
C TRP C 309 75.62 39.91 2.80
N ASN C 310 75.85 39.17 3.88
CA ASN C 310 76.60 39.69 5.02
C ASN C 310 78.06 40.00 4.67
N LYS C 311 78.64 39.16 3.82
CA LYS C 311 80.03 39.33 3.38
C LYS C 311 80.21 40.60 2.57
N LEU C 312 79.27 40.88 1.68
CA LEU C 312 79.37 42.07 0.85
C LEU C 312 78.97 43.33 1.63
N LEU C 313 78.01 43.15 2.54
CA LEU C 313 77.60 44.20 3.45
C LEU C 313 78.71 44.56 4.45
N GLU C 314 79.70 43.68 4.56
CA GLU C 314 80.93 44.00 5.31
C GLU C 314 81.83 44.94 4.49
N ARG C 315 82.03 44.60 3.23
CA ARG C 315 82.95 45.35 2.37
C ARG C 315 82.43 46.74 2.05
N SER C 316 81.11 46.93 2.08
CA SER C 316 80.55 48.25 1.77
C SER C 316 80.76 49.30 2.88
N ARG C 317 81.34 48.89 4.01
CA ARG C 317 81.61 49.82 5.13
C ARG C 317 82.84 50.71 4.94
N LYS C 318 83.82 50.26 4.15
CA LYS C 318 85.03 51.05 3.93
C LYS C 318 84.72 52.32 3.13
N MET C 319 85.55 53.34 3.29
CA MET C 319 85.42 54.54 2.46
C MET C 319 86.02 54.27 1.08
N VAL C 320 85.17 54.37 0.05
CA VAL C 320 85.54 53.97 -1.30
C VAL C 320 85.75 55.16 -2.22
N THR C 321 87.01 55.39 -2.60
CA THR C 321 87.33 56.57 -3.38
C THR C 321 87.80 56.27 -4.80
N GLU C 322 86.91 56.51 -5.75
CA GLU C 322 87.32 56.86 -7.09
C GLU C 322 86.49 58.05 -7.53
N ASP C 323 87.06 59.24 -7.57
CA ASP C 323 86.34 60.36 -8.18
C ASP C 323 86.91 60.80 -9.55
N LYS C 324 88.04 60.23 -9.96
CA LYS C 324 88.79 60.77 -11.10
C LYS C 324 90.10 60.03 -11.33
N ILE D 83 -32.31 -61.13 59.51
CA ILE D 83 -33.18 -61.98 58.69
C ILE D 83 -34.64 -61.95 59.18
N PRO D 84 -35.30 -60.78 59.04
CA PRO D 84 -36.67 -60.63 59.56
C PRO D 84 -37.73 -61.43 58.78
N ILE D 85 -38.54 -62.22 59.50
CA ILE D 85 -39.78 -62.77 58.95
C ILE D 85 -40.92 -62.66 59.97
N GLU D 86 -41.92 -61.84 59.64
CA GLU D 86 -43.11 -61.66 60.48
C GLU D 86 -44.16 -62.76 60.25
N ASP D 87 -45.05 -62.92 61.22
CA ASP D 87 -46.09 -63.94 61.19
C ASP D 87 -47.45 -63.44 60.65
N PHE D 88 -47.47 -62.21 60.15
CA PHE D 88 -48.68 -61.55 59.61
C PHE D 88 -49.31 -62.24 58.38
N ILE D 89 -48.60 -63.21 57.81
CA ILE D 89 -49.08 -63.97 56.65
C ILE D 89 -50.30 -64.83 56.99
N THR D 90 -51.35 -64.73 56.19
CA THR D 90 -52.51 -65.61 56.34
C THR D 90 -52.11 -67.01 55.84
N PRO D 91 -52.17 -68.03 56.73
CA PRO D 91 -51.74 -69.41 56.44
C PRO D 91 -52.43 -70.06 55.23
N VAL D 92 -51.66 -70.85 54.50
CA VAL D 92 -52.15 -71.54 53.31
C VAL D 92 -53.20 -72.61 53.68
N LYS D 93 -53.18 -73.06 54.93
CA LYS D 93 -54.13 -74.09 55.39
C LYS D 93 -55.58 -73.64 55.31
N PHE D 94 -55.78 -72.33 55.37
CA PHE D 94 -57.09 -71.74 55.58
C PHE D 94 -57.79 -71.44 54.23
N LEU D 95 -57.14 -71.82 53.13
CA LEU D 95 -57.62 -71.52 51.78
C LEU D 95 -59.02 -72.08 51.44
N ASN D 96 -59.13 -73.40 51.37
CA ASN D 96 -60.38 -74.07 50.94
C ASN D 96 -61.33 -74.46 52.07
N LYS D 97 -60.88 -74.27 53.30
CA LYS D 97 -61.69 -74.54 54.49
C LYS D 97 -62.76 -73.45 54.72
N GLU D 98 -62.74 -72.45 53.85
CA GLU D 98 -63.53 -71.22 53.99
C GLU D 98 -65.05 -71.36 53.89
N ARG D 99 -65.54 -72.55 53.54
CA ARG D 99 -66.95 -72.74 53.28
C ARG D 99 -67.79 -73.01 54.56
N GLN D 100 -67.13 -73.00 55.72
CA GLN D 100 -67.76 -73.39 56.99
C GLN D 100 -68.64 -72.32 57.66
N ARG D 101 -68.19 -71.06 57.67
CA ARG D 101 -68.92 -70.01 58.39
C ARG D 101 -69.28 -68.79 57.51
N PRO D 102 -70.07 -69.00 56.42
CA PRO D 102 -70.61 -67.82 55.70
C PRO D 102 -71.76 -67.00 56.36
N PRO D 103 -72.80 -67.64 56.91
CA PRO D 103 -74.06 -66.88 57.10
C PRO D 103 -74.11 -65.91 58.29
N VAL D 104 -74.75 -64.76 58.07
CA VAL D 104 -75.09 -63.82 59.13
C VAL D 104 -76.44 -63.14 58.87
N GLU D 105 -77.31 -63.17 59.87
CA GLU D 105 -78.55 -62.40 59.84
C GLU D 105 -78.90 -61.84 61.21
N LEU D 106 -79.28 -60.57 61.24
CA LEU D 106 -79.62 -59.91 62.49
C LEU D 106 -81.02 -59.30 62.43
N PRO D 107 -81.78 -59.42 63.53
CA PRO D 107 -83.02 -58.68 63.74
C PRO D 107 -82.71 -57.24 64.18
N PHE D 108 -83.68 -56.34 64.06
CA PHE D 108 -83.49 -54.96 64.49
C PHE D 108 -83.27 -54.90 66.00
N GLU D 109 -83.74 -55.93 66.69
CA GLU D 109 -83.57 -56.03 68.14
C GLU D 109 -82.11 -56.26 68.55
N GLU D 110 -81.46 -57.23 67.91
CA GLU D 110 -80.04 -57.53 68.17
C GLU D 110 -79.13 -56.42 67.67
N SER D 111 -79.41 -55.96 66.45
CA SER D 111 -78.68 -54.85 65.83
C SER D 111 -78.67 -53.62 66.75
N GLU D 112 -79.86 -53.20 67.18
CA GLU D 112 -80.01 -52.08 68.11
C GLU D 112 -79.37 -52.36 69.46
N ARG D 113 -79.47 -53.61 69.91
CA ARG D 113 -78.85 -54.03 71.17
C ARG D 113 -77.34 -53.81 71.13
N ARG D 114 -76.72 -54.14 70.00
CA ARG D 114 -75.29 -53.97 69.82
C ARG D 114 -74.89 -52.51 69.58
N ALA D 115 -75.76 -51.77 68.89
CA ALA D 115 -75.52 -50.35 68.64
C ALA D 115 -75.51 -49.54 69.94
N LEU D 116 -76.51 -49.75 70.78
CA LEU D 116 -76.62 -49.06 72.07
C LEU D 116 -75.40 -49.35 72.95
N LEU D 117 -75.06 -50.63 73.06
CA LEU D 117 -73.89 -51.09 73.81
C LEU D 117 -72.59 -50.49 73.28
N LEU D 118 -72.54 -50.32 71.96
CA LEU D 118 -71.38 -49.71 71.30
C LEU D 118 -71.24 -48.24 71.73
N LYS D 119 -72.30 -47.46 71.57
CA LYS D 119 -72.27 -46.03 71.92
C LYS D 119 -71.92 -45.83 73.38
N ARG D 120 -72.61 -46.58 74.24
CA ARG D 120 -72.34 -46.58 75.67
C ARG D 120 -70.88 -46.92 75.98
N TRP D 121 -70.33 -47.86 75.22
CA TRP D 121 -68.93 -48.26 75.36
C TRP D 121 -67.97 -47.10 75.06
N SER D 122 -68.16 -46.45 73.92
CA SER D 122 -67.31 -45.32 73.53
C SER D 122 -67.35 -44.22 74.61
N LEU D 123 -68.56 -43.87 75.07
CA LEU D 123 -68.70 -42.92 76.17
C LEU D 123 -67.88 -43.34 77.39
N TYR D 124 -68.09 -44.59 77.79
CA TYR D 124 -67.45 -45.18 78.96
C TYR D 124 -65.91 -45.08 78.93
N LYS D 125 -65.33 -45.53 77.83
CA LYS D 125 -63.90 -45.42 77.59
C LYS D 125 -63.41 -43.97 77.63
N GLN D 126 -64.16 -43.06 77.04
CA GLN D 126 -63.74 -41.65 77.04
C GLN D 126 -63.68 -41.12 78.47
N ARG D 127 -64.61 -41.56 79.31
CA ARG D 127 -64.56 -41.21 80.73
C ARG D 127 -63.35 -41.84 81.45
N GLU D 128 -63.14 -43.12 81.21
CA GLU D 128 -62.10 -43.91 81.87
C GLU D 128 -60.67 -43.42 81.58
N HIS D 129 -60.43 -43.07 80.32
CA HIS D 129 -59.12 -42.51 79.95
C HIS D 129 -58.88 -41.23 80.72
N GLU D 130 -59.96 -40.48 80.92
CA GLU D 130 -59.90 -39.21 81.62
C GLU D 130 -59.59 -39.41 83.10
N MET D 131 -60.16 -40.46 83.70
CA MET D 131 -59.88 -40.76 85.11
C MET D 131 -58.43 -41.24 85.30
N GLU D 132 -57.91 -42.01 84.35
CA GLU D 132 -56.53 -42.47 84.44
C GLU D 132 -55.53 -41.34 84.18
N ARG D 133 -55.86 -40.47 83.24
CA ARG D 133 -55.02 -39.30 82.93
C ARG D 133 -55.00 -38.34 84.11
N SER D 134 -56.16 -38.17 84.74
CA SER D 134 -56.26 -37.39 85.96
C SER D 134 -55.36 -37.99 87.04
N ALA D 135 -55.43 -39.32 87.19
CA ALA D 135 -54.60 -40.04 88.15
C ALA D 135 -53.10 -39.78 87.95
N ILE D 136 -52.61 -40.05 86.75
CA ILE D 136 -51.17 -39.89 86.47
C ILE D 136 -50.74 -38.42 86.56
N ARG D 137 -51.63 -37.51 86.18
CA ARG D 137 -51.33 -36.08 86.24
C ARG D 137 -51.17 -35.61 87.69
N SER D 138 -52.10 -36.02 88.54
CA SER D 138 -52.03 -35.73 89.99
C SER D 138 -50.76 -36.34 90.59
N LEU D 139 -50.45 -37.57 90.17
CA LEU D 139 -49.19 -38.21 90.56
C LEU D 139 -47.97 -37.34 90.25
N LEU D 140 -47.86 -36.91 88.99
CA LEU D 140 -46.71 -36.10 88.57
C LEU D 140 -46.71 -34.72 89.24
N GLU D 141 -47.88 -34.24 89.66
CA GLU D 141 -47.92 -32.99 90.42
C GLU D 141 -47.31 -33.19 91.81
N ALA D 142 -47.64 -34.32 92.44
CA ALA D 142 -47.00 -34.73 93.70
C ALA D 142 -45.49 -34.87 93.52
N GLN D 143 -45.09 -35.42 92.38
CA GLN D 143 -43.68 -35.50 92.01
C GLN D 143 -43.00 -34.14 91.93
N GLU D 144 -43.65 -33.17 91.27
CA GLU D 144 -43.16 -31.79 91.20
C GLU D 144 -42.95 -31.15 92.57
N GLU D 145 -43.98 -31.24 93.42
CA GLU D 145 -43.90 -30.75 94.80
C GLU D 145 -42.66 -31.32 95.48
N ALA D 146 -42.57 -32.65 95.43
CA ALA D 146 -41.42 -33.40 95.91
C ALA D 146 -40.06 -32.85 95.44
N LEU D 147 -39.81 -32.96 94.13
CA LEU D 147 -38.55 -32.56 93.52
C LEU D 147 -38.15 -31.13 93.89
N GLN D 148 -39.12 -30.22 93.79
CA GLN D 148 -38.86 -28.82 94.10
C GLN D 148 -38.43 -28.64 95.56
N GLU D 149 -39.21 -29.20 96.49
CA GLU D 149 -38.86 -29.14 97.91
C GLU D 149 -37.47 -29.69 98.23
N LEU D 150 -37.20 -30.90 97.74
CA LEU D 150 -35.94 -31.57 98.02
C LEU D 150 -34.73 -30.87 97.39
N ARG D 151 -34.93 -30.24 96.23
CA ARG D 151 -33.88 -29.45 95.59
C ARG D 151 -33.60 -28.18 96.37
N LEU D 152 -34.66 -27.46 96.74
CA LEU D 152 -34.52 -26.17 97.42
C LEU D 152 -33.88 -26.33 98.81
N SER D 153 -34.40 -27.27 99.60
CA SER D 153 -33.80 -27.52 100.92
C SER D 153 -32.31 -27.89 100.84
N SER D 154 -32.02 -29.07 100.29
CA SER D 154 -30.64 -29.56 100.14
C SER D 154 -30.27 -29.80 98.67
N PRO D 155 -29.29 -29.05 98.15
CA PRO D 155 -28.83 -29.16 96.75
C PRO D 155 -28.07 -30.47 96.45
N GLU D 156 -27.45 -31.04 97.48
CA GLU D 156 -26.78 -32.33 97.36
C GLU D 156 -27.75 -33.41 96.91
N LEU D 157 -29.02 -33.19 97.23
CA LEU D 157 -30.11 -34.08 96.80
C LEU D 157 -30.58 -33.85 95.36
N HIS D 158 -30.44 -32.62 94.85
CA HIS D 158 -30.66 -32.36 93.42
C HIS D 158 -29.51 -32.96 92.61
N ALA D 159 -28.37 -33.11 93.27
CA ALA D 159 -27.19 -33.76 92.66
C ALA D 159 -27.32 -35.29 92.67
N GLU D 160 -27.85 -35.82 93.77
CA GLU D 160 -28.01 -37.25 93.97
C GLU D 160 -29.11 -37.85 93.10
N ALA D 161 -30.30 -37.29 93.25
CA ALA D 161 -31.52 -37.94 92.83
C ALA D 161 -31.77 -37.90 91.31
N THR D 162 -31.09 -37.00 90.60
CA THR D 162 -31.40 -36.68 89.19
C THR D 162 -30.82 -37.67 88.17
N LYS D 163 -29.79 -38.42 88.58
CA LYS D 163 -29.23 -39.47 87.75
C LYS D 163 -30.14 -40.70 87.84
N ARG D 164 -30.36 -41.37 86.71
CA ARG D 164 -31.13 -42.60 86.68
C ARG D 164 -30.19 -43.78 86.84
N ASP D 165 -30.35 -44.50 87.95
CA ASP D 165 -29.45 -45.57 88.35
C ASP D 165 -29.50 -46.81 87.43
N PRO D 166 -28.46 -47.67 87.53
CA PRO D 166 -28.33 -48.95 86.80
C PRO D 166 -29.43 -49.99 87.05
N SER D 167 -30.22 -49.83 88.12
CA SER D 167 -31.32 -50.75 88.46
C SER D 167 -32.43 -50.93 87.40
N LEU D 168 -32.61 -49.95 86.51
CA LEU D 168 -33.77 -49.99 85.62
C LEU D 168 -33.49 -50.80 84.35
N PHE D 169 -32.23 -51.18 84.14
CA PHE D 169 -31.82 -51.87 82.91
C PHE D 169 -32.47 -53.25 82.72
N PRO D 170 -32.30 -54.19 83.69
CA PRO D 170 -32.91 -55.52 83.53
C PRO D 170 -34.27 -55.67 84.22
N PHE D 171 -35.26 -54.87 83.83
CA PHE D 171 -36.58 -54.92 84.46
C PHE D 171 -37.50 -55.96 83.82
N GLU D 172 -37.98 -56.88 84.64
CA GLU D 172 -38.90 -57.92 84.18
C GLU D 172 -40.12 -58.00 85.09
N ARG D 173 -41.28 -57.67 84.53
CA ARG D 173 -42.52 -57.72 85.27
C ARG D 173 -43.46 -58.71 84.59
N GLN D 174 -44.11 -59.56 85.37
CA GLN D 174 -45.05 -60.52 84.80
C GLN D 174 -46.47 -60.27 85.27
N GLY D 175 -47.39 -60.27 84.30
CA GLY D 175 -48.78 -59.93 84.54
C GLY D 175 -49.50 -60.86 85.50
N PRO D 176 -50.67 -60.43 85.98
CA PRO D 176 -51.46 -61.17 86.96
C PRO D 176 -51.95 -62.50 86.40
N ASP D 177 -52.15 -63.49 87.27
CA ASP D 177 -52.67 -64.77 86.81
C ASP D 177 -54.14 -64.92 87.20
N TYR D 178 -54.74 -65.98 86.70
CA TYR D 178 -56.14 -66.30 86.99
C TYR D 178 -56.25 -67.03 88.32
N THR D 179 -55.40 -68.05 88.49
CA THR D 179 -55.33 -68.85 89.72
C THR D 179 -53.96 -68.77 90.41
N PRO D 180 -53.94 -68.35 91.68
CA PRO D 180 -52.69 -68.34 92.44
C PRO D 180 -52.19 -69.76 92.79
N PRO D 181 -50.90 -69.88 93.16
CA PRO D 181 -50.19 -71.10 93.56
C PRO D 181 -51.06 -72.08 94.36
N ALA E 15 26.24 -19.05 -38.78
CA ALA E 15 25.55 -19.32 -40.05
C ALA E 15 25.35 -18.04 -40.88
N ASP E 16 25.24 -18.18 -42.19
CA ASP E 16 24.84 -17.04 -43.03
C ASP E 16 23.68 -17.38 -43.99
N ARG E 17 22.52 -16.79 -43.73
CA ARG E 17 21.33 -17.05 -44.52
C ARG E 17 21.20 -16.26 -45.82
N MET E 18 21.50 -14.97 -45.73
CA MET E 18 21.09 -14.05 -46.78
C MET E 18 21.76 -14.21 -48.15
N SER E 19 23.09 -14.14 -48.20
CA SER E 19 23.82 -14.13 -49.47
C SER E 19 23.54 -15.40 -50.26
N LYS E 20 23.55 -15.30 -51.59
CA LYS E 20 23.15 -16.40 -52.45
C LYS E 20 24.14 -17.54 -52.40
N TRP E 21 23.60 -18.72 -52.72
CA TRP E 21 24.27 -19.99 -52.52
C TRP E 21 25.01 -20.39 -53.78
N THR E 22 26.34 -20.31 -53.76
CA THR E 22 27.16 -20.44 -54.95
C THR E 22 28.15 -21.58 -54.75
N SER E 23 28.80 -22.03 -55.82
CA SER E 23 29.79 -23.10 -55.73
C SER E 23 31.02 -22.76 -54.90
N LYS E 24 31.25 -21.48 -54.65
CA LYS E 24 32.40 -21.08 -53.82
C LYS E 24 32.18 -21.39 -52.35
N ARG E 25 30.92 -21.42 -51.94
CA ARG E 25 30.57 -21.58 -50.53
C ARG E 25 30.68 -23.01 -50.00
N GLY E 26 30.54 -24.00 -50.87
CA GLY E 26 30.36 -25.36 -50.37
C GLY E 26 31.63 -26.08 -49.96
N PRO E 27 31.48 -27.37 -49.62
CA PRO E 27 32.47 -28.44 -49.53
C PRO E 27 33.08 -28.78 -50.89
N ARG E 28 34.12 -29.58 -50.88
CA ARG E 28 34.81 -30.05 -52.07
C ARG E 28 33.87 -30.59 -53.15
N THR E 29 32.78 -31.24 -52.72
CA THR E 29 31.87 -31.95 -53.63
C THR E 29 30.84 -31.06 -54.31
N PHE E 30 30.37 -30.05 -53.61
CA PHE E 30 29.30 -29.25 -54.16
C PHE E 30 29.89 -28.33 -55.18
N CYS E 31 29.55 -28.58 -56.44
CA CYS E 31 30.07 -27.77 -57.53
C CYS E 31 28.96 -27.41 -58.51
N LYS E 32 28.64 -26.13 -58.56
CA LYS E 32 27.50 -25.67 -59.33
C LYS E 32 28.01 -24.65 -60.33
N GLY E 33 27.65 -24.80 -61.60
CA GLY E 33 28.04 -23.83 -62.61
C GLY E 33 27.46 -22.44 -62.40
N ARG E 34 28.03 -21.46 -63.09
CA ARG E 34 27.52 -20.09 -62.97
C ARG E 34 26.44 -19.80 -63.99
N GLY E 35 26.00 -20.83 -64.71
CA GLY E 35 24.97 -20.65 -65.71
C GLY E 35 25.47 -20.68 -67.15
N ALA E 36 26.74 -21.04 -67.35
CA ALA E 36 27.24 -21.29 -68.69
C ALA E 36 26.68 -22.62 -69.17
N LYS E 37 26.31 -22.72 -70.45
CA LYS E 37 25.65 -23.92 -70.91
C LYS E 37 26.62 -25.07 -71.09
N GLY E 38 26.11 -26.28 -71.33
CA GLY E 38 26.99 -27.44 -71.44
C GLY E 38 27.52 -27.59 -72.85
N THR E 39 28.79 -27.95 -72.97
CA THR E 39 29.39 -28.15 -74.27
C THR E 39 29.54 -29.62 -74.68
N GLY E 40 29.09 -30.54 -73.85
CA GLY E 40 29.31 -31.94 -74.17
C GLY E 40 28.95 -32.93 -73.09
N PHE E 41 29.38 -34.17 -73.30
CA PHE E 41 29.01 -35.27 -72.41
C PHE E 41 30.24 -35.91 -71.83
N HIS E 42 30.01 -36.69 -70.78
CA HIS E 42 31.08 -37.42 -70.11
C HIS E 42 31.43 -38.71 -70.84
N GLY E 43 32.72 -39.00 -70.91
CA GLY E 43 33.21 -40.06 -71.78
C GLY E 43 33.50 -41.40 -71.11
N ARG E 44 33.98 -42.35 -71.90
CA ARG E 44 34.28 -43.70 -71.43
C ARG E 44 35.43 -43.71 -70.44
N ASP E 45 36.54 -43.11 -70.84
CA ASP E 45 37.76 -43.17 -70.06
C ASP E 45 37.77 -42.13 -68.96
N GLY E 46 36.68 -41.38 -68.85
CA GLY E 46 36.55 -40.37 -67.82
C GLY E 46 37.14 -39.06 -68.27
N LYS E 47 37.21 -38.88 -69.59
CA LYS E 47 37.59 -37.58 -70.12
C LYS E 47 36.38 -36.94 -70.79
N PHE E 48 36.28 -35.61 -70.68
CA PHE E 48 35.13 -34.89 -71.23
C PHE E 48 35.17 -34.89 -72.75
N VAL E 49 34.00 -35.09 -73.36
CA VAL E 49 33.91 -35.06 -74.81
C VAL E 49 33.00 -33.91 -75.26
N GLN E 50 33.52 -33.07 -76.15
CA GLN E 50 32.74 -31.98 -76.73
C GLN E 50 32.26 -32.37 -78.11
N ILE E 51 30.94 -32.29 -78.31
CA ILE E 51 30.36 -32.40 -79.63
C ILE E 51 30.55 -31.07 -80.36
N LYS E 52 31.02 -31.09 -81.62
CA LYS E 52 31.19 -29.84 -82.36
C LYS E 52 29.86 -29.10 -82.45
N GLU E 53 28.79 -29.86 -82.35
CA GLU E 53 27.43 -29.35 -82.53
C GLU E 53 26.92 -28.48 -81.39
N MET E 54 27.48 -28.64 -80.19
CA MET E 54 26.99 -27.86 -79.06
C MET E 54 27.74 -26.55 -78.87
N ILE E 55 28.85 -26.38 -79.56
CA ILE E 55 29.54 -25.11 -79.55
C ILE E 55 28.79 -24.12 -80.44
N PRO E 56 28.35 -22.99 -79.87
CA PRO E 56 27.73 -21.96 -80.72
C PRO E 56 28.70 -21.45 -81.76
N GLU E 57 28.28 -21.46 -83.03
CA GLU E 57 29.12 -20.97 -84.11
C GLU E 57 28.63 -19.59 -84.55
N LEU E 58 29.47 -18.58 -84.38
CA LEU E 58 29.03 -17.21 -84.66
C LEU E 58 29.17 -16.88 -86.14
N VAL E 59 28.06 -16.54 -86.77
CA VAL E 59 28.07 -16.18 -88.17
C VAL E 59 28.26 -14.68 -88.34
N VAL E 60 29.41 -14.31 -88.90
CA VAL E 60 29.72 -12.90 -89.13
C VAL E 60 29.82 -12.61 -90.63
N PRO E 61 29.00 -11.66 -91.11
CA PRO E 61 29.06 -11.21 -92.50
C PRO E 61 30.33 -10.41 -92.75
N GLU E 62 30.68 -10.18 -94.01
CA GLU E 62 31.82 -9.32 -94.34
C GLU E 62 31.50 -7.86 -94.08
N LEU E 63 32.31 -7.19 -93.27
CA LEU E 63 32.00 -5.80 -92.88
C LEU E 63 32.61 -4.75 -93.80
N ALA E 64 33.47 -5.17 -94.71
CA ALA E 64 34.30 -4.25 -95.47
C ALA E 64 33.52 -3.35 -96.42
N GLY E 65 32.49 -3.89 -97.04
CA GLY E 65 31.85 -3.22 -98.16
C GLY E 65 30.76 -2.20 -97.93
N PHE E 66 30.02 -2.28 -96.83
CA PHE E 66 28.78 -1.49 -96.76
C PHE E 66 28.88 -0.21 -95.96
N LYS E 67 28.12 0.79 -96.42
CA LYS E 67 28.15 2.10 -95.82
C LYS E 67 27.09 2.18 -94.75
N LEU E 68 27.55 2.06 -93.51
CA LEU E 68 26.73 2.26 -92.33
C LEU E 68 27.69 2.53 -91.17
N LYS E 69 27.24 3.27 -90.17
CA LYS E 69 28.10 3.65 -89.05
C LYS E 69 27.33 3.54 -87.73
N PRO E 70 28.03 3.47 -86.58
CA PRO E 70 27.34 3.30 -85.31
C PRO E 70 26.46 4.49 -84.86
N TYR E 71 26.65 5.67 -85.45
CA TYR E 71 25.86 6.85 -85.09
C TYR E 71 25.20 7.51 -86.30
N VAL E 72 23.93 7.85 -86.15
CA VAL E 72 23.18 8.55 -87.19
C VAL E 72 23.47 10.06 -87.12
N ASN E 73 23.48 10.72 -88.28
CA ASN E 73 23.57 12.18 -88.36
C ASN E 73 22.48 12.83 -87.52
N TYR E 74 22.77 13.96 -86.88
CA TYR E 74 21.78 14.62 -86.01
C TYR E 74 20.60 15.20 -86.78
N ARG E 75 20.90 15.94 -87.86
CA ARG E 75 19.86 16.64 -88.61
C ARG E 75 19.09 15.71 -89.55
N ALA E 76 19.55 14.47 -89.69
CA ALA E 76 18.79 13.46 -90.43
C ALA E 76 17.39 13.35 -89.83
N PRO E 77 16.36 13.36 -90.70
CA PRO E 77 14.99 13.52 -90.22
C PRO E 77 14.58 12.38 -89.30
N GLU E 78 13.72 12.69 -88.34
CA GLU E 78 13.07 11.68 -87.50
C GLU E 78 11.96 11.04 -88.32
N GLY E 79 11.13 10.22 -87.68
CA GLY E 79 10.02 9.61 -88.38
C GLY E 79 8.80 9.38 -87.51
N THR E 80 7.65 9.23 -88.14
CA THR E 80 6.43 8.87 -87.43
C THR E 80 6.49 7.36 -87.14
N ASP E 81 6.33 7.01 -85.86
CA ASP E 81 6.65 5.67 -85.41
C ASP E 81 5.51 4.69 -85.62
N THR E 82 5.72 3.72 -86.50
CA THR E 82 4.72 2.70 -86.75
C THR E 82 5.25 1.32 -86.39
N PRO E 83 4.75 0.75 -85.29
CA PRO E 83 5.11 -0.63 -84.94
C PRO E 83 4.55 -1.62 -85.97
N LEU E 84 5.36 -2.59 -86.38
CA LEU E 84 4.93 -3.59 -87.36
C LEU E 84 3.88 -4.53 -86.76
N THR E 85 2.83 -4.79 -87.53
CA THR E 85 1.71 -5.61 -87.09
C THR E 85 1.49 -6.76 -88.07
N ALA E 86 0.75 -7.79 -87.67
CA ALA E 86 0.47 -8.90 -88.56
C ALA E 86 -0.34 -8.47 -89.79
N LYS E 87 -1.26 -7.52 -89.58
CA LYS E 87 -2.10 -7.01 -90.68
C LYS E 87 -1.26 -6.39 -91.79
N GLN E 88 -0.41 -5.43 -91.41
CA GLN E 88 0.47 -4.76 -92.36
C GLN E 88 1.29 -5.77 -93.14
N LEU E 89 1.91 -6.71 -92.42
CA LEU E 89 2.77 -7.71 -93.05
C LEU E 89 1.99 -8.61 -94.01
N PHE E 90 0.72 -8.85 -93.70
CA PHE E 90 -0.11 -9.62 -94.63
C PHE E 90 -0.41 -8.82 -95.88
N LEU E 91 -0.57 -7.50 -95.71
CA LEU E 91 -0.84 -6.59 -96.82
C LEU E 91 0.35 -6.45 -97.77
N GLU E 92 1.55 -6.40 -97.21
CA GLU E 92 2.76 -6.12 -98.01
C GLU E 92 3.23 -7.30 -98.84
N THR E 93 2.70 -8.49 -98.58
CA THR E 93 3.18 -9.69 -99.28
C THR E 93 2.05 -10.50 -99.93
N ALA E 94 1.20 -11.10 -99.11
CA ALA E 94 0.18 -12.02 -99.61
C ALA E 94 -0.86 -11.31 -100.49
N ALA E 95 -1.41 -10.21 -99.98
CA ALA E 95 -2.54 -9.50 -100.61
C ALA E 95 -2.38 -9.20 -102.12
N PRO E 96 -1.22 -8.63 -102.55
CA PRO E 96 -1.15 -8.35 -104.00
C PRO E 96 -1.24 -9.61 -104.89
N ALA E 97 -0.49 -10.66 -104.53
CA ALA E 97 -0.48 -11.89 -105.31
C ALA E 97 -1.82 -12.62 -105.23
N ILE E 98 -2.46 -12.53 -104.07
CA ILE E 98 -3.81 -13.04 -103.88
C ILE E 98 -4.77 -12.37 -104.86
N GLU E 99 -4.73 -11.04 -104.90
CA GLU E 99 -5.60 -10.31 -105.81
C GLU E 99 -5.30 -10.67 -107.27
N LYS E 100 -4.04 -10.95 -107.59
CA LYS E 100 -3.68 -11.41 -108.94
C LYS E 100 -4.30 -12.76 -109.31
N ASP E 101 -4.18 -13.74 -108.41
CA ASP E 101 -4.67 -15.09 -108.70
C ASP E 101 -6.19 -15.23 -108.54
N PHE E 102 -6.80 -14.30 -107.84
CA PHE E 102 -8.26 -14.20 -107.81
C PHE E 102 -8.77 -13.47 -109.06
N LYS E 103 -7.93 -12.57 -109.57
CA LYS E 103 -8.24 -11.81 -110.79
C LYS E 103 -8.21 -12.73 -112.02
N ALA E 104 -7.19 -13.58 -112.10
CA ALA E 104 -7.06 -14.52 -113.20
C ALA E 104 -8.01 -15.71 -113.04
N GLY E 105 -8.46 -15.94 -111.80
CA GLY E 105 -9.31 -17.08 -111.50
C GLY E 105 -8.48 -18.31 -111.20
N THR E 106 -7.21 -18.08 -110.85
CA THR E 106 -6.25 -19.16 -110.59
C THR E 106 -6.17 -19.50 -109.10
N PHE E 107 -7.01 -18.84 -108.31
CA PHE E 107 -6.99 -19.02 -106.86
C PHE E 107 -7.36 -20.44 -106.40
N ASP E 108 -6.54 -20.99 -105.51
CA ASP E 108 -6.74 -22.34 -104.94
C ASP E 108 -6.75 -22.35 -103.41
N PRO E 109 -7.95 -22.30 -102.81
CA PRO E 109 -8.12 -22.35 -101.35
C PRO E 109 -7.35 -23.48 -100.67
N GLU E 110 -7.25 -24.64 -101.31
CA GLU E 110 -6.64 -25.82 -100.70
C GLU E 110 -5.10 -25.84 -100.70
N HIS E 111 -4.47 -25.25 -101.71
CA HIS E 111 -3.02 -25.05 -101.65
C HIS E 111 -2.74 -23.57 -101.47
N LEU E 112 -2.36 -23.21 -100.25
CA LEU E 112 -2.11 -21.82 -99.91
C LEU E 112 -0.62 -21.50 -99.92
N GLU E 113 0.18 -22.50 -100.26
CA GLU E 113 1.63 -22.45 -100.09
C GLU E 113 2.34 -21.53 -101.06
N LYS E 114 1.69 -21.19 -102.17
CA LYS E 114 2.29 -20.33 -103.17
C LYS E 114 2.57 -18.93 -102.64
N TYR E 115 1.85 -18.53 -101.59
CA TYR E 115 2.06 -17.24 -100.95
C TYR E 115 3.05 -17.31 -99.80
N GLY E 116 3.48 -18.52 -99.47
CA GLY E 116 4.43 -18.71 -98.40
C GLY E 116 3.76 -19.04 -97.09
N PHE E 117 2.52 -19.51 -97.15
CA PHE E 117 1.92 -20.05 -95.95
C PHE E 117 2.36 -21.49 -95.74
N GLU E 118 2.82 -21.79 -94.54
CA GLU E 118 3.37 -23.11 -94.22
C GLU E 118 2.47 -23.80 -93.19
N PRO E 119 1.78 -24.87 -93.61
CA PRO E 119 0.78 -25.58 -92.79
C PRO E 119 1.33 -26.14 -91.46
N THR E 120 2.48 -26.81 -91.53
CA THR E 120 3.14 -27.34 -90.33
C THR E 120 4.54 -26.75 -90.17
N GLN E 121 4.81 -26.28 -88.97
CA GLN E 121 6.09 -25.66 -88.66
C GLN E 121 7.26 -26.64 -88.56
N GLU E 122 6.94 -27.94 -88.54
CA GLU E 122 7.93 -28.98 -88.24
C GLU E 122 8.92 -29.27 -89.37
N GLY E 123 8.56 -28.88 -90.59
CA GLY E 123 9.41 -29.13 -91.74
C GLY E 123 10.70 -28.35 -91.74
N LYS E 124 10.61 -27.02 -91.70
CA LYS E 124 11.78 -26.21 -91.96
C LYS E 124 12.82 -26.25 -90.82
N LEU E 125 14.01 -25.80 -91.16
CA LEU E 125 15.18 -25.83 -90.29
C LEU E 125 15.00 -25.00 -89.01
N PHE E 126 14.20 -23.95 -89.11
CA PHE E 126 13.83 -23.18 -87.95
C PHE E 126 12.31 -23.30 -87.83
N GLN E 127 11.77 -23.19 -86.63
CA GLN E 127 10.32 -23.17 -86.50
C GLN E 127 9.87 -22.07 -85.57
N LEU E 128 8.83 -21.36 -85.97
CA LEU E 128 8.43 -20.18 -85.25
C LEU E 128 7.80 -20.47 -83.90
N TYR E 129 6.89 -21.44 -83.83
CA TYR E 129 6.21 -21.63 -82.55
C TYR E 129 7.05 -22.26 -81.42
N PRO E 130 7.66 -23.44 -81.67
CA PRO E 130 8.55 -23.92 -80.60
C PRO E 130 9.80 -23.03 -80.41
N LYS E 131 10.07 -22.15 -81.37
CA LYS E 131 11.25 -21.30 -81.32
C LYS E 131 12.52 -22.16 -81.26
N ASN E 132 12.79 -22.82 -82.37
CA ASN E 132 13.91 -23.76 -82.53
C ASN E 132 15.30 -23.16 -82.45
N PHE E 133 15.42 -21.88 -82.71
CA PHE E 133 16.72 -21.24 -82.87
C PHE E 133 16.92 -20.23 -81.76
N PRO E 134 18.14 -20.13 -81.26
CA PRO E 134 18.37 -19.17 -80.17
C PRO E 134 18.20 -17.67 -80.54
N ARG E 135 18.82 -17.24 -81.63
CA ARG E 135 19.02 -15.81 -81.81
C ARG E 135 19.77 -15.47 -83.10
N THR F 35 9.06 60.26 54.14
CA THR F 35 10.40 59.87 53.72
C THR F 35 10.44 58.40 53.31
N TYR F 36 9.30 57.71 53.43
CA TYR F 36 9.25 56.30 53.06
C TYR F 36 9.26 56.11 51.55
N SER F 37 10.20 55.30 51.09
CA SER F 37 10.23 54.79 49.73
C SER F 37 10.75 53.36 49.78
N SER F 38 10.12 52.48 49.02
CA SER F 38 10.43 51.05 49.08
C SER F 38 11.83 50.75 48.54
N LEU F 39 12.29 51.57 47.61
CA LEU F 39 13.62 51.42 47.05
C LEU F 39 14.46 52.64 47.37
N PRO F 40 15.78 52.45 47.54
CA PRO F 40 16.71 53.55 47.80
C PRO F 40 16.72 54.59 46.67
N ASP F 41 16.91 55.85 47.05
CA ASP F 41 16.86 56.97 46.10
C ASP F 41 18.24 57.22 45.49
N ASP F 42 19.17 56.32 45.80
CA ASP F 42 20.57 56.53 45.49
C ASP F 42 20.98 56.16 44.05
N TYR F 43 20.02 55.70 43.26
CA TYR F 43 20.31 55.31 41.88
C TYR F 43 19.09 55.51 40.98
N ASN F 44 19.36 55.83 39.70
CA ASN F 44 18.30 56.11 38.75
C ASN F 44 17.42 57.25 39.21
N CYS F 45 16.18 56.89 39.52
CA CYS F 45 15.16 57.86 39.87
C CYS F 45 14.80 57.87 41.34
N LYS F 46 14.49 59.06 41.84
CA LYS F 46 13.88 59.15 43.16
C LYS F 46 12.38 58.95 42.92
N VAL F 47 11.71 58.13 43.71
CA VAL F 47 10.33 57.74 43.38
C VAL F 47 9.31 58.16 44.44
N GLU F 48 8.18 58.69 44.00
CA GLU F 48 7.10 59.09 44.88
C GLU F 48 5.77 58.49 44.42
N LEU F 49 5.16 57.67 45.26
CA LEU F 49 3.86 57.09 44.93
C LEU F 49 2.76 57.74 45.72
N ALA F 50 1.85 58.43 45.04
CA ALA F 50 0.73 59.03 45.73
C ALA F 50 -0.57 58.48 45.18
N LEU F 51 -1.62 58.50 45.99
CA LEU F 51 -2.91 58.04 45.53
C LEU F 51 -3.85 59.23 45.43
N THR F 52 -4.53 59.34 44.30
CA THR F 52 -5.50 60.42 44.10
C THR F 52 -6.53 60.38 45.23
N SER F 53 -6.98 61.57 45.67
CA SER F 53 -7.93 61.71 46.76
C SER F 53 -9.15 60.80 46.58
N ASP F 54 -9.71 60.81 45.37
CA ASP F 54 -10.84 59.95 45.01
C ASP F 54 -10.49 58.47 45.15
N GLY F 55 -9.28 58.11 44.74
CA GLY F 55 -8.81 56.75 44.86
C GLY F 55 -8.68 56.01 43.54
N ARG F 56 -9.11 56.65 42.46
CA ARG F 56 -9.14 55.97 41.17
C ARG F 56 -7.84 56.07 40.37
N THR F 57 -6.90 56.89 40.83
CA THR F 57 -5.65 57.08 40.08
C THR F 57 -4.44 56.95 41.00
N ILE F 58 -3.40 56.29 40.49
CA ILE F 58 -2.10 56.24 41.17
C ILE F 58 -1.16 57.23 40.49
N VAL F 59 -0.82 58.33 41.13
CA VAL F 59 0.10 59.26 40.49
C VAL F 59 1.50 58.94 40.97
N CYS F 60 2.45 59.06 40.07
CA CYS F 60 3.81 58.68 40.38
C CYS F 60 4.82 59.71 39.92
N TYR F 61 5.51 60.32 40.87
CA TYR F 61 6.47 61.37 40.57
C TYR F 61 7.90 60.86 40.68
N HIS F 62 8.59 60.81 39.55
CA HIS F 62 9.94 60.28 39.51
C HIS F 62 10.91 61.15 38.74
N PRO F 63 11.54 62.10 39.44
CA PRO F 63 12.65 62.89 38.91
C PRO F 63 13.96 62.11 38.90
N SER F 64 14.82 62.45 37.95
CA SER F 64 16.10 61.80 37.73
C SER F 64 17.12 62.19 38.80
N VAL F 65 17.92 61.23 39.24
CA VAL F 65 19.00 61.52 40.17
C VAL F 65 20.29 61.82 39.42
N ASP F 66 20.77 63.06 39.54
CA ASP F 66 22.04 63.46 38.93
C ASP F 66 23.17 62.84 39.74
N ILE F 67 24.17 62.30 39.05
CA ILE F 67 25.32 61.69 39.74
C ILE F 67 26.17 62.77 40.42
N PRO F 68 26.31 62.69 41.75
CA PRO F 68 27.02 63.72 42.53
C PRO F 68 28.51 63.80 42.19
N TYR F 69 29.04 65.01 42.20
CA TYR F 69 30.41 65.24 41.74
C TYR F 69 31.47 64.54 42.59
N GLU F 70 31.16 64.23 43.84
CA GLU F 70 32.14 63.63 44.73
C GLU F 70 32.44 62.17 44.38
N HIS F 71 31.60 61.58 43.54
CA HIS F 71 31.75 60.18 43.16
C HIS F 71 32.64 59.92 41.92
N THR F 72 32.92 60.99 41.17
CA THR F 72 33.70 60.89 39.93
C THR F 72 35.21 60.89 40.10
N LYS F 73 35.92 60.34 39.12
CA LYS F 73 37.37 60.44 39.10
C LYS F 73 37.85 61.23 37.89
N PRO F 74 39.04 61.85 37.99
CA PRO F 74 39.55 62.67 36.89
C PRO F 74 39.78 61.86 35.63
N ILE F 75 39.63 62.50 34.48
CA ILE F 75 39.83 61.84 33.20
C ILE F 75 41.28 61.36 33.06
N PRO F 76 41.46 60.05 32.79
CA PRO F 76 42.83 59.63 32.51
C PRO F 76 43.34 60.28 31.23
N UNK F 77 44.46 60.97 31.33
CA UNK F 77 45.13 61.51 30.16
C UNK F 77 46.61 61.10 30.15
N UNK F 78 46.93 60.09 29.36
CA UNK F 78 48.30 59.63 29.22
C UNK F 78 48.80 59.60 27.75
N UNK F 79 49.70 60.51 27.40
CA UNK F 79 50.36 60.48 26.09
C UNK F 79 51.90 60.73 26.17
N UNK F 80 52.69 59.82 25.60
CA UNK F 80 54.12 60.05 25.39
C UNK F 80 54.58 59.77 23.92
N UNK F 81 54.95 60.81 23.20
CA UNK F 81 55.60 60.64 21.88
C UNK F 81 57.16 60.78 21.93
N UNK F 82 57.86 59.67 22.10
CA UNK F 82 59.32 59.61 22.02
C UNK F 82 59.83 59.12 20.61
N UNK F 83 58.89 58.81 19.71
CA UNK F 83 59.21 58.42 18.30
C UNK F 83 60.14 59.44 17.60
N UNK F 84 60.19 60.66 18.13
CA UNK F 84 61.05 61.70 17.60
C UNK F 84 62.59 61.51 17.89
N UNK F 85 63.39 61.43 16.83
CA UNK F 85 64.85 61.61 16.94
C UNK F 85 65.28 63.12 16.80
N UNK F 86 66.13 63.61 17.70
CA UNK F 86 66.58 65.00 17.65
C UNK F 86 67.30 65.40 16.30
N UNK F 87 67.94 64.43 15.64
CA UNK F 87 68.62 64.71 14.35
C UNK F 87 67.66 65.16 13.21
N UNK F 88 66.68 64.34 12.86
CA UNK F 88 65.69 64.67 11.83
C UNK F 88 64.22 64.40 12.25
N UNK F 89 63.38 65.43 12.22
CA UNK F 89 61.91 65.28 12.54
C UNK F 89 61.04 64.67 11.37
N UNK F 90 61.41 64.89 10.11
CA UNK F 90 60.68 64.22 9.03
C UNK F 90 60.88 62.69 9.07
N UNK F 91 62.10 62.23 9.35
CA UNK F 91 62.33 60.80 9.63
C UNK F 91 61.68 60.33 10.99
N UNK F 92 61.61 61.26 11.95
CA UNK F 92 60.97 60.99 13.25
C UNK F 92 59.42 60.81 13.20
N UNK F 93 58.76 61.47 12.25
CA UNK F 93 57.34 61.29 12.00
C UNK F 93 57.06 60.31 10.78
N UNK F 94 58.10 59.99 10.02
CA UNK F 94 58.06 58.86 9.02
C UNK F 94 58.32 57.47 9.69
N UNK F 95 58.88 57.46 10.89
CA UNK F 95 59.04 56.24 11.68
C UNK F 95 57.78 55.91 12.59
N UNK F 96 56.71 56.70 12.44
CA UNK F 96 55.39 56.41 13.07
C UNK F 96 54.47 55.52 12.16
N UNK F 97 54.72 55.56 10.85
CA UNK F 97 54.02 54.69 9.88
C UNK F 97 54.82 53.35 9.56
N UNK F 98 55.89 53.11 10.32
CA UNK F 98 56.80 51.94 10.13
C UNK F 98 56.28 50.57 10.75
N UNK F 99 55.10 50.60 11.35
CA UNK F 99 54.52 49.38 11.97
C UNK F 99 53.71 48.45 10.98
N UNK F 100 54.12 47.18 10.89
CA UNK F 100 53.39 46.14 10.12
C UNK F 100 53.95 44.69 10.31
N GLU F 101 53.10 43.69 10.14
CA GLU F 101 53.50 42.28 10.22
C GLU F 101 52.53 41.38 9.46
N HIS F 102 52.96 40.16 9.13
CA HIS F 102 52.03 39.17 8.59
C HIS F 102 52.25 37.80 9.24
N LEU F 103 51.20 37.27 9.87
CA LEU F 103 51.25 35.95 10.51
C LEU F 103 50.50 34.88 9.73
N GLU F 104 50.56 33.64 10.23
CA GLU F 104 49.79 32.54 9.65
C GLU F 104 48.34 32.59 10.04
N GLN F 105 47.50 31.89 9.27
CA GLN F 105 46.07 31.82 9.57
C GLN F 105 45.79 31.33 11.01
N GLY F 106 46.44 30.25 11.43
CA GLY F 106 46.20 29.67 12.75
C GLY F 106 46.52 30.55 13.95
N PRO F 107 47.79 31.01 14.04
CA PRO F 107 48.22 31.98 15.05
C PRO F 107 47.39 33.29 15.04
N MET F 108 47.16 33.86 13.86
CA MET F 108 46.29 35.02 13.73
C MET F 108 44.94 34.78 14.39
N ILE F 109 44.30 33.68 14.02
CA ILE F 109 43.02 33.30 14.64
C ILE F 109 43.10 33.21 16.17
N GLU F 110 44.16 32.61 16.71
CA GLU F 110 44.29 32.54 18.16
C GLU F 110 44.44 33.91 18.82
N GLN F 111 45.09 34.84 18.13
CA GLN F 111 45.24 36.19 18.68
C GLN F 111 43.91 36.95 18.66
N LEU F 112 43.15 36.82 17.57
CA LEU F 112 41.82 37.42 17.47
C LEU F 112 40.84 36.93 18.53
N SER F 113 40.85 35.62 18.75
CA SER F 113 39.96 35.03 19.72
C SER F 113 40.42 35.34 21.16
N LYS F 114 41.72 35.54 21.36
CA LYS F 114 42.20 36.06 22.64
C LYS F 114 41.73 37.50 22.89
N MET F 115 41.85 38.34 21.85
CA MET F 115 41.43 39.75 21.89
C MET F 115 39.97 39.94 22.27
N PHE F 116 39.06 39.30 21.54
CA PHE F 116 37.63 39.50 21.80
C PHE F 116 37.01 38.46 22.72
N PHE F 117 37.85 37.58 23.29
CA PHE F 117 37.39 36.55 24.23
C PHE F 117 36.32 35.63 23.63
N THR F 118 36.65 35.05 22.49
CA THR F 118 35.73 34.19 21.74
C THR F 118 36.40 32.82 21.58
N THR F 119 35.63 31.81 21.19
CA THR F 119 36.23 30.57 20.71
C THR F 119 36.78 30.78 19.32
N LYS F 120 37.66 29.89 18.90
CA LYS F 120 38.38 30.04 17.65
C LYS F 120 37.63 29.63 16.38
N HIS F 121 36.39 29.17 16.49
CA HIS F 121 35.65 28.67 15.31
C HIS F 121 35.01 29.77 14.48
N ARG F 122 34.54 30.80 15.18
CA ARG F 122 33.87 31.97 14.59
C ARG F 122 34.71 32.68 13.52
N TRP F 123 36.01 32.44 13.57
CA TRP F 123 37.00 33.21 12.84
C TRP F 123 37.39 32.62 11.50
N TYR F 124 36.63 31.65 11.03
CA TYR F 124 37.01 30.96 9.82
C TYR F 124 36.12 31.39 8.66
N PRO F 125 36.66 31.31 7.43
CA PRO F 125 35.90 31.71 6.24
C PRO F 125 34.62 30.91 6.08
N ARG F 126 33.74 31.41 5.23
CA ARG F 126 32.50 30.70 4.94
C ARG F 126 32.46 30.22 3.47
N GLY F 127 31.80 29.09 3.23
CA GLY F 127 31.70 28.55 1.88
C GLY F 127 31.03 29.46 0.87
N GLN F 128 31.19 29.15 -0.42
CA GLN F 128 30.50 29.87 -1.49
C GLN F 128 29.02 29.94 -1.23
N TYR F 129 28.43 28.75 -1.05
CA TYR F 129 26.99 28.57 -0.95
C TYR F 129 26.34 29.46 0.09
N HIS F 130 27.05 29.72 1.18
CA HIS F 130 26.49 30.54 2.24
C HIS F 130 26.54 32.02 1.91
N ARG F 131 27.66 32.53 1.44
CA ARG F 131 27.68 33.95 1.14
C ARG F 131 26.98 34.29 -0.18
N ARG F 132 26.60 33.29 -0.97
CA ARG F 132 25.73 33.57 -2.11
C ARG F 132 24.40 34.07 -1.59
N ARG F 133 23.88 33.39 -0.57
CA ARG F 133 22.50 33.56 -0.14
C ARG F 133 22.26 34.54 1.03
N ARG F 134 23.29 35.27 1.43
CA ARG F 134 23.15 36.39 2.35
C ARG F 134 22.34 37.52 1.70
N LYS F 135 21.33 38.04 2.40
CA LYS F 135 20.48 39.12 1.84
C LYS F 135 21.27 40.35 1.41
N PRO F 136 21.07 40.79 0.16
CA PRO F 136 21.76 41.97 -0.38
C PRO F 136 21.37 43.27 0.32
N ASN F 137 20.08 43.46 0.62
CA ASN F 137 19.57 44.70 1.22
C ASN F 137 18.70 44.51 2.44
N PRO F 138 19.32 44.45 3.63
CA PRO F 138 18.59 44.16 4.85
C PRO F 138 17.68 45.33 5.21
N PRO F 139 16.44 45.04 5.62
CA PRO F 139 15.50 46.11 5.99
C PRO F 139 16.01 46.90 7.19
N LYS F 140 16.03 48.24 7.09
CA LYS F 140 16.54 49.08 8.18
C LYS F 140 15.40 49.84 8.85
N ASP F 141 15.31 49.76 10.18
CA ASP F 141 14.22 50.39 10.90
C ASP F 141 14.61 51.80 11.35
N ARG F 142 13.63 52.51 11.90
CA ARG F 142 13.82 53.90 12.31
C ARG F 142 14.47 54.76 11.23
N THR G 2 5.32 30.63 3.00
CA THR G 2 6.27 30.50 4.10
C THR G 2 6.92 31.85 4.37
N ALA G 3 7.23 32.13 5.64
CA ALA G 3 7.81 33.42 5.99
C ALA G 3 9.31 33.44 5.74
N ARG G 4 9.93 32.28 5.57
CA ARG G 4 11.34 32.27 5.25
C ARG G 4 11.55 32.32 3.74
N GLY G 5 10.47 32.13 2.99
CA GLY G 5 10.52 32.18 1.54
C GLY G 5 10.52 33.59 0.98
N THR G 6 9.77 34.50 1.59
CA THR G 6 9.61 35.85 1.04
C THR G 6 10.58 36.88 1.64
N ALA G 7 10.46 38.11 1.15
CA ALA G 7 11.14 39.25 1.74
C ALA G 7 10.29 39.75 2.90
N SER G 8 10.64 40.93 3.43
CA SER G 8 9.86 41.53 4.49
C SER G 8 9.99 43.04 4.46
N ARG G 9 9.06 43.72 5.11
CA ARG G 9 9.20 45.15 5.32
C ARG G 9 8.77 45.46 6.74
N PHE G 10 9.31 46.52 7.32
CA PHE G 10 8.75 47.04 8.55
C PHE G 10 7.52 47.86 8.23
N LEU G 11 6.65 48.05 9.22
CA LEU G 11 5.47 48.89 9.04
C LEU G 11 5.85 50.29 8.53
N THR G 12 5.24 50.74 7.45
CA THR G 12 5.64 52.02 6.85
C THR G 12 4.48 52.82 6.29
N SER G 13 4.62 54.14 6.34
CA SER G 13 3.73 55.02 5.59
C SER G 13 4.51 55.68 4.46
N VAL G 14 3.86 55.93 3.33
CA VAL G 14 4.54 56.63 2.25
C VAL G 14 4.53 58.13 2.56
N LEU G 15 5.72 58.75 2.48
CA LEU G 15 5.86 60.20 2.67
C LEU G 15 5.31 60.70 4.00
N HIS G 16 5.38 59.86 5.04
CA HIS G 16 4.81 60.13 6.36
C HIS G 16 3.35 60.49 6.30
N ASN G 17 2.63 59.78 5.44
CA ASN G 17 1.22 60.02 5.22
C ASN G 17 0.41 59.94 6.52
N GLY G 18 -0.65 60.74 6.59
CA GLY G 18 -1.56 60.69 7.72
C GLY G 18 -1.18 61.60 8.86
N LEU G 19 0.03 62.15 8.82
CA LEU G 19 0.48 63.08 9.86
C LEU G 19 -0.12 64.47 9.67
N GLY G 20 0.31 65.17 8.62
CA GLY G 20 -0.23 66.47 8.30
C GLY G 20 -1.66 66.33 7.85
N ARG G 21 -1.84 65.53 6.79
CA ARG G 21 -3.16 65.18 6.30
C ARG G 21 -3.11 63.82 5.64
N TYR G 22 -4.28 63.20 5.53
CA TYR G 22 -4.39 61.97 4.79
C TYR G 22 -4.37 62.30 3.31
N VAL G 23 -3.54 61.60 2.55
CA VAL G 23 -3.50 61.71 1.11
C VAL G 23 -3.85 60.34 0.54
N GLN G 24 -5.01 60.21 -0.10
CA GLN G 24 -5.41 58.91 -0.62
C GLN G 24 -4.40 58.45 -1.66
N GLN G 25 -3.83 57.28 -1.47
CA GLN G 25 -2.66 56.86 -2.23
C GLN G 25 -2.93 56.34 -3.63
N LEU G 26 -4.17 55.93 -3.92
CA LEU G 26 -4.45 55.41 -5.25
C LEU G 26 -4.50 56.56 -6.24
N GLN G 27 -3.78 56.43 -7.36
CA GLN G 27 -3.69 57.54 -8.30
C GLN G 27 -4.57 57.32 -9.53
N ARG G 28 -4.23 56.36 -10.38
CA ARG G 28 -5.07 56.08 -11.53
C ARG G 28 -5.65 54.67 -11.44
N LEU G 29 -6.80 54.48 -12.05
CA LEU G 29 -7.49 53.20 -12.07
C LEU G 29 -7.98 52.95 -13.50
N SER G 30 -7.46 51.94 -14.17
CA SER G 30 -7.83 51.73 -15.58
C SER G 30 -8.47 50.37 -15.87
N PHE G 31 -9.74 50.40 -16.27
CA PHE G 31 -10.48 49.20 -16.62
C PHE G 31 -10.37 48.92 -18.11
N SER G 32 -10.35 47.64 -18.45
CA SER G 32 -10.48 47.23 -19.85
C SER G 32 -11.55 46.14 -19.95
N LEU G 33 -12.68 46.43 -20.59
CA LEU G 33 -13.75 45.44 -20.70
C LEU G 33 -13.95 45.04 -22.13
N SER G 34 -14.98 44.25 -22.39
CA SER G 34 -15.35 43.91 -23.74
C SER G 34 -16.85 44.04 -23.89
N ARG G 35 -17.29 44.88 -24.82
CA ARG G 35 -18.72 45.11 -24.95
C ARG G 35 -19.42 43.80 -25.35
N ASP G 36 -18.79 43.03 -26.23
CA ASP G 36 -19.40 41.84 -26.78
C ASP G 36 -19.35 40.60 -25.87
N ALA G 37 -18.17 40.31 -25.31
CA ALA G 37 -17.89 39.02 -24.66
C ALA G 37 -18.49 38.84 -23.26
N PRO G 38 -18.86 37.60 -22.88
CA PRO G 38 -19.56 37.28 -21.62
C PRO G 38 -18.78 37.42 -20.32
N SER G 39 -17.49 37.12 -20.34
CA SER G 39 -16.65 37.16 -19.14
C SER G 39 -16.58 38.57 -18.55
N SER G 40 -16.91 39.56 -19.37
CA SER G 40 -16.88 40.94 -18.92
C SER G 40 -18.21 41.43 -18.36
N ARG G 41 -19.19 40.54 -18.26
CA ARG G 41 -20.53 40.96 -17.86
C ARG G 41 -20.56 41.83 -16.60
N GLY G 42 -19.99 41.31 -15.53
CA GLY G 42 -19.89 42.08 -14.29
C GLY G 42 -19.18 43.41 -14.48
N ALA G 43 -18.09 43.40 -15.24
CA ALA G 43 -17.33 44.62 -15.50
C ALA G 43 -18.19 45.65 -16.23
N ARG G 44 -19.18 45.19 -16.97
CA ARG G 44 -20.01 46.11 -17.71
C ARG G 44 -20.92 46.87 -16.77
N GLU G 45 -21.63 46.14 -15.91
CA GLU G 45 -22.60 46.76 -15.02
C GLU G 45 -21.94 47.74 -14.07
N PHE G 46 -20.78 47.36 -13.53
CA PHE G 46 -20.04 48.26 -12.66
C PHE G 46 -19.74 49.59 -13.35
N VAL G 47 -19.53 49.55 -14.66
CA VAL G 47 -19.26 50.76 -15.43
C VAL G 47 -20.52 51.61 -15.58
N GLU G 48 -21.67 50.95 -15.76
CA GLU G 48 -22.92 51.68 -15.90
C GLU G 48 -23.36 52.31 -14.59
N ARG G 49 -23.55 51.48 -13.56
CA ARG G 49 -24.09 51.97 -12.31
C ARG G 49 -23.10 52.63 -11.35
N GLU G 50 -21.98 51.94 -11.09
CA GLU G 50 -21.08 52.36 -10.01
C GLU G 50 -20.03 53.43 -10.33
N VAL G 51 -19.38 53.32 -11.48
CA VAL G 51 -18.26 54.19 -11.83
C VAL G 51 -18.56 55.69 -11.61
N THR G 52 -19.77 56.13 -11.94
CA THR G 52 -20.15 57.52 -11.70
C THR G 52 -20.00 57.90 -10.21
N ASP G 53 -20.68 57.15 -9.35
CA ASP G 53 -20.72 57.45 -7.92
C ASP G 53 -19.36 57.22 -7.25
N PHE G 54 -18.60 56.28 -7.77
CA PHE G 54 -17.26 56.03 -7.29
C PHE G 54 -16.33 57.19 -7.61
N ALA G 55 -16.48 57.73 -8.81
CA ALA G 55 -15.69 58.90 -9.22
C ALA G 55 -16.08 60.14 -8.42
N ARG G 56 -17.37 60.34 -8.17
CA ARG G 56 -17.81 61.44 -7.31
C ARG G 56 -17.22 61.31 -5.90
N ARG G 57 -17.20 60.09 -5.38
CA ARG G 57 -16.71 59.84 -4.02
C ARG G 57 -15.20 60.01 -3.89
N ASN G 58 -14.46 59.71 -4.96
CA ASN G 58 -13.00 59.78 -4.91
C ASN G 58 -12.42 60.74 -5.93
N PRO G 59 -12.50 62.05 -5.64
CA PRO G 59 -12.07 63.09 -6.59
C PRO G 59 -10.61 62.94 -7.02
N GLY G 60 -9.78 62.39 -6.14
CA GLY G 60 -8.35 62.30 -6.39
C GLY G 60 -7.92 61.33 -7.48
N VAL G 61 -8.56 60.16 -7.54
CA VAL G 61 -8.14 59.13 -8.47
C VAL G 61 -8.74 59.36 -9.86
N VAL G 62 -7.90 59.27 -10.89
CA VAL G 62 -8.35 59.32 -12.27
C VAL G 62 -8.85 57.95 -12.70
N ILE G 63 -9.96 57.87 -13.40
CA ILE G 63 -10.44 56.56 -13.82
C ILE G 63 -10.55 56.43 -15.34
N TYR G 64 -9.68 55.62 -15.93
CA TYR G 64 -9.70 55.39 -17.37
C TYR G 64 -10.49 54.13 -17.72
N VAL G 65 -11.39 54.21 -18.69
CA VAL G 65 -12.23 53.08 -19.04
C VAL G 65 -12.19 52.74 -20.53
N ASN G 66 -11.61 51.59 -20.87
CA ASN G 66 -11.50 51.19 -22.26
C ASN G 66 -12.27 49.93 -22.61
N PRO G 67 -13.35 50.07 -23.37
CA PRO G 67 -13.85 48.90 -24.08
C PRO G 67 -12.92 48.53 -25.24
N ARG G 68 -12.48 47.28 -25.30
CA ARG G 68 -11.65 46.82 -26.41
C ARG G 68 -11.88 45.34 -26.63
N PRO G 69 -11.55 44.83 -27.82
CA PRO G 69 -11.73 43.41 -28.10
C PRO G 69 -10.82 42.51 -27.24
N CYS G 70 -11.16 42.35 -25.96
CA CYS G 70 -10.31 41.68 -24.97
C CYS G 70 -11.06 40.63 -24.12
N CYS G 71 -10.43 39.47 -23.92
CA CYS G 71 -11.12 38.29 -23.36
C CYS G 71 -11.10 38.09 -21.84
N VAL G 72 -10.21 38.79 -21.15
CA VAL G 72 -10.13 38.72 -19.70
C VAL G 72 -10.08 40.12 -19.11
N PRO G 73 -11.24 40.63 -18.67
CA PRO G 73 -11.39 41.99 -18.13
C PRO G 73 -10.48 42.23 -16.94
N ARG G 74 -9.67 43.28 -17.00
CA ARG G 74 -8.68 43.54 -15.96
C ARG G 74 -8.78 44.95 -15.44
N VAL G 75 -8.41 45.16 -14.18
CA VAL G 75 -8.30 46.52 -13.70
C VAL G 75 -6.89 46.75 -13.18
N VAL G 76 -6.25 47.79 -13.68
CA VAL G 76 -4.89 48.06 -13.26
C VAL G 76 -4.83 49.27 -12.32
N ALA G 77 -4.60 49.02 -11.04
CA ALA G 77 -4.37 50.11 -10.11
C ALA G 77 -2.92 50.59 -10.22
N GLU G 78 -2.74 51.88 -10.01
CA GLU G 78 -1.44 52.51 -10.08
C GLU G 78 -1.35 53.47 -8.91
N TYR G 79 -0.19 53.51 -8.26
CA TYR G 79 -0.09 54.23 -7.01
C TYR G 79 0.84 55.44 -7.07
N LEU G 80 0.56 56.37 -6.17
CA LEU G 80 1.36 57.56 -5.94
C LEU G 80 2.79 57.14 -5.61
N ASN G 81 2.90 55.90 -5.17
CA ASN G 81 4.14 55.30 -4.77
C ASN G 81 5.01 54.90 -5.97
N GLY G 82 4.35 54.66 -7.09
CA GLY G 82 5.04 54.17 -8.27
C GLY G 82 4.72 52.70 -8.43
N ALA G 83 4.11 52.13 -7.39
CA ALA G 83 3.69 50.75 -7.42
C ALA G 83 2.53 50.55 -8.39
N VAL G 84 2.52 49.41 -9.08
CA VAL G 84 1.41 49.04 -9.96
C VAL G 84 0.84 47.70 -9.53
N ARG G 85 -0.47 47.61 -9.40
CA ARG G 85 -1.11 46.35 -9.03
C ARG G 85 -2.13 45.92 -10.09
N GLU G 86 -2.09 44.66 -10.47
CA GLU G 86 -2.98 44.12 -11.50
C GLU G 86 -4.10 43.30 -10.87
N GLU G 87 -5.31 43.41 -11.40
CA GLU G 87 -6.38 42.51 -10.96
C GLU G 87 -7.13 42.00 -12.17
N SER G 88 -7.71 40.81 -12.04
CA SER G 88 -8.75 40.43 -12.98
C SER G 88 -10.08 40.59 -12.28
N ILE G 89 -10.93 41.37 -12.91
CA ILE G 89 -12.32 41.49 -12.52
C ILE G 89 -13.11 40.41 -13.26
N HIS G 90 -12.37 39.53 -13.94
CA HIS G 90 -12.91 38.49 -14.80
C HIS G 90 -13.95 37.61 -14.11
N CYS G 91 -15.15 37.55 -14.70
CA CYS G 91 -16.27 36.73 -14.23
C CYS G 91 -16.66 36.96 -12.77
N LYS G 92 -16.95 38.22 -12.45
CA LYS G 92 -17.34 38.59 -11.10
C LYS G 92 -18.65 39.34 -11.10
N SER G 93 -19.36 39.32 -9.97
CA SER G 93 -20.63 40.03 -9.86
C SER G 93 -20.39 41.51 -9.70
N VAL G 94 -21.45 42.32 -9.71
CA VAL G 94 -21.24 43.75 -9.58
C VAL G 94 -20.84 44.10 -8.15
N GLU G 95 -21.37 43.37 -7.18
CA GLU G 95 -21.04 43.66 -5.79
C GLU G 95 -19.59 43.29 -5.52
N GLU G 96 -19.14 42.27 -6.25
CA GLU G 96 -17.77 41.81 -6.17
C GLU G 96 -16.76 42.78 -6.82
N ILE G 97 -17.10 43.32 -7.99
CA ILE G 97 -16.26 44.36 -8.60
C ILE G 97 -16.20 45.56 -7.67
N ALA G 98 -17.37 46.04 -7.24
CA ALA G 98 -17.44 47.22 -6.38
C ALA G 98 -16.58 47.04 -5.14
N ALA G 99 -16.71 45.87 -4.50
CA ALA G 99 -15.91 45.53 -3.32
C ALA G 99 -14.41 45.57 -3.62
N LEU G 100 -13.99 44.91 -4.70
CA LEU G 100 -12.56 44.89 -5.06
C LEU G 100 -11.99 46.29 -5.26
N VAL G 101 -12.70 47.09 -6.05
CA VAL G 101 -12.29 48.46 -6.32
C VAL G 101 -12.17 49.24 -5.01
N GLN G 102 -13.11 48.99 -4.09
CA GLN G 102 -13.04 49.63 -2.78
C GLN G 102 -11.90 49.13 -1.90
N LYS G 103 -11.38 47.93 -2.18
CA LYS G 103 -10.17 47.46 -1.50
C LYS G 103 -8.96 48.18 -2.06
N LEU G 104 -8.88 48.26 -3.39
CA LEU G 104 -7.80 48.97 -4.06
C LEU G 104 -7.70 50.43 -3.63
N ALA G 105 -8.85 51.08 -3.49
CA ALA G 105 -8.93 52.50 -3.16
C ALA G 105 -8.10 52.87 -1.94
N ASP G 106 -8.24 52.10 -0.87
CA ASP G 106 -7.67 52.44 0.43
C ASP G 106 -6.35 51.77 0.83
N GLN G 107 -5.74 51.02 -0.07
CA GLN G 107 -4.39 50.50 0.17
C GLN G 107 -3.30 51.54 -0.08
N SER G 108 -2.12 51.32 0.51
CA SER G 108 -1.00 52.25 0.36
C SER G 108 -0.24 52.10 -0.94
N GLY G 109 -0.23 50.89 -1.47
CA GLY G 109 0.56 50.62 -2.65
C GLY G 109 1.89 50.01 -2.24
N LEU G 110 2.22 50.12 -0.96
CA LEU G 110 3.36 49.38 -0.41
C LEU G 110 3.07 47.91 -0.56
N ASP G 111 4.12 47.12 -0.83
CA ASP G 111 3.92 45.72 -1.20
C ASP G 111 3.34 44.87 -0.08
N VAL G 112 2.51 43.90 -0.44
CA VAL G 112 1.94 43.01 0.56
C VAL G 112 2.86 41.82 0.71
N ILE G 113 3.52 41.82 1.87
CA ILE G 113 4.67 41.00 2.16
C ILE G 113 4.65 40.94 3.68
N ARG G 114 5.21 39.88 4.29
CA ARG G 114 5.08 39.75 5.74
C ARG G 114 5.72 40.95 6.47
N ILE G 115 4.94 41.61 7.31
CA ILE G 115 5.43 42.76 8.07
C ILE G 115 6.02 42.27 9.39
N ARG G 116 7.26 42.63 9.69
CA ARG G 116 7.97 42.00 10.79
C ARG G 116 7.34 42.21 12.17
N LYS G 117 7.19 43.47 12.58
CA LYS G 117 6.51 43.77 13.84
C LYS G 117 5.40 44.79 13.57
N PRO G 118 4.27 44.67 14.28
CA PRO G 118 3.01 45.42 14.13
C PRO G 118 3.09 46.95 14.26
N PHE G 119 4.22 47.51 14.68
CA PHE G 119 4.29 48.94 14.96
C PHE G 119 5.61 49.57 14.56
N HIS G 120 5.55 50.77 13.97
CA HIS G 120 6.76 51.53 13.73
C HIS G 120 6.87 52.74 14.64
N THR G 121 7.85 52.71 15.53
CA THR G 121 8.05 53.77 16.49
C THR G 121 9.32 54.56 16.18
N ASP G 122 9.25 55.87 16.33
CA ASP G 122 10.48 56.65 16.41
C ASP G 122 10.52 57.30 17.76
N SER G 123 11.73 57.53 18.26
CA SER G 123 11.89 57.98 19.63
C SER G 123 11.04 57.10 20.56
N PRO G 124 11.29 55.79 20.55
CA PRO G 124 10.52 54.88 21.42
C PRO G 124 10.88 55.07 22.89
N SER G 125 12.02 55.73 23.05
CA SER G 125 12.82 55.65 24.25
C SER G 125 12.57 56.76 25.26
N ILE G 126 11.52 57.56 25.07
CA ILE G 126 11.35 58.78 25.85
C ILE G 126 11.55 58.57 27.35
N GLN G 127 12.33 59.47 27.96
CA GLN G 127 12.78 59.46 29.38
C GLN G 127 14.00 58.58 29.67
N GLY G 128 14.33 57.68 28.76
CA GLY G 128 15.63 57.02 28.75
C GLY G 128 15.56 55.68 28.05
N GLN G 129 16.70 55.08 27.76
CA GLN G 129 16.71 53.70 27.29
C GLN G 129 17.76 52.95 28.04
N TRP G 130 17.35 51.82 28.59
CA TRP G 130 18.18 51.01 29.48
C TRP G 130 19.56 50.68 28.95
N HIS G 131 20.57 50.86 29.80
CA HIS G 131 21.93 50.43 29.52
C HIS G 131 22.42 49.84 30.83
N PRO G 132 23.37 48.90 30.77
CA PRO G 132 23.75 48.12 31.96
C PRO G 132 24.06 48.95 33.22
N PHE G 133 24.55 50.17 33.03
CA PHE G 133 24.89 51.01 34.17
C PHE G 133 23.72 51.76 34.76
N THR G 134 22.59 51.78 34.06
CA THR G 134 21.47 52.63 34.45
C THR G 134 21.03 52.45 35.90
N ASN G 135 20.93 51.21 36.37
CA ASN G 135 20.45 50.97 37.74
C ASN G 135 21.50 50.68 38.80
N LYS G 136 22.77 50.65 38.44
CA LYS G 136 23.80 50.40 39.43
C LYS G 136 24.08 51.64 40.25
N PRO G 137 24.36 51.44 41.56
CA PRO G 137 24.73 52.56 42.44
C PRO G 137 26.15 53.05 42.19
N THR G 138 26.38 54.34 42.35
CA THR G 138 27.72 54.92 42.28
C THR G 138 28.47 54.78 43.59
N THR G 139 29.81 54.77 43.52
CA THR G 139 30.63 54.69 44.72
C THR G 139 31.47 55.95 44.91
N LEU G 140 32.26 56.00 45.97
CA LEU G 140 33.05 57.20 46.27
C LEU G 140 34.34 57.26 45.46
N GLY G 141 34.51 58.33 44.70
CA GLY G 141 35.70 58.53 43.88
C GLY G 141 35.81 57.55 42.72
N GLY G 142 34.69 56.91 42.39
CA GLY G 142 34.63 55.93 41.32
C GLY G 142 35.63 54.80 41.51
N LEU G 143 35.84 54.39 42.75
CA LEU G 143 36.77 53.31 43.02
C LEU G 143 36.24 51.97 42.54
N ARG G 144 37.14 51.12 42.05
CA ARG G 144 36.80 49.76 41.61
C ARG G 144 36.25 48.92 42.78
N PRO G 145 35.88 47.65 42.50
CA PRO G 145 35.64 46.72 43.61
C PRO G 145 36.83 46.50 44.57
N ARG G 146 38.03 46.25 44.04
CA ARG G 146 39.19 46.01 44.90
C ARG G 146 40.18 47.19 45.09
N GLU G 147 39.96 48.31 44.40
CA GLU G 147 40.95 49.39 44.34
C GLU G 147 41.21 50.12 45.66
N VAL G 148 42.38 50.76 45.77
CA VAL G 148 42.71 51.63 46.90
C VAL G 148 43.19 52.99 46.39
N GLN G 149 42.68 54.09 46.98
CA GLN G 149 43.07 55.43 46.57
C GLN G 149 43.86 56.14 47.65
N ALA H 31 -1.81 17.12 -34.29
CA ALA H 31 -1.26 18.47 -34.45
C ALA H 31 -2.25 19.53 -33.97
N LYS H 32 -3.18 19.12 -33.09
CA LYS H 32 -4.09 20.06 -32.47
C LYS H 32 -3.50 20.44 -31.11
N LYS H 33 -3.04 21.68 -31.02
CA LYS H 33 -2.21 22.09 -29.90
C LYS H 33 -3.00 22.90 -28.88
N GLY H 34 -2.37 23.17 -27.74
CA GLY H 34 -2.90 24.16 -26.82
C GLY H 34 -2.62 25.54 -27.35
N PHE H 35 -3.66 26.33 -27.57
CA PHE H 35 -3.39 27.72 -27.79
C PHE H 35 -3.14 28.25 -26.40
N ARG H 36 -3.89 27.74 -25.43
CA ARG H 36 -3.74 28.18 -24.04
C ARG H 36 -2.32 27.99 -23.57
N ALA H 37 -1.70 26.91 -24.05
CA ALA H 37 -0.36 26.53 -23.63
C ALA H 37 0.70 27.46 -24.22
N ALA H 38 0.84 27.44 -25.55
CA ALA H 38 1.79 28.32 -26.25
C ALA H 38 1.58 29.78 -25.85
N TYR H 39 0.34 30.24 -25.90
CA TYR H 39 0.03 31.63 -25.57
C TYR H 39 0.40 31.94 -24.13
N ARG H 40 0.08 31.05 -23.20
CA ARG H 40 0.45 31.31 -21.81
C ARG H 40 1.97 31.37 -21.64
N PHE H 41 2.68 30.53 -22.37
CA PHE H 41 4.13 30.51 -22.30
C PHE H 41 4.75 31.76 -22.90
N GLN H 42 4.02 32.41 -23.79
CA GLN H 42 4.48 33.66 -24.36
C GLN H 42 4.72 34.69 -23.26
N LYS H 43 3.81 34.72 -22.27
CA LYS H 43 3.94 35.62 -21.13
C LYS H 43 5.22 35.38 -20.32
N GLU H 44 5.57 34.11 -20.13
CA GLU H 44 6.80 33.76 -19.44
C GLU H 44 8.01 34.25 -20.21
N LEU H 45 8.01 33.95 -21.51
CA LEU H 45 9.09 34.41 -22.39
C LEU H 45 9.31 35.93 -22.27
N GLU H 46 8.21 36.68 -22.24
CA GLU H 46 8.29 38.12 -22.05
C GLU H 46 8.85 38.51 -20.68
N ARG H 47 8.44 37.81 -19.62
CA ARG H 47 8.98 38.07 -18.27
C ARG H 47 10.50 37.88 -18.20
N TRP H 48 10.98 36.84 -18.88
CA TRP H 48 12.41 36.58 -18.95
C TRP H 48 13.16 37.65 -19.74
N ARG H 49 12.59 38.08 -20.88
CA ARG H 49 13.16 39.22 -21.62
C ARG H 49 13.29 40.48 -20.76
N LEU H 50 12.24 40.77 -19.98
CA LEU H 50 12.27 41.94 -19.08
C LEU H 50 13.24 41.77 -17.91
N LEU H 51 13.54 40.52 -17.56
CA LEU H 51 14.53 40.30 -16.50
C LEU H 51 15.98 40.40 -16.97
N ARG H 52 16.29 39.88 -18.16
CA ARG H 52 17.70 39.92 -18.60
C ARG H 52 18.09 41.30 -19.17
N CYS H 53 17.17 41.97 -19.86
CA CYS H 53 17.37 43.37 -20.24
C CYS H 53 16.35 44.28 -19.55
N PRO H 54 16.80 45.01 -18.51
CA PRO H 54 15.90 45.97 -17.86
C PRO H 54 15.53 47.10 -18.82
N PRO H 55 14.22 47.43 -18.88
CA PRO H 55 13.73 48.48 -19.79
C PRO H 55 14.12 49.88 -19.29
N PRO H 56 14.51 50.77 -20.22
CA PRO H 56 14.72 52.17 -19.86
C PRO H 56 13.41 52.83 -19.50
N PRO H 57 13.37 53.53 -18.36
CA PRO H 57 12.17 54.19 -17.83
C PRO H 57 11.55 55.18 -18.84
N VAL H 58 10.24 55.05 -19.03
CA VAL H 58 9.51 55.82 -20.04
C VAL H 58 8.48 56.74 -19.38
N ARG H 59 8.29 57.93 -19.95
CA ARG H 59 7.29 58.87 -19.47
C ARG H 59 5.89 58.28 -19.48
N ARG H 60 5.18 58.47 -18.38
CA ARG H 60 3.79 58.04 -18.29
C ARG H 60 2.95 58.69 -19.39
N SER H 61 3.40 59.85 -19.86
CA SER H 61 2.74 60.58 -20.94
C SER H 61 2.84 59.82 -22.28
N GLU H 62 3.90 59.01 -22.43
CA GLU H 62 4.09 58.20 -23.63
C GLU H 62 3.42 56.82 -23.55
N LYS H 63 3.04 56.42 -22.35
CA LYS H 63 2.33 55.15 -22.12
C LYS H 63 0.86 55.23 -22.54
N PRO H 64 0.18 54.07 -22.64
CA PRO H 64 -1.21 53.99 -23.12
C PRO H 64 -2.29 54.91 -22.51
N ASN H 65 -2.41 55.04 -21.20
CA ASN H 65 -3.47 55.90 -20.65
C ASN H 65 -2.98 57.24 -20.12
N TRP H 66 -3.25 58.30 -20.88
CA TRP H 66 -2.85 59.63 -20.44
C TRP H 66 -3.85 60.71 -20.85
N ASP H 67 -4.30 61.50 -19.87
CA ASP H 67 -4.98 62.76 -20.15
C ASP H 67 -4.41 63.83 -19.26
N TYR H 68 -3.71 64.79 -19.85
CA TYR H 68 -2.92 65.69 -19.03
C TYR H 68 -3.77 66.68 -18.22
N HIS H 69 -4.90 67.10 -18.79
CA HIS H 69 -5.80 68.02 -18.11
C HIS H 69 -6.45 67.37 -16.89
N ALA H 70 -6.82 66.10 -17.04
CA ALA H 70 -7.43 65.34 -15.97
C ALA H 70 -6.46 65.17 -14.83
N GLU H 71 -5.21 64.87 -15.17
CA GLU H 71 -4.15 64.72 -14.18
C GLU H 71 -3.93 66.01 -13.41
N ILE H 72 -3.82 67.11 -14.13
CA ILE H 72 -3.62 68.41 -13.50
C ILE H 72 -4.75 68.75 -12.51
N GLN H 73 -6.00 68.61 -12.95
CA GLN H 73 -7.17 68.87 -12.10
C GLN H 73 -7.18 67.98 -10.84
N ALA H 74 -6.91 66.70 -11.07
CA ALA H 74 -6.89 65.71 -9.99
C ALA H 74 -5.82 66.02 -8.95
N PHE H 75 -4.62 66.35 -9.42
CA PHE H 75 -3.48 66.70 -8.57
C PHE H 75 -3.93 67.65 -7.47
N GLY H 76 -4.41 68.81 -7.87
CA GLY H 76 -4.94 69.79 -6.95
C GLY H 76 -6.11 69.30 -6.10
N HIS H 77 -7.01 68.52 -6.71
CA HIS H 77 -8.16 68.03 -5.94
C HIS H 77 -7.79 67.09 -4.79
N ARG H 78 -6.68 66.35 -4.91
CA ARG H 78 -6.31 65.35 -3.90
C ARG H 78 -5.52 65.93 -2.73
N LEU H 79 -4.95 67.12 -2.91
CA LEU H 79 -4.28 67.81 -1.80
C LEU H 79 -5.17 68.87 -1.17
N GLN H 80 -6.39 68.99 -1.68
CA GLN H 80 -7.38 69.97 -1.21
C GLN H 80 -6.93 71.42 -1.36
N GLU H 81 -6.41 71.74 -2.54
CA GLU H 81 -5.91 73.09 -2.82
C GLU H 81 -6.60 73.67 -4.05
N THR H 82 -6.78 74.98 -4.05
CA THR H 82 -7.40 75.65 -5.19
C THR H 82 -6.34 76.37 -6.04
N PHE H 83 -6.09 75.83 -7.24
CA PHE H 83 -5.20 76.48 -8.21
C PHE H 83 -5.99 76.96 -9.41
N SER H 84 -5.77 78.20 -9.84
CA SER H 84 -6.18 78.54 -11.19
C SER H 84 -5.35 77.60 -12.06
N LEU H 85 -6.02 76.85 -12.93
CA LEU H 85 -5.32 75.82 -13.71
C LEU H 85 -4.24 76.43 -14.61
N ASP H 86 -4.41 77.72 -14.91
CA ASP H 86 -3.46 78.46 -15.73
C ASP H 86 -2.10 78.49 -15.05
N LEU H 87 -2.11 78.91 -13.79
CA LEU H 87 -0.89 79.01 -13.00
C LEU H 87 -0.22 77.65 -12.78
N LEU H 88 -1.01 76.61 -12.52
CA LEU H 88 -0.43 75.29 -12.29
C LEU H 88 0.20 74.75 -13.57
N LYS H 89 -0.51 74.84 -14.70
CA LYS H 89 0.06 74.45 -15.99
C LYS H 89 1.36 75.20 -16.24
N THR H 90 1.37 76.49 -15.89
CA THR H 90 2.58 77.31 -15.98
C THR H 90 3.70 76.70 -15.15
N ALA H 91 3.33 76.19 -13.99
CA ALA H 91 4.28 75.69 -13.00
C ALA H 91 5.06 74.47 -13.46
N PHE H 92 4.46 73.60 -14.27
CA PHE H 92 5.14 72.37 -14.64
C PHE H 92 5.96 72.48 -15.93
N VAL H 93 5.92 73.66 -16.55
CA VAL H 93 6.68 73.94 -17.78
C VAL H 93 8.14 74.27 -17.48
N ASN H 94 9.07 73.56 -18.11
CA ASN H 94 10.50 73.82 -17.90
C ASN H 94 11.20 74.36 -19.14
N SER H 95 12.29 75.08 -18.92
CA SER H 95 13.08 75.64 -20.02
C SER H 95 13.59 74.55 -20.96
N CYS H 96 13.78 73.35 -20.43
CA CYS H 96 14.30 72.24 -21.22
C CYS H 96 13.27 71.79 -22.26
N TYR H 97 12.03 71.64 -21.82
CA TYR H 97 10.94 71.29 -22.70
C TYR H 97 10.78 72.30 -23.83
N ILE H 98 10.91 73.58 -23.49
CA ILE H 98 10.83 74.63 -24.51
C ILE H 98 11.99 74.54 -25.51
N LYS H 99 13.23 74.41 -25.02
CA LYS H 99 14.40 74.27 -25.88
C LYS H 99 14.31 73.07 -26.83
N SER H 100 13.77 71.97 -26.34
CA SER H 100 13.59 70.79 -27.18
C SER H 100 12.49 71.03 -28.22
N GLU H 101 11.40 71.65 -27.78
CA GLU H 101 10.30 72.03 -28.67
C GLU H 101 10.79 72.95 -29.80
N GLU H 102 11.76 73.81 -29.50
CA GLU H 102 12.32 74.72 -30.50
C GLU H 102 13.27 73.97 -31.43
N ALA H 103 14.04 73.03 -30.88
CA ALA H 103 14.86 72.12 -31.68
C ALA H 103 14.02 71.38 -32.75
N LYS H 104 12.88 70.84 -32.32
CA LYS H 104 11.99 70.11 -33.23
C LYS H 104 11.30 71.03 -34.23
N ARG H 105 10.94 72.22 -33.78
CA ARG H 105 10.29 73.20 -34.65
C ARG H 105 11.25 73.70 -35.73
N GLN H 106 12.54 73.77 -35.41
CA GLN H 106 13.55 74.21 -36.37
C GLN H 106 13.97 73.10 -37.34
N LYS H 107 14.14 71.89 -36.83
CA LYS H 107 14.65 70.79 -37.65
C LYS H 107 13.57 70.14 -38.54
N LEU H 108 12.30 70.32 -38.19
CA LEU H 108 11.21 69.84 -39.03
C LEU H 108 10.59 70.93 -39.92
N GLY H 109 11.05 72.16 -39.77
CA GLY H 109 10.53 73.29 -40.53
C GLY H 109 9.16 73.75 -40.06
N ILE H 110 8.76 73.28 -38.88
CA ILE H 110 7.48 73.63 -38.29
C ILE H 110 7.50 75.02 -37.66
N ASP H 111 6.44 75.79 -37.92
CA ASP H 111 6.31 77.13 -37.37
C ASP H 111 5.55 77.11 -36.03
N LYS H 112 6.27 77.46 -34.98
CA LYS H 112 5.90 77.30 -33.56
C LYS H 112 6.03 78.63 -32.82
N GLU H 113 7.15 79.31 -33.08
CA GLU H 113 7.81 80.29 -32.20
C GLU H 113 6.88 81.12 -31.32
N ALA H 114 5.97 81.91 -31.92
CA ALA H 114 5.02 82.73 -31.15
C ALA H 114 4.30 82.01 -29.98
N ALA H 115 3.45 81.04 -30.32
CA ALA H 115 2.66 80.30 -29.33
C ALA H 115 3.53 79.48 -28.37
N LEU H 116 4.74 79.14 -28.79
CA LEU H 116 5.69 78.44 -27.92
C LEU H 116 6.39 79.39 -26.93
N LEU H 117 6.58 80.65 -27.34
CA LEU H 117 7.17 81.69 -26.49
C LEU H 117 6.12 82.20 -25.51
N ASN H 118 4.85 81.97 -25.85
CA ASN H 118 3.74 82.26 -24.95
C ASN H 118 3.66 81.27 -23.77
N LEU H 119 4.53 80.27 -23.78
CA LEU H 119 4.51 79.21 -22.76
C LEU H 119 4.84 79.66 -21.34
N LYS H 120 5.61 80.72 -21.18
CA LYS H 120 5.78 81.33 -19.86
C LYS H 120 6.35 80.39 -18.79
N ASP H 121 7.66 80.16 -18.79
CA ASP H 121 8.23 79.11 -17.93
C ASP H 121 8.08 79.38 -16.45
N ASN H 122 8.56 78.43 -15.63
CA ASN H 122 8.25 78.41 -14.21
C ASN H 122 9.21 79.24 -13.37
N GLN H 123 10.15 79.90 -14.04
CA GLN H 123 11.23 80.66 -13.41
C GLN H 123 10.75 81.58 -12.28
N GLU H 124 9.92 82.56 -12.63
CA GLU H 124 9.37 83.52 -11.67
C GLU H 124 8.69 82.82 -10.48
N LEU H 125 7.83 81.86 -10.79
CA LEU H 125 7.12 81.09 -9.77
C LEU H 125 8.07 80.34 -8.85
N SER H 126 9.12 79.76 -9.41
CA SER H 126 10.08 79.00 -8.63
C SER H 126 10.85 79.91 -7.68
N GLU H 127 11.26 81.08 -8.16
CA GLU H 127 11.94 82.05 -7.31
C GLU H 127 11.05 82.52 -6.16
N GLN H 128 9.83 82.95 -6.47
CA GLN H 128 8.85 83.33 -5.44
C GLN H 128 8.75 82.22 -4.41
N GLY H 129 8.68 81.00 -4.92
CA GLY H 129 8.52 79.81 -4.12
C GLY H 129 9.65 79.59 -3.13
N ILE H 130 10.89 79.52 -3.62
CA ILE H 130 12.02 79.29 -2.72
C ILE H 130 12.12 80.42 -1.70
N SER H 131 12.00 81.68 -2.14
CA SER H 131 12.18 82.77 -1.19
C SER H 131 11.14 82.71 -0.06
N PHE H 132 9.87 82.53 -0.44
CA PHE H 132 8.83 82.45 0.58
C PHE H 132 8.94 81.18 1.41
N SER H 133 9.49 80.12 0.82
CA SER H 133 9.61 78.84 1.51
C SER H 133 10.64 78.93 2.62
N GLN H 134 11.85 79.38 2.29
CA GLN H 134 12.87 79.60 3.28
C GLN H 134 12.42 80.61 4.34
N THR H 135 11.76 81.69 3.92
CA THR H 135 11.21 82.65 4.88
C THR H 135 10.30 81.95 5.89
N CYS H 136 9.39 81.15 5.35
CA CYS H 136 8.40 80.38 6.13
C CYS H 136 9.03 79.42 7.13
N LEU H 137 9.89 78.54 6.66
CA LEU H 137 10.59 77.60 7.55
C LEU H 137 11.38 78.32 8.63
N THR H 138 12.15 79.33 8.22
CA THR H 138 12.93 80.11 9.16
C THR H 138 12.04 80.69 10.27
N GLN H 139 10.86 81.18 9.90
CA GLN H 139 9.94 81.66 10.91
C GLN H 139 9.44 80.54 11.82
N PHE H 140 9.14 79.38 11.22
CA PHE H 140 8.72 78.21 12.00
C PHE H 140 9.73 77.79 13.08
N PHE H 141 10.97 77.58 12.68
CA PHE H 141 11.99 77.15 13.62
C PHE H 141 12.33 78.25 14.60
N GLU H 142 12.35 79.50 14.14
CA GLU H 142 12.61 80.62 15.04
C GLU H 142 11.57 80.67 16.16
N ASP H 143 10.31 80.43 15.81
CA ASP H 143 9.22 80.48 16.79
C ASP H 143 9.11 79.22 17.66
N ALA H 144 9.56 78.08 17.13
CA ALA H 144 9.49 76.79 17.83
C ALA H 144 10.63 76.56 18.83
N PHE H 145 11.86 76.89 18.42
CA PHE H 145 13.06 76.65 19.21
C PHE H 145 13.85 77.93 19.42
N PRO H 146 13.46 78.72 20.41
CA PRO H 146 14.02 80.06 20.65
C PRO H 146 15.54 80.05 20.81
N ASP H 147 16.08 78.91 21.23
CA ASP H 147 17.47 78.86 21.66
C ASP H 147 18.45 78.47 20.56
N LEU H 148 17.96 78.25 19.34
CA LEU H 148 18.85 77.94 18.22
C LEU H 148 19.56 79.19 17.71
N PRO H 149 20.87 79.09 17.46
CA PRO H 149 21.66 80.19 16.87
C PRO H 149 21.35 80.36 15.38
N THR H 150 21.75 81.50 14.82
CA THR H 150 21.50 81.81 13.41
C THR H 150 21.91 80.66 12.49
N GLU H 151 23.10 80.12 12.77
CA GLU H 151 23.68 79.06 11.96
C GLU H 151 22.83 77.79 11.99
N GLY H 152 22.18 77.54 13.13
CA GLY H 152 21.29 76.41 13.28
C GLY H 152 20.03 76.44 12.44
N VAL H 153 19.23 77.50 12.58
CA VAL H 153 18.04 77.64 11.76
C VAL H 153 18.47 77.66 10.29
N THR H 154 19.62 78.28 10.01
CA THR H 154 20.19 78.27 8.65
C THR H 154 20.35 76.86 8.12
N SER H 155 21.02 76.01 8.89
CA SER H 155 21.30 74.65 8.46
C SER H 155 20.06 73.77 8.35
N LEU H 156 19.14 73.89 9.31
CA LEU H 156 17.89 73.13 9.25
C LEU H 156 17.10 73.48 7.99
N VAL H 157 16.88 74.78 7.76
CA VAL H 157 16.22 75.22 6.56
C VAL H 157 16.93 74.67 5.33
N ASP H 158 18.26 74.79 5.34
CA ASP H 158 19.07 74.29 4.24
C ASP H 158 18.85 72.79 4.01
N PHE H 159 18.53 72.06 5.08
CA PHE H 159 18.33 70.61 4.98
C PHE H 159 16.96 70.25 4.45
N LEU H 160 15.93 70.97 4.88
CA LEU H 160 14.60 70.67 4.35
C LEU H 160 14.49 71.09 2.89
N THR H 161 15.29 72.08 2.49
CA THR H 161 15.25 72.56 1.11
C THR H 161 16.31 71.82 0.28
N SER H 162 17.03 70.91 0.92
CA SER H 162 18.12 70.19 0.26
C SER H 162 17.65 69.42 -0.95
N GLU H 163 18.55 69.25 -1.91
CA GLU H 163 18.26 68.54 -3.14
C GLU H 163 17.60 67.20 -2.89
N GLU H 164 18.18 66.42 -2.00
CA GLU H 164 17.70 65.08 -1.70
C GLU H 164 16.26 65.06 -1.18
N VAL H 165 16.01 65.78 -0.10
CA VAL H 165 14.69 65.76 0.54
C VAL H 165 13.55 66.21 -0.38
N VAL H 166 13.72 67.37 -1.00
CA VAL H 166 12.74 67.88 -1.94
C VAL H 166 12.57 66.90 -3.11
N CYS H 167 13.65 66.29 -3.57
CA CYS H 167 13.56 65.33 -4.68
C CYS H 167 12.66 64.16 -4.30
N HIS H 168 12.86 63.66 -3.08
CA HIS H 168 12.10 62.56 -2.50
C HIS H 168 10.58 62.84 -2.42
N VAL H 169 10.26 63.92 -1.70
CA VAL H 169 8.88 64.34 -1.52
C VAL H 169 8.20 64.67 -2.86
N ALA H 170 8.94 65.27 -3.78
CA ALA H 170 8.39 65.60 -5.09
C ALA H 170 8.10 64.34 -5.87
N ARG H 171 9.00 63.36 -5.75
CA ARG H 171 8.84 62.10 -6.46
C ARG H 171 7.57 61.38 -5.99
N ASN H 172 7.32 61.41 -4.68
CA ASN H 172 6.16 60.69 -4.15
C ASN H 172 4.81 61.37 -4.29
N LEU H 173 4.80 62.64 -4.68
CA LEU H 173 3.55 63.36 -4.87
C LEU H 173 3.10 63.34 -6.32
N ALA H 174 3.84 62.59 -7.14
CA ALA H 174 3.66 62.50 -8.59
C ALA H 174 3.92 63.84 -9.30
N VAL H 175 4.88 64.59 -8.77
CA VAL H 175 5.34 65.82 -9.41
C VAL H 175 6.29 65.47 -10.54
N GLU H 176 7.06 64.38 -10.40
CA GLU H 176 7.95 63.99 -11.47
C GLU H 176 7.18 63.53 -12.72
N GLN H 177 6.06 62.84 -12.49
CA GLN H 177 5.20 62.34 -13.57
C GLN H 177 4.55 63.49 -14.36
N LEU H 178 4.19 64.56 -13.67
CA LEU H 178 3.40 65.65 -14.26
C LEU H 178 4.25 66.79 -14.80
N ALA H 179 5.57 66.66 -14.69
CA ALA H 179 6.52 67.70 -15.11
C ALA H 179 6.89 67.58 -16.58
N LEU H 180 6.91 68.70 -17.30
CA LEU H 180 7.32 68.68 -18.71
C LEU H 180 8.77 69.10 -18.82
N SER H 181 9.64 68.15 -19.16
CA SER H 181 11.05 68.46 -19.37
C SER H 181 11.71 67.39 -20.24
N ALA H 182 12.84 67.74 -20.85
CA ALA H 182 13.63 66.77 -21.61
C ALA H 182 14.25 65.76 -20.66
N GLU H 183 14.66 64.59 -21.17
CA GLU H 183 15.34 63.57 -20.36
C GLU H 183 14.52 63.01 -19.18
N PHE H 184 13.59 62.11 -19.50
CA PHE H 184 12.57 61.60 -18.55
C PHE H 184 12.97 61.21 -17.11
N PRO H 185 14.17 60.65 -16.87
CA PRO H 185 14.50 60.47 -15.45
C PRO H 185 14.42 61.77 -14.63
N VAL H 186 14.39 62.93 -15.30
CA VAL H 186 14.18 64.24 -14.65
C VAL H 186 15.17 64.47 -13.52
N PRO H 187 16.42 64.84 -13.88
CA PRO H 187 17.49 65.10 -12.91
C PRO H 187 17.05 66.02 -11.78
N PRO H 188 17.60 65.81 -10.59
CA PRO H 188 17.23 66.54 -9.36
C PRO H 188 17.12 68.09 -9.46
N PRO H 189 18.06 68.81 -10.11
CA PRO H 189 17.97 70.27 -10.10
C PRO H 189 16.71 70.78 -10.82
N VAL H 190 16.23 69.98 -11.76
CA VAL H 190 14.99 70.25 -12.47
C VAL H 190 13.81 70.00 -11.53
N LEU H 191 13.70 68.77 -11.04
CA LEU H 191 12.61 68.38 -10.14
C LEU H 191 12.41 69.36 -8.98
N ARG H 192 13.49 69.90 -8.44
CA ARG H 192 13.41 70.91 -7.36
C ARG H 192 12.68 72.18 -7.82
N GLN H 193 13.17 72.76 -8.91
CA GLN H 193 12.53 73.92 -9.53
C GLN H 193 11.06 73.64 -9.73
N THR H 194 10.78 72.48 -10.31
CA THR H 194 9.42 72.08 -10.62
C THR H 194 8.56 72.06 -9.38
N PHE H 195 9.13 71.58 -8.28
CA PHE H 195 8.37 71.43 -7.03
C PHE H 195 8.07 72.78 -6.40
N PHE H 196 9.06 73.66 -6.35
CA PHE H 196 8.84 74.97 -5.75
C PHE H 196 7.94 75.85 -6.61
N ALA H 197 7.95 75.59 -7.92
CA ALA H 197 7.03 76.27 -8.83
C ALA H 197 5.60 76.06 -8.36
N VAL H 198 5.29 74.83 -7.94
CA VAL H 198 3.97 74.51 -7.41
C VAL H 198 3.67 75.36 -6.18
N ILE H 199 4.67 75.51 -5.31
CA ILE H 199 4.52 76.28 -4.09
C ILE H 199 4.20 77.74 -4.40
N GLY H 200 5.01 78.37 -5.25
CA GLY H 200 4.78 79.74 -5.65
C GLY H 200 3.39 79.89 -6.23
N ALA H 201 3.00 78.91 -7.04
CA ALA H 201 1.70 78.90 -7.68
C ALA H 201 0.57 78.81 -6.66
N LEU H 202 0.84 78.15 -5.54
CA LEU H 202 -0.12 78.10 -4.45
C LEU H 202 -0.17 79.46 -3.75
N LEU H 203 0.99 80.09 -3.64
CA LEU H 203 1.13 81.37 -2.95
C LEU H 203 0.36 82.46 -3.68
N GLN H 204 0.28 82.34 -5.00
CA GLN H 204 -0.56 83.24 -5.79
C GLN H 204 -2.04 83.00 -5.54
N SER H 205 -2.47 81.75 -5.67
CA SER H 205 -3.89 81.39 -5.57
C SER H 205 -4.44 81.47 -4.15
N SER H 206 -3.66 80.97 -3.19
CA SER H 206 -4.06 81.01 -1.79
C SER H 206 -3.13 81.94 -1.03
N GLY H 207 -3.65 82.54 0.03
CA GLY H 207 -2.86 83.41 0.88
C GLY H 207 -1.74 82.64 1.57
N PRO H 208 -0.76 83.37 2.13
CA PRO H 208 0.37 82.76 2.83
C PRO H 208 -0.07 81.83 3.95
N GLU H 209 -1.26 82.07 4.49
CA GLU H 209 -1.83 81.26 5.56
C GLU H 209 -2.04 79.80 5.17
N ARG H 210 -2.53 79.59 3.95
CA ARG H 210 -2.79 78.25 3.41
C ARG H 210 -1.47 77.53 3.08
N THR H 211 -0.59 78.24 2.38
CA THR H 211 0.70 77.69 1.98
C THR H 211 1.53 77.32 3.21
N ALA H 212 1.31 78.05 4.31
CA ALA H 212 1.92 77.70 5.59
C ALA H 212 1.61 76.25 5.94
N LEU H 213 0.31 75.93 5.98
CA LEU H 213 -0.15 74.59 6.28
C LEU H 213 0.42 73.57 5.31
N PHE H 214 0.39 73.88 4.01
CA PHE H 214 0.95 72.92 3.05
C PHE H 214 2.43 72.60 3.30
N ILE H 215 3.24 73.64 3.45
CA ILE H 215 4.67 73.48 3.68
C ILE H 215 4.92 72.69 4.96
N ARG H 216 4.21 73.02 6.03
CA ARG H 216 4.43 72.35 7.30
C ARG H 216 3.96 70.90 7.24
N ASP H 217 3.04 70.59 6.33
CA ASP H 217 2.59 69.21 6.12
C ASP H 217 3.53 68.34 5.30
N PHE H 218 3.97 68.83 4.15
CA PHE H 218 4.78 67.99 3.27
C PHE H 218 6.27 68.21 3.36
N LEU H 219 6.71 69.10 4.24
CA LEU H 219 8.15 69.34 4.38
C LEU H 219 8.64 69.08 5.80
N ILE H 220 8.13 69.85 6.75
CA ILE H 220 8.57 69.76 8.14
C ILE H 220 8.53 68.32 8.63
N THR H 221 7.56 67.56 8.13
CA THR H 221 7.41 66.16 8.50
C THR H 221 8.63 65.31 8.16
N GLN H 222 9.39 65.72 7.15
CA GLN H 222 10.59 64.97 6.77
C GLN H 222 11.61 64.97 7.88
N MET H 223 11.41 65.86 8.86
CA MET H 223 12.36 66.05 9.94
C MET H 223 12.05 65.11 11.12
N THR H 224 11.06 64.25 10.95
CA THR H 224 10.66 63.34 12.02
C THR H 224 11.66 62.20 12.20
N GLY H 225 12.22 62.10 13.40
CA GLY H 225 13.15 61.03 13.74
C GLY H 225 14.62 61.41 13.65
N LYS H 226 14.93 62.48 12.91
CA LYS H 226 16.30 62.89 12.69
C LYS H 226 16.84 63.79 13.79
N GLU H 227 18.14 63.68 14.07
CA GLU H 227 18.78 64.46 15.14
C GLU H 227 19.37 65.77 14.65
N LEU H 228 19.84 66.57 15.59
CA LEU H 228 20.29 67.91 15.29
C LEU H 228 21.63 67.88 14.59
N PHE H 229 22.62 67.31 15.26
CA PHE H 229 23.97 67.25 14.71
C PHE H 229 24.08 66.26 13.57
N GLU H 230 23.00 65.55 13.28
CA GLU H 230 22.90 64.82 12.02
C GLU H 230 22.81 65.78 10.83
N MET H 231 21.99 66.82 10.94
CA MET H 231 21.90 67.82 9.87
C MET H 231 22.77 69.09 10.08
N TRP H 232 23.45 69.22 11.23
CA TRP H 232 24.41 70.33 11.42
C TRP H 232 25.83 70.09 10.89
N THR H 233 26.35 68.88 11.10
CA THR H 233 27.65 68.48 10.57
C THR H 233 28.85 69.17 11.27
N ILE H 234 28.58 70.08 12.21
CA ILE H 234 29.62 70.78 12.97
C ILE H 234 30.58 69.78 13.65
N THR H 235 31.87 69.93 13.38
CA THR H 235 32.87 68.96 13.83
C THR H 235 33.60 69.36 15.09
N ASN H 236 33.24 70.52 15.65
CA ASN H 236 33.90 70.97 16.86
C ASN H 236 32.87 71.17 17.96
N PRO H 237 32.44 70.06 18.58
CA PRO H 237 31.39 70.11 19.60
C PRO H 237 31.85 70.86 20.84
N MET H 238 33.11 70.62 21.23
CA MET H 238 33.65 71.20 22.44
C MET H 238 33.73 72.73 22.40
N GLY H 239 34.38 73.25 21.38
CA GLY H 239 34.53 74.69 21.22
C GLY H 239 33.20 75.42 21.17
N LEU H 240 32.25 74.83 20.47
CA LEU H 240 30.92 75.43 20.35
C LEU H 240 30.18 75.41 21.68
N LEU H 241 30.36 74.33 22.45
CA LEU H 241 29.77 74.27 23.78
C LEU H 241 30.34 75.36 24.69
N VAL H 242 31.66 75.52 24.66
CA VAL H 242 32.33 76.59 25.42
C VAL H 242 31.82 77.98 25.02
N GLU H 243 31.71 78.23 23.72
CA GLU H 243 31.15 79.48 23.20
C GLU H 243 29.74 79.77 23.73
N GLU H 244 28.88 78.76 23.66
CA GLU H 244 27.51 78.93 24.10
C GLU H 244 27.41 79.13 25.60
N LEU H 245 28.28 78.47 26.35
CA LEU H 245 28.29 78.65 27.79
C LEU H 245 28.82 80.05 28.15
N LYS H 246 29.80 80.55 27.40
CA LYS H 246 30.29 81.92 27.60
C LYS H 246 29.18 82.92 27.32
N LYS H 247 28.44 82.67 26.25
CA LYS H 247 27.32 83.53 25.87
C LYS H 247 26.19 83.50 26.90
N ARG H 248 26.13 82.42 27.68
CA ARG H 248 25.09 82.27 28.69
C ARG H 248 25.54 82.74 30.07
N LYS H 249 26.77 83.24 30.14
CA LYS H 249 27.41 83.63 31.41
C LYS H 249 27.56 82.41 32.33
N ILE H 250 27.89 81.27 31.75
CA ILE H 250 28.17 80.05 32.52
C ILE H 250 29.65 79.69 32.38
N SER H 251 30.31 79.42 33.50
CA SER H 251 31.76 79.55 33.56
C SER H 251 32.58 78.40 32.97
N ALA H 252 32.61 77.26 33.64
CA ALA H 252 33.65 76.26 33.40
C ALA H 252 33.14 74.85 33.12
N PRO H 253 33.01 74.47 31.84
CA PRO H 253 32.70 73.06 31.52
C PRO H 253 33.88 72.15 31.88
N GLU H 254 33.63 71.10 32.66
CA GLU H 254 34.70 70.23 33.20
C GLU H 254 34.44 68.76 32.91
N SER H 255 35.34 68.12 32.17
CA SER H 255 35.18 66.70 31.84
C SER H 255 35.61 65.78 32.98
N ARG H 256 34.71 64.88 33.36
CA ARG H 256 34.92 64.03 34.51
C ARG H 256 34.44 62.62 34.21
N LEU H 257 35.18 61.59 34.61
CA LEU H 257 34.82 60.21 34.24
C LEU H 257 33.95 59.48 35.27
N THR H 258 32.76 59.07 34.83
CA THR H 258 31.72 58.53 35.72
C THR H 258 31.71 57.00 35.86
N ARG H 259 31.44 56.28 34.77
CA ARG H 259 31.46 54.82 34.82
C ARG H 259 32.29 54.24 33.69
N GLN H 260 33.07 53.21 33.97
CA GLN H 260 33.81 52.56 32.89
C GLN H 260 33.91 51.05 33.04
N SER H 261 33.58 50.33 31.97
CA SER H 261 33.64 48.88 32.02
C SER H 261 34.66 48.32 31.08
N GLY H 262 35.74 47.87 31.67
CA GLY H 262 36.85 47.24 30.98
C GLY H 262 37.68 48.39 30.52
N SER H 263 38.96 48.44 30.85
CA SER H 263 39.83 49.38 30.17
C SER H 263 40.85 48.65 29.31
N THR H 264 40.97 47.34 29.56
CA THR H 264 42.01 46.52 28.93
C THR H 264 41.44 45.72 27.79
N THR H 265 40.12 45.73 27.69
CA THR H 265 39.43 44.94 26.69
C THR H 265 39.47 45.67 25.36
N ALA H 266 39.35 44.94 24.26
CA ALA H 266 39.18 45.56 22.95
C ALA H 266 37.89 46.35 22.94
N LEU H 267 37.02 46.08 23.91
CA LEU H 267 35.70 46.68 23.96
C LEU H 267 35.41 47.37 25.29
N PRO H 268 36.09 48.48 25.56
CA PRO H 268 35.85 49.26 26.77
C PRO H 268 34.58 50.08 26.62
N VAL H 269 34.06 50.60 27.72
CA VAL H 269 32.93 51.52 27.68
C VAL H 269 33.11 52.65 28.69
N TYR H 270 33.02 53.89 28.24
CA TYR H 270 33.22 55.03 29.12
C TYR H 270 32.00 55.91 29.21
N PHE H 271 31.84 56.58 30.35
CA PHE H 271 30.82 57.63 30.48
C PHE H 271 31.42 58.91 31.03
N VAL H 272 31.53 59.95 30.20
CA VAL H 272 32.03 61.22 30.69
C VAL H 272 30.87 62.14 31.03
N GLY H 273 30.86 62.65 32.26
CA GLY H 273 29.97 63.72 32.62
C GLY H 273 30.64 65.07 32.42
N LEU H 274 29.84 66.09 32.13
CA LEU H 274 30.37 67.44 32.04
C LEU H 274 29.81 68.27 33.18
N TYR H 275 30.69 68.89 33.95
CA TYR H 275 30.27 69.64 35.13
C TYR H 275 30.45 71.15 34.98
N CYS H 276 29.38 71.87 35.25
CA CYS H 276 29.46 73.31 35.41
C CYS H 276 29.15 73.64 36.86
N ASP H 277 30.20 74.02 37.59
CA ASP H 277 30.08 74.31 39.02
C ASP H 277 29.40 73.15 39.75
N ARG H 278 30.04 71.98 39.73
CA ARG H 278 29.58 70.80 40.46
C ARG H 278 28.22 70.21 40.01
N LYS H 279 27.52 70.90 39.11
CA LYS H 279 26.28 70.38 38.57
C LYS H 279 26.58 69.57 37.31
N LEU H 280 25.84 68.48 37.08
CA LEU H 280 26.08 67.68 35.88
C LEU H 280 25.19 68.15 34.73
N ILE H 281 25.80 68.77 33.73
CA ILE H 281 25.02 69.34 32.64
C ILE H 281 24.65 68.35 31.56
N ALA H 282 25.39 67.24 31.47
CA ALA H 282 25.22 66.22 30.43
C ALA H 282 26.19 65.07 30.64
N GLU H 283 25.92 63.92 30.01
CA GLU H 283 26.75 62.74 30.22
C GLU H 283 26.69 61.83 29.00
N GLY H 284 27.80 61.18 28.63
CA GLY H 284 27.74 60.30 27.48
C GLY H 284 28.71 59.12 27.44
N PRO H 285 28.31 58.06 26.74
CA PRO H 285 28.97 56.78 26.49
C PRO H 285 29.99 56.85 25.36
N GLY H 286 30.92 55.90 25.33
CA GLY H 286 31.87 55.80 24.23
C GLY H 286 32.84 54.62 24.31
N GLU H 287 33.61 54.42 23.25
CA GLU H 287 34.71 53.44 23.25
C GLU H 287 36.00 53.99 23.87
N THR H 288 36.21 55.30 23.77
CA THR H 288 37.39 55.94 24.38
C THR H 288 36.99 57.15 25.23
N VAL H 289 37.96 57.75 25.90
CA VAL H 289 37.66 58.94 26.69
C VAL H 289 37.32 60.11 25.75
N LEU H 290 37.99 60.17 24.61
CA LEU H 290 37.75 61.21 23.61
C LEU H 290 36.33 61.16 23.03
N VAL H 291 35.93 59.99 22.54
CA VAL H 291 34.61 59.79 21.96
C VAL H 291 33.50 60.10 22.97
N ALA H 292 33.74 59.70 24.22
CA ALA H 292 32.82 59.98 25.33
C ALA H 292 32.69 61.49 25.59
N GLU H 293 33.82 62.19 25.59
CA GLU H 293 33.82 63.63 25.70
C GLU H 293 32.96 64.27 24.62
N GLU H 294 33.26 63.91 23.37
CA GLU H 294 32.43 64.34 22.26
C GLU H 294 30.95 64.10 22.50
N GLU H 295 30.61 62.92 23.02
CA GLU H 295 29.19 62.58 23.19
C GLU H 295 28.51 63.43 24.26
N ALA H 296 29.15 63.55 25.41
CA ALA H 296 28.63 64.43 26.46
C ALA H 296 28.46 65.86 25.92
N ALA H 297 29.39 66.29 25.09
CA ALA H 297 29.29 67.61 24.47
C ALA H 297 28.03 67.71 23.61
N ARG H 298 27.81 66.71 22.75
CA ARG H 298 26.58 66.65 21.96
C ARG H 298 25.33 66.79 22.82
N VAL H 299 25.27 65.99 23.89
CA VAL H 299 24.11 66.03 24.79
C VAL H 299 23.89 67.43 25.40
N ALA H 300 24.96 68.02 25.89
CA ALA H 300 24.89 69.33 26.51
C ALA H 300 24.33 70.31 25.49
N LEU H 301 24.95 70.30 24.32
CA LEU H 301 24.54 71.16 23.23
C LEU H 301 23.07 71.01 22.91
N ARG H 302 22.59 69.77 22.94
CA ARG H 302 21.20 69.48 22.65
C ARG H 302 20.26 70.07 23.71
N LYS H 303 20.62 69.94 24.98
CA LYS H 303 19.78 70.53 26.02
C LYS H 303 19.75 72.05 25.87
N LEU H 304 20.93 72.67 25.84
CA LEU H 304 21.02 74.12 25.67
C LEU H 304 20.23 74.65 24.48
N PHE H 305 20.48 74.10 23.31
CA PHE H 305 19.80 74.56 22.10
C PHE H 305 18.31 74.19 22.12
N GLY H 306 17.96 73.09 22.78
CA GLY H 306 16.57 72.69 22.91
C GLY H 306 16.09 71.52 22.06
N PHE H 307 16.95 70.96 21.22
CA PHE H 307 16.59 69.79 20.42
C PHE H 307 16.96 68.55 21.23
N THR H 308 15.93 67.84 21.70
CA THR H 308 16.10 66.74 22.65
C THR H 308 15.02 65.69 22.36
N GLU H 309 15.22 64.45 22.80
CA GLU H 309 14.23 63.41 22.62
C GLU H 309 12.92 63.70 23.35
N ASN H 310 13.02 64.49 24.41
CA ASN H 310 11.88 64.81 25.25
C ASN H 310 11.04 65.97 24.73
N ARG H 311 11.56 66.73 23.76
CA ARG H 311 10.84 67.92 23.29
C ARG H 311 9.44 67.56 22.80
N ARG H 312 8.50 68.48 22.98
CA ARG H 312 7.13 68.28 22.50
C ARG H 312 7.14 67.96 21.01
N PRO H 313 6.39 66.93 20.62
CA PRO H 313 6.20 66.65 19.20
C PRO H 313 5.56 67.85 18.49
N TRP H 314 5.85 68.00 17.20
CA TRP H 314 5.45 69.17 16.45
C TRP H 314 3.93 69.36 16.39
N ASP H 315 3.47 70.58 16.64
CA ASP H 315 2.03 70.87 16.65
C ASP H 315 1.36 70.65 15.31
N TYR H 316 0.16 70.10 15.33
CA TYR H 316 -0.70 70.18 14.16
C TYR H 316 -2.11 70.57 14.58
N SER H 317 -2.51 71.77 14.18
CA SER H 317 -3.83 72.31 14.44
C SER H 317 -4.14 73.30 13.32
N LYS H 318 -5.41 73.45 12.99
CA LYS H 318 -5.77 74.24 11.83
C LYS H 318 -6.67 75.44 12.14
N PRO H 319 -6.05 76.58 12.49
CA PRO H 319 -6.77 77.86 12.63
C PRO H 319 -6.81 78.64 11.31
N PHE I 56 46.66 27.81 -50.60
CA PHE I 56 47.15 26.49 -50.96
C PHE I 56 46.47 25.98 -52.23
N VAL I 57 47.27 25.67 -53.25
CA VAL I 57 46.74 25.04 -54.46
C VAL I 57 47.06 23.55 -54.39
N GLU I 58 46.03 22.75 -54.15
CA GLU I 58 46.20 21.31 -53.97
C GLU I 58 45.00 20.54 -54.50
N HIS I 59 45.30 19.41 -55.12
CA HIS I 59 44.29 18.43 -55.48
C HIS I 59 44.85 17.06 -55.15
N ALA I 60 44.11 16.26 -54.38
CA ALA I 60 44.54 14.90 -54.17
C ALA I 60 43.86 14.06 -55.24
N ARG I 61 44.65 13.73 -56.26
CA ARG I 61 44.21 13.01 -57.46
C ARG I 61 44.24 11.50 -57.26
N LYS I 62 45.14 11.08 -56.37
CA LYS I 62 45.39 9.66 -56.06
C LYS I 62 44.15 8.94 -55.51
N ALA I 63 43.47 9.57 -54.57
CA ALA I 63 42.34 8.95 -53.88
C ALA I 63 40.98 9.44 -54.41
N GLY I 64 40.66 10.70 -54.12
CA GLY I 64 39.32 11.24 -54.30
C GLY I 64 38.89 11.61 -55.71
N LEU I 65 39.66 11.15 -56.71
CA LEU I 65 39.40 11.42 -58.12
C LEU I 65 39.39 12.92 -58.45
N VAL I 66 38.46 13.31 -59.32
CA VAL I 66 38.28 14.68 -59.79
C VAL I 66 36.78 14.92 -60.00
N ILE I 67 36.30 16.09 -59.60
CA ILE I 67 34.90 16.45 -59.80
C ILE I 67 34.53 16.36 -61.28
N PRO I 68 33.58 15.46 -61.60
CA PRO I 68 33.22 15.13 -62.99
C PRO I 68 32.76 16.35 -63.80
N HIS I 69 32.92 16.28 -65.12
CA HIS I 69 32.60 17.42 -65.97
C HIS I 69 31.09 17.50 -66.19
N GLU I 70 30.50 18.61 -65.72
CA GLU I 70 29.05 18.78 -65.72
C GLU I 70 28.60 19.87 -66.67
N ARG I 71 27.52 19.60 -67.40
CA ARG I 71 26.87 20.65 -68.18
C ARG I 71 25.76 21.25 -67.33
N LEU I 72 25.97 22.48 -66.90
CA LEU I 72 25.01 23.18 -66.06
C LEU I 72 23.91 23.76 -66.94
N GLU I 73 22.67 23.38 -66.65
CA GLU I 73 21.53 23.71 -67.50
C GLU I 73 21.22 25.21 -67.53
N ARG I 74 21.65 25.92 -66.50
CA ARG I 74 21.61 27.37 -66.53
C ARG I 74 22.98 27.92 -66.88
N PRO I 75 23.14 28.45 -68.10
CA PRO I 75 24.36 29.21 -68.33
C PRO I 75 24.45 30.36 -67.33
N ILE I 76 25.60 30.49 -66.67
CA ILE I 76 25.80 31.53 -65.65
C ILE I 76 25.56 32.94 -66.18
N HIS I 77 24.68 33.67 -65.49
CA HIS I 77 24.39 35.05 -65.83
C HIS I 77 25.15 36.03 -64.93
N LEU I 78 25.91 36.92 -65.56
CA LEU I 78 26.70 37.93 -64.85
C LEU I 78 26.23 39.33 -65.19
N ALA I 79 25.83 40.08 -64.17
CA ALA I 79 25.45 41.47 -64.35
C ALA I 79 26.69 42.31 -64.64
N CYS I 80 27.84 41.90 -64.10
CA CYS I 80 29.09 42.63 -64.24
C CYS I 80 30.25 41.73 -64.66
N THR I 81 31.37 42.36 -65.02
CA THR I 81 32.61 41.64 -65.32
C THR I 81 33.80 42.34 -64.65
N ALA I 82 34.54 41.58 -63.83
CA ALA I 82 35.54 42.11 -62.89
C ALA I 82 36.57 43.06 -63.51
N GLY I 83 37.17 42.65 -64.61
CA GLY I 83 38.24 43.42 -65.21
C GLY I 83 37.85 44.80 -65.70
N ILE I 84 38.74 45.76 -65.48
CA ILE I 84 38.64 47.04 -66.16
C ILE I 84 39.53 46.99 -67.41
N PHE I 85 38.90 47.12 -68.58
CA PHE I 85 39.55 46.88 -69.88
C PHE I 85 40.88 47.63 -70.07
N ASP I 86 40.84 48.95 -69.92
CA ASP I 86 42.04 49.76 -70.03
C ASP I 86 42.11 50.81 -68.95
N ALA I 87 43.24 50.85 -68.26
CA ALA I 87 43.45 51.84 -67.24
C ALA I 87 44.19 53.04 -67.84
N TYR I 88 43.48 54.16 -67.92
CA TYR I 88 44.10 55.41 -68.31
C TYR I 88 45.23 55.72 -67.34
N VAL I 89 46.43 55.90 -67.90
CA VAL I 89 47.60 56.24 -67.09
C VAL I 89 47.74 57.75 -67.06
N PRO I 90 47.38 58.38 -65.93
CA PRO I 90 47.28 59.84 -65.75
C PRO I 90 48.64 60.54 -65.78
N PRO I 91 48.67 61.84 -66.16
CA PRO I 91 49.92 62.61 -66.07
C PRO I 91 50.41 62.77 -64.64
N GLU I 92 51.71 62.63 -64.44
CA GLU I 92 52.33 62.62 -63.12
C GLU I 92 52.37 63.99 -62.45
N GLY I 93 52.19 65.06 -63.22
CA GLY I 93 52.22 66.41 -62.69
C GLY I 93 50.83 66.91 -62.34
N ASP I 94 49.85 66.01 -62.36
CA ASP I 94 48.45 66.40 -62.17
C ASP I 94 48.15 66.88 -60.75
N ALA I 95 49.10 66.70 -59.84
CA ALA I 95 49.00 67.27 -58.50
C ALA I 95 49.18 68.79 -58.57
N ARG I 96 50.18 69.21 -59.35
CA ARG I 96 50.49 70.62 -59.57
C ARG I 96 49.63 71.27 -60.67
N ILE I 97 49.41 70.51 -61.75
CA ILE I 97 48.63 70.97 -62.90
C ILE I 97 47.18 71.33 -62.48
N SER I 98 46.69 70.70 -61.43
CA SER I 98 45.34 70.96 -60.91
C SER I 98 45.21 72.35 -60.28
N SER I 99 46.35 72.95 -59.91
CA SER I 99 46.36 74.32 -59.39
C SER I 99 45.87 75.31 -60.45
N LEU I 100 46.17 75.01 -61.71
CA LEU I 100 45.61 75.77 -62.83
C LEU I 100 44.49 74.94 -63.46
N SER I 101 43.24 75.37 -63.25
CA SER I 101 42.09 74.60 -63.69
C SER I 101 41.94 74.64 -65.21
N LYS I 102 42.31 75.76 -65.81
CA LYS I 102 42.14 75.95 -67.25
C LYS I 102 43.27 75.25 -68.02
N GLU I 103 44.19 74.63 -67.29
CA GLU I 103 45.24 73.78 -67.88
C GLU I 103 44.81 72.32 -67.83
N GLY I 104 44.59 71.82 -66.61
CA GLY I 104 44.09 70.48 -66.39
C GLY I 104 42.82 70.13 -67.13
N LEU I 105 41.79 70.96 -67.00
CA LEU I 105 40.50 70.70 -67.67
C LEU I 105 40.62 70.87 -69.19
N ALA I 106 41.59 71.68 -69.61
CA ALA I 106 41.90 71.84 -71.03
C ALA I 106 42.49 70.56 -71.61
N GLN I 107 43.45 69.97 -70.90
CA GLN I 107 44.05 68.70 -71.32
C GLN I 107 43.04 67.56 -71.33
N ARG I 108 42.20 67.52 -70.28
CA ARG I 108 41.13 66.53 -70.21
C ARG I 108 40.18 66.64 -71.40
N ALA I 109 39.65 67.85 -71.64
CA ALA I 109 38.72 68.10 -72.74
C ALA I 109 39.34 67.82 -74.11
N GLU I 110 40.62 68.18 -74.25
CA GLU I 110 41.40 67.95 -75.46
C GLU I 110 41.51 66.47 -75.79
N ARG I 111 41.90 65.68 -74.79
CA ARG I 111 42.00 64.23 -74.97
C ARG I 111 40.63 63.56 -75.01
N LEU I 112 39.58 64.28 -74.64
CA LEU I 112 38.22 63.78 -74.82
C LEU I 112 37.81 63.89 -76.28
N LYS I 113 38.10 65.04 -76.87
CA LYS I 113 37.78 65.29 -78.28
C LYS I 113 38.68 64.51 -79.25
N LYS I 114 39.95 64.32 -78.88
CA LYS I 114 40.96 63.78 -79.79
C LYS I 114 40.98 62.26 -79.95
N ASN I 115 40.59 61.53 -78.90
CA ASN I 115 40.64 60.07 -78.92
C ASN I 115 39.62 59.44 -79.87
N VAL I 116 40.09 58.56 -80.75
CA VAL I 116 39.24 57.83 -81.70
C VAL I 116 38.58 56.60 -81.04
N ALA I 117 39.34 55.91 -80.19
CA ALA I 117 38.80 54.76 -79.46
C ALA I 117 37.63 55.19 -78.57
N SER I 118 37.87 56.23 -77.77
CA SER I 118 36.84 56.80 -76.89
C SER I 118 35.60 57.24 -77.66
N GLN I 119 35.81 57.95 -78.78
CA GLN I 119 34.71 58.36 -79.65
C GLN I 119 33.94 57.18 -80.24
N LEU I 120 34.64 56.08 -80.53
CA LEU I 120 34.00 54.89 -81.10
C LEU I 120 33.12 54.20 -80.07
N SER I 121 33.63 54.04 -78.85
CA SER I 121 32.82 53.50 -77.76
C SER I 121 31.62 54.43 -77.45
N ILE I 122 31.88 55.74 -77.45
CA ILE I 122 30.83 56.74 -77.30
C ILE I 122 29.75 56.55 -78.37
N ARG I 123 30.17 56.23 -79.59
CA ARG I 123 29.24 55.97 -80.69
C ARG I 123 28.42 54.72 -80.46
N LYS I 124 29.05 53.65 -79.95
CA LYS I 124 28.32 52.41 -79.66
C LYS I 124 27.24 52.61 -78.57
N ILE I 125 27.62 53.31 -77.50
CA ILE I 125 26.66 53.63 -76.43
C ILE I 125 25.56 54.58 -76.91
N ARG I 126 25.90 55.49 -77.83
CA ARG I 126 24.95 56.49 -78.34
C ARG I 126 23.96 55.90 -79.35
N GLU I 127 24.41 54.93 -80.14
CA GLU I 127 23.54 54.23 -81.10
C GLU I 127 22.66 53.22 -80.38
N SER I 128 23.27 52.45 -79.48
CA SER I 128 22.55 51.45 -78.71
C SER I 128 21.58 52.08 -77.71
N ASP I 129 22.01 53.15 -77.05
CA ASP I 129 21.19 53.85 -76.06
C ASP I 129 20.99 55.33 -76.39
N PRO I 130 19.96 55.64 -77.18
CA PRO I 130 19.63 57.02 -77.59
C PRO I 130 19.30 57.90 -76.36
N ASN I 131 19.32 59.23 -76.56
CA ASN I 131 19.24 60.20 -75.47
C ASN I 131 20.45 60.06 -74.56
N PHE I 132 21.63 60.05 -75.17
CA PHE I 132 22.88 59.86 -74.45
C PHE I 132 23.77 61.09 -74.55
N LYS I 133 24.14 61.62 -73.39
CA LYS I 133 25.02 62.78 -73.31
C LYS I 133 26.19 62.48 -72.36
N ILE I 134 27.40 62.80 -72.80
CA ILE I 134 28.62 62.58 -72.01
C ILE I 134 28.90 63.79 -71.10
N LYS I 135 28.20 64.89 -71.36
CA LYS I 135 28.33 66.06 -70.50
C LYS I 135 27.46 65.94 -69.25
N ASP I 136 26.44 65.11 -69.35
CA ASP I 136 25.51 64.80 -68.25
C ASP I 136 26.10 63.76 -67.28
N PHE I 137 26.92 62.85 -67.82
CA PHE I 137 27.39 61.69 -67.07
C PHE I 137 28.22 62.00 -65.82
N PRO I 138 29.25 62.83 -65.92
CA PRO I 138 30.06 63.07 -64.71
C PRO I 138 29.26 63.68 -63.55
N GLU I 139 28.07 64.20 -63.82
CA GLU I 139 27.21 64.70 -62.75
C GLU I 139 26.53 63.56 -61.97
N LYS I 140 25.87 62.66 -62.71
CA LYS I 140 25.18 61.53 -62.09
C LYS I 140 26.18 60.56 -61.47
N ALA I 141 27.32 60.40 -62.13
CA ALA I 141 28.40 59.54 -61.67
C ALA I 141 28.98 60.06 -60.35
N LYS I 142 28.94 61.38 -60.18
CA LYS I 142 29.37 62.00 -58.93
C LYS I 142 28.29 61.86 -57.88
N ASP I 143 27.03 61.76 -58.33
CA ASP I 143 25.92 61.53 -57.41
C ASP I 143 25.97 60.11 -56.81
N ILE I 144 26.35 59.15 -57.65
CA ILE I 144 26.52 57.76 -57.24
C ILE I 144 27.47 57.61 -56.05
N PHE I 145 28.46 58.48 -55.96
CA PHE I 145 29.37 58.47 -54.81
C PHE I 145 28.72 58.91 -53.51
N ILE I 146 28.14 60.10 -53.52
CA ILE I 146 27.48 60.65 -52.34
C ILE I 146 26.38 59.71 -51.86
N GLU I 147 25.79 58.94 -52.77
CA GLU I 147 24.82 57.92 -52.38
C GLU I 147 25.47 56.65 -51.81
N ALA I 148 26.49 56.12 -52.48
CA ALA I 148 27.07 54.81 -52.12
C ALA I 148 27.95 54.84 -50.85
N HIS I 149 28.65 55.95 -50.65
CA HIS I 149 29.43 56.13 -49.43
C HIS I 149 28.49 56.34 -48.24
N LEU I 150 27.38 57.03 -48.46
CA LEU I 150 26.34 57.15 -47.43
C LEU I 150 25.72 55.77 -47.15
N CYS I 151 25.68 54.94 -48.18
CA CYS I 151 25.22 53.55 -48.05
C CYS I 151 26.14 52.73 -47.14
N LEU I 152 27.45 52.89 -47.28
CA LEU I 152 28.37 52.23 -46.34
C LEU I 152 28.27 52.84 -44.93
N ASN I 153 28.09 54.15 -44.85
CA ASN I 153 27.86 54.82 -43.57
C ASN I 153 26.73 54.20 -42.79
N ASN I 154 25.60 54.02 -43.47
CA ASN I 154 24.39 53.53 -42.84
C ASN I 154 24.31 52.00 -42.83
N SER I 155 25.31 51.35 -43.44
CA SER I 155 25.38 49.90 -43.58
C SER I 155 24.10 49.30 -44.17
N ASP I 156 23.58 49.96 -45.20
CA ASP I 156 22.43 49.48 -45.97
C ASP I 156 22.92 48.87 -47.30
N HIS I 157 22.85 47.54 -47.40
CA HIS I 157 23.41 46.85 -48.57
C HIS I 157 22.43 46.70 -49.74
N ASP I 158 21.15 46.87 -49.42
CA ASP I 158 20.08 46.82 -50.41
C ASP I 158 20.27 47.85 -51.51
N ARG I 159 20.26 49.12 -51.12
CA ARG I 159 20.51 50.23 -52.02
C ARG I 159 21.94 50.19 -52.58
N LEU I 160 22.84 49.58 -51.81
CA LEU I 160 24.23 49.42 -52.22
C LEU I 160 24.39 48.43 -53.36
N HIS I 161 23.40 47.57 -53.56
CA HIS I 161 23.47 46.65 -54.70
C HIS I 161 23.03 47.32 -55.99
N THR I 162 22.14 48.30 -55.88
CA THR I 162 21.68 49.03 -57.05
C THR I 162 22.81 49.88 -57.63
N LEU I 163 23.54 50.57 -56.76
CA LEU I 163 24.56 51.51 -57.21
C LEU I 163 25.83 50.82 -57.71
N VAL I 164 26.60 50.24 -56.81
CA VAL I 164 27.89 49.66 -57.18
C VAL I 164 27.75 48.34 -57.91
N THR I 165 28.73 48.07 -58.77
CA THR I 165 28.82 46.87 -59.59
C THR I 165 29.12 45.62 -58.75
N GLU I 166 28.94 44.43 -59.33
CA GLU I 166 29.28 43.18 -58.66
C GLU I 166 30.69 43.13 -58.08
N ASN I 167 31.63 43.75 -58.77
CA ASN I 167 33.04 43.73 -58.37
C ASN I 167 33.39 44.77 -57.30
N CYS I 168 32.66 45.89 -57.29
CA CYS I 168 32.89 47.00 -56.36
C CYS I 168 32.41 46.63 -54.96
N PHE I 169 31.31 45.89 -54.92
CA PHE I 169 30.63 45.48 -53.68
C PHE I 169 31.45 44.60 -52.70
N PRO I 170 32.00 43.46 -53.19
CA PRO I 170 32.55 42.50 -52.24
C PRO I 170 33.69 43.08 -51.42
N ASP I 171 34.62 43.82 -52.02
CA ASP I 171 35.75 44.36 -51.26
C ASP I 171 35.31 45.31 -50.14
N MET I 172 34.61 46.36 -50.56
CA MET I 172 34.20 47.42 -49.66
C MET I 172 33.30 46.92 -48.54
N VAL I 173 32.45 45.94 -48.84
CA VAL I 173 31.56 45.41 -47.82
C VAL I 173 32.32 44.42 -46.91
N TRP I 174 33.17 43.60 -47.53
CA TRP I 174 33.94 42.57 -46.83
C TRP I 174 34.77 43.09 -45.69
N ASP I 175 35.69 44.01 -46.01
CA ASP I 175 36.67 44.34 -44.98
C ASP I 175 36.10 45.32 -43.95
N ILE I 176 34.97 45.94 -44.27
CA ILE I 176 34.42 46.98 -43.42
C ILE I 176 33.35 46.54 -42.42
N ARG I 177 32.89 45.29 -42.54
CA ARG I 177 31.55 44.96 -42.06
C ARG I 177 31.36 44.93 -40.53
N TYR I 178 32.42 44.69 -39.77
CA TYR I 178 32.28 44.60 -38.32
C TYR I 178 32.59 45.88 -37.57
N LYS I 179 32.81 46.97 -38.29
CA LYS I 179 33.12 48.24 -37.64
C LYS I 179 32.07 49.33 -37.92
N THR I 180 32.23 50.48 -37.28
CA THR I 180 31.32 51.60 -37.55
C THR I 180 32.07 52.59 -38.43
N VAL I 181 31.51 52.92 -39.59
CA VAL I 181 32.17 53.84 -40.51
C VAL I 181 31.37 55.10 -40.81
N ARG I 182 32.00 56.26 -40.58
CA ARG I 182 31.38 57.53 -40.85
C ARG I 182 32.17 58.34 -41.88
N TRP I 183 31.50 58.75 -42.95
CA TRP I 183 32.15 59.40 -44.10
C TRP I 183 31.36 60.65 -44.46
N SER I 184 32.05 61.73 -44.82
CA SER I 184 31.40 62.98 -45.16
C SER I 184 32.00 63.61 -46.41
N PHE I 185 31.11 64.04 -47.31
CA PHE I 185 31.49 64.74 -48.53
C PHE I 185 31.29 66.24 -48.31
N VAL I 186 32.38 67.01 -48.27
CA VAL I 186 32.24 68.46 -48.07
C VAL I 186 32.37 69.24 -49.39
N GLU I 187 33.53 69.17 -50.03
CA GLU I 187 33.73 69.85 -51.30
C GLU I 187 34.30 68.95 -52.38
N SER I 188 33.79 69.13 -53.60
CA SER I 188 34.48 68.59 -54.77
C SER I 188 35.13 69.78 -55.45
N LEU I 189 36.45 69.87 -55.34
CA LEU I 189 37.18 71.11 -55.66
C LEU I 189 37.36 71.35 -57.15
N GLU I 190 37.66 70.29 -57.89
CA GLU I 190 37.73 70.36 -59.33
C GLU I 190 36.50 69.65 -59.92
N PRO I 191 35.76 70.32 -60.81
CA PRO I 191 34.60 69.70 -61.47
C PRO I 191 34.96 68.36 -62.12
N PRO I 192 34.15 67.33 -61.86
CA PRO I 192 34.41 65.95 -62.31
C PRO I 192 34.50 65.79 -63.83
N GLN I 193 35.58 65.18 -64.30
CA GLN I 193 35.85 65.03 -65.72
C GLN I 193 35.80 63.57 -66.15
N VAL I 194 35.09 63.29 -67.25
CA VAL I 194 35.10 61.95 -67.85
C VAL I 194 36.39 61.82 -68.66
N VAL I 195 37.26 60.92 -68.24
CA VAL I 195 38.55 60.76 -68.91
C VAL I 195 38.49 59.85 -70.14
N GLN I 196 37.83 58.71 -70.00
CA GLN I 196 37.93 57.65 -71.00
C GLN I 196 36.68 56.78 -71.08
N VAL I 197 36.37 56.27 -72.27
CA VAL I 197 35.27 55.31 -72.45
C VAL I 197 35.75 54.08 -73.22
N ARG I 198 35.27 52.91 -72.81
CA ARG I 198 35.65 51.63 -73.40
C ARG I 198 34.45 50.72 -73.64
N CYS I 199 34.47 50.01 -74.76
CA CYS I 199 33.38 49.07 -75.08
C CYS I 199 33.91 47.64 -75.21
N SER I 200 33.29 46.72 -74.48
CA SER I 200 33.62 45.30 -74.60
C SER I 200 32.68 44.58 -75.55
N SER I 201 33.24 43.86 -76.53
CA SER I 201 32.40 43.04 -77.39
C SER I 201 32.52 41.58 -76.96
N LEU I 202 31.46 41.06 -76.35
CA LEU I 202 31.38 39.63 -76.06
C LEU I 202 30.68 38.97 -77.24
N MET I 203 31.44 38.16 -77.98
CA MET I 203 30.96 37.57 -79.23
C MET I 203 29.90 36.50 -78.98
N ASN I 204 30.05 35.79 -77.87
CA ASN I 204 29.14 34.69 -77.52
C ASN I 204 27.74 35.17 -77.17
N GLN I 205 27.66 36.11 -76.23
CA GLN I 205 26.38 36.61 -75.72
C GLN I 205 25.85 37.80 -76.53
N GLY I 206 26.69 38.37 -77.39
CA GLY I 206 26.34 39.58 -78.13
C GLY I 206 26.37 40.79 -77.21
N ASN I 207 26.89 40.57 -76.00
CA ASN I 207 26.87 41.54 -74.91
C ASN I 207 27.90 42.65 -75.06
N ILE I 208 27.46 43.88 -74.82
CA ILE I 208 28.35 45.03 -74.90
C ILE I 208 28.41 45.72 -73.52
N TYR I 209 29.61 46.02 -73.05
CA TYR I 209 29.79 46.62 -71.74
C TYR I 209 30.48 47.98 -71.80
N GLY I 210 29.75 49.04 -71.47
CA GLY I 210 30.36 50.36 -71.44
C GLY I 210 31.08 50.62 -70.13
N GLN I 211 32.23 51.29 -70.21
CA GLN I 211 32.96 51.65 -69.02
C GLN I 211 33.42 53.10 -69.08
N VAL I 212 32.88 53.92 -68.21
CA VAL I 212 33.22 55.35 -68.21
C VAL I 212 34.10 55.69 -67.02
N THR I 213 35.32 56.14 -67.31
CA THR I 213 36.22 56.66 -66.28
C THR I 213 35.85 58.09 -65.87
N VAL I 214 35.67 58.32 -64.57
CA VAL I 214 35.56 59.67 -64.05
C VAL I 214 36.70 59.95 -63.07
N ARG I 215 37.44 61.03 -63.28
CA ARG I 215 38.44 61.43 -62.30
C ARG I 215 37.86 62.55 -61.44
N MET I 216 37.93 62.44 -60.11
CA MET I 216 37.38 63.52 -59.29
C MET I 216 38.26 63.96 -58.12
N HIS I 217 38.43 65.28 -58.03
CA HIS I 217 38.99 65.92 -56.86
C HIS I 217 37.88 66.06 -55.80
N THR I 218 38.22 65.79 -54.55
CA THR I 218 37.23 65.59 -53.49
C THR I 218 37.76 65.99 -52.10
N ARG I 219 36.85 66.44 -51.24
CA ARG I 219 37.20 66.72 -49.85
C ARG I 219 36.32 65.90 -48.92
N GLN I 220 36.95 64.99 -48.18
CA GLN I 220 36.21 64.02 -47.38
C GLN I 220 36.71 63.86 -45.94
N THR I 221 35.77 63.59 -45.03
CA THR I 221 36.14 63.32 -43.63
C THR I 221 35.73 61.89 -43.28
N LEU I 222 36.70 61.09 -42.85
CA LEU I 222 36.44 59.67 -42.54
C LEU I 222 36.84 59.30 -41.11
N ALA I 223 35.88 58.73 -40.37
CA ALA I 223 36.13 58.20 -39.04
C ALA I 223 35.73 56.74 -38.96
N ILE I 224 36.71 55.86 -38.74
CA ILE I 224 36.45 54.44 -38.55
C ILE I 224 36.54 54.07 -37.06
N TYR I 225 35.40 53.79 -36.43
CA TYR I 225 35.38 53.25 -35.08
C TYR I 225 35.46 51.73 -35.13
N ASP I 226 36.37 51.15 -34.36
CA ASP I 226 36.51 49.69 -34.31
C ASP I 226 35.37 49.05 -33.50
N ARG I 227 35.18 47.74 -33.64
CA ARG I 227 33.97 47.05 -33.17
C ARG I 227 33.64 47.29 -31.68
N PHE I 228 34.62 47.76 -30.92
CA PHE I 228 34.39 48.12 -29.53
C PHE I 228 34.05 49.62 -29.37
N GLY I 229 34.14 50.36 -30.47
CA GLY I 229 33.76 51.76 -30.47
C GLY I 229 34.93 52.74 -30.46
N ARG I 230 36.15 52.21 -30.38
CA ARG I 230 37.34 53.07 -30.36
C ARG I 230 37.90 53.31 -31.77
N LEU I 231 38.33 54.55 -32.00
CA LEU I 231 38.81 54.97 -33.30
C LEU I 231 39.98 54.13 -33.81
N MET I 232 40.08 54.00 -35.13
CA MET I 232 41.20 53.26 -35.72
C MET I 232 41.93 54.06 -36.82
N TYR I 233 41.29 54.26 -37.97
CA TYR I 233 41.98 54.90 -39.09
C TYR I 233 42.08 56.43 -39.08
N GLY I 234 40.97 57.14 -38.87
CA GLY I 234 41.00 58.58 -39.06
C GLY I 234 40.05 59.43 -38.26
N GLN I 235 40.37 60.71 -38.14
CA GLN I 235 39.56 61.67 -37.40
C GLN I 235 38.42 62.18 -38.26
N GLU I 236 37.29 62.48 -37.64
CA GLU I 236 36.12 62.93 -38.39
C GLU I 236 36.08 64.46 -38.54
N ASP I 237 36.98 65.15 -37.83
CA ASP I 237 36.94 66.61 -37.81
C ASP I 237 37.91 67.27 -38.82
N VAL I 238 38.69 66.45 -39.52
CA VAL I 238 39.63 66.93 -40.54
C VAL I 238 39.11 66.68 -41.97
N PRO I 239 38.88 67.77 -42.72
CA PRO I 239 38.46 67.72 -44.12
C PRO I 239 39.63 67.34 -45.02
N ARG I 240 39.92 66.05 -45.11
CA ARG I 240 41.08 65.56 -45.84
C ARG I 240 40.94 65.72 -47.36
N ASP I 241 42.06 66.02 -48.02
CA ASP I 241 42.10 66.23 -49.46
C ASP I 241 42.35 64.94 -50.24
N VAL I 242 41.36 64.51 -51.02
CA VAL I 242 41.41 63.21 -51.69
C VAL I 242 41.22 63.33 -53.22
N LEU I 243 42.08 62.68 -54.00
CA LEU I 243 41.91 62.60 -55.46
C LEU I 243 41.65 61.16 -55.90
N GLU I 244 40.54 60.93 -56.58
CA GLU I 244 40.14 59.56 -56.90
C GLU I 244 40.01 59.29 -58.40
N TYR I 245 40.60 58.21 -58.88
CA TYR I 245 40.29 57.78 -60.22
C TYR I 245 39.15 56.76 -60.08
N VAL I 246 38.13 56.85 -60.93
CA VAL I 246 36.97 55.95 -60.81
C VAL I 246 36.56 55.37 -62.17
N VAL I 247 36.00 54.17 -62.14
CA VAL I 247 35.44 53.55 -63.33
C VAL I 247 34.02 53.08 -63.04
N PHE I 248 33.10 53.46 -63.94
CA PHE I 248 31.70 53.07 -63.84
C PHE I 248 31.40 52.13 -65.01
N GLU I 249 30.38 51.29 -64.86
CA GLU I 249 30.07 50.32 -65.92
C GLU I 249 28.57 50.30 -66.29
N LYS I 250 28.30 49.77 -67.47
CA LYS I 250 26.94 49.65 -67.99
C LYS I 250 26.80 48.41 -68.84
N HIS I 251 25.64 47.76 -68.72
CA HIS I 251 25.28 46.69 -69.63
C HIS I 251 24.36 47.27 -70.70
N LEU I 252 24.72 47.03 -71.96
CA LEU I 252 24.02 47.59 -73.12
C LEU I 252 22.82 46.75 -73.60
N VAL I 253 23.08 45.51 -74.02
CA VAL I 253 22.05 44.59 -74.48
C VAL I 253 20.96 44.38 -73.42
N ASP I 254 21.33 44.60 -72.16
CA ASP I 254 20.40 44.64 -71.04
C ASP I 254 19.25 45.63 -71.31
N PRO I 255 18.01 45.15 -71.19
CA PRO I 255 16.83 46.00 -71.40
C PRO I 255 16.59 47.03 -70.29
N TYR I 256 17.15 46.80 -69.11
CA TYR I 256 16.86 47.61 -67.93
C TYR I 256 17.87 48.71 -67.61
N GLY I 257 18.89 48.87 -68.47
CA GLY I 257 19.72 50.08 -68.49
C GLY I 257 20.44 50.49 -67.21
N SER I 258 21.29 49.61 -66.70
CA SER I 258 21.92 49.84 -65.41
C SER I 258 23.29 50.51 -65.50
N TRP I 259 23.48 51.61 -64.78
CA TRP I 259 24.78 52.27 -64.68
C TRP I 259 25.38 52.15 -63.28
N ARG I 260 26.46 51.37 -63.17
CA ARG I 260 27.03 51.03 -61.87
C ARG I 260 28.48 51.49 -61.67
N MET I 261 28.83 51.76 -60.42
CA MET I 261 30.21 51.98 -60.01
C MET I 261 31.00 50.68 -60.11
N HIS I 262 32.08 50.68 -60.88
CA HIS I 262 32.80 49.44 -61.10
C HIS I 262 34.05 49.32 -60.22
N GLY I 263 35.01 50.23 -60.38
CA GLY I 263 36.21 50.13 -59.58
C GLY I 263 36.89 51.44 -59.27
N LYS I 264 37.70 51.46 -58.23
CA LYS I 264 38.39 52.67 -57.82
C LYS I 264 39.88 52.55 -58.11
N ILE I 265 40.37 53.33 -59.08
CA ILE I 265 41.79 53.28 -59.44
C ILE I 265 42.61 54.37 -58.76
N ILE I 266 43.78 53.92 -58.30
CA ILE I 266 44.79 54.72 -57.63
C ILE I 266 46.07 54.79 -58.47
N PRO I 267 46.49 56.01 -58.84
CA PRO I 267 47.72 56.20 -59.60
C PRO I 267 48.96 55.71 -58.84
N PRO I 268 50.07 55.44 -59.56
CA PRO I 268 51.29 54.95 -58.91
C PRO I 268 51.99 56.00 -58.03
N TRP I 269 51.82 57.28 -58.37
CA TRP I 269 52.44 58.36 -57.61
C TRP I 269 51.49 58.94 -56.56
N ALA I 270 50.32 58.32 -56.42
CA ALA I 270 49.29 58.77 -55.47
C ALA I 270 49.88 58.97 -54.09
N PRO I 271 49.56 60.13 -53.47
CA PRO I 271 50.04 60.48 -52.13
C PRO I 271 49.77 59.38 -51.11
N PRO I 272 50.76 59.09 -50.26
CA PRO I 272 50.65 58.11 -49.17
C PRO I 272 49.43 58.41 -48.28
N LYS I 273 48.78 57.35 -47.80
CA LYS I 273 47.57 57.52 -47.01
C LYS I 273 47.92 57.83 -45.56
N GLN I 274 46.91 58.13 -44.74
CA GLN I 274 47.17 58.55 -43.37
C GLN I 274 47.74 57.39 -42.56
N PRO I 275 48.70 57.69 -41.67
CA PRO I 275 49.29 56.69 -40.77
C PRO I 275 48.29 56.14 -39.74
N ILE I 276 48.40 54.85 -39.47
CA ILE I 276 47.55 54.15 -38.51
C ILE I 276 47.96 54.45 -37.07
N LEU I 277 47.03 54.28 -36.14
CA LEU I 277 47.29 54.53 -34.72
C LEU I 277 48.17 53.46 -34.06
N LYS I 278 47.68 52.23 -34.01
CA LYS I 278 48.38 51.14 -33.32
C LYS I 278 49.69 50.73 -34.00
N THR I 279 50.58 50.18 -33.19
CA THR I 279 51.88 49.70 -33.65
C THR I 279 51.75 48.31 -34.27
N VAL I 280 52.49 48.03 -35.34
CA VAL I 280 52.42 46.74 -36.01
C VAL I 280 53.74 45.98 -35.91
N MET I 281 53.65 44.68 -35.63
CA MET I 281 54.85 43.84 -35.57
C MET I 281 54.86 42.82 -36.71
N ILE I 282 55.85 42.93 -37.58
CA ILE I 282 56.00 42.00 -38.69
C ILE I 282 57.00 40.91 -38.32
N PRO I 283 56.50 39.67 -38.14
CA PRO I 283 57.40 38.56 -37.80
C PRO I 283 58.25 38.15 -39.00
N GLY I 284 59.51 37.80 -38.73
CA GLY I 284 60.40 37.33 -39.77
C GLY I 284 60.14 35.86 -40.05
N PRO I 285 60.83 35.32 -41.07
CA PRO I 285 60.65 33.90 -41.45
C PRO I 285 60.86 32.97 -40.27
N GLN I 286 59.94 32.03 -40.09
CA GLN I 286 59.95 31.12 -38.96
C GLN I 286 61.04 30.05 -39.12
N LEU I 287 61.84 29.89 -38.07
CA LEU I 287 62.93 28.92 -38.08
C LEU I 287 62.54 27.63 -37.39
N LYS I 288 62.72 26.52 -38.10
CA LYS I 288 62.53 25.19 -37.53
C LYS I 288 63.82 24.83 -36.75
N PRO I 289 63.88 23.65 -36.09
CA PRO I 289 65.03 23.35 -35.24
C PRO I 289 66.45 23.45 -35.85
N TRP I 290 66.64 22.90 -37.05
CA TRP I 290 67.97 22.86 -37.66
C TRP I 290 68.24 23.97 -38.69
N GLU I 291 67.25 24.80 -38.96
CA GLU I 291 67.39 25.84 -39.99
C GLU I 291 67.91 27.17 -39.42
N GLU I 292 69.12 27.55 -39.81
CA GLU I 292 69.74 28.81 -39.37
C GLU I 292 69.18 30.04 -40.10
N PHE I 293 69.30 31.20 -39.47
CA PHE I 293 68.84 32.45 -40.08
C PHE I 293 69.88 33.06 -41.01
N GLU I 294 69.42 33.58 -42.14
CA GLU I 294 70.30 34.22 -43.12
C GLU I 294 69.82 35.65 -43.43
N GLU I 295 70.73 36.62 -43.34
CA GLU I 295 70.37 38.04 -43.48
C GLU I 295 70.99 38.72 -44.70
N PRO I 296 70.14 39.16 -45.64
CA PRO I 296 70.56 39.91 -46.83
C PRO I 296 70.86 41.39 -46.53
N GLN I 297 71.66 42.01 -47.40
CA GLN I 297 72.00 43.43 -47.26
C GLN I 297 71.32 44.29 -48.34
N SER J 43 -30.14 -23.03 110.22
CA SER J 43 -31.07 -23.87 109.49
C SER J 43 -30.71 -25.35 109.56
N PRO J 44 -30.93 -25.97 110.75
CA PRO J 44 -30.69 -27.41 110.89
C PRO J 44 -31.74 -28.23 110.11
N TRP J 45 -31.27 -29.22 109.36
CA TRP J 45 -32.18 -30.10 108.63
C TRP J 45 -32.10 -31.53 109.16
N ARG J 46 -33.17 -32.00 109.78
CA ARG J 46 -33.22 -33.38 110.25
C ARG J 46 -33.72 -34.24 109.10
N LEU J 47 -32.87 -35.13 108.63
CA LEU J 47 -33.16 -35.84 107.39
C LEU J 47 -33.77 -37.21 107.65
N LEU J 48 -35.02 -37.36 107.24
CA LEU J 48 -35.73 -38.61 107.40
C LEU J 48 -36.28 -39.13 106.09
N GLY J 49 -35.76 -40.26 105.64
CA GLY J 49 -36.29 -40.93 104.48
C GLY J 49 -37.55 -41.68 104.87
N ALA J 50 -38.34 -42.07 103.89
CA ALA J 50 -39.49 -42.92 104.11
C ALA J 50 -39.74 -43.71 102.84
N LEU J 51 -40.27 -44.92 102.97
CA LEU J 51 -40.46 -45.73 101.77
C LEU J 51 -41.87 -46.29 101.63
N CYS J 52 -42.47 -46.03 100.47
CA CYS J 52 -43.74 -46.63 100.09
C CYS J 52 -43.48 -48.04 99.56
N LEU J 53 -44.07 -49.04 100.22
CA LEU J 53 -43.82 -50.44 99.86
C LEU J 53 -44.93 -50.95 98.97
N GLN J 54 -44.57 -51.41 97.78
CA GLN J 54 -45.57 -51.87 96.83
C GLN J 54 -45.58 -53.39 96.69
N ARG J 55 -46.69 -53.98 97.10
CA ARG J 55 -46.96 -55.40 96.91
C ARG J 55 -47.69 -55.58 95.58
N PRO J 56 -47.12 -56.40 94.69
CA PRO J 56 -47.72 -56.65 93.37
C PRO J 56 -49.04 -57.43 93.44
N PRO J 57 -50.08 -56.95 92.74
CA PRO J 57 -51.34 -57.68 92.60
C PRO J 57 -51.14 -59.03 91.88
N LEU J 58 -51.70 -60.10 92.43
CA LEU J 58 -51.46 -61.45 91.91
C LEU J 58 -52.57 -61.97 91.00
N VAL J 59 -53.76 -62.16 91.56
CA VAL J 59 -54.93 -62.60 90.79
C VAL J 59 -55.64 -61.42 90.10
N THR J 60 -56.20 -61.68 88.92
CA THR J 60 -56.94 -60.67 88.15
C THR J 60 -58.26 -60.25 88.81
N LYS J 61 -58.61 -58.98 88.67
CA LYS J 61 -59.86 -58.46 89.23
C LYS J 61 -61.07 -58.84 88.36
N PRO J 62 -62.26 -58.97 88.99
CA PRO J 62 -63.52 -59.20 88.27
C PRO J 62 -63.97 -57.98 87.46
N LEU J 63 -64.94 -58.15 86.57
CA LEU J 63 -65.35 -57.09 85.65
C LEU J 63 -66.64 -56.35 86.06
N THR J 64 -66.68 -55.05 85.76
CA THR J 64 -67.89 -54.23 85.86
C THR J 64 -68.98 -54.87 84.99
N PRO J 65 -70.27 -54.73 85.39
CA PRO J 65 -71.41 -55.18 84.57
C PRO J 65 -71.32 -54.75 83.10
N LEU J 66 -70.91 -53.51 82.86
CA LEU J 66 -70.75 -53.01 81.49
C LEU J 66 -69.63 -53.74 80.74
N GLN J 67 -68.47 -53.86 81.38
CA GLN J 67 -67.34 -54.60 80.79
C GLN J 67 -67.74 -56.04 80.51
N GLU J 68 -68.68 -56.54 81.30
CA GLU J 68 -69.25 -57.87 81.07
C GLU J 68 -70.06 -57.92 79.79
N GLU J 69 -70.99 -56.97 79.65
CA GLU J 69 -71.82 -56.86 78.45
C GLU J 69 -70.98 -56.69 77.18
N MET J 70 -69.94 -55.86 77.29
CA MET J 70 -69.00 -55.61 76.20
C MET J 70 -68.19 -56.88 75.87
N ALA J 71 -67.79 -57.61 76.92
CA ALA J 71 -67.11 -58.89 76.75
C ALA J 71 -67.99 -59.87 75.98
N ASP J 72 -69.27 -59.92 76.35
CA ASP J 72 -70.26 -60.75 75.65
C ASP J 72 -70.30 -60.40 74.17
N LEU J 73 -70.50 -59.11 73.89
CA LEU J 73 -70.56 -58.60 72.52
C LEU J 73 -69.35 -59.03 71.69
N LEU J 74 -68.16 -58.77 72.23
CA LEU J 74 -66.93 -59.10 71.54
C LEU J 74 -66.75 -60.60 71.36
N GLN J 75 -67.19 -61.40 72.34
CA GLN J 75 -67.14 -62.85 72.21
C GLN J 75 -67.99 -63.33 71.04
N GLN J 76 -69.22 -62.83 70.98
CA GLN J 76 -70.14 -63.16 69.90
C GLN J 76 -69.59 -62.78 68.52
N ILE J 77 -69.14 -61.54 68.38
CA ILE J 77 -68.64 -61.05 67.09
C ILE J 77 -67.35 -61.75 66.68
N GLU J 78 -66.54 -62.13 67.65
CA GLU J 78 -65.28 -62.80 67.36
C GLU J 78 -65.51 -64.26 66.95
N ILE J 79 -66.53 -64.89 67.51
CA ILE J 79 -66.91 -66.24 67.08
C ILE J 79 -67.60 -66.16 65.69
N GLU J 80 -68.19 -65.01 65.39
CA GLU J 80 -68.84 -64.77 64.09
C GLU J 80 -67.87 -64.64 62.90
N ARG J 81 -66.82 -63.83 63.05
CA ARG J 81 -65.84 -63.57 61.98
C ARG J 81 -64.93 -64.77 61.68
N SER J 82 -65.06 -65.81 62.50
CA SER J 82 -64.12 -66.92 62.50
C SER J 82 -64.38 -67.96 61.40
N LEU J 83 -63.37 -68.19 60.58
CA LEU J 83 -63.48 -69.09 59.43
C LEU J 83 -63.10 -70.54 59.78
N TYR J 84 -64.05 -71.43 59.51
CA TYR J 84 -64.01 -72.87 59.82
C TYR J 84 -63.60 -73.20 61.26
N SER J 85 -63.19 -74.44 61.52
CA SER J 85 -62.39 -74.86 62.66
C SER J 85 -61.94 -76.28 62.30
N ASP J 86 -60.88 -76.80 62.89
CA ASP J 86 -60.54 -78.19 62.62
C ASP J 86 -61.55 -79.12 63.26
N HIS J 87 -61.83 -78.85 64.54
CA HIS J 87 -62.81 -79.60 65.31
C HIS J 87 -64.19 -79.50 64.67
N GLU J 88 -64.50 -78.33 64.11
CA GLU J 88 -65.80 -78.09 63.47
C GLU J 88 -65.92 -78.64 62.05
N LEU J 89 -64.85 -78.55 61.26
CA LEU J 89 -64.84 -79.19 59.94
C LEU J 89 -65.03 -80.68 60.13
N ARG J 90 -64.23 -81.26 61.01
CA ARG J 90 -64.29 -82.70 61.25
C ARG J 90 -65.52 -83.11 62.07
N ALA J 91 -66.22 -82.13 62.66
CA ALA J 91 -67.50 -82.39 63.29
C ALA J 91 -68.65 -82.46 62.27
N LEU J 92 -68.72 -81.43 61.42
CA LEU J 92 -69.84 -81.27 60.51
C LEU J 92 -69.74 -82.18 59.28
N ASP J 93 -68.55 -82.23 58.68
CA ASP J 93 -68.34 -83.07 57.51
C ASP J 93 -68.53 -84.55 57.87
N GLU J 94 -68.01 -84.96 59.02
CA GLU J 94 -68.18 -86.33 59.50
C GLU J 94 -69.63 -86.65 59.87
N ALA J 95 -70.29 -85.71 60.54
CA ALA J 95 -71.70 -85.88 60.92
C ALA J 95 -72.61 -86.02 59.70
N GLN J 96 -72.27 -85.30 58.63
CA GLN J 96 -73.05 -85.34 57.38
C GLN J 96 -72.72 -86.53 56.49
N GLN J 97 -71.48 -87.02 56.62
CA GLN J 97 -71.01 -88.20 55.88
C GLN J 97 -71.48 -89.53 56.48
N LEU J 98 -71.62 -89.56 57.80
CA LEU J 98 -72.08 -90.76 58.52
C LEU J 98 -73.55 -91.07 58.22
N ALA J 99 -74.38 -90.02 58.19
CA ALA J 99 -75.79 -90.15 57.83
C ALA J 99 -75.94 -90.67 56.39
N LYS J 100 -75.04 -90.22 55.51
CA LYS J 100 -74.99 -90.66 54.12
C LYS J 100 -74.49 -92.10 53.98
N LYS J 101 -73.65 -92.53 54.91
CA LYS J 101 -73.16 -93.93 54.92
C LYS J 101 -74.23 -94.87 55.48
N LYS J 102 -75.07 -94.35 56.38
CA LYS J 102 -76.16 -95.12 56.97
C LYS J 102 -77.35 -95.27 56.00
N SER J 103 -77.69 -94.19 55.28
CA SER J 103 -78.81 -94.24 54.33
C SER J 103 -78.45 -95.02 53.05
N ASP J 104 -77.17 -95.07 52.73
CA ASP J 104 -76.69 -95.84 51.57
C ASP J 104 -76.68 -97.34 51.88
N LEU J 116 -64.51 -89.18 67.52
CA LEU J 116 -65.13 -88.09 66.76
C LEU J 116 -65.28 -86.85 67.65
N ALA J 117 -66.01 -85.84 67.14
CA ALA J 117 -66.19 -84.56 67.83
C ALA J 117 -66.85 -84.72 69.19
N GLN J 118 -67.84 -85.62 69.25
CA GLN J 118 -68.59 -85.88 70.47
C GLN J 118 -67.70 -86.48 71.57
N ASP J 119 -66.90 -87.49 71.20
CA ASP J 119 -65.94 -88.12 72.11
C ASP J 119 -64.93 -87.11 72.67
N LEU J 120 -64.42 -86.27 71.77
CA LEU J 120 -63.54 -85.18 72.14
C LEU J 120 -64.20 -84.29 73.19
N GLU J 121 -65.41 -83.81 72.88
CA GLU J 121 -66.20 -83.00 73.82
C GLU J 121 -66.35 -83.65 75.20
N ASP J 122 -66.67 -84.94 75.22
CA ASP J 122 -66.83 -85.70 76.46
C ASP J 122 -65.55 -85.74 77.28
N MET J 123 -64.46 -86.14 76.63
CA MET J 123 -63.14 -86.21 77.27
C MET J 123 -62.72 -84.86 77.85
N TRP J 124 -62.98 -83.80 77.09
CA TRP J 124 -62.66 -82.43 77.50
C TRP J 124 -63.47 -82.00 78.72
N GLU J 125 -64.78 -82.28 78.70
CA GLU J 125 -65.66 -81.97 79.82
C GLU J 125 -65.24 -82.67 81.11
N GLN J 126 -65.05 -84.00 81.04
CA GLN J 126 -64.69 -84.77 82.23
C GLN J 126 -63.28 -84.42 82.74
N LYS J 127 -62.35 -84.13 81.83
CA LYS J 127 -61.00 -83.71 82.22
C LYS J 127 -60.97 -82.30 82.82
N PHE J 128 -61.91 -81.45 82.40
CA PHE J 128 -62.01 -80.11 82.98
C PHE J 128 -62.65 -80.18 84.37
N LEU J 129 -63.55 -81.15 84.54
CA LEU J 129 -64.19 -81.39 85.85
C LEU J 129 -63.27 -82.10 86.84
N HIS J 130 -62.31 -82.86 86.33
CA HIS J 130 -61.31 -83.54 87.16
C HIS J 130 -60.33 -82.55 87.80
N PHE J 131 -60.25 -81.36 87.21
CA PHE J 131 -59.30 -80.35 87.65
C PHE J 131 -59.88 -79.40 88.69
N LYS J 132 -59.28 -79.43 89.88
CA LYS J 132 -59.67 -78.54 90.96
C LYS J 132 -58.69 -77.36 91.05
N LEU J 133 -59.23 -76.15 91.19
CA LEU J 133 -58.44 -74.92 91.09
C LEU J 133 -58.30 -74.20 92.43
N GLY J 134 -57.18 -73.49 92.60
CA GLY J 134 -56.93 -72.69 93.78
C GLY J 134 -57.94 -71.57 93.94
N ALA J 135 -58.46 -71.42 95.16
CA ALA J 135 -59.46 -70.40 95.49
C ALA J 135 -58.90 -69.00 95.25
N ARG J 136 -59.73 -68.12 94.69
CA ARG J 136 -59.33 -66.75 94.38
C ARG J 136 -59.27 -65.89 95.64
N LEU J 137 -60.08 -66.22 96.64
CA LEU J 137 -60.07 -65.47 97.89
C LEU J 137 -59.33 -66.25 98.96
N THR J 138 -58.10 -65.79 99.24
CA THR J 138 -57.28 -66.28 100.34
C THR J 138 -57.32 -65.26 101.51
N GLU J 139 -58.11 -64.20 101.33
CA GLU J 139 -58.19 -63.11 102.32
C GLU J 139 -59.47 -63.09 103.14
N ALA J 140 -60.60 -62.91 102.46
CA ALA J 140 -61.91 -62.77 103.10
C ALA J 140 -62.40 -64.09 103.74
N ASP J 141 -61.65 -65.19 103.58
CA ASP J 141 -61.95 -66.39 104.36
C ASP J 141 -61.36 -66.24 105.78
N LYS J 142 -60.15 -65.70 105.84
CA LYS J 142 -59.55 -65.27 107.09
C LYS J 142 -60.33 -64.07 107.61
N LYS J 143 -60.47 -63.06 106.75
CA LYS J 143 -61.31 -61.88 106.99
C LYS J 143 -60.77 -60.97 108.08
N ASP J 144 -59.82 -61.50 108.85
CA ASP J 144 -59.31 -60.80 110.01
C ASP J 144 -57.98 -60.15 109.71
N ASP J 145 -56.98 -60.97 109.37
CA ASP J 145 -55.62 -60.48 109.24
C ASP J 145 -55.59 -59.35 108.23
N ARG J 146 -55.23 -58.17 108.73
CA ARG J 146 -54.86 -57.07 107.88
C ARG J 146 -53.33 -57.05 107.89
N THR J 147 -52.76 -57.93 108.71
CA THR J 147 -51.32 -58.04 108.89
C THR J 147 -50.68 -59.16 108.07
N SER J 148 -51.50 -59.85 107.28
CA SER J 148 -51.00 -60.95 106.46
C SER J 148 -50.58 -60.44 105.08
N LEU J 149 -49.42 -60.87 104.62
CA LEU J 149 -48.90 -60.43 103.32
C LEU J 149 -49.62 -61.15 102.19
N HIS J 150 -50.25 -62.26 102.51
CA HIS J 150 -50.89 -63.11 101.51
C HIS J 150 -52.31 -62.64 101.21
N ARG J 151 -52.75 -61.60 101.94
CA ARG J 151 -54.16 -61.21 101.99
C ARG J 151 -54.85 -60.88 100.64
N LYS J 152 -54.57 -59.70 100.07
CA LYS J 152 -55.31 -59.28 98.87
C LYS J 152 -54.59 -59.66 97.56
N LEU J 153 -55.16 -60.62 96.84
CA LEU J 153 -54.53 -61.15 95.63
C LEU J 153 -54.77 -60.20 94.44
N ASP J 154 -55.95 -59.59 94.40
CA ASP J 154 -56.34 -58.70 93.30
C ASP J 154 -55.70 -57.32 93.36
N ARG J 155 -55.57 -56.76 94.56
CA ARG J 155 -55.09 -55.39 94.72
C ARG J 155 -53.58 -55.27 94.97
N ASN J 156 -53.13 -54.03 95.06
CA ASN J 156 -51.77 -53.71 95.49
C ASN J 156 -51.78 -53.37 96.97
N LEU J 157 -50.78 -53.87 97.69
CA LEU J 157 -50.73 -53.69 99.14
C LEU J 157 -49.50 -52.92 99.61
N ILE J 158 -49.60 -52.35 100.81
CA ILE J 158 -48.55 -51.49 101.34
C ILE J 158 -48.31 -51.79 102.85
N LEU J 159 -47.06 -51.69 103.29
CA LEU J 159 -46.70 -52.02 104.68
C LEU J 159 -46.78 -50.81 105.63
N LEU J 160 -47.26 -51.07 106.84
CA LEU J 160 -47.56 -50.03 107.82
C LEU J 160 -47.30 -50.52 109.25
N VAL J 161 -46.70 -49.67 110.09
CA VAL J 161 -46.20 -50.10 111.41
C VAL J 161 -46.65 -49.20 112.57
N ARG J 162 -46.76 -49.79 113.77
CA ARG J 162 -47.05 -49.02 114.97
C ARG J 162 -45.83 -48.74 115.85
N GLU J 163 -45.63 -47.46 116.19
CA GLU J 163 -44.55 -47.05 117.08
C GLU J 163 -44.96 -46.01 118.13
N LYS J 164 -44.87 -46.34 119.41
CA LYS J 164 -45.12 -45.35 120.45
C LYS J 164 -43.80 -44.90 121.07
N LEU J 165 -43.40 -43.67 120.77
CA LEU J 165 -42.16 -43.12 121.32
C LEU J 165 -42.46 -42.24 122.54
N GLY J 166 -41.40 -41.83 123.23
CA GLY J 166 -41.52 -41.21 124.54
C GLY J 166 -42.45 -40.02 124.60
N ASP J 167 -42.22 -39.06 123.70
CA ASP J 167 -43.04 -37.85 123.64
C ASP J 167 -44.14 -37.93 122.58
N GLN J 168 -44.20 -39.04 121.83
CA GLN J 168 -45.08 -39.04 120.66
C GLN J 168 -45.79 -40.36 120.43
N ASP J 169 -47.05 -40.31 120.04
CA ASP J 169 -47.72 -41.52 119.58
C ASP J 169 -47.67 -41.53 118.04
N ILE J 170 -46.90 -42.46 117.48
CA ILE J 170 -46.62 -42.46 116.03
C ILE J 170 -47.11 -43.70 115.29
N TRP J 171 -47.92 -43.46 114.26
CA TRP J 171 -48.33 -44.51 113.33
C TRP J 171 -47.52 -44.33 112.05
N MET J 172 -46.59 -45.24 111.84
CA MET J 172 -45.54 -45.09 110.84
C MET J 172 -45.71 -45.91 109.56
N LEU J 173 -46.01 -45.22 108.46
CA LEU J 173 -45.72 -45.78 107.15
C LEU J 173 -44.21 -45.64 107.01
N PRO J 174 -43.50 -46.76 106.69
CA PRO J 174 -42.12 -46.92 107.16
C PRO J 174 -41.22 -45.70 106.95
N GLN J 175 -40.57 -45.32 108.05
CA GLN J 175 -39.79 -44.09 108.14
C GLN J 175 -38.35 -44.40 108.48
N SER J 176 -37.45 -43.83 107.68
CA SER J 176 -36.02 -44.06 107.84
C SER J 176 -35.30 -42.76 108.14
N ASP J 177 -34.42 -42.77 109.14
CA ASP J 177 -33.61 -41.59 109.43
C ASP J 177 -32.33 -41.66 108.60
N TRP J 178 -32.19 -40.74 107.64
CA TRP J 178 -31.09 -40.85 106.69
C TRP J 178 -29.99 -39.84 106.98
N GLN J 179 -28.84 -40.38 107.38
CA GLN J 179 -27.63 -39.59 107.56
C GLN J 179 -27.26 -38.91 106.25
N PRO J 180 -26.86 -37.63 106.31
CA PRO J 180 -26.43 -36.85 105.14
C PRO J 180 -25.33 -37.52 104.30
N GLY J 181 -24.54 -38.41 104.92
CA GLY J 181 -23.50 -39.14 104.21
C GLY J 181 -24.07 -40.30 103.39
N GLU J 182 -25.08 -40.97 103.94
CA GLU J 182 -25.80 -42.04 103.24
C GLU J 182 -26.72 -41.49 102.15
N THR J 183 -26.67 -42.10 100.97
CA THR J 183 -27.59 -41.75 99.89
C THR J 183 -29.01 -42.11 100.34
N LEU J 184 -29.98 -41.32 99.88
CA LEU J 184 -31.40 -41.57 100.13
C LEU J 184 -31.79 -43.03 99.84
N ARG J 185 -31.33 -43.49 98.68
CA ARG J 185 -31.39 -44.89 98.26
C ARG J 185 -30.95 -45.90 99.33
N GLN J 186 -29.67 -45.80 99.69
CA GLN J 186 -29.00 -46.67 100.66
C GLN J 186 -29.72 -46.74 102.01
N THR J 187 -30.14 -45.57 102.51
CA THR J 187 -30.87 -45.52 103.79
C THR J 187 -32.24 -46.18 103.68
N ALA J 188 -32.94 -45.86 102.59
CA ALA J 188 -34.22 -46.51 102.31
C ALA J 188 -34.10 -48.04 102.39
N GLU J 189 -33.28 -48.60 101.50
CA GLU J 189 -33.02 -50.05 101.48
C GLU J 189 -32.59 -50.64 102.82
N ARG J 190 -31.61 -50.00 103.46
CA ARG J 190 -31.05 -50.48 104.73
C ARG J 190 -32.11 -50.60 105.82
N THR J 191 -32.87 -49.51 106.02
CA THR J 191 -33.94 -49.48 107.02
C THR J 191 -35.06 -50.47 106.63
N LEU J 192 -35.28 -50.61 105.33
CA LEU J 192 -36.24 -51.58 104.82
C LEU J 192 -35.89 -52.99 105.30
N ALA J 193 -34.74 -53.51 104.87
CA ALA J 193 -34.33 -54.89 105.21
C ALA J 193 -34.18 -55.10 106.73
N THR J 194 -33.67 -54.08 107.42
CA THR J 194 -33.46 -54.10 108.87
C THR J 194 -34.76 -54.19 109.70
N LEU J 195 -35.67 -53.24 109.48
CA LEU J 195 -36.86 -53.10 110.33
C LEU J 195 -37.80 -54.31 110.27
N SER J 196 -38.14 -54.76 109.07
CA SER J 196 -39.09 -55.88 108.89
C SER J 196 -38.52 -57.22 109.32
N GLU J 197 -37.19 -57.28 109.49
CA GLU J 197 -36.48 -58.51 109.86
C GLU J 197 -36.76 -59.62 108.86
N ASN J 198 -36.71 -59.28 107.59
CA ASN J 198 -37.06 -60.21 106.53
C ASN J 198 -35.99 -60.25 105.44
N ASN J 199 -36.00 -61.31 104.63
CA ASN J 199 -35.23 -61.31 103.40
C ASN J 199 -36.12 -60.85 102.27
N MET J 200 -35.86 -59.65 101.77
CA MET J 200 -36.70 -59.08 100.75
C MET J 200 -35.90 -58.76 99.51
N GLU J 201 -36.32 -59.31 98.38
CA GLU J 201 -35.79 -58.88 97.11
C GLU J 201 -36.71 -57.77 96.64
N ALA J 202 -36.20 -56.55 96.68
CA ALA J 202 -37.01 -55.38 96.37
C ALA J 202 -36.46 -54.70 95.12
N LYS J 203 -37.29 -54.66 94.08
CA LYS J 203 -36.92 -54.02 92.84
C LYS J 203 -37.36 -52.58 92.94
N PHE J 204 -36.39 -51.68 93.04
CA PHE J 204 -36.63 -50.25 93.13
C PHE J 204 -36.58 -49.71 91.71
N LEU J 205 -37.51 -48.82 91.39
CA LEU J 205 -37.60 -48.31 90.03
C LEU J 205 -36.38 -47.48 89.61
N GLY J 206 -36.07 -46.45 90.38
CA GLY J 206 -34.98 -45.54 90.06
C GLY J 206 -34.35 -44.81 91.25
N ASN J 207 -33.40 -43.95 90.95
CA ASN J 207 -32.64 -43.17 91.92
C ASN J 207 -33.41 -41.89 92.24
N ALA J 208 -34.59 -41.79 91.65
CA ALA J 208 -35.51 -40.68 91.85
C ALA J 208 -36.56 -41.05 92.91
N PRO J 209 -36.69 -40.18 93.93
CA PRO J 209 -37.64 -40.20 95.05
C PRO J 209 -39.07 -39.75 94.67
N CYS J 210 -40.07 -40.43 95.22
CA CYS J 210 -41.48 -40.22 94.87
C CYS J 210 -42.11 -38.91 95.36
N GLY J 211 -42.04 -38.69 96.67
CA GLY J 211 -42.68 -37.52 97.27
C GLY J 211 -42.01 -37.04 98.54
N HIS J 212 -42.12 -35.74 98.81
CA HIS J 212 -41.32 -35.10 99.86
C HIS J 212 -42.17 -34.17 100.73
N TYR J 213 -42.03 -34.35 102.05
CA TYR J 213 -42.90 -33.72 103.05
C TYR J 213 -42.11 -33.16 104.22
N LYS J 214 -42.44 -31.93 104.62
CA LYS J 214 -41.68 -31.22 105.65
C LYS J 214 -42.47 -31.00 106.94
N PHE J 215 -42.07 -31.66 108.02
CA PHE J 215 -42.56 -31.28 109.34
C PHE J 215 -41.52 -30.36 110.01
N LYS J 216 -41.90 -29.10 110.16
CA LYS J 216 -40.97 -28.03 110.50
C LYS J 216 -41.16 -27.49 111.91
N PHE J 217 -40.09 -27.58 112.71
CA PHE J 217 -40.10 -27.08 114.07
C PHE J 217 -39.38 -25.73 114.15
N LEU J 227 -35.40 -25.50 113.75
CA LEU J 227 -35.28 -26.75 113.02
C LEU J 227 -36.23 -26.76 111.81
N GLY J 228 -35.92 -27.64 110.86
CA GLY J 228 -36.85 -28.03 109.82
C GLY J 228 -36.44 -29.46 109.52
N ALA J 229 -37.39 -30.27 109.07
CA ALA J 229 -37.14 -31.70 108.91
C ALA J 229 -37.92 -32.23 107.71
N LYS J 230 -37.32 -33.18 107.00
CA LYS J 230 -37.87 -33.62 105.72
C LYS J 230 -38.21 -35.11 105.72
N VAL J 231 -39.39 -35.47 105.23
CA VAL J 231 -39.74 -36.87 104.99
C VAL J 231 -39.77 -37.18 103.49
N PHE J 232 -38.79 -37.96 103.04
CA PHE J 232 -38.63 -38.25 101.62
C PHE J 232 -39.12 -39.65 101.28
N PHE J 233 -40.13 -39.73 100.40
CA PHE J 233 -40.79 -40.99 100.13
C PHE J 233 -40.30 -41.64 98.82
N PHE J 234 -40.20 -42.97 98.83
CA PHE J 234 -39.62 -43.70 97.71
C PHE J 234 -40.51 -44.88 97.32
N LYS J 235 -40.21 -45.52 96.20
CA LYS J 235 -40.99 -46.66 95.75
C LYS J 235 -40.16 -47.93 95.67
N ALA J 236 -40.64 -48.96 96.36
CA ALA J 236 -40.05 -50.29 96.27
C ALA J 236 -41.10 -51.28 95.78
N LEU J 237 -40.78 -51.95 94.68
CA LEU J 237 -41.64 -52.99 94.16
C LEU J 237 -41.10 -54.33 94.65
N LEU J 238 -41.83 -54.97 95.57
CA LEU J 238 -41.38 -56.21 96.20
C LEU J 238 -41.46 -57.44 95.29
N LEU J 239 -40.34 -58.15 95.16
CA LEU J 239 -40.30 -59.36 94.34
C LEU J 239 -40.62 -60.61 95.16
N THR J 240 -39.69 -61.02 96.02
CA THR J 240 -39.93 -62.16 96.91
C THR J 240 -39.63 -61.83 98.37
N GLY J 241 -40.68 -61.74 99.18
CA GLY J 241 -40.55 -61.62 100.62
C GLY J 241 -40.26 -62.92 101.36
N ASP J 242 -39.25 -62.91 102.22
CA ASP J 242 -39.08 -63.97 103.20
C ASP J 242 -39.12 -63.36 104.59
N PHE J 243 -40.21 -63.59 105.32
CA PHE J 243 -40.43 -62.88 106.58
C PHE J 243 -40.10 -63.77 107.78
N SER J 244 -39.12 -63.34 108.57
CA SER J 244 -38.70 -64.07 109.76
C SER J 244 -39.57 -63.74 110.99
N GLN J 245 -40.19 -64.77 111.57
CA GLN J 245 -41.03 -64.63 112.77
C GLN J 245 -42.18 -63.64 112.60
N ALA J 246 -43.21 -64.03 111.86
CA ALA J 246 -44.38 -63.18 111.63
C ALA J 246 -45.08 -62.75 112.94
N GLY J 247 -44.77 -63.44 114.03
CA GLY J 247 -45.34 -63.14 115.33
C GLY J 247 -44.48 -62.27 116.24
N LYS J 248 -43.49 -61.58 115.67
CA LYS J 248 -42.66 -60.65 116.44
C LYS J 248 -43.44 -59.35 116.69
N LYS J 249 -43.26 -58.78 117.89
CA LYS J 249 -44.16 -57.77 118.44
C LYS J 249 -44.34 -56.48 117.64
N GLY J 250 -43.36 -56.11 116.81
CA GLY J 250 -43.51 -54.93 115.98
C GLY J 250 -44.76 -55.06 115.14
N HIS J 251 -45.68 -54.11 115.28
CA HIS J 251 -47.02 -54.29 114.70
C HIS J 251 -47.06 -53.75 113.28
N HIS J 252 -47.14 -54.67 112.32
CA HIS J 252 -47.14 -54.28 110.92
C HIS J 252 -48.41 -54.71 110.18
N VAL J 253 -48.95 -53.81 109.37
CA VAL J 253 -50.22 -54.04 108.70
C VAL J 253 -50.06 -54.07 107.18
N TRP J 254 -50.69 -55.05 106.54
CA TRP J 254 -50.67 -55.17 105.09
C TRP J 254 -52.02 -54.72 104.54
N VAL J 255 -51.97 -53.57 103.88
CA VAL J 255 -53.14 -52.70 103.70
C VAL J 255 -53.38 -52.34 102.23
N SER J 256 -54.65 -52.39 101.84
CA SER J 256 -55.08 -52.00 100.51
C SER J 256 -55.32 -50.49 100.44
N LYS J 257 -55.86 -50.01 99.31
CA LYS J 257 -56.18 -48.59 99.16
C LYS J 257 -57.20 -48.10 100.19
N GLU J 258 -58.30 -48.84 100.29
CA GLU J 258 -59.36 -48.50 101.23
C GLU J 258 -58.88 -48.49 102.68
N GLU J 259 -57.99 -49.44 103.00
CA GLU J 259 -57.39 -49.53 104.33
C GLU J 259 -56.36 -48.42 104.57
N LEU J 260 -55.66 -48.03 103.50
CA LEU J 260 -54.63 -46.98 103.59
C LEU J 260 -55.28 -45.64 103.86
N GLY J 261 -56.49 -45.45 103.32
CA GLY J 261 -57.25 -44.25 103.61
C GLY J 261 -57.54 -44.08 105.09
N ASP J 262 -58.01 -45.16 105.71
CA ASP J 262 -58.42 -45.15 107.11
C ASP J 262 -57.27 -45.15 108.12
N TYR J 263 -56.33 -46.08 107.94
CA TYR J 263 -55.29 -46.32 108.93
C TYR J 263 -54.23 -45.21 109.02
N LEU J 264 -54.25 -44.27 108.09
CA LEU J 264 -53.22 -43.24 108.08
C LEU J 264 -53.74 -41.97 108.75
N LYS J 265 -53.27 -41.73 109.97
CA LYS J 265 -53.59 -40.50 110.69
C LYS J 265 -52.86 -39.23 110.18
N PRO J 266 -51.52 -39.28 109.98
CA PRO J 266 -50.84 -38.01 109.67
C PRO J 266 -51.24 -37.43 108.32
N LYS J 267 -51.04 -36.12 108.16
CA LYS J 267 -51.33 -35.44 106.91
C LYS J 267 -50.20 -35.67 105.89
N TYR J 268 -48.98 -35.90 106.39
CA TYR J 268 -47.82 -36.17 105.55
C TYR J 268 -48.03 -37.49 104.80
N LEU J 269 -48.63 -38.46 105.48
CA LEU J 269 -49.05 -39.75 104.90
C LEU J 269 -50.38 -39.66 104.13
N ALA J 270 -51.25 -38.75 104.57
CA ALA J 270 -52.52 -38.48 103.92
C ALA J 270 -52.33 -37.88 102.52
N GLN J 271 -51.17 -37.25 102.31
CA GLN J 271 -50.80 -36.83 100.97
C GLN J 271 -49.85 -37.84 100.29
N VAL J 272 -49.48 -38.88 101.03
CA VAL J 272 -48.72 -40.00 100.46
C VAL J 272 -49.69 -40.95 99.77
N ARG J 273 -50.93 -40.98 100.25
CA ARG J 273 -51.98 -41.69 99.52
C ARG J 273 -52.36 -40.94 98.23
N ARG J 274 -51.82 -39.74 98.05
CA ARG J 274 -52.03 -38.94 96.84
C ARG J 274 -51.15 -39.38 95.67
N PHE J 275 -49.95 -39.89 95.94
CA PHE J 275 -49.13 -40.45 94.86
C PHE J 275 -49.33 -41.98 94.79
N LEU J 276 -50.22 -42.49 95.63
CA LEU J 276 -50.68 -43.89 95.56
C LEU J 276 -51.26 -44.22 94.17
N LEU J 277 -51.00 -45.44 93.70
CA LEU J 277 -51.51 -45.90 92.41
C LEU J 277 -52.79 -46.70 92.62
N ASP J 278 -53.91 -46.15 92.17
CA ASP J 278 -55.24 -46.64 92.55
C ASP J 278 -55.58 -48.03 92.01
N LEU J 279 -55.39 -48.23 90.70
CA LEU J 279 -55.77 -49.45 90.02
C LEU J 279 -57.27 -49.65 90.12
N TYR K 48 -36.93 -12.47 45.44
CA TYR K 48 -35.84 -11.72 44.84
C TYR K 48 -34.97 -11.09 45.91
N ARG K 49 -33.66 -11.33 45.83
CA ARG K 49 -32.73 -10.93 46.89
C ARG K 49 -32.83 -9.49 47.39
N SER K 50 -33.01 -8.53 46.51
CA SER K 50 -32.98 -7.13 46.92
C SER K 50 -34.23 -6.73 47.70
N LYS K 51 -35.36 -7.35 47.39
CA LYS K 51 -36.66 -6.95 47.95
C LYS K 51 -36.82 -7.30 49.43
N PRO K 52 -37.62 -6.50 50.16
CA PRO K 52 -37.83 -6.78 51.59
C PRO K 52 -38.48 -8.14 51.82
N THR K 53 -39.11 -8.69 50.80
CA THR K 53 -39.85 -9.93 50.93
C THR K 53 -39.05 -11.18 50.56
N HIS K 54 -37.74 -11.03 50.38
CA HIS K 54 -36.95 -12.20 50.00
C HIS K 54 -37.02 -13.34 51.00
N GLY K 55 -37.43 -14.51 50.52
CA GLY K 55 -37.55 -15.70 51.35
C GLY K 55 -38.91 -16.00 51.95
N ILE K 56 -39.97 -15.43 51.37
CA ILE K 56 -41.31 -15.84 51.76
C ILE K 56 -41.48 -17.28 51.32
N GLY K 57 -40.80 -17.66 50.24
CA GLY K 57 -40.95 -18.98 49.66
C GLY K 57 -40.17 -20.04 50.41
N ARG K 58 -39.27 -19.58 51.26
CA ARG K 58 -38.36 -20.44 52.02
C ARG K 58 -39.12 -21.51 52.82
N TYR K 59 -38.81 -22.79 52.60
CA TYR K 59 -39.49 -23.84 53.37
C TYR K 59 -38.56 -24.90 53.97
N LYS K 60 -37.69 -25.52 53.16
CA LYS K 60 -37.01 -26.77 53.53
C LYS K 60 -36.39 -26.84 54.93
N HIS K 61 -36.03 -25.71 55.53
CA HIS K 61 -35.59 -25.76 56.91
C HIS K 61 -36.71 -26.19 57.85
N LEU K 62 -37.96 -26.10 57.38
CA LEU K 62 -39.14 -26.49 58.18
C LEU K 62 -39.39 -27.98 58.23
N VAL K 63 -39.11 -28.67 57.13
CA VAL K 63 -39.24 -30.12 57.08
C VAL K 63 -37.91 -30.74 56.72
N LYS K 64 -37.35 -31.53 57.62
CA LYS K 64 -36.00 -32.04 57.37
C LYS K 64 -36.03 -33.47 56.84
N ALA K 65 -35.69 -33.58 55.55
CA ALA K 65 -35.49 -34.84 54.88
C ALA K 65 -34.01 -34.96 54.57
N GLN K 66 -33.33 -35.87 55.27
CA GLN K 66 -31.88 -36.01 55.16
C GLN K 66 -31.50 -37.45 54.82
N VAL K 77 -27.58 -46.01 69.28
CA VAL K 77 -27.29 -44.61 69.51
C VAL K 77 -26.93 -44.36 70.98
N ARG K 78 -26.84 -43.09 71.36
CA ARG K 78 -26.24 -42.72 72.65
C ARG K 78 -27.23 -42.17 73.67
N PRO K 79 -27.32 -42.83 74.83
CA PRO K 79 -27.94 -42.28 76.05
C PRO K 79 -27.07 -41.16 76.66
N ILE K 80 -27.70 -40.05 77.06
CA ILE K 80 -27.00 -38.92 77.67
C ILE K 80 -27.26 -38.83 79.19
N ASN K 81 -26.25 -39.13 79.99
CA ASN K 81 -26.35 -39.00 81.44
C ASN K 81 -25.47 -37.85 81.91
N LEU K 82 -26.10 -36.72 82.25
CA LEU K 82 -25.35 -35.56 82.71
C LEU K 82 -25.37 -35.42 84.22
N GLY K 83 -26.09 -36.30 84.92
CA GLY K 83 -26.17 -36.25 86.38
C GLY K 83 -27.26 -35.40 86.97
N THR K 84 -27.75 -34.47 86.16
CA THR K 84 -28.91 -33.58 86.47
C THR K 84 -29.97 -33.85 85.41
N ASP K 85 -29.67 -33.46 84.18
CA ASP K 85 -30.55 -33.77 83.08
C ASP K 85 -30.10 -35.10 82.49
N TYR K 86 -30.89 -36.12 82.75
CA TYR K 86 -30.54 -37.48 82.39
C TYR K 86 -31.42 -37.94 81.24
N GLU K 87 -30.82 -38.00 80.06
CA GLU K 87 -31.55 -38.43 78.88
C GLU K 87 -31.13 -39.85 78.58
N TYR K 88 -32.00 -40.81 78.80
CA TYR K 88 -31.58 -42.14 78.41
C TYR K 88 -32.25 -42.51 77.11
N GLY K 89 -31.41 -42.59 76.09
CA GLY K 89 -31.87 -42.94 74.77
C GLY K 89 -32.15 -44.42 74.69
N VAL K 90 -32.83 -44.77 73.61
CA VAL K 90 -33.01 -46.14 73.13
C VAL K 90 -33.33 -47.19 74.22
N LEU K 91 -34.52 -47.06 74.81
CA LEU K 91 -35.06 -48.08 75.68
C LEU K 91 -35.90 -49.04 74.84
N ASN K 92 -35.60 -50.32 74.92
CA ASN K 92 -36.35 -51.33 74.18
C ASN K 92 -37.31 -52.07 75.09
N ILE K 93 -38.60 -52.05 74.74
CA ILE K 93 -39.62 -52.75 75.53
C ILE K 93 -40.12 -54.00 74.82
N HIS K 94 -39.89 -55.15 75.45
CA HIS K 94 -40.29 -56.43 74.90
C HIS K 94 -41.57 -56.93 75.56
N LEU K 95 -42.66 -56.95 74.80
CA LEU K 95 -43.89 -57.55 75.30
C LEU K 95 -43.97 -58.98 74.84
N ILE K 96 -43.86 -59.91 75.78
CA ILE K 96 -44.01 -61.32 75.48
C ILE K 96 -45.31 -61.85 76.06
N ALA K 97 -46.27 -62.08 75.17
CA ALA K 97 -47.60 -62.53 75.57
C ALA K 97 -47.96 -63.76 74.76
N TYR K 98 -48.88 -64.56 75.28
CA TYR K 98 -49.24 -65.80 74.60
C TYR K 98 -50.29 -65.67 73.49
N ASP K 99 -51.21 -64.73 73.62
CA ASP K 99 -52.32 -64.59 72.67
C ASP K 99 -52.03 -63.47 71.68
N MET K 100 -52.30 -63.74 70.41
CA MET K 100 -52.12 -62.75 69.35
C MET K 100 -52.95 -61.51 69.64
N ALA K 101 -54.23 -61.74 69.92
CA ALA K 101 -55.16 -60.68 70.29
C ALA K 101 -54.68 -59.92 71.52
N LEU K 102 -54.18 -60.65 72.51
CA LEU K 102 -53.75 -60.02 73.76
C LEU K 102 -52.46 -59.22 73.56
N ALA K 103 -51.49 -59.83 72.90
CA ALA K 103 -50.24 -59.16 72.55
C ALA K 103 -50.50 -57.88 71.75
N GLU K 104 -51.34 -57.97 70.74
CA GLU K 104 -51.74 -56.81 69.94
C GLU K 104 -52.37 -55.75 70.82
N SER K 105 -53.23 -56.18 71.75
CA SER K 105 -53.95 -55.28 72.62
C SER K 105 -53.02 -54.43 73.47
N TYR K 106 -52.11 -55.09 74.20
CA TYR K 106 -51.27 -54.33 75.09
C TYR K 106 -50.14 -53.61 74.36
N ALA K 107 -49.69 -54.16 73.24
CA ALA K 107 -48.71 -53.47 72.41
C ALA K 107 -49.30 -52.14 71.94
N GLN K 108 -50.46 -52.26 71.31
CA GLN K 108 -51.23 -51.11 70.83
C GLN K 108 -51.47 -50.10 71.94
N TYR K 109 -51.75 -50.61 73.14
CA TYR K 109 -52.03 -49.74 74.26
C TYR K 109 -50.79 -48.96 74.71
N VAL K 110 -49.67 -49.66 74.79
CA VAL K 110 -48.39 -49.05 75.12
C VAL K 110 -48.06 -47.94 74.14
N HIS K 111 -48.14 -48.26 72.84
CA HIS K 111 -47.83 -47.30 71.80
C HIS K 111 -48.75 -46.07 71.91
N ASN K 112 -50.05 -46.34 72.03
CA ASN K 112 -51.08 -45.32 72.17
C ASN K 112 -50.80 -44.35 73.31
N LEU K 113 -50.51 -44.91 74.49
CA LEU K 113 -50.16 -44.10 75.65
C LEU K 113 -48.89 -43.28 75.41
N CYS K 114 -47.86 -43.94 74.88
CA CYS K 114 -46.58 -43.30 74.63
C CYS K 114 -46.72 -42.08 73.71
N ASN K 115 -47.65 -42.17 72.77
CA ASN K 115 -47.95 -41.05 71.89
C ASN K 115 -48.47 -39.84 72.68
N HIS K 116 -49.38 -40.11 73.60
CA HIS K 116 -49.97 -39.06 74.44
C HIS K 116 -48.95 -38.45 75.41
N LEU K 117 -48.05 -39.26 75.92
CA LEU K 117 -47.11 -38.82 76.95
C LEU K 117 -46.02 -37.87 76.46
N ALA K 118 -46.00 -37.60 75.15
CA ALA K 118 -45.00 -36.75 74.49
C ALA K 118 -43.66 -37.49 74.35
N ILE K 119 -43.62 -38.72 74.85
CA ILE K 119 -42.47 -39.60 74.71
C ILE K 119 -42.34 -40.13 73.27
N LYS K 120 -41.15 -40.01 72.69
CA LYS K 120 -40.92 -40.39 71.31
C LYS K 120 -40.89 -41.90 71.12
N VAL K 121 -41.74 -42.41 70.24
CA VAL K 121 -41.68 -43.80 69.82
C VAL K 121 -41.19 -43.88 68.39
N GLU K 122 -40.14 -44.66 68.15
CA GLU K 122 -39.59 -44.77 66.80
C GLU K 122 -40.09 -46.00 66.06
N GLU K 123 -39.60 -47.18 66.45
CA GLU K 123 -39.93 -48.36 65.68
C GLU K 123 -40.68 -49.39 66.51
N SER K 124 -41.94 -49.60 66.14
CA SER K 124 -42.75 -50.66 66.71
C SER K 124 -42.84 -51.80 65.71
N TYR K 125 -42.18 -52.91 66.01
CA TYR K 125 -42.18 -54.04 65.11
C TYR K 125 -42.45 -55.35 65.84
N ALA K 126 -42.76 -56.38 65.06
CA ALA K 126 -43.06 -57.71 65.60
C ALA K 126 -41.90 -58.67 65.38
N MET K 127 -41.39 -59.24 66.48
CA MET K 127 -40.30 -60.21 66.42
C MET K 127 -40.81 -61.60 66.01
N PRO K 128 -39.91 -62.46 65.48
CA PRO K 128 -40.35 -63.78 65.00
C PRO K 128 -41.00 -64.64 66.08
N THR K 129 -42.12 -65.26 65.73
CA THR K 129 -42.85 -66.12 66.64
C THR K 129 -42.03 -67.35 67.05
N LYS K 130 -41.91 -67.58 68.35
CA LYS K 130 -41.25 -68.77 68.86
C LYS K 130 -42.29 -69.85 69.10
N THR K 131 -42.27 -70.88 68.26
CA THR K 131 -43.19 -71.99 68.41
C THR K 131 -42.52 -73.10 69.19
N MET K 132 -42.99 -73.31 70.42
CA MET K 132 -42.48 -74.39 71.23
C MET K 132 -43.42 -75.57 71.10
N GLU K 133 -42.95 -76.63 70.46
CA GLU K 133 -43.75 -77.84 70.35
C GLU K 133 -43.54 -78.65 71.62
N VAL K 134 -44.59 -78.81 72.41
CA VAL K 134 -44.46 -79.45 73.71
C VAL K 134 -44.87 -80.91 73.67
N LEU K 135 -43.88 -81.80 73.82
CA LEU K 135 -44.14 -83.22 73.94
C LEU K 135 -44.58 -83.50 75.37
N GLN K 136 -45.80 -84.01 75.52
CA GLN K 136 -46.33 -84.28 76.85
C GLN K 136 -46.08 -85.74 77.20
N LEU K 137 -45.21 -85.95 78.18
CA LEU K 137 -44.80 -87.31 78.54
C LEU K 137 -45.42 -87.77 79.85
N GLN K 138 -46.12 -88.90 79.76
CA GLN K 138 -46.78 -89.51 80.90
C GLN K 138 -45.94 -90.66 81.45
N MET K 144 -47.02 -92.96 76.90
CA MET K 144 -48.07 -92.32 76.13
C MET K 144 -47.69 -90.88 75.77
N PHE K 145 -47.86 -90.52 74.51
CA PHE K 145 -47.44 -89.20 74.01
C PHE K 145 -48.64 -88.30 73.68
N LEU K 146 -48.49 -87.02 73.97
CA LEU K 146 -49.47 -86.02 73.56
C LEU K 146 -48.74 -84.82 72.92
N ASP K 147 -49.27 -84.35 71.80
CA ASP K 147 -48.64 -83.25 71.08
C ASP K 147 -49.55 -82.04 70.98
N ALA K 148 -49.17 -80.98 71.67
CA ALA K 148 -49.90 -79.72 71.65
C ALA K 148 -49.02 -78.63 71.06
N VAL K 149 -49.39 -78.14 69.88
CA VAL K 149 -48.64 -77.04 69.26
C VAL K 149 -48.96 -75.74 70.01
N LEU K 150 -47.91 -74.98 70.32
CA LEU K 150 -48.06 -73.77 71.11
C LEU K 150 -47.36 -72.59 70.46
N THR K 151 -47.86 -71.39 70.74
CA THR K 151 -47.40 -70.20 70.03
C THR K 151 -47.12 -69.01 70.96
N THR K 152 -45.85 -68.58 70.98
CA THR K 152 -45.42 -67.40 71.73
C THR K 152 -45.31 -66.22 70.77
N HIS K 153 -45.87 -65.07 71.16
CA HIS K 153 -45.84 -63.89 70.31
C HIS K 153 -45.10 -62.74 70.98
N GLU K 154 -44.28 -62.03 70.21
CA GLU K 154 -43.50 -60.95 70.77
C GLU K 154 -43.65 -59.68 69.94
N ARG K 155 -43.89 -58.57 70.63
CA ARG K 155 -43.94 -57.27 69.96
C ARG K 155 -42.89 -56.39 70.61
N VAL K 156 -42.42 -55.40 69.87
CA VAL K 156 -41.36 -54.54 70.37
C VAL K 156 -41.79 -53.08 70.22
N VAL K 157 -41.68 -52.33 71.31
CA VAL K 157 -41.89 -50.89 71.26
C VAL K 157 -40.59 -50.18 71.68
N GLN K 158 -39.96 -49.49 70.74
CA GLN K 158 -38.70 -48.81 71.01
C GLN K 158 -38.91 -47.31 71.22
N ILE K 159 -38.71 -46.88 72.46
CA ILE K 159 -38.84 -45.47 72.85
C ILE K 159 -37.47 -44.79 72.91
N SER K 160 -37.28 -43.80 72.03
CA SER K 160 -35.97 -43.20 71.73
C SER K 160 -35.37 -42.31 72.82
N GLY K 161 -36.21 -41.78 73.69
CA GLY K 161 -35.72 -40.95 74.76
C GLY K 161 -36.60 -41.01 75.99
N LEU K 162 -35.98 -40.76 77.13
CA LEU K 162 -36.66 -40.76 78.43
C LEU K 162 -35.82 -40.03 79.49
N SER K 163 -36.46 -39.58 80.57
CA SER K 163 -35.73 -39.03 81.72
C SER K 163 -36.09 -39.84 82.97
N ALA K 164 -35.31 -39.70 84.05
CA ALA K 164 -35.52 -40.49 85.27
C ALA K 164 -36.94 -40.36 85.84
N THR K 165 -37.47 -39.13 85.84
CA THR K 165 -38.79 -38.88 86.43
C THR K 165 -39.92 -39.47 85.59
N PHE K 166 -39.84 -39.27 84.27
CA PHE K 166 -40.82 -39.84 83.35
C PHE K 166 -40.70 -41.36 83.29
N ALA K 167 -39.55 -41.90 83.70
CA ALA K 167 -39.36 -43.35 83.90
C ALA K 167 -40.16 -43.81 85.11
N GLU K 168 -39.94 -43.10 86.22
CA GLU K 168 -40.67 -43.37 87.46
C GLU K 168 -42.17 -43.41 87.19
N ILE K 169 -42.67 -42.39 86.50
CA ILE K 169 -44.07 -42.32 86.09
C ILE K 169 -44.45 -43.48 85.18
N PHE K 170 -43.66 -43.68 84.13
CA PHE K 170 -43.91 -44.68 83.09
C PHE K 170 -44.13 -46.09 83.63
N LEU K 171 -43.20 -46.52 84.47
CA LEU K 171 -43.21 -47.86 85.05
C LEU K 171 -44.53 -48.20 85.74
N GLU K 172 -45.05 -47.26 86.54
CA GLU K 172 -46.32 -47.45 87.25
C GLU K 172 -47.46 -47.82 86.30
N ILE K 173 -47.72 -46.94 85.33
CA ILE K 173 -48.79 -47.15 84.36
C ILE K 173 -48.61 -48.46 83.62
N ILE K 174 -47.36 -48.73 83.24
CA ILE K 174 -47.05 -50.00 82.59
C ILE K 174 -47.49 -51.21 83.42
N HIS K 175 -46.81 -51.44 84.55
CA HIS K 175 -47.00 -52.67 85.31
C HIS K 175 -48.43 -52.79 85.87
N SER K 176 -49.01 -51.65 86.26
CA SER K 176 -50.38 -51.61 86.78
C SER K 176 -51.40 -52.07 85.75
N ASN K 177 -51.25 -51.59 84.53
CA ASN K 177 -52.24 -51.85 83.48
C ASN K 177 -51.96 -53.12 82.71
N LEU K 178 -50.96 -53.88 83.15
CA LEU K 178 -50.68 -55.18 82.55
C LEU K 178 -51.90 -56.07 82.54
N PRO K 179 -52.19 -56.65 81.37
CA PRO K 179 -53.26 -57.65 81.21
C PRO K 179 -52.90 -59.01 81.81
N GLU K 180 -53.90 -59.86 81.97
CA GLU K 180 -53.72 -61.23 82.47
C GLU K 180 -52.89 -62.08 81.49
N GLY K 181 -51.83 -62.68 81.99
CA GLY K 181 -50.93 -63.46 81.15
C GLY K 181 -50.13 -62.63 80.16
N VAL K 182 -49.58 -61.51 80.64
CA VAL K 182 -48.74 -60.61 79.83
C VAL K 182 -47.38 -60.38 80.49
N LYS K 183 -46.30 -60.63 79.76
CA LYS K 183 -44.95 -60.51 80.32
C LYS K 183 -44.16 -59.35 79.69
N LEU K 184 -43.44 -58.63 80.54
CA LEU K 184 -42.75 -57.41 80.14
C LEU K 184 -41.24 -57.48 80.34
N SER K 185 -40.49 -56.99 79.36
CA SER K 185 -39.04 -56.91 79.47
C SER K 185 -38.53 -55.58 78.92
N VAL K 186 -37.89 -54.79 79.80
CA VAL K 186 -37.31 -53.51 79.39
C VAL K 186 -35.81 -53.69 79.23
N ARG K 187 -35.28 -53.24 78.09
CA ARG K 187 -33.87 -53.45 77.77
C ARG K 187 -33.26 -52.22 77.10
N GLU K 188 -32.05 -52.42 76.57
CA GLU K 188 -31.37 -51.38 75.79
C GLU K 188 -31.23 -51.81 74.34
N HIS K 189 -31.05 -50.82 73.47
CA HIS K 189 -31.26 -50.95 72.03
C HIS K 189 -30.46 -52.01 71.30
N THR K 190 -29.39 -52.54 71.91
CA THR K 190 -28.58 -53.52 71.17
C THR K 190 -29.31 -54.84 71.17
N GLU K 191 -29.78 -55.19 69.98
CA GLU K 191 -30.61 -56.36 69.72
C GLU K 191 -30.36 -56.69 68.26
N GLU K 192 -30.53 -57.94 67.88
CA GLU K 192 -30.22 -58.32 66.50
C GLU K 192 -31.27 -59.27 65.93
N ASP K 193 -31.58 -59.08 64.65
CA ASP K 193 -32.69 -59.77 64.02
C ASP K 193 -32.28 -60.38 62.68
N GLU L 34 -53.01 -23.69 -62.25
CA GLU L 34 -54.21 -24.25 -61.63
C GLU L 34 -54.70 -23.37 -60.49
N TYR L 35 -54.83 -22.08 -60.76
CA TYR L 35 -55.26 -21.12 -59.74
C TYR L 35 -56.78 -21.13 -59.55
N PRO L 36 -57.21 -20.97 -58.29
CA PRO L 36 -58.63 -20.81 -57.97
C PRO L 36 -59.21 -19.53 -58.59
N SER L 37 -60.52 -19.51 -58.82
CA SER L 37 -61.19 -18.35 -59.37
C SER L 37 -61.64 -17.40 -58.26
N PHE L 38 -61.32 -16.11 -58.40
CA PHE L 38 -61.70 -15.14 -57.37
C PHE L 38 -62.70 -14.10 -57.93
N VAL L 39 -63.54 -13.58 -57.05
CA VAL L 39 -64.57 -12.61 -57.41
C VAL L 39 -64.38 -11.31 -56.65
N GLU L 40 -64.47 -10.17 -57.35
CA GLU L 40 -64.18 -8.87 -56.75
C GLU L 40 -65.46 -8.05 -56.52
N SER L 41 -65.63 -7.48 -55.33
CA SER L 41 -66.83 -6.72 -54.99
C SER L 41 -66.58 -5.62 -53.95
N VAL L 42 -67.30 -4.50 -54.06
CA VAL L 42 -67.16 -3.39 -53.11
C VAL L 42 -68.26 -3.36 -52.03
N ASP L 43 -69.22 -4.30 -52.12
CA ASP L 43 -70.42 -4.28 -51.29
C ASP L 43 -70.17 -4.56 -49.80
N GLU L 44 -69.29 -5.50 -49.52
CA GLU L 44 -69.07 -5.98 -48.16
C GLU L 44 -67.97 -5.20 -47.46
N TYR L 45 -67.42 -4.20 -48.16
CA TYR L 45 -66.30 -3.43 -47.65
C TYR L 45 -66.65 -2.51 -46.48
N HIS L 46 -67.90 -2.08 -46.38
CA HIS L 46 -68.27 -1.16 -45.31
C HIS L 46 -68.06 -1.79 -43.93
N PHE L 47 -68.15 -3.13 -43.85
CA PHE L 47 -67.86 -3.82 -42.58
C PHE L 47 -66.43 -3.55 -42.13
N VAL L 48 -65.52 -3.51 -43.08
CA VAL L 48 -64.11 -3.25 -42.77
C VAL L 48 -63.90 -1.78 -42.33
N GLU L 49 -64.87 -0.92 -42.60
CA GLU L 49 -64.80 0.43 -42.06
C GLU L 49 -64.96 0.39 -40.54
N ARG L 50 -65.69 -0.61 -40.06
CA ARG L 50 -65.98 -0.73 -38.64
C ARG L 50 -64.74 -1.14 -37.84
N LEU L 51 -63.74 -1.69 -38.52
CA LEU L 51 -62.56 -2.20 -37.84
C LEU L 51 -61.42 -1.20 -37.69
N LEU L 52 -61.50 -0.08 -38.36
CA LEU L 52 -60.44 0.90 -38.28
C LEU L 52 -60.52 1.69 -36.97
N PRO L 53 -59.40 1.72 -36.24
CA PRO L 53 -59.31 2.47 -34.98
C PRO L 53 -59.20 3.97 -35.21
N PRO L 54 -59.79 4.77 -34.30
CA PRO L 54 -59.61 6.23 -34.33
C PRO L 54 -58.23 6.61 -33.80
N ALA L 55 -57.54 7.57 -34.44
CA ALA L 55 -56.27 8.03 -33.90
C ALA L 55 -56.47 9.29 -33.07
N SER L 56 -57.71 9.77 -32.96
CA SER L 56 -58.01 10.93 -32.13
C SER L 56 -59.14 10.62 -31.16
N ILE L 57 -59.08 11.16 -29.95
CA ILE L 57 -60.14 10.92 -28.98
C ILE L 57 -61.36 11.76 -29.34
N PRO L 58 -62.55 11.16 -29.25
CA PRO L 58 -63.80 11.87 -29.55
C PRO L 58 -64.22 12.81 -28.42
N ARG L 59 -64.98 13.88 -28.74
CA ARG L 59 -65.58 14.73 -27.72
C ARG L 59 -66.79 14.03 -27.13
N PRO L 60 -66.95 14.10 -25.80
CA PRO L 60 -68.03 13.35 -25.14
C PRO L 60 -69.41 13.81 -25.59
N PRO L 61 -70.27 12.88 -26.02
CA PRO L 61 -71.62 13.22 -26.51
C PRO L 61 -72.43 13.97 -25.44
N LYS L 62 -73.08 15.07 -25.82
CA LYS L 62 -73.85 15.83 -24.85
C LYS L 62 -75.07 15.04 -24.39
N HIS L 63 -75.33 15.07 -23.08
CA HIS L 63 -76.49 14.38 -22.50
C HIS L 63 -77.51 15.38 -22.01
N GLU L 64 -78.64 14.88 -21.54
CA GLU L 64 -79.63 15.75 -20.93
C GLU L 64 -79.25 16.07 -19.50
N HIS L 65 -78.59 15.14 -18.84
CA HIS L 65 -78.38 15.23 -17.41
C HIS L 65 -76.90 15.21 -17.03
N TYR L 66 -76.51 16.09 -16.12
CA TYR L 66 -75.17 16.04 -15.52
C TYR L 66 -75.29 16.14 -14.00
N PRO L 67 -74.47 15.38 -13.25
CA PRO L 67 -73.44 14.48 -13.75
C PRO L 67 -73.99 13.20 -14.38
N THR L 68 -73.16 12.59 -15.23
CA THR L 68 -73.51 11.38 -15.93
C THR L 68 -73.43 10.20 -14.96
N PRO L 69 -73.93 9.01 -15.36
CA PRO L 69 -73.91 7.84 -14.48
C PRO L 69 -72.55 7.54 -13.84
N SER L 70 -71.47 7.63 -14.60
CA SER L 70 -70.14 7.40 -14.04
C SER L 70 -69.55 8.67 -13.42
N GLY L 71 -70.24 9.80 -13.56
CA GLY L 71 -69.87 10.99 -12.80
C GLY L 71 -69.07 12.06 -13.51
N TRP L 72 -68.93 11.94 -14.82
CA TRP L 72 -68.19 12.93 -15.59
C TRP L 72 -69.01 14.22 -15.79
N GLN L 73 -68.46 15.35 -15.34
CA GLN L 73 -69.15 16.64 -15.46
C GLN L 73 -68.37 17.67 -16.28
N PRO L 74 -68.94 18.16 -17.39
CA PRO L 74 -68.27 19.15 -18.25
C PRO L 74 -68.06 20.50 -17.55
N PRO L 75 -67.10 21.32 -18.05
CA PRO L 75 -66.82 22.67 -17.53
C PRO L 75 -67.91 23.67 -17.93
N ARG L 76 -67.97 24.85 -17.31
CA ARG L 76 -69.08 25.77 -17.56
C ARG L 76 -69.01 26.44 -18.93
N ASP L 77 -70.04 27.21 -19.27
CA ASP L 77 -70.08 27.94 -20.55
C ASP L 77 -69.07 29.09 -20.57
N PRO L 78 -69.12 30.00 -19.57
CA PRO L 78 -67.96 30.88 -19.49
C PRO L 78 -66.89 30.21 -18.63
N ALA L 79 -65.79 30.91 -18.40
CA ALA L 79 -64.77 30.43 -17.48
C ALA L 79 -64.78 31.38 -16.29
N PRO L 80 -64.38 30.89 -15.11
CA PRO L 80 -64.40 31.79 -13.95
C PRO L 80 -63.42 32.96 -14.10
N SER L 81 -63.46 33.89 -13.15
CA SER L 81 -62.67 35.11 -13.22
C SER L 81 -61.40 35.00 -12.39
N LEU L 82 -61.18 33.82 -11.82
CA LEU L 82 -60.00 33.55 -11.01
C LEU L 82 -58.74 33.69 -11.85
N PRO L 83 -57.68 34.25 -11.26
CA PRO L 83 -56.49 34.46 -12.10
C PRO L 83 -55.63 33.20 -12.24
N TYR L 84 -56.30 32.08 -12.47
CA TYR L 84 -55.64 30.84 -12.88
C TYR L 84 -56.67 29.91 -13.49
N PHE L 85 -56.22 29.01 -14.35
CA PHE L 85 -57.13 28.10 -14.99
C PHE L 85 -56.49 26.72 -15.14
N VAL L 86 -57.29 25.70 -14.87
CA VAL L 86 -56.84 24.33 -14.92
C VAL L 86 -57.37 23.63 -16.17
N ARG L 87 -56.46 23.31 -17.09
CA ARG L 87 -56.83 22.60 -18.31
C ARG L 87 -57.15 21.15 -18.00
N ARG L 88 -58.36 20.70 -18.31
CA ARG L 88 -58.67 19.28 -18.13
C ARG L 88 -57.87 18.43 -19.10
N SER L 89 -57.45 17.24 -18.64
CA SER L 89 -56.60 16.34 -19.43
C SER L 89 -57.34 15.83 -20.67
N ARG L 90 -56.59 15.30 -21.62
CA ARG L 90 -57.18 14.96 -22.92
C ARG L 90 -58.24 13.88 -22.90
N MET L 91 -58.48 13.27 -21.75
CA MET L 91 -59.66 12.44 -21.61
C MET L 91 -60.79 13.26 -21.01
N HIS L 92 -60.49 14.54 -20.76
CA HIS L 92 -61.37 15.48 -20.06
C HIS L 92 -61.70 15.04 -18.64
N ASN L 93 -60.66 14.89 -17.81
CA ASN L 93 -60.83 14.75 -16.36
C ASN L 93 -59.90 15.73 -15.67
N ILE L 94 -60.26 16.10 -14.44
CA ILE L 94 -59.45 17.04 -13.70
C ILE L 94 -58.07 16.46 -13.44
N PRO L 95 -57.02 17.20 -13.80
CA PRO L 95 -55.67 16.65 -13.75
C PRO L 95 -55.05 16.65 -12.34
N VAL L 96 -55.63 15.89 -11.43
CA VAL L 96 -55.08 15.73 -10.09
C VAL L 96 -54.69 14.29 -9.83
N TYR L 97 -53.44 14.06 -9.41
CA TYR L 97 -52.93 12.70 -9.30
C TYR L 97 -52.32 12.39 -7.94
N ARG L 98 -52.07 11.10 -7.68
CA ARG L 98 -51.33 10.67 -6.49
C ARG L 98 -49.92 10.24 -6.84
N ASP L 99 -48.97 10.39 -5.92
CA ASP L 99 -47.58 10.03 -6.17
C ASP L 99 -46.89 9.47 -4.92
N ILE L 100 -46.08 8.42 -5.07
CA ILE L 100 -45.39 7.87 -3.90
C ILE L 100 -43.88 7.76 -4.07
N THR L 101 -43.13 8.52 -3.25
CA THR L 101 -41.66 8.48 -3.29
C THR L 101 -41.10 7.66 -2.11
N HIS L 102 -40.01 6.94 -2.34
CA HIS L 102 -39.37 6.15 -1.27
C HIS L 102 -40.33 5.19 -0.60
N GLY L 103 -41.47 4.92 -1.22
CA GLY L 103 -42.40 3.97 -0.67
C GLY L 103 -43.22 4.44 0.53
N ASN L 104 -42.74 5.43 1.27
CA ASN L 104 -43.60 6.05 2.30
C ASN L 104 -44.05 7.50 2.07
N ARG L 105 -43.64 8.15 1.00
CA ARG L 105 -43.95 9.57 0.84
C ARG L 105 -45.15 9.77 -0.06
N GLN L 106 -46.22 10.33 0.51
CA GLN L 106 -47.49 10.43 -0.20
C GLN L 106 -47.80 11.84 -0.66
N MET L 107 -47.94 12.04 -1.97
CA MET L 107 -48.19 13.37 -2.52
C MET L 107 -49.34 13.42 -3.51
N THR L 108 -49.83 14.64 -3.75
CA THR L 108 -50.88 14.89 -4.73
C THR L 108 -50.41 15.98 -5.66
N VAL L 109 -50.43 15.71 -6.96
CA VAL L 109 -49.97 16.68 -7.92
C VAL L 109 -51.14 17.29 -8.70
N ILE L 110 -51.27 18.61 -8.63
CA ILE L 110 -52.19 19.34 -9.49
C ILE L 110 -51.39 19.86 -10.70
N ARG L 111 -51.91 19.62 -11.89
CA ARG L 111 -51.12 19.79 -13.10
C ARG L 111 -51.82 20.69 -14.09
N LYS L 112 -51.11 21.15 -15.12
CA LYS L 112 -51.73 21.98 -16.15
C LYS L 112 -52.40 23.22 -15.57
N VAL L 113 -51.64 24.11 -14.96
CA VAL L 113 -52.22 25.32 -14.45
C VAL L 113 -51.64 26.53 -15.15
N GLU L 114 -52.52 27.30 -15.78
CA GLU L 114 -52.13 28.53 -16.46
C GLU L 114 -52.58 29.72 -15.66
N GLY L 115 -51.64 30.48 -15.12
CA GLY L 115 -52.01 31.70 -14.44
C GLY L 115 -51.07 32.01 -13.30
N ASP L 116 -51.55 32.80 -12.35
CA ASP L 116 -50.81 32.99 -11.12
C ASP L 116 -51.06 31.75 -10.28
N ILE L 117 -50.02 30.97 -10.03
CA ILE L 117 -50.20 29.70 -9.35
C ILE L 117 -50.28 29.95 -7.86
N TRP L 118 -49.62 31.00 -7.40
CA TRP L 118 -49.73 31.43 -6.02
C TRP L 118 -51.18 31.74 -5.66
N ALA L 119 -51.91 32.31 -6.61
CA ALA L 119 -53.34 32.52 -6.47
C ALA L 119 -54.01 31.19 -6.14
N LEU L 120 -53.63 30.14 -6.86
CA LEU L 120 -54.20 28.82 -6.63
C LEU L 120 -53.77 28.25 -5.28
N GLN L 121 -52.52 28.46 -4.93
CA GLN L 121 -51.99 27.92 -3.68
C GLN L 121 -52.66 28.55 -2.46
N LYS L 122 -52.95 29.85 -2.55
CA LYS L 122 -53.70 30.51 -1.49
C LYS L 122 -55.01 29.77 -1.24
N ASP L 123 -55.76 29.58 -2.31
CA ASP L 123 -57.09 28.99 -2.22
C ASP L 123 -57.05 27.54 -1.76
N VAL L 124 -56.12 26.76 -2.32
CA VAL L 124 -55.96 25.35 -1.97
C VAL L 124 -55.57 25.17 -0.51
N GLU L 125 -54.62 25.96 -0.08
CA GLU L 125 -54.17 25.94 1.30
C GLU L 125 -55.32 26.33 2.23
N ASP L 126 -55.98 27.45 1.96
CA ASP L 126 -57.08 27.93 2.79
C ASP L 126 -58.26 26.97 2.86
N PHE L 127 -58.45 26.22 1.78
CA PHE L 127 -59.52 25.25 1.70
C PHE L 127 -59.18 23.95 2.42
N LEU L 128 -57.90 23.59 2.39
CA LEU L 128 -57.46 22.36 3.02
C LEU L 128 -57.23 22.48 4.53
N SER L 129 -56.86 23.68 4.98
CA SER L 129 -56.50 23.95 6.38
C SER L 129 -57.52 23.53 7.47
N PRO L 130 -58.82 23.86 7.29
CA PRO L 130 -59.73 23.51 8.37
C PRO L 130 -59.90 22.00 8.53
N LEU L 131 -59.66 21.26 7.45
CA LEU L 131 -59.73 19.81 7.50
C LEU L 131 -58.52 19.19 8.21
N LEU L 132 -57.33 19.69 7.90
CA LEU L 132 -56.08 19.14 8.46
C LEU L 132 -55.72 19.63 9.85
N GLY L 133 -56.19 20.83 10.22
CA GLY L 133 -55.91 21.40 11.53
C GLY L 133 -54.66 22.26 11.49
N LYS L 134 -53.81 22.00 10.49
CA LYS L 134 -52.62 22.78 10.24
C LYS L 134 -52.53 23.13 8.76
N THR L 135 -51.84 24.22 8.44
CA THR L 135 -51.60 24.61 7.05
C THR L 135 -50.72 23.57 6.32
N PRO L 136 -51.24 23.01 5.23
CA PRO L 136 -50.58 21.92 4.50
C PRO L 136 -49.27 22.37 3.84
N VAL L 137 -48.30 21.45 3.75
CA VAL L 137 -47.02 21.75 3.11
C VAL L 137 -47.18 21.70 1.61
N THR L 138 -46.51 22.59 0.90
CA THR L 138 -46.74 22.72 -0.53
C THR L 138 -45.43 22.94 -1.29
N GLN L 139 -45.34 22.47 -2.52
CA GLN L 139 -44.31 22.99 -3.40
C GLN L 139 -44.92 23.54 -4.67
N VAL L 140 -44.68 24.83 -4.91
CA VAL L 140 -45.14 25.50 -6.12
C VAL L 140 -44.07 25.43 -7.19
N ASN L 141 -44.45 25.05 -8.40
CA ASN L 141 -43.53 25.12 -9.53
C ASN L 141 -44.04 26.01 -10.64
N GLU L 142 -43.41 27.17 -10.81
CA GLU L 142 -43.91 28.15 -11.75
C GLU L 142 -43.52 27.81 -13.18
N VAL L 143 -42.41 27.09 -13.33
CA VAL L 143 -41.93 26.77 -14.67
C VAL L 143 -42.71 25.59 -15.26
N THR L 144 -43.07 24.63 -14.41
CA THR L 144 -43.84 23.48 -14.83
C THR L 144 -45.32 23.81 -14.87
N GLY L 145 -45.73 24.80 -14.08
CA GLY L 145 -47.15 25.07 -13.89
C GLY L 145 -47.78 24.02 -13.00
N THR L 146 -47.05 23.63 -11.94
CA THR L 146 -47.42 22.45 -11.17
C THR L 146 -47.52 22.73 -9.67
N LEU L 147 -48.46 22.07 -8.99
CA LEU L 147 -48.56 22.17 -7.55
C LEU L 147 -48.41 20.81 -6.87
N ARG L 148 -47.57 20.72 -5.85
CA ARG L 148 -47.49 19.50 -5.05
C ARG L 148 -48.01 19.70 -3.63
N VAL L 149 -48.84 18.77 -3.17
CA VAL L 149 -49.38 18.83 -1.82
C VAL L 149 -49.14 17.52 -1.08
N LYS L 150 -48.65 17.61 0.15
CA LYS L 150 -48.26 16.46 0.94
C LYS L 150 -49.46 15.68 1.53
N GLY L 151 -49.56 14.37 1.25
CA GLY L 151 -50.68 13.54 1.67
C GLY L 151 -51.61 13.17 0.51
N TYR L 152 -52.64 12.37 0.74
CA TYR L 152 -53.60 12.10 -0.33
C TYR L 152 -54.86 12.91 -0.15
N PHE L 153 -54.99 13.97 -0.93
CA PHE L 153 -56.19 14.76 -0.96
C PHE L 153 -56.98 14.64 -2.26
N ASP L 154 -56.58 13.68 -3.09
CA ASP L 154 -57.10 13.52 -4.43
C ASP L 154 -58.62 13.63 -4.49
N GLN L 155 -59.28 12.78 -3.72
CA GLN L 155 -60.73 12.73 -3.71
C GLN L 155 -61.34 14.10 -3.42
N GLN L 156 -60.78 14.78 -2.43
CA GLN L 156 -61.32 16.05 -1.97
C GLN L 156 -60.95 17.21 -2.89
N LEU L 157 -59.88 17.04 -3.66
CA LEU L 157 -59.48 18.05 -4.62
C LEU L 157 -60.30 17.99 -5.90
N LYS L 158 -60.64 16.78 -6.35
CA LYS L 158 -61.55 16.66 -7.48
C LYS L 158 -62.84 17.43 -7.21
N ALA L 159 -63.43 17.17 -6.05
CA ALA L 159 -64.71 17.79 -5.70
C ALA L 159 -64.63 19.32 -5.72
N TRP L 160 -63.44 19.84 -5.40
CA TRP L 160 -63.20 21.28 -5.30
C TRP L 160 -63.06 21.95 -6.65
N LEU L 161 -62.26 21.31 -7.51
CA LEU L 161 -62.05 21.83 -8.86
C LEU L 161 -63.25 21.57 -9.77
N LEU L 162 -64.20 20.76 -9.31
CA LEU L 162 -65.50 20.69 -9.97
C LEU L 162 -66.40 21.88 -9.60
N GLU L 163 -66.51 22.17 -8.31
CA GLU L 163 -67.25 23.33 -7.82
C GLU L 163 -66.81 24.60 -8.50
N LYS L 164 -65.50 24.85 -8.51
CA LYS L 164 -65.02 26.09 -9.12
C LYS L 164 -65.22 26.07 -10.64
N GLY L 165 -65.44 24.88 -11.19
CA GLY L 165 -65.79 24.74 -12.59
C GLY L 165 -64.63 24.55 -13.55
N PHE L 166 -63.44 24.34 -13.01
CA PHE L 166 -62.25 24.15 -13.83
C PHE L 166 -62.28 22.80 -14.53
N LEU M 51 -34.04 50.13 -58.68
CA LEU M 51 -33.39 49.50 -57.54
C LEU M 51 -32.71 50.52 -56.64
N VAL M 52 -33.43 50.96 -55.61
CA VAL M 52 -32.92 51.91 -54.62
C VAL M 52 -33.04 51.28 -53.24
N CYS M 53 -32.07 51.54 -52.37
CA CYS M 53 -32.25 51.23 -50.96
C CYS M 53 -32.56 52.51 -50.20
N PRO M 54 -33.80 52.62 -49.69
CA PRO M 54 -34.26 53.79 -48.93
C PRO M 54 -33.44 54.01 -47.65
N PRO M 55 -33.35 55.26 -47.19
CA PRO M 55 -32.63 55.60 -45.95
C PRO M 55 -33.27 54.93 -44.73
N ILE M 56 -32.44 54.48 -43.78
CA ILE M 56 -32.95 53.78 -42.59
C ILE M 56 -33.40 54.76 -41.51
N GLN M 57 -34.55 54.50 -40.89
CA GLN M 57 -35.03 55.33 -39.78
C GLN M 57 -34.33 54.94 -38.46
N SER M 58 -34.16 55.91 -37.58
CA SER M 58 -33.38 55.72 -36.35
C SER M 58 -34.19 55.22 -35.14
N ARG M 59 -35.52 55.17 -35.29
CA ARG M 59 -36.43 54.59 -34.29
C ARG M 59 -36.50 55.35 -32.97
N THR M 60 -35.67 56.37 -32.81
CA THR M 60 -35.79 57.26 -31.67
C THR M 60 -37.19 57.87 -31.73
N TYR M 61 -37.95 57.70 -30.65
CA TYR M 61 -39.36 58.05 -30.68
C TYR M 61 -39.73 59.03 -29.56
N ILE M 62 -40.21 60.20 -29.94
CA ILE M 62 -40.88 61.07 -28.98
C ILE M 62 -42.28 61.35 -29.50
N PRO M 63 -43.29 61.29 -28.61
CA PRO M 63 -44.67 61.56 -29.03
C PRO M 63 -44.97 63.03 -29.35
N PRO M 64 -45.66 63.30 -30.46
CA PRO M 64 -46.12 64.66 -30.80
C PRO M 64 -47.15 65.20 -29.79
N GLU M 65 -47.35 66.51 -29.79
CA GLU M 65 -48.23 67.17 -28.81
C GLU M 65 -49.71 67.00 -29.15
N ASP M 66 -49.97 66.81 -30.45
CA ASP M 66 -51.33 66.79 -31.00
C ASP M 66 -51.94 65.40 -30.97
N LEU M 67 -51.27 64.49 -30.27
CA LEU M 67 -51.64 63.08 -30.20
C LEU M 67 -53.14 62.77 -30.07
N GLN M 68 -53.76 63.22 -28.99
CA GLN M 68 -55.19 63.01 -28.78
C GLN M 68 -56.05 63.34 -30.01
N SER M 69 -55.82 64.51 -30.59
CA SER M 69 -56.58 64.94 -31.76
C SER M 69 -56.23 64.09 -33.00
N ARG M 70 -54.94 63.80 -33.18
CA ARG M 70 -54.49 62.94 -34.28
C ARG M 70 -55.21 61.61 -34.28
N LEU M 71 -54.99 60.89 -33.20
CA LEU M 71 -55.59 59.59 -32.93
C LEU M 71 -57.11 59.58 -32.96
N GLU M 72 -57.75 60.68 -32.54
CA GLU M 72 -59.21 60.73 -32.56
C GLU M 72 -59.71 60.90 -34.00
N SER M 73 -58.97 61.66 -34.80
CA SER M 73 -59.31 61.84 -36.20
C SER M 73 -59.10 60.53 -36.96
N HIS M 74 -58.09 59.79 -36.51
CA HIS M 74 -57.78 58.46 -37.04
C HIS M 74 -58.84 57.44 -36.67
N VAL M 75 -59.38 57.54 -35.46
CA VAL M 75 -60.53 56.74 -35.05
C VAL M 75 -61.73 57.00 -35.96
N LYS M 76 -62.08 58.28 -36.11
CA LYS M 76 -63.21 58.68 -36.94
C LYS M 76 -63.09 58.14 -38.37
N GLU M 77 -61.95 58.44 -39.00
CA GLU M 77 -61.72 58.08 -40.40
C GLU M 77 -61.61 56.56 -40.61
N VAL M 78 -60.95 55.86 -39.68
CA VAL M 78 -60.71 54.43 -39.84
C VAL M 78 -61.94 53.60 -39.56
N PHE M 79 -62.58 53.81 -38.42
CA PHE M 79 -63.67 52.93 -38.02
C PHE M 79 -64.93 53.15 -38.85
N GLY M 80 -64.91 54.22 -39.66
CA GLY M 80 -66.02 54.55 -40.54
C GLY M 80 -67.25 54.85 -39.71
N SER M 81 -67.01 55.29 -38.47
CA SER M 81 -68.05 55.40 -37.48
C SER M 81 -68.16 56.81 -36.94
N SER M 82 -69.38 57.24 -36.67
CA SER M 82 -69.59 58.44 -35.88
C SER M 82 -69.22 58.08 -34.45
N VAL M 83 -68.28 58.82 -33.89
CA VAL M 83 -67.64 58.49 -32.63
C VAL M 83 -68.60 58.47 -31.44
N PRO M 84 -68.65 57.33 -30.72
CA PRO M 84 -69.37 57.27 -29.44
C PRO M 84 -68.64 58.14 -28.39
N SER M 85 -69.38 58.67 -27.43
CA SER M 85 -68.87 59.71 -26.52
C SER M 85 -67.54 59.38 -25.83
N ASN M 86 -67.27 58.09 -25.61
CA ASN M 86 -65.94 57.66 -25.19
C ASN M 86 -65.19 57.04 -26.36
N TRP M 87 -64.23 57.79 -26.88
CA TRP M 87 -63.57 57.44 -28.12
C TRP M 87 -62.29 56.64 -27.89
N GLN M 88 -61.83 56.63 -26.64
CA GLN M 88 -60.60 55.92 -26.31
C GLN M 88 -60.89 54.52 -25.77
N ASP M 89 -62.17 54.23 -25.50
CA ASP M 89 -62.59 52.93 -24.97
C ASP M 89 -63.21 51.97 -25.98
N ILE M 90 -63.32 52.38 -27.24
CA ILE M 90 -63.93 51.53 -28.28
C ILE M 90 -63.07 50.32 -28.63
N SER M 91 -63.72 49.18 -28.80
CA SER M 91 -63.07 47.88 -29.02
C SER M 91 -62.38 47.73 -30.39
N LEU M 92 -61.14 47.23 -30.38
CA LEU M 92 -60.31 47.08 -31.59
C LEU M 92 -60.37 45.69 -32.23
N GLU M 93 -61.28 44.85 -31.73
CA GLU M 93 -61.33 43.42 -32.09
C GLU M 93 -61.38 43.06 -33.58
N ASP M 94 -62.14 43.83 -34.37
CA ASP M 94 -62.28 43.56 -35.80
C ASP M 94 -60.96 43.68 -36.56
N VAL M 95 -60.64 42.65 -37.33
CA VAL M 95 -59.36 42.56 -38.02
C VAL M 95 -59.20 43.63 -39.13
N HIS M 96 -60.29 43.93 -39.84
CA HIS M 96 -60.30 45.00 -40.83
C HIS M 96 -59.93 46.34 -40.18
N LEU M 97 -60.70 46.69 -39.16
CA LEU M 97 -60.49 47.93 -38.43
C LEU M 97 -59.11 47.97 -37.80
N LYS M 98 -58.64 46.82 -37.32
CA LYS M 98 -57.32 46.76 -36.72
C LYS M 98 -56.23 47.09 -37.72
N PHE M 99 -56.23 46.41 -38.87
CA PHE M 99 -55.23 46.66 -39.89
C PHE M 99 -55.27 48.11 -40.37
N SER M 100 -56.48 48.60 -40.64
CA SER M 100 -56.64 49.98 -41.13
C SER M 100 -56.11 51.00 -40.13
N PHE M 101 -56.58 50.86 -38.90
CA PHE M 101 -56.22 51.76 -37.80
C PHE M 101 -54.71 51.79 -37.55
N LEU M 102 -54.12 50.60 -37.44
CA LEU M 102 -52.70 50.51 -37.15
C LEU M 102 -51.81 50.85 -38.34
N ALA M 103 -52.33 50.76 -39.54
CA ALA M 103 -51.59 51.19 -40.72
C ALA M 103 -51.52 52.71 -40.78
N ARG M 104 -52.69 53.36 -40.70
CA ARG M 104 -52.72 54.82 -40.74
C ARG M 104 -51.97 55.40 -39.54
N LEU M 105 -52.04 54.70 -38.41
CA LEU M 105 -51.27 55.09 -37.23
C LEU M 105 -49.80 54.78 -37.39
N ALA M 106 -49.47 53.83 -38.27
CA ALA M 106 -48.08 53.52 -38.58
C ALA M 106 -47.44 54.65 -39.38
N ASN M 107 -48.18 55.19 -40.34
CA ASN M 107 -47.59 56.22 -41.19
C ASN M 107 -47.75 57.65 -40.70
N ASP M 108 -48.68 57.91 -39.77
CA ASP M 108 -48.78 59.24 -39.18
C ASP M 108 -47.66 59.46 -38.15
N LEU M 109 -47.50 58.49 -37.24
CA LEU M 109 -46.59 58.63 -36.13
C LEU M 109 -45.19 58.13 -36.47
N ARG M 110 -45.02 57.65 -37.70
CA ARG M 110 -43.73 57.15 -38.20
C ARG M 110 -43.20 56.02 -37.30
N HIS M 111 -44.09 55.14 -36.89
CA HIS M 111 -43.76 54.11 -35.90
C HIS M 111 -44.49 52.80 -36.18
N ALA M 112 -43.98 51.71 -35.65
CA ALA M 112 -44.64 50.43 -35.80
C ALA M 112 -44.84 49.77 -34.45
N VAL M 113 -46.01 49.18 -34.23
CA VAL M 113 -46.23 48.36 -33.04
C VAL M 113 -45.63 46.98 -33.29
N PRO M 114 -44.64 46.58 -32.49
CA PRO M 114 -43.91 45.33 -32.69
C PRO M 114 -44.80 44.10 -32.54
N ASN M 115 -44.35 42.96 -33.05
CA ASN M 115 -45.18 41.74 -33.15
C ASN M 115 -45.95 41.33 -31.90
N SER M 116 -45.24 40.85 -30.89
CA SER M 116 -45.85 40.34 -29.66
C SER M 116 -46.92 41.26 -29.07
N ARG M 117 -46.61 42.55 -29.07
CA ARG M 117 -47.49 43.58 -28.50
C ARG M 117 -48.92 43.50 -29.03
N LEU M 118 -49.09 42.99 -30.24
CA LEU M 118 -50.40 42.93 -30.86
C LEU M 118 -51.39 42.00 -30.15
N HIS M 119 -50.89 41.19 -29.21
CA HIS M 119 -51.79 40.38 -28.38
C HIS M 119 -52.53 41.24 -27.37
N GLN M 120 -51.90 42.36 -27.00
CA GLN M 120 -52.30 43.17 -25.86
C GLN M 120 -53.19 44.36 -26.19
N MET M 121 -53.44 44.60 -27.47
CA MET M 121 -54.16 45.80 -27.89
C MET M 121 -55.65 45.51 -28.10
N CYS M 122 -56.48 46.06 -27.22
CA CYS M 122 -57.92 45.75 -27.18
C CYS M 122 -58.79 46.99 -27.34
N ARG M 123 -58.68 47.94 -26.41
CA ARG M 123 -59.33 49.22 -26.55
C ARG M 123 -58.35 50.21 -27.16
N VAL M 124 -58.80 51.43 -27.43
CA VAL M 124 -57.92 52.43 -28.02
C VAL M 124 -56.99 53.00 -26.93
N ARG M 125 -57.47 52.95 -25.68
CA ARG M 125 -56.70 53.46 -24.54
C ARG M 125 -55.34 52.79 -24.50
N ASP M 126 -55.29 51.52 -24.91
CA ASP M 126 -54.03 50.79 -25.02
C ASP M 126 -53.08 51.38 -26.05
N VAL M 127 -53.62 51.85 -27.16
CA VAL M 127 -52.81 52.47 -28.19
C VAL M 127 -52.29 53.82 -27.70
N LEU M 128 -53.18 54.60 -27.07
CA LEU M 128 -52.80 55.84 -26.40
C LEU M 128 -51.61 55.63 -25.47
N ASP M 129 -51.73 54.63 -24.61
CA ASP M 129 -50.69 54.36 -23.60
C ASP M 129 -49.40 53.83 -24.21
N PHE M 130 -49.51 53.02 -25.25
CA PHE M 130 -48.34 52.52 -25.96
C PHE M 130 -47.55 53.66 -26.57
N TYR M 131 -48.24 54.52 -27.30
CA TYR M 131 -47.57 55.60 -28.00
C TYR M 131 -47.16 56.75 -27.06
N ASN M 132 -47.71 56.77 -25.86
CA ASN M 132 -47.30 57.78 -24.88
C ASN M 132 -45.99 57.41 -24.17
N VAL M 133 -45.52 56.19 -24.40
CA VAL M 133 -44.26 55.77 -23.79
C VAL M 133 -43.12 55.89 -24.79
N PRO M 134 -42.15 56.77 -24.48
CA PRO M 134 -41.01 57.04 -25.38
C PRO M 134 -40.01 55.90 -25.40
N VAL M 135 -39.32 55.74 -26.52
CA VAL M 135 -38.26 54.74 -26.65
C VAL M 135 -37.03 55.30 -27.36
N GLN M 136 -35.88 55.29 -26.67
CA GLN M 136 -34.64 55.75 -27.30
C GLN M 136 -34.01 54.62 -28.11
N ASP M 137 -33.04 54.95 -28.95
CA ASP M 137 -32.18 53.94 -29.55
C ASP M 137 -30.76 53.93 -28.97
N ARG M 138 -30.46 54.91 -28.11
CA ARG M 138 -29.11 55.06 -27.59
C ARG M 138 -28.84 54.00 -26.54
N SER M 139 -27.73 53.30 -26.68
CA SER M 139 -27.32 52.24 -25.75
C SER M 139 -26.87 52.81 -24.41
N LYS M 140 -26.48 51.92 -23.50
CA LYS M 140 -26.02 52.33 -22.18
C LYS M 140 -24.81 53.26 -22.26
N PHE M 141 -23.95 53.00 -23.24
CA PHE M 141 -22.72 53.78 -23.37
C PHE M 141 -22.97 55.19 -23.94
N ASP M 142 -23.79 55.30 -24.98
CA ASP M 142 -24.11 56.60 -25.55
C ASP M 142 -24.90 57.43 -24.56
N GLU M 143 -25.70 56.76 -23.75
CA GLU M 143 -26.41 57.41 -22.64
C GLU M 143 -25.40 57.89 -21.60
N LEU M 144 -24.32 57.11 -21.45
CA LEU M 144 -23.28 57.43 -20.48
C LEU M 144 -22.45 58.67 -20.87
N ILE M 145 -21.98 58.75 -22.12
CA ILE M 145 -21.23 59.92 -22.54
C ILE M 145 -22.07 61.21 -22.48
N ALA M 146 -23.38 61.06 -22.63
CA ALA M 146 -24.30 62.21 -22.64
C ALA M 146 -24.86 62.56 -21.25
N SER M 147 -24.38 61.86 -20.23
CA SER M 147 -24.91 61.96 -18.88
C SER M 147 -24.19 62.99 -17.99
N ASN M 148 -23.31 63.80 -18.58
CA ASN M 148 -22.53 64.81 -17.84
C ASN M 148 -21.57 64.18 -16.82
N LEU M 149 -20.51 63.56 -17.34
CA LEU M 149 -19.49 62.86 -16.54
C LEU M 149 -18.66 63.76 -15.62
N PRO M 150 -18.17 63.18 -14.50
CA PRO M 150 -17.22 63.84 -13.59
C PRO M 150 -15.90 64.08 -14.30
N HIS M 151 -15.15 65.10 -13.89
CA HIS M 151 -13.96 65.46 -14.66
C HIS M 151 -12.82 64.46 -14.50
N ASN M 152 -12.89 63.66 -13.44
CA ASN M 152 -11.82 62.71 -13.16
C ASN M 152 -12.04 61.34 -13.82
N LEU M 153 -13.07 61.24 -14.65
CA LEU M 153 -13.37 60.00 -15.39
C LEU M 153 -13.30 60.19 -16.91
N LYS M 154 -12.39 59.46 -17.55
CA LYS M 154 -12.14 59.63 -18.97
C LYS M 154 -12.36 58.33 -19.75
N ILE M 155 -13.36 58.31 -20.63
CA ILE M 155 -13.66 57.10 -21.40
C ILE M 155 -13.33 57.22 -22.90
N THR M 156 -12.79 56.14 -23.45
CA THR M 156 -12.44 56.03 -24.86
C THR M 156 -13.29 54.92 -25.51
N TRP M 157 -13.48 54.98 -26.82
CA TRP M 157 -14.16 53.90 -27.54
C TRP M 157 -13.16 53.08 -28.35
N GLY M 158 -13.24 51.76 -28.23
CA GLY M 158 -12.27 50.88 -28.87
C GLY M 158 -12.79 50.12 -30.08
N TYR M 159 -13.94 50.54 -30.60
CA TYR M 159 -14.55 49.91 -31.77
C TYR M 159 -14.80 50.92 -32.88
N PHE N 32 8.00 18.16 -20.02
CA PHE N 32 7.01 19.19 -19.78
C PHE N 32 7.42 20.50 -20.50
N HIS N 33 8.34 20.37 -21.45
CA HIS N 33 8.70 21.48 -22.32
C HIS N 33 7.54 21.78 -23.26
N VAL N 34 7.22 23.06 -23.36
CA VAL N 34 6.03 23.51 -24.08
C VAL N 34 6.44 24.33 -25.30
N ARG N 35 5.53 24.45 -26.27
CA ARG N 35 5.75 25.11 -27.55
C ARG N 35 6.21 26.57 -27.45
N VAL N 36 7.32 26.90 -28.11
CA VAL N 36 7.82 28.29 -28.12
C VAL N 36 7.26 29.14 -29.27
N THR N 37 6.64 28.48 -30.25
CA THR N 37 6.08 29.17 -31.41
C THR N 37 4.54 29.11 -31.44
N LEU N 38 3.89 30.25 -31.62
CA LEU N 38 2.44 30.28 -31.77
C LEU N 38 1.96 29.57 -33.04
N PRO N 39 0.88 28.79 -32.92
CA PRO N 39 0.25 28.16 -34.09
C PRO N 39 -0.51 29.17 -34.95
N PRO N 40 -0.80 28.82 -36.21
CA PRO N 40 -1.68 29.73 -36.97
C PRO N 40 -3.09 29.73 -36.37
N ARG N 41 -3.66 30.90 -36.13
CA ARG N 41 -5.02 30.98 -35.57
C ARG N 41 -5.98 30.23 -36.49
N LYS N 42 -6.74 29.30 -35.94
CA LYS N 42 -7.65 28.51 -36.76
C LYS N 42 -8.93 29.29 -37.06
N VAL N 43 -9.17 29.54 -38.34
CA VAL N 43 -10.42 30.20 -38.71
C VAL N 43 -11.45 29.14 -39.08
N VAL N 44 -12.51 29.08 -38.27
CA VAL N 44 -13.66 28.23 -38.57
C VAL N 44 -14.83 29.09 -39.00
N ASP N 45 -15.32 28.88 -40.21
CA ASP N 45 -16.59 29.49 -40.57
C ASP N 45 -17.66 28.48 -40.20
N ARG N 46 -18.50 28.87 -39.24
CA ARG N 46 -19.54 28.00 -38.72
C ARG N 46 -20.72 28.07 -39.67
N TRP N 47 -20.56 28.91 -40.68
CA TRP N 47 -21.56 29.12 -41.71
C TRP N 47 -21.31 28.31 -42.98
N ASN N 48 -20.34 27.40 -42.97
CA ASN N 48 -20.17 26.49 -44.10
C ASN N 48 -21.39 25.58 -44.25
N GLU N 49 -21.54 24.96 -45.42
CA GLU N 49 -22.73 24.17 -45.74
C GLU N 49 -23.12 23.16 -44.66
N LYS N 50 -22.15 22.42 -44.15
CA LYS N 50 -22.43 21.35 -43.20
C LYS N 50 -23.00 21.85 -41.88
N ARG N 51 -22.33 22.80 -41.24
CA ARG N 51 -22.80 23.32 -39.96
C ARG N 51 -24.12 24.08 -40.06
N ALA N 52 -24.34 24.73 -41.20
CA ALA N 52 -25.55 25.53 -41.40
C ALA N 52 -26.78 24.65 -41.70
N MET N 53 -26.55 23.52 -42.35
CA MET N 53 -27.63 22.57 -42.60
C MET N 53 -27.82 21.58 -41.48
N PHE N 54 -27.06 21.70 -40.40
CA PHE N 54 -27.05 20.62 -39.41
C PHE N 54 -28.41 20.45 -38.72
N GLY N 55 -28.87 19.21 -38.67
CA GLY N 55 -30.11 18.91 -37.98
C GLY N 55 -31.33 19.34 -38.76
N VAL N 56 -31.19 19.42 -40.08
CA VAL N 56 -32.25 20.00 -40.90
C VAL N 56 -33.45 19.05 -41.03
N TYR N 57 -33.26 17.77 -41.28
CA TYR N 57 -34.43 16.92 -41.47
C TYR N 57 -34.90 16.16 -40.23
N ASP N 58 -34.33 16.46 -39.08
CA ASP N 58 -34.59 15.72 -37.83
C ASP N 58 -36.04 15.44 -37.45
N ASN N 59 -36.93 16.36 -37.77
CA ASN N 59 -38.31 16.26 -37.34
C ASN N 59 -39.16 15.50 -38.34
N ILE N 60 -38.47 14.89 -39.31
CA ILE N 60 -39.06 14.30 -40.52
C ILE N 60 -40.32 13.49 -40.29
N GLY N 61 -40.36 12.72 -39.22
CA GLY N 61 -41.52 11.91 -38.93
C GLY N 61 -42.72 12.79 -38.60
N ILE N 62 -42.54 13.65 -37.61
CA ILE N 62 -43.60 14.51 -37.11
C ILE N 62 -44.11 15.53 -38.12
N LEU N 63 -43.21 16.35 -38.64
CA LEU N 63 -43.61 17.35 -39.61
C LEU N 63 -43.95 16.70 -40.95
N GLY N 64 -43.51 15.46 -41.12
CA GLY N 64 -43.70 14.75 -42.37
C GLY N 64 -44.78 13.68 -42.44
N ASN N 65 -45.82 13.75 -41.59
CA ASN N 65 -46.96 12.85 -41.75
C ASN N 65 -46.50 11.39 -41.70
N PHE N 66 -46.18 10.88 -40.51
CA PHE N 66 -45.06 9.95 -40.33
C PHE N 66 -44.98 8.86 -41.38
N GLU N 67 -43.87 8.84 -42.11
CA GLU N 67 -43.62 7.84 -43.14
C GLU N 67 -42.23 7.31 -42.93
N LYS N 68 -41.25 8.18 -43.08
CA LYS N 68 -39.88 7.83 -42.77
C LYS N 68 -39.55 8.26 -41.34
N HIS N 69 -39.12 7.32 -40.51
CA HIS N 69 -38.81 7.59 -39.11
C HIS N 69 -37.35 8.02 -38.94
N PRO N 70 -37.05 8.96 -38.01
CA PRO N 70 -35.74 9.62 -37.94
C PRO N 70 -34.54 8.68 -37.92
N LYS N 71 -34.71 7.42 -37.55
CA LYS N 71 -33.68 6.41 -37.71
C LYS N 71 -33.07 6.36 -39.12
N GLU N 72 -33.91 6.62 -40.12
CA GLU N 72 -33.45 6.55 -41.49
C GLU N 72 -32.46 7.65 -41.83
N LEU N 73 -32.35 8.66 -40.97
CA LEU N 73 -31.39 9.70 -41.23
C LEU N 73 -29.97 9.30 -40.84
N ILE N 74 -29.82 8.11 -40.26
CA ILE N 74 -28.52 7.72 -39.68
C ILE N 74 -27.58 7.11 -40.72
N LYS N 75 -26.44 7.76 -40.92
CA LYS N 75 -25.46 7.26 -41.88
C LYS N 75 -24.28 6.71 -41.09
N GLY N 76 -24.10 5.39 -41.08
CA GLY N 76 -23.01 4.81 -40.31
C GLY N 76 -22.72 3.35 -40.59
N PRO N 77 -21.95 2.70 -39.70
CA PRO N 77 -21.67 1.26 -39.78
C PRO N 77 -22.97 0.49 -39.84
N ILE N 78 -23.00 -0.60 -40.61
CA ILE N 78 -24.26 -1.23 -40.99
C ILE N 78 -25.00 -1.95 -39.87
N TRP N 79 -24.32 -2.27 -38.77
CA TRP N 79 -24.99 -2.90 -37.64
C TRP N 79 -25.33 -1.93 -36.50
N LEU N 80 -24.90 -0.68 -36.62
CA LEU N 80 -25.10 0.30 -35.57
C LEU N 80 -26.25 1.28 -35.78
N ARG N 81 -27.01 1.15 -36.85
CA ARG N 81 -27.95 2.21 -37.18
C ARG N 81 -29.17 2.20 -36.28
N GLY N 82 -29.39 3.32 -35.60
CA GLY N 82 -30.56 3.51 -34.75
C GLY N 82 -30.67 2.46 -33.66
N TRP N 83 -29.52 2.03 -33.17
CA TRP N 83 -29.46 0.99 -32.16
C TRP N 83 -28.30 1.29 -31.21
N LYS N 84 -28.39 0.81 -29.98
CA LYS N 84 -27.40 1.15 -28.97
C LYS N 84 -27.03 -0.08 -28.15
N GLY N 85 -25.96 0.00 -27.37
CA GLY N 85 -25.66 -1.04 -26.39
C GLY N 85 -24.30 -0.84 -25.78
N ASN N 86 -24.07 -1.48 -24.64
CA ASN N 86 -22.75 -1.44 -24.00
C ASN N 86 -21.79 -2.30 -24.80
N GLU N 87 -20.54 -2.38 -24.39
CA GLU N 87 -19.51 -2.98 -25.24
C GLU N 87 -19.80 -4.43 -25.65
N LEU N 88 -20.29 -5.23 -24.72
CA LEU N 88 -20.59 -6.63 -24.99
C LEU N 88 -21.68 -6.79 -26.05
N GLN N 89 -22.74 -6.00 -25.92
CA GLN N 89 -23.85 -6.07 -26.86
C GLN N 89 -23.45 -5.60 -28.23
N ARG N 90 -22.66 -4.52 -28.29
CA ARG N 90 -22.10 -4.08 -29.54
C ARG N 90 -21.38 -5.24 -30.21
N CYS N 91 -20.43 -5.84 -29.49
CA CYS N 91 -19.61 -6.87 -30.12
C CYS N 91 -20.42 -8.08 -30.57
N ILE N 92 -21.31 -8.58 -29.74
CA ILE N 92 -22.04 -9.77 -30.12
C ILE N 92 -22.97 -9.44 -31.29
N ARG N 93 -23.53 -8.23 -31.31
CA ARG N 93 -24.37 -7.79 -32.43
C ARG N 93 -23.62 -7.76 -33.75
N LYS N 94 -22.49 -7.06 -33.77
CA LYS N 94 -21.64 -7.03 -34.96
C LYS N 94 -21.32 -8.44 -35.42
N LYS N 95 -21.04 -9.35 -34.48
CA LYS N 95 -20.70 -10.72 -34.90
C LYS N 95 -21.88 -11.42 -35.51
N ARG N 96 -23.09 -11.14 -35.04
CA ARG N 96 -24.24 -11.79 -35.65
C ARG N 96 -24.54 -11.24 -37.04
N MET N 97 -24.44 -9.92 -37.21
CA MET N 97 -24.87 -9.30 -38.48
C MET N 97 -23.84 -9.39 -39.61
N VAL N 98 -22.69 -8.77 -39.41
CA VAL N 98 -21.69 -8.72 -40.46
C VAL N 98 -20.65 -9.81 -40.33
N GLY N 99 -20.85 -10.73 -39.39
CA GLY N 99 -19.83 -11.69 -39.06
C GLY N 99 -19.22 -12.42 -40.24
N ASN N 100 -20.03 -13.07 -41.07
CA ASN N 100 -19.48 -13.90 -42.13
C ASN N 100 -18.83 -13.10 -43.28
N ARG N 101 -18.90 -11.78 -43.22
CA ARG N 101 -18.17 -10.96 -44.18
C ARG N 101 -16.82 -10.49 -43.64
N MET N 102 -16.47 -10.95 -42.44
CA MET N 102 -15.28 -10.45 -41.77
C MET N 102 -13.98 -11.12 -42.24
N PHE N 103 -12.87 -10.39 -42.11
CA PHE N 103 -11.55 -10.97 -42.36
C PHE N 103 -11.18 -11.91 -41.23
N ILE N 104 -10.32 -12.89 -41.51
CA ILE N 104 -9.95 -13.89 -40.51
C ILE N 104 -9.49 -13.29 -39.18
N ASP N 105 -8.62 -12.29 -39.26
CA ASP N 105 -8.02 -11.72 -38.05
C ASP N 105 -9.00 -10.94 -37.18
N ASP N 106 -9.78 -10.06 -37.80
CA ASP N 106 -10.74 -9.26 -37.05
C ASP N 106 -11.86 -10.15 -36.54
N LEU N 107 -12.11 -11.25 -37.22
CA LEU N 107 -13.09 -12.23 -36.76
C LEU N 107 -12.59 -12.92 -35.51
N HIS N 108 -11.32 -13.32 -35.56
CA HIS N 108 -10.74 -13.98 -34.41
C HIS N 108 -10.70 -13.05 -33.20
N ASN N 109 -10.15 -11.86 -33.39
CA ASN N 109 -10.18 -10.86 -32.34
C ASN N 109 -11.57 -10.55 -31.85
N LEU N 110 -12.56 -10.72 -32.72
CA LEU N 110 -13.93 -10.48 -32.31
C LEU N 110 -14.40 -11.59 -31.38
N ASN N 111 -13.98 -12.81 -31.67
CA ASN N 111 -14.31 -13.93 -30.79
C ASN N 111 -13.65 -13.83 -29.44
N LYS N 112 -12.35 -13.54 -29.44
CA LYS N 112 -11.66 -13.36 -28.19
C LYS N 112 -12.26 -12.20 -27.41
N ARG N 113 -12.55 -11.09 -28.07
CA ARG N 113 -13.13 -9.95 -27.35
C ARG N 113 -14.48 -10.30 -26.74
N ILE N 114 -15.30 -11.04 -27.48
CA ILE N 114 -16.61 -11.45 -26.96
C ILE N 114 -16.46 -12.34 -25.74
N SER N 115 -15.48 -13.25 -25.79
CA SER N 115 -15.19 -14.10 -24.64
C SER N 115 -14.76 -13.31 -23.40
N TYR N 116 -13.76 -12.45 -23.57
CA TYR N 116 -13.26 -11.66 -22.47
C TYR N 116 -14.35 -10.82 -21.86
N LEU N 117 -15.10 -10.11 -22.68
CA LEU N 117 -16.13 -9.24 -22.13
C LEU N 117 -17.17 -10.06 -21.42
N TYR N 118 -17.48 -11.22 -21.97
CA TYR N 118 -18.47 -12.12 -21.40
C TYR N 118 -18.12 -12.50 -19.99
N LYS N 119 -16.94 -13.06 -19.79
CA LYS N 119 -16.65 -13.52 -18.45
C LYS N 119 -16.24 -12.37 -17.55
N HIS N 120 -15.92 -11.21 -18.10
CA HIS N 120 -15.67 -10.08 -17.22
C HIS N 120 -16.94 -9.44 -16.71
N PHE N 121 -17.96 -9.36 -17.54
CA PHE N 121 -19.22 -8.79 -17.09
C PHE N 121 -19.92 -9.75 -16.16
N ASN N 122 -19.99 -11.03 -16.53
CA ASN N 122 -20.66 -11.99 -15.68
C ASN N 122 -19.92 -12.32 -14.39
N ARG N 123 -18.63 -12.58 -14.47
CA ARG N 123 -17.94 -13.08 -13.28
C ARG N 123 -17.15 -12.07 -12.45
N HIS N 124 -17.17 -10.79 -12.77
CA HIS N 124 -16.41 -9.84 -11.96
C HIS N 124 -17.19 -8.58 -11.67
N GLY N 125 -16.74 -7.83 -10.67
CA GLY N 125 -17.31 -6.54 -10.38
C GLY N 125 -17.26 -6.32 -8.89
N LYS N 126 -17.67 -5.13 -8.43
CA LYS N 126 -17.91 -4.91 -7.00
C LYS N 126 -19.31 -5.32 -6.54
N TYR N 127 -20.31 -5.24 -7.42
CA TYR N 127 -21.70 -5.27 -6.95
C TYR N 127 -22.48 -6.57 -7.04
N ARG N 128 -21.88 -7.66 -7.50
CA ARG N 128 -22.51 -9.01 -7.54
C ARG N 128 -23.99 -9.07 -7.25
N ALA O 23 -1.97 35.55 36.07
CA ALA O 23 -2.16 34.73 37.26
C ALA O 23 -2.67 35.55 38.42
N GLY O 24 -3.12 34.88 39.45
CA GLY O 24 -3.71 35.55 40.59
C GLY O 24 -5.20 35.71 40.45
N SER O 25 -5.82 34.81 39.70
CA SER O 25 -7.28 34.72 39.62
C SER O 25 -7.92 34.57 40.99
N GLN O 26 -7.22 33.93 41.93
CA GLN O 26 -7.77 33.71 43.27
C GLN O 26 -8.13 35.02 43.97
N TRP O 27 -7.15 35.92 44.01
CA TRP O 27 -7.35 37.23 44.60
C TRP O 27 -8.54 37.90 43.95
N ARG O 28 -8.63 37.76 42.63
CA ARG O 28 -9.70 38.38 41.89
C ARG O 28 -11.05 37.82 42.29
N LEU O 29 -11.11 36.54 42.60
CA LEU O 29 -12.40 35.94 42.93
C LEU O 29 -12.84 36.43 44.30
N GLN O 30 -11.93 36.37 45.27
CA GLN O 30 -12.25 36.85 46.62
C GLN O 30 -12.78 38.28 46.58
N GLN O 31 -12.16 39.09 45.76
CA GLN O 31 -12.54 40.49 45.64
C GLN O 31 -13.86 40.68 44.91
N GLY O 32 -14.35 39.66 44.21
CA GLY O 32 -15.61 39.74 43.49
C GLY O 32 -15.56 40.02 42.00
N PHE O 33 -14.36 40.25 41.46
CA PHE O 33 -14.16 40.46 40.02
C PHE O 33 -14.26 39.16 39.23
N ALA O 34 -13.92 39.22 37.95
CA ALA O 34 -13.86 38.02 37.11
C ALA O 34 -12.52 37.31 37.25
N ALA O 35 -12.52 35.98 37.09
CA ALA O 35 -11.28 35.19 37.09
C ALA O 35 -10.36 35.66 36.00
N ASN O 36 -10.93 35.80 34.82
CA ASN O 36 -10.22 36.34 33.68
C ASN O 36 -10.54 37.81 33.56
N PRO O 37 -9.51 38.68 33.57
CA PRO O 37 -9.77 40.12 33.44
C PRO O 37 -10.49 40.44 32.13
N SER O 38 -10.50 39.51 31.19
CA SER O 38 -11.27 39.65 29.96
C SER O 38 -12.78 39.67 30.22
N GLY O 39 -13.28 38.71 31.00
CA GLY O 39 -14.72 38.62 31.22
C GLY O 39 -15.36 39.74 32.02
N TYR O 40 -16.29 40.43 31.38
CA TYR O 40 -17.30 41.29 32.02
C TYR O 40 -16.76 42.47 32.85
N GLY O 41 -15.45 42.60 33.01
CA GLY O 41 -14.89 43.74 33.71
C GLY O 41 -15.11 45.08 32.99
N PRO O 42 -14.75 46.19 33.65
CA PRO O 42 -14.88 47.54 33.07
C PRO O 42 -14.08 47.65 31.78
N LEU O 43 -12.98 46.90 31.69
CA LEU O 43 -12.14 46.87 30.49
C LEU O 43 -12.90 46.55 29.21
N THR O 44 -13.48 45.36 29.14
CA THR O 44 -14.10 44.90 27.91
C THR O 44 -15.42 45.57 27.55
N GLU O 45 -16.08 46.14 28.54
CA GLU O 45 -17.43 46.63 28.35
C GLU O 45 -17.51 47.97 27.60
N LEU O 46 -16.52 48.82 27.77
CA LEU O 46 -16.64 50.17 27.23
C LEU O 46 -16.28 50.29 25.75
N PRO O 47 -16.99 51.15 25.02
CA PRO O 47 -16.79 51.30 23.57
C PRO O 47 -15.49 52.02 23.21
N ASP O 48 -14.38 51.28 23.12
CA ASP O 48 -13.02 51.86 23.01
C ASP O 48 -12.77 52.99 22.00
N TRP O 49 -13.34 52.96 20.82
CA TRP O 49 -13.05 54.08 19.94
C TRP O 49 -14.27 54.91 19.60
N SER O 50 -14.08 56.23 19.54
CA SER O 50 -15.13 57.17 19.18
C SER O 50 -14.58 58.14 18.11
N TYR O 51 -15.46 58.96 17.53
CA TYR O 51 -15.04 59.99 16.58
C TYR O 51 -14.49 61.25 17.26
N ALA O 52 -13.72 62.04 16.52
CA ALA O 52 -13.23 63.34 16.99
C ALA O 52 -14.37 64.26 17.45
N ASP O 53 -15.44 64.33 16.65
CA ASP O 53 -16.59 65.16 16.97
C ASP O 53 -17.27 64.73 18.28
N GLY O 54 -17.06 63.49 18.66
CA GLY O 54 -17.69 62.92 19.85
C GLY O 54 -18.79 61.95 19.49
N ARG O 55 -19.03 61.78 18.19
CA ARG O 55 -20.04 60.86 17.67
C ARG O 55 -19.86 59.47 18.27
N PRO O 56 -20.96 58.88 18.76
CA PRO O 56 -20.89 57.52 19.29
C PRO O 56 -20.56 56.51 18.20
N ALA O 57 -19.69 55.55 18.50
CA ALA O 57 -19.23 54.55 17.53
C ALA O 57 -20.34 53.57 17.12
N PRO O 58 -20.18 52.90 15.97
CA PRO O 58 -21.04 51.77 15.65
C PRO O 58 -20.75 50.65 16.64
N PRO O 59 -21.80 50.03 17.22
CA PRO O 59 -21.60 49.12 18.37
C PRO O 59 -20.71 47.91 18.01
N MET O 60 -19.89 47.44 18.97
CA MET O 60 -18.98 46.31 18.76
C MET O 60 -19.69 44.97 18.78
N LYS O 61 -19.11 44.00 18.07
CA LYS O 61 -19.74 42.69 17.85
C LYS O 61 -19.66 41.80 19.10
N GLY O 62 -18.51 41.83 19.76
CA GLY O 62 -18.34 41.15 21.04
C GLY O 62 -19.36 41.59 22.08
N GLN O 63 -19.55 42.90 22.19
CA GLN O 63 -20.57 43.44 23.08
C GLN O 63 -21.95 42.96 22.67
N LEU O 64 -22.27 43.15 21.41
CA LEU O 64 -23.57 42.80 20.84
C LEU O 64 -24.00 41.39 21.20
N ARG O 65 -23.23 40.40 20.77
CA ARG O 65 -23.64 39.01 21.00
C ARG O 65 -23.68 38.64 22.50
N ARG O 66 -22.82 39.25 23.32
CA ARG O 66 -22.87 39.03 24.76
C ARG O 66 -24.12 39.60 25.41
N LYS O 67 -24.55 40.78 24.95
CA LYS O 67 -25.82 41.34 25.38
C LYS O 67 -26.96 40.40 25.00
N ALA O 68 -26.84 39.76 23.83
CA ALA O 68 -27.87 38.82 23.39
C ALA O 68 -27.96 37.60 24.30
N GLN O 69 -26.81 37.00 24.58
CA GLN O 69 -26.82 35.76 25.36
C GLN O 69 -27.06 35.98 26.87
N ARG O 70 -26.60 37.10 27.42
CA ARG O 70 -26.92 37.44 28.79
C ARG O 70 -28.42 37.56 28.95
N GLU O 71 -29.05 38.20 27.96
CA GLU O 71 -30.50 38.30 27.95
C GLU O 71 -31.14 36.90 27.89
N LYS O 72 -30.59 36.00 27.08
CA LYS O 72 -31.12 34.62 27.06
C LYS O 72 -31.11 33.99 28.46
N PHE O 73 -29.97 34.12 29.13
CA PHE O 73 -29.81 33.62 30.49
C PHE O 73 -30.83 34.19 31.46
N ALA O 74 -31.01 35.52 31.43
CA ALA O 74 -31.99 36.17 32.30
C ALA O 74 -33.39 35.64 32.04
N ARG O 75 -33.80 35.66 30.77
CA ARG O 75 -35.09 35.14 30.35
C ARG O 75 -35.33 33.76 30.96
N ARG O 76 -34.33 32.89 30.88
CA ARG O 76 -34.48 31.54 31.41
C ARG O 76 -34.52 31.45 32.96
N VAL O 77 -33.78 32.32 33.65
CA VAL O 77 -33.90 32.36 35.12
C VAL O 77 -35.32 32.72 35.53
N VAL O 78 -35.86 33.76 34.89
CA VAL O 78 -37.23 34.16 35.13
C VAL O 78 -38.23 33.02 34.83
N LEU O 79 -38.05 32.36 33.69
CA LEU O 79 -38.93 31.23 33.32
C LEU O 79 -38.94 30.14 34.38
N LEU O 80 -37.75 29.67 34.74
CA LEU O 80 -37.64 28.61 35.75
C LEU O 80 -38.22 29.00 37.11
N SER O 81 -37.83 30.16 37.62
CA SER O 81 -38.33 30.60 38.92
C SER O 81 -39.86 30.66 38.92
N GLN O 82 -40.41 31.27 37.87
CA GLN O 82 -41.85 31.38 37.72
C GLN O 82 -42.54 30.01 37.69
N GLU O 83 -41.97 29.05 36.96
CA GLU O 83 -42.54 27.71 36.86
C GLU O 83 -42.46 26.92 38.16
N MET O 84 -41.46 27.22 38.95
CA MET O 84 -41.33 26.59 40.26
C MET O 84 -42.39 27.11 41.24
N ASP O 85 -42.55 28.43 41.27
CA ASP O 85 -43.60 29.04 42.09
C ASP O 85 -44.99 28.55 41.67
N ALA O 86 -45.19 28.43 40.37
CA ALA O 86 -46.46 27.95 39.83
C ALA O 86 -46.71 26.49 40.23
N GLY O 87 -45.65 25.69 40.20
CA GLY O 87 -45.73 24.31 40.67
C GLY O 87 -46.16 24.20 42.12
N LEU O 88 -45.52 24.98 42.98
CA LEU O 88 -45.85 24.94 44.41
C LEU O 88 -47.27 25.41 44.71
N GLN O 89 -47.66 26.51 44.06
CA GLN O 89 -49.04 26.98 44.12
C GLN O 89 -50.02 25.87 43.75
N ALA O 90 -49.75 25.20 42.63
CA ALA O 90 -50.62 24.11 42.17
C ALA O 90 -50.76 22.98 43.19
N TRP O 91 -49.65 22.55 43.77
CA TRP O 91 -49.68 21.49 44.80
C TRP O 91 -50.50 21.89 46.03
N GLN O 92 -50.22 23.07 46.57
CA GLN O 92 -50.98 23.56 47.73
C GLN O 92 -52.48 23.59 47.44
N LEU O 93 -52.82 24.13 46.27
CA LEU O 93 -54.22 24.20 45.82
C LEU O 93 -54.86 22.82 45.85
N ARG O 94 -54.18 21.85 45.23
CA ARG O 94 -54.63 20.47 45.20
C ARG O 94 -54.87 19.87 46.61
N GLN O 95 -53.96 20.15 47.53
CA GLN O 95 -54.13 19.69 48.91
C GLN O 95 -55.34 20.30 49.60
N GLN O 96 -55.50 21.62 49.50
CA GLN O 96 -56.64 22.30 50.12
C GLN O 96 -57.95 21.75 49.59
N GLU O 97 -57.97 21.51 48.28
CA GLU O 97 -59.14 20.92 47.65
C GLU O 97 -59.43 19.54 48.23
N LYS O 98 -58.39 18.73 48.42
CA LYS O 98 -58.55 17.41 49.03
C LYS O 98 -59.16 17.46 50.45
N LEU O 99 -58.54 18.27 51.31
CA LEU O 99 -59.06 18.51 52.66
C LEU O 99 -60.52 18.98 52.64
N GLN O 100 -60.89 19.70 51.58
CA GLN O 100 -62.26 20.18 51.41
C GLN O 100 -63.24 19.07 50.96
N GLU O 101 -62.75 18.13 50.14
CA GLU O 101 -63.55 16.99 49.72
C GLU O 101 -63.87 16.09 50.91
N GLU O 102 -62.92 16.01 51.83
CA GLU O 102 -63.13 15.26 53.08
C GLU O 102 -64.35 15.74 53.88
N GLU O 103 -64.56 17.05 53.90
CA GLU O 103 -65.74 17.65 54.55
C GLU O 103 -66.99 17.60 53.68
N GLY O 104 -66.80 17.64 52.37
CA GLY O 104 -67.90 17.42 51.43
C GLY O 104 -68.55 16.06 51.66
N LYS O 105 -67.73 15.09 52.05
CA LYS O 105 -68.21 13.79 52.50
C LYS O 105 -69.22 13.87 53.66
N GLN O 106 -68.89 14.65 54.68
CA GLN O 106 -69.77 14.90 55.82
C GLN O 106 -71.06 15.61 55.38
N LYS O 107 -70.92 16.59 54.49
CA LYS O 107 -72.05 17.35 53.98
C LYS O 107 -73.06 16.47 53.23
N ASN O 108 -72.55 15.50 52.46
CA ASN O 108 -73.46 14.65 51.68
C ASN O 108 -74.11 13.47 52.43
N ALA O 109 -73.45 12.99 53.49
CA ALA O 109 -73.84 11.75 54.17
C ALA O 109 -75.26 11.73 54.74
N LEU O 110 -75.88 10.54 54.70
CA LEU O 110 -77.20 10.30 55.27
C LEU O 110 -77.12 10.08 56.80
N LYS O 111 -78.16 10.45 57.53
CA LYS O 111 -78.17 10.33 58.99
C LYS O 111 -78.43 8.91 59.48
N SER O 112 -77.59 8.43 60.39
CA SER O 112 -77.75 7.10 60.95
C SER O 112 -78.89 7.06 61.95
N LYS O 113 -79.88 6.21 61.71
CA LYS O 113 -81.02 6.10 62.61
C LYS O 113 -80.85 4.94 63.58
N GLY O 114 -79.71 4.24 63.47
CA GLY O 114 -79.29 3.28 64.47
C GLY O 114 -78.91 3.99 65.75
N ALA O 115 -79.53 3.59 66.85
CA ALA O 115 -79.25 4.19 68.15
C ALA O 115 -79.45 3.12 69.23
N LEU O 116 -78.67 3.22 70.30
CA LEU O 116 -78.68 2.23 71.37
C LEU O 116 -79.66 2.61 72.48
N ALA P 2 35.20 -3.10 93.71
CA ALA P 2 36.64 -3.04 93.96
C ALA P 2 37.40 -3.93 92.99
N ALA P 3 36.77 -4.21 91.86
CA ALA P 3 37.34 -5.10 90.84
C ALA P 3 38.64 -4.56 90.23
N ALA P 4 38.63 -3.28 89.82
CA ALA P 4 39.75 -2.67 89.13
C ALA P 4 41.04 -2.74 89.94
N LEU P 5 40.91 -2.68 91.27
CA LEU P 5 42.05 -2.77 92.16
C LEU P 5 42.55 -4.21 92.36
N ALA P 6 41.63 -5.14 92.57
CA ALA P 6 41.98 -6.54 92.87
C ALA P 6 42.50 -7.28 91.63
N ARG P 7 42.09 -6.83 90.45
CA ARG P 7 42.58 -7.40 89.19
C ARG P 7 44.06 -7.05 88.93
N LEU P 8 44.55 -6.03 89.63
CA LEU P 8 45.89 -5.52 89.38
C LEU P 8 46.97 -6.11 90.30
N GLY P 9 46.63 -7.09 91.14
CA GLY P 9 47.66 -7.74 91.93
C GLY P 9 48.28 -6.86 93.01
N LEU P 10 47.45 -6.47 93.99
CA LEU P 10 47.81 -5.46 94.99
C LEU P 10 49.05 -5.78 95.84
N ARG P 11 49.66 -6.94 95.62
CA ARG P 11 50.77 -7.45 96.44
C ARG P 11 51.94 -6.48 96.69
N ALA P 12 52.02 -5.40 95.90
CA ALA P 12 53.15 -4.46 95.95
C ALA P 12 53.05 -3.40 97.06
N VAL P 13 51.99 -3.47 97.88
CA VAL P 13 51.75 -2.47 98.91
C VAL P 13 52.33 -2.86 100.29
N LYS P 14 52.87 -1.86 100.99
CA LYS P 14 53.39 -2.03 102.37
C LYS P 14 52.32 -1.77 103.43
N GLN P 15 51.85 -0.52 103.48
CA GLN P 15 50.90 -0.07 104.51
C GLN P 15 49.82 0.85 103.93
N VAL P 16 48.56 0.59 104.26
CA VAL P 16 47.48 1.51 103.87
C VAL P 16 46.73 2.04 105.09
N ARG P 17 46.87 3.34 105.35
CA ARG P 17 46.13 3.96 106.45
C ARG P 17 45.13 4.98 105.91
N VAL P 18 43.89 4.91 106.39
CA VAL P 18 42.86 5.87 105.99
C VAL P 18 42.30 6.64 107.18
N GLN P 19 42.61 7.93 107.25
CA GLN P 19 42.10 8.77 108.33
C GLN P 19 40.87 9.52 107.86
N PHE P 20 39.73 9.39 108.53
CA PHE P 20 38.61 10.22 108.10
C PHE P 20 37.73 10.69 109.26
N CYS P 21 36.93 11.72 108.97
CA CYS P 21 36.09 12.37 109.96
C CYS P 21 34.63 12.30 109.54
N PRO P 22 33.91 11.25 110.02
CA PRO P 22 32.59 10.75 109.60
C PRO P 22 31.43 11.75 109.58
N PHE P 23 31.46 12.78 110.42
CA PHE P 23 30.30 13.66 110.61
C PHE P 23 30.31 14.86 109.67
N GLU P 24 31.41 15.04 108.95
CA GLU P 24 31.48 16.03 107.89
C GLU P 24 30.58 15.62 106.74
N LYS P 25 29.89 16.58 106.15
CA LYS P 25 28.87 16.28 105.14
C LYS P 25 29.47 15.67 103.85
N ASN P 26 30.78 15.82 103.66
CA ASN P 26 31.44 15.43 102.41
C ASN P 26 32.12 14.04 102.39
N VAL P 27 31.94 13.28 103.47
CA VAL P 27 32.68 12.03 103.71
C VAL P 27 32.65 10.93 102.63
N GLU P 28 31.53 10.81 101.91
CA GLU P 28 31.16 9.57 101.21
C GLU P 28 32.29 8.94 100.42
N SER P 29 32.94 9.76 99.59
CA SER P 29 33.99 9.29 98.70
C SER P 29 35.03 8.46 99.43
N THR P 30 35.62 9.04 100.48
CA THR P 30 36.67 8.35 101.22
C THR P 30 36.12 7.03 101.76
N ARG P 31 34.92 7.08 102.36
CA ARG P 31 34.30 5.86 102.88
C ARG P 31 34.20 4.81 101.77
N THR P 32 33.74 5.25 100.59
CA THR P 32 33.58 4.35 99.45
C THR P 32 34.92 3.72 99.15
N PHE P 33 35.96 4.57 99.09
CA PHE P 33 37.32 4.10 98.87
C PHE P 33 37.67 3.02 99.88
N LEU P 34 37.39 3.28 101.15
CA LEU P 34 37.68 2.33 102.22
C LEU P 34 37.06 0.97 101.92
N GLN P 35 35.80 0.98 101.52
CA GLN P 35 35.07 -0.27 101.36
C GLN P 35 35.56 -1.03 100.13
N ALA P 36 36.21 -0.32 99.22
CA ALA P 36 36.83 -0.98 98.06
C ALA P 36 38.22 -1.51 98.41
N VAL P 37 38.83 -0.96 99.46
CA VAL P 37 40.09 -1.48 100.01
C VAL P 37 39.79 -2.66 100.94
N SER P 38 38.64 -2.59 101.61
CA SER P 38 38.25 -3.60 102.59
C SER P 38 37.68 -4.85 101.93
N SER P 39 37.64 -4.86 100.59
CA SER P 39 37.10 -6.01 99.85
C SER P 39 37.95 -7.25 100.11
N GLU P 40 37.34 -8.42 99.93
CA GLU P 40 38.00 -9.68 100.26
C GLU P 40 39.14 -10.04 99.32
N LYS P 41 38.94 -9.86 98.01
CA LYS P 41 39.93 -10.23 97.01
C LYS P 41 41.19 -9.36 97.08
N VAL P 42 40.98 -8.05 97.22
CA VAL P 42 42.06 -7.09 97.38
C VAL P 42 42.98 -7.47 98.56
N ARG P 43 42.37 -7.80 99.70
CA ARG P 43 43.10 -8.19 100.91
C ARG P 43 43.71 -9.60 100.79
N CYS P 44 43.13 -10.42 99.91
CA CYS P 44 43.60 -11.79 99.67
C CYS P 44 44.84 -11.86 98.78
N THR P 45 45.00 -10.85 97.93
CA THR P 45 46.20 -10.78 97.08
C THR P 45 47.50 -10.61 97.88
N ASN P 46 47.51 -9.61 98.75
CA ASN P 46 48.66 -9.32 99.61
C ASN P 46 48.33 -9.51 101.09
N LEU P 47 49.00 -10.48 101.69
CA LEU P 47 48.89 -10.78 103.11
C LEU P 47 49.91 -9.96 103.91
N ASN P 48 50.81 -9.27 103.18
CA ASN P 48 51.78 -8.38 103.79
C ASN P 48 51.26 -6.94 103.94
N CYS P 49 50.15 -6.64 103.26
CA CYS P 49 49.56 -5.32 103.32
C CYS P 49 48.60 -5.22 104.50
N SER P 50 48.86 -4.27 105.40
CA SER P 50 47.97 -3.98 106.52
C SER P 50 47.12 -2.75 106.24
N VAL P 51 45.80 -2.91 106.41
CA VAL P 51 44.85 -1.83 106.22
C VAL P 51 44.31 -1.35 107.56
N ILE P 52 44.67 -0.12 107.92
CA ILE P 52 44.24 0.46 109.19
C ILE P 52 43.29 1.64 108.95
N ALA P 53 42.12 1.56 109.58
CA ALA P 53 41.12 2.62 109.47
C ALA P 53 41.11 3.49 110.72
N ASP P 54 41.58 4.73 110.58
CA ASP P 54 41.61 5.66 111.69
C ASP P 54 40.44 6.63 111.56
N VAL P 55 39.67 6.73 112.65
CA VAL P 55 38.52 7.61 112.66
C VAL P 55 38.67 8.71 113.70
N ARG P 56 38.50 9.96 113.27
CA ARG P 56 38.57 11.09 114.21
C ARG P 56 37.33 11.95 114.06
N HIS P 57 36.73 12.34 115.18
CA HIS P 57 35.58 13.22 115.13
C HIS P 57 35.99 14.69 114.94
N ASP P 58 37.06 15.09 115.64
CA ASP P 58 37.49 16.48 115.69
C ASP P 58 38.29 16.93 114.46
N GLY P 59 38.98 15.99 113.82
CA GLY P 59 39.87 16.28 112.70
C GLY P 59 39.34 17.10 111.53
N SER P 60 38.17 16.72 111.01
CA SER P 60 37.44 17.44 109.94
C SER P 60 38.06 17.30 108.53
N GLU P 61 39.19 16.62 108.42
CA GLU P 61 39.86 16.35 107.13
C GLU P 61 39.98 14.86 106.77
N PRO P 62 39.19 14.38 105.79
CA PRO P 62 39.40 13.04 105.22
C PRO P 62 40.70 12.96 104.40
N CYS P 63 41.49 11.93 104.66
CA CYS P 63 42.81 11.75 104.04
C CYS P 63 43.13 10.26 103.90
N VAL P 64 43.81 9.90 102.81
CA VAL P 64 44.25 8.53 102.59
C VAL P 64 45.76 8.47 102.29
N ASP P 65 46.47 7.64 103.05
CA ASP P 65 47.91 7.50 102.85
C ASP P 65 48.29 6.04 102.57
N VAL P 66 49.11 5.83 101.53
CA VAL P 66 49.56 4.49 101.15
C VAL P 66 51.07 4.44 100.95
N LEU P 67 51.69 3.30 101.26
CA LEU P 67 53.11 3.07 100.99
C LEU P 67 53.27 1.86 100.08
N PHE P 68 54.17 1.91 99.11
CA PHE P 68 54.45 0.68 98.37
C PHE P 68 55.93 0.49 97.96
N GLY P 69 56.23 -0.76 97.63
CA GLY P 69 57.57 -1.36 97.69
C GLY P 69 58.73 -0.75 96.92
N ASP P 70 58.44 0.17 96.01
CA ASP P 70 59.49 0.85 95.27
C ASP P 70 59.94 2.08 96.07
N GLY P 71 59.44 2.21 97.30
CA GLY P 71 59.69 3.35 98.13
C GLY P 71 58.85 4.54 97.69
N HIS P 72 57.56 4.28 97.46
CA HIS P 72 56.64 5.36 97.11
C HIS P 72 55.64 5.62 98.24
N ARG P 73 55.46 6.89 98.59
CA ARG P 73 54.47 7.30 99.57
C ARG P 73 53.40 8.16 98.91
N LEU P 74 52.19 7.61 98.78
CA LEU P 74 51.08 8.27 98.10
C LEU P 74 50.08 8.87 99.08
N ILE P 75 50.03 10.20 99.12
CA ILE P 75 49.06 10.90 99.95
C ILE P 75 47.97 11.54 99.10
N MET P 76 46.73 11.09 99.29
CA MET P 76 45.60 11.70 98.61
C MET P 76 44.70 12.40 99.63
N ARG P 77 44.43 13.67 99.40
CA ARG P 77 43.63 14.43 100.35
C ARG P 77 42.19 14.50 99.87
N GLY P 78 41.33 13.74 100.53
CA GLY P 78 39.92 13.81 100.23
C GLY P 78 39.34 15.11 100.73
N ALA P 79 38.80 15.91 99.81
CA ALA P 79 37.88 16.97 100.19
C ALA P 79 36.70 16.93 99.25
N HIS P 80 36.98 17.36 98.02
CA HIS P 80 36.01 17.31 96.94
C HIS P 80 36.24 16.15 95.94
N LEU P 81 37.26 15.33 96.17
CA LEU P 81 37.59 14.27 95.20
C LEU P 81 36.53 13.15 95.07
N THR P 82 36.21 12.80 93.83
CA THR P 82 35.20 11.76 93.51
C THR P 82 35.70 10.38 93.96
N ALA P 83 34.76 9.50 94.31
CA ALA P 83 35.08 8.15 94.79
C ALA P 83 35.90 7.33 93.79
N GLN P 84 35.43 7.29 92.54
CA GLN P 84 36.07 6.49 91.51
C GLN P 84 37.41 7.10 91.07
N GLU P 85 37.57 8.40 91.26
CA GLU P 85 38.83 9.09 90.94
C GLU P 85 39.98 8.63 91.84
N MET P 86 39.67 8.41 93.11
CA MET P 86 40.68 7.97 94.07
C MET P 86 41.18 6.56 93.72
N LEU P 87 40.23 5.68 93.41
CA LEU P 87 40.55 4.33 93.00
C LEU P 87 41.24 4.30 91.64
N THR P 88 40.92 5.28 90.80
CA THR P 88 41.50 5.40 89.46
C THR P 88 42.97 5.78 89.53
N ALA P 89 43.26 6.87 90.25
CA ALA P 89 44.63 7.34 90.44
C ALA P 89 45.45 6.32 91.23
N PHE P 90 44.77 5.61 92.14
CA PHE P 90 45.41 4.57 92.93
C PHE P 90 45.95 3.44 92.05
N ALA P 91 45.17 3.05 91.05
CA ALA P 91 45.54 1.95 90.17
C ALA P 91 46.72 2.30 89.27
N SER P 92 46.71 3.50 88.70
CA SER P 92 47.79 3.94 87.80
C SER P 92 49.08 4.25 88.58
N HIS P 93 48.94 4.73 89.82
CA HIS P 93 50.11 5.03 90.64
C HIS P 93 50.76 3.78 91.28
N ILE P 94 49.95 2.94 91.94
CA ILE P 94 50.50 1.84 92.77
C ILE P 94 50.81 0.55 91.99
N GLN P 95 50.30 0.42 90.77
CA GLN P 95 50.48 -0.79 89.97
C GLN P 95 51.46 -0.60 88.83
N ALA P 96 51.15 0.33 87.93
CA ALA P 96 52.05 0.66 86.84
C ALA P 96 53.46 1.06 87.33
N ARG P 97 53.57 1.49 88.59
CA ARG P 97 54.88 1.77 89.21
C ARG P 97 55.35 0.69 90.21
N GLY P 98 56.47 0.04 89.89
CA GLY P 98 57.02 -1.01 90.73
C GLY P 98 57.60 -2.14 89.91
N GLY Q 102 -1.02 -30.39 107.13
CA GLY Q 102 0.35 -30.58 107.57
C GLY Q 102 1.21 -29.39 107.23
N PRO Q 103 1.75 -29.36 105.99
CA PRO Q 103 2.61 -28.30 105.47
C PRO Q 103 1.90 -26.97 105.20
N PRO Q 104 2.51 -25.86 105.62
CA PRO Q 104 2.05 -24.53 105.18
C PRO Q 104 2.21 -24.40 103.67
N LYS Q 105 1.13 -24.02 102.98
CA LYS Q 105 1.12 -23.95 101.53
C LYS Q 105 0.61 -22.60 101.05
N LYS Q 106 -0.66 -22.35 101.35
CA LYS Q 106 -1.33 -21.13 100.91
C LYS Q 106 -0.60 -19.87 101.39
N LEU Q 107 -0.36 -18.96 100.46
CA LEU Q 107 0.29 -17.69 100.75
C LEU Q 107 -0.70 -16.71 101.41
N GLU Q 108 -1.96 -16.80 101.02
CA GLU Q 108 -3.02 -15.93 101.52
C GLU Q 108 -3.33 -16.16 103.00
N GLU Q 109 -2.98 -17.35 103.49
CA GLU Q 109 -3.27 -17.72 104.86
C GLU Q 109 -2.29 -17.12 105.87
N LEU Q 110 -1.10 -16.76 105.41
CA LEU Q 110 -0.14 -16.07 106.27
C LEU Q 110 -0.47 -14.57 106.33
N ASP Q 111 -0.21 -13.95 107.47
CA ASP Q 111 -0.54 -12.55 107.70
C ASP Q 111 0.37 -11.60 106.91
N PRO Q 112 -0.20 -10.84 105.96
CA PRO Q 112 0.58 -9.89 105.15
C PRO Q 112 1.29 -8.81 105.97
N GLU Q 113 0.91 -8.66 107.23
CA GLU Q 113 1.54 -7.68 108.13
C GLU Q 113 2.61 -8.31 109.02
N THR Q 114 2.82 -9.62 108.87
CA THR Q 114 3.84 -10.37 109.59
C THR Q 114 5.14 -10.48 108.78
N ARG Q 115 6.29 -10.37 109.46
CA ARG Q 115 7.60 -10.44 108.80
C ARG Q 115 7.82 -11.73 107.99
N GLU Q 116 7.16 -12.82 108.37
CA GLU Q 116 7.43 -14.10 107.71
C GLU Q 116 6.48 -14.40 106.55
N TYR Q 117 5.61 -13.45 106.25
CA TYR Q 117 4.75 -13.55 105.06
C TYR Q 117 5.54 -13.24 103.80
N TRP Q 118 6.40 -12.23 103.91
CA TRP Q 118 7.11 -11.69 102.75
C TRP Q 118 8.18 -12.65 102.28
N ARG Q 119 8.54 -13.62 103.13
CA ARG Q 119 9.45 -14.69 102.72
C ARG Q 119 8.96 -15.44 101.49
N LEU Q 120 7.67 -15.83 101.52
CA LEU Q 120 7.06 -16.55 100.41
C LEU Q 120 6.95 -15.69 99.15
N LEU Q 121 6.67 -14.40 99.34
CA LEU Q 121 6.60 -13.47 98.22
C LEU Q 121 7.98 -13.37 97.58
N ARG Q 122 9.03 -13.32 98.41
CA ARG Q 122 10.40 -13.36 97.94
C ARG Q 122 10.59 -14.61 97.09
N LYS Q 123 10.27 -15.77 97.67
CA LYS Q 123 10.37 -17.06 96.99
C LYS Q 123 9.77 -17.04 95.59
N HIS Q 124 8.47 -16.77 95.52
CA HIS Q 124 7.75 -16.71 94.25
C HIS Q 124 8.36 -15.67 93.28
N ASN Q 125 8.86 -14.55 93.82
CA ASN Q 125 9.55 -13.56 93.00
C ASN Q 125 10.85 -14.12 92.43
N ILE Q 126 11.50 -15.03 93.15
CA ILE Q 126 12.66 -15.74 92.61
C ILE Q 126 12.21 -16.72 91.52
N TRP Q 127 11.12 -17.44 91.77
CA TRP Q 127 10.63 -18.46 90.84
C TRP Q 127 10.15 -17.87 89.52
N ARG Q 128 9.69 -16.63 89.55
CA ARG Q 128 9.30 -15.99 88.29
C ARG Q 128 10.56 -15.70 87.44
N HIS Q 129 11.55 -15.04 88.04
CA HIS Q 129 12.79 -14.72 87.32
C HIS Q 129 13.55 -15.99 86.95
N ASN Q 130 13.29 -17.05 87.71
CA ASN Q 130 13.84 -18.37 87.46
C ASN Q 130 13.20 -18.98 86.21
N ARG Q 131 11.88 -18.93 86.14
CA ARG Q 131 11.13 -19.42 84.98
C ARG Q 131 11.46 -18.67 83.70
N LEU Q 132 11.53 -17.34 83.79
CA LEU Q 132 11.69 -16.50 82.60
C LEU Q 132 13.02 -16.71 81.88
N SER Q 133 13.92 -17.48 82.46
CA SER Q 133 15.28 -17.65 81.92
C SER Q 133 15.45 -18.85 80.99
N LYS Q 134 14.36 -19.57 80.72
CA LYS Q 134 14.40 -20.69 79.78
C LYS Q 134 14.66 -20.23 78.34
N ASN Q 135 13.93 -19.18 77.93
CA ASN Q 135 14.03 -18.64 76.58
C ASN Q 135 15.09 -17.55 76.46
N ARG Q 136 15.82 -17.35 77.55
CA ARG Q 136 16.98 -16.47 77.54
C ARG Q 136 18.24 -17.34 77.42
N LYS Q 137 18.87 -17.30 76.25
CA LYS Q 137 20.01 -18.15 75.96
C LYS Q 137 21.19 -17.34 75.43
N PHE Q 138 22.26 -17.30 76.21
CA PHE Q 138 23.51 -16.66 75.78
C PHE Q 138 24.59 -17.72 75.61
N ARG R 9 22.61 1.66 33.01
CA ARG R 9 23.13 0.64 33.91
C ARG R 9 22.01 0.20 34.82
N ASN R 10 20.93 0.95 34.81
CA ASN R 10 19.68 0.50 35.41
C ASN R 10 18.63 0.40 34.35
N ARG R 11 17.98 -0.74 34.24
CA ARG R 11 17.01 -0.86 33.19
C ARG R 11 15.65 -1.05 33.80
N ILE R 12 14.62 -0.84 32.99
CA ILE R 12 13.27 -1.12 33.42
C ILE R 12 12.75 -2.14 32.44
N PRO R 13 12.82 -3.41 32.82
CA PRO R 13 12.52 -4.54 31.95
C PRO R 13 11.18 -4.39 31.20
N GLY R 14 11.18 -4.74 29.91
CA GLY R 14 10.01 -4.56 29.07
C GLY R 14 9.75 -3.14 28.64
N ARG R 15 8.49 -2.74 28.77
CA ARG R 15 8.03 -1.38 28.53
C ARG R 15 7.92 -0.65 29.87
N GLN R 16 8.21 0.65 29.86
CA GLN R 16 8.24 1.45 31.07
C GLN R 16 7.03 1.35 31.96
N TRP R 17 5.85 1.66 31.45
CA TRP R 17 4.69 1.74 32.32
C TRP R 17 3.72 0.56 32.32
N ILE R 18 3.98 -0.49 31.56
CA ILE R 18 2.95 -1.51 31.33
C ILE R 18 2.95 -2.69 32.29
N GLY R 19 4.03 -3.45 32.32
CA GLY R 19 3.98 -4.84 32.77
C GLY R 19 3.91 -5.04 34.27
N LYS R 20 4.40 -6.19 34.71
CA LYS R 20 4.33 -6.52 36.13
C LYS R 20 5.49 -5.86 36.90
N HIS R 21 6.53 -5.44 36.18
CA HIS R 21 7.55 -4.56 36.74
C HIS R 21 7.47 -3.22 36.06
N ARG R 22 7.25 -2.17 36.84
CA ARG R 22 7.12 -0.85 36.23
C ARG R 22 8.18 0.11 36.73
N ARG R 23 8.17 1.31 36.17
CA ARG R 23 9.01 2.38 36.69
C ARG R 23 8.34 2.87 37.97
N PRO R 24 9.11 2.93 39.07
CA PRO R 24 8.69 3.19 40.44
C PRO R 24 7.88 4.48 40.70
N ARG R 25 7.66 5.34 39.69
CA ARG R 25 7.41 6.78 39.90
C ARG R 25 6.57 7.17 41.11
N PRO R 26 7.12 8.10 41.92
CA PRO R 26 6.66 8.59 43.21
C PRO R 26 5.58 9.67 43.12
N VAL R 27 4.74 9.77 44.14
CA VAL R 27 3.74 10.83 44.26
C VAL R 27 4.41 12.10 44.77
N SER R 28 3.96 13.27 44.34
CA SER R 28 4.62 14.50 44.74
C SER R 28 3.69 15.44 45.51
N ALA R 29 4.28 16.41 46.20
CA ALA R 29 3.52 17.36 46.99
C ALA R 29 2.50 18.12 46.13
N GLN R 30 2.91 18.49 44.92
CA GLN R 30 2.01 19.11 43.96
C GLN R 30 0.76 18.27 43.77
N ALA R 31 0.97 16.98 43.50
CA ALA R 31 -0.13 16.05 43.24
C ALA R 31 -1.08 15.98 44.42
N LYS R 32 -0.53 15.92 45.63
CA LYS R 32 -1.36 15.97 46.84
C LYS R 32 -2.20 17.25 46.91
N GLN R 33 -1.57 18.39 46.65
CA GLN R 33 -2.31 19.65 46.61
C GLN R 33 -3.52 19.51 45.70
N ASN R 34 -3.25 19.12 44.45
CA ASN R 34 -4.31 19.01 43.44
C ASN R 34 -5.44 18.09 43.87
N MET R 35 -5.09 16.93 44.37
CA MET R 35 -6.08 15.97 44.81
C MET R 35 -6.98 16.57 45.90
N ILE R 36 -6.38 17.27 46.85
CA ILE R 36 -7.12 17.80 47.99
C ILE R 36 -8.02 18.96 47.58
N ARG R 37 -7.50 19.84 46.73
CA ARG R 37 -8.29 20.92 46.15
C ARG R 37 -9.56 20.36 45.49
N ARG R 38 -9.39 19.37 44.62
CA ARG R 38 -10.52 18.74 43.96
C ARG R 38 -11.54 18.09 44.91
N LEU R 39 -11.05 17.44 45.96
CA LEU R 39 -11.91 16.91 47.04
C LEU R 39 -12.75 17.97 47.71
N GLU R 40 -12.11 19.07 48.08
CA GLU R 40 -12.79 20.17 48.73
C GLU R 40 -13.93 20.68 47.85
N THR R 41 -13.66 20.81 46.55
CA THR R 41 -14.73 21.16 45.60
C THR R 41 -15.91 20.18 45.65
N GLU R 42 -15.61 18.88 45.65
CA GLU R 42 -16.70 17.88 45.74
C GLU R 42 -17.52 17.91 47.03
N ALA R 43 -16.84 18.10 48.16
CA ALA R 43 -17.50 18.23 49.45
C ALA R 43 -18.50 19.39 49.39
N GLU R 44 -18.03 20.56 48.94
CA GLU R 44 -18.92 21.70 48.82
C GLU R 44 -20.05 21.38 47.86
N ASN R 45 -19.77 20.60 46.82
CA ASN R 45 -20.80 20.17 45.89
C ASN R 45 -21.95 19.45 46.54
N GLN R 46 -21.65 18.42 47.30
CA GLN R 46 -22.76 17.65 47.84
C GLN R 46 -23.45 18.36 49.00
N TYR R 47 -22.76 19.29 49.66
CA TYR R 47 -23.53 20.11 50.58
C TYR R 47 -24.69 20.79 49.85
N TRP R 48 -24.43 21.45 48.72
CA TRP R 48 -25.48 22.14 47.96
C TRP R 48 -26.41 21.18 47.23
N LEU R 49 -25.97 19.94 47.09
CA LEU R 49 -26.80 18.93 46.44
C LEU R 49 -27.74 18.26 47.40
N SER R 50 -27.61 18.58 48.68
CA SER R 50 -28.36 17.90 49.72
C SER R 50 -29.85 18.29 49.94
N ARG R 51 -30.22 19.53 49.67
CA ARG R 51 -31.50 20.08 50.16
C ARG R 51 -32.43 20.61 49.07
N PRO R 52 -33.37 19.79 48.60
CA PRO R 52 -34.27 20.21 47.51
C PRO R 52 -35.28 21.29 47.94
N PHE R 53 -35.71 22.11 46.99
CA PHE R 53 -36.67 23.19 47.27
C PHE R 53 -38.08 22.62 47.37
N LEU R 54 -38.55 22.05 46.27
CA LEU R 54 -39.74 21.20 46.27
C LEU R 54 -39.42 19.77 46.73
N THR R 55 -40.39 19.11 47.36
CA THR R 55 -40.30 17.68 47.62
C THR R 55 -40.56 16.89 46.34
N ALA R 56 -40.41 15.58 46.39
CA ALA R 56 -40.66 14.75 45.20
C ALA R 56 -42.14 14.77 44.83
N GLU R 57 -43.00 14.74 45.85
CA GLU R 57 -44.43 14.81 45.66
C GLU R 57 -44.82 16.11 44.98
N GLN R 58 -44.31 17.22 45.52
CA GLN R 58 -44.65 18.55 45.08
C GLN R 58 -44.26 18.88 43.62
N GLU R 59 -43.31 18.15 43.07
CA GLU R 59 -42.77 18.51 41.76
C GLU R 59 -43.43 17.76 40.59
N ARG R 60 -44.38 16.88 40.89
CA ARG R 60 -45.08 16.09 39.86
C ARG R 60 -45.73 16.93 38.75
N GLY R 61 -45.42 16.60 37.50
CA GLY R 61 -46.04 17.26 36.35
C GLY R 61 -45.97 18.78 36.34
N HIS R 62 -45.00 19.36 37.03
CA HIS R 62 -44.99 20.81 37.27
C HIS R 62 -44.78 21.57 35.98
N ALA R 63 -44.00 21.05 35.05
CA ALA R 63 -44.25 21.45 33.67
C ALA R 63 -44.49 20.22 32.83
N ALA R 64 -45.75 19.88 32.58
CA ALA R 64 -46.06 18.94 31.51
C ALA R 64 -46.59 19.73 30.34
N VAL R 65 -46.85 21.00 30.60
CA VAL R 65 -47.42 21.87 29.58
C VAL R 65 -46.31 22.25 28.63
N ARG R 66 -45.17 22.65 29.18
CA ARG R 66 -44.04 23.07 28.36
C ARG R 66 -43.43 21.91 27.61
N ARG R 67 -43.30 20.79 28.31
CA ARG R 67 -42.63 19.64 27.74
C ARG R 67 -43.45 18.95 26.64
N ALA R 68 -44.76 19.20 26.59
CA ALA R 68 -45.54 18.75 25.45
C ALA R 68 -45.23 19.62 24.24
N ALA R 69 -45.25 20.93 24.48
CA ALA R 69 -45.06 21.96 23.46
C ALA R 69 -43.68 21.89 22.80
N ALA R 70 -42.65 21.58 23.60
CA ALA R 70 -41.29 21.42 23.09
C ALA R 70 -41.27 20.32 22.04
N PHE R 71 -41.94 19.22 22.37
CA PHE R 71 -42.05 18.11 21.45
C PHE R 71 -42.92 18.43 20.23
N GLN R 72 -43.95 19.25 20.39
CA GLN R 72 -44.73 19.71 19.23
C GLN R 72 -43.87 20.53 18.29
N ALA R 73 -42.98 21.34 18.87
CA ALA R 73 -41.98 22.09 18.11
C ALA R 73 -41.07 21.15 17.32
N LEU R 74 -40.51 20.17 18.02
CA LEU R 74 -39.65 19.17 17.40
C LEU R 74 -40.35 18.42 16.26
N LYS R 75 -41.65 18.17 16.39
CA LYS R 75 -42.43 17.54 15.32
C LYS R 75 -42.65 18.45 14.12
N ALA R 76 -43.22 19.64 14.36
CA ALA R 76 -43.48 20.62 13.31
C ALA R 76 -42.24 20.90 12.47
N ALA R 77 -41.10 21.02 13.15
CA ALA R 77 -39.79 21.23 12.50
C ALA R 77 -39.53 20.25 11.36
N GLN R 78 -39.88 18.98 11.56
CA GLN R 78 -39.76 17.97 10.50
C GLN R 78 -40.92 18.00 9.52
N ALA R 79 -42.14 18.19 10.02
CA ALA R 79 -43.33 18.27 9.16
C ALA R 79 -43.13 19.26 8.02
N ALA R 80 -42.36 20.32 8.31
CA ALA R 80 -42.13 21.40 7.36
C ALA R 80 -41.24 21.06 6.17
N ARG R 81 -40.68 19.85 6.13
CA ARG R 81 -39.68 19.51 5.11
C ARG R 81 -40.30 19.01 3.79
N PHE R 82 -40.08 19.79 2.74
CA PHE R 82 -40.54 19.46 1.41
C PHE R 82 -39.54 20.10 0.45
N PRO R 83 -39.44 19.61 -0.80
CA PRO R 83 -38.61 20.30 -1.81
C PRO R 83 -39.07 21.74 -2.06
N ALA R 84 -38.14 22.69 -2.07
CA ALA R 84 -38.48 24.13 -2.08
C ALA R 84 -39.11 24.61 -3.40
N HIS R 85 -39.93 25.66 -3.29
CA HIS R 85 -40.61 26.24 -4.45
C HIS R 85 -39.60 26.66 -5.52
N ARG R 86 -39.85 26.26 -6.77
CA ARG R 86 -38.98 26.69 -7.86
C ARG R 86 -39.63 27.81 -8.66
N ARG R 87 -38.90 28.90 -8.89
CA ARG R 87 -39.51 30.12 -9.43
C ARG R 87 -39.06 30.49 -10.83
N LEU R 88 -39.91 31.24 -11.52
CA LEU R 88 -39.68 31.67 -12.89
C LEU R 88 -38.37 32.44 -13.08
N GLU R 89 -38.06 33.28 -12.10
CA GLU R 89 -36.94 34.21 -12.14
C GLU R 89 -35.57 33.57 -12.34
N GLU R 90 -35.41 32.33 -11.89
CA GLU R 90 -34.12 31.65 -11.97
C GLU R 90 -33.86 31.08 -13.37
N GLN R 91 -34.85 30.40 -13.93
CA GLN R 91 -34.71 29.80 -15.26
C GLN R 91 -34.48 30.88 -16.31
N LEU R 92 -35.34 31.88 -16.34
CA LEU R 92 -35.16 32.99 -17.27
C LEU R 92 -33.96 33.86 -16.88
N GLY R 93 -33.73 33.99 -15.58
CA GLY R 93 -32.57 34.73 -15.10
C GLY R 93 -31.27 34.17 -15.67
N HIS R 94 -31.24 32.86 -15.94
CA HIS R 94 -30.04 32.28 -16.52
C HIS R 94 -29.72 32.87 -17.89
N LEU R 95 -30.75 33.30 -18.62
CA LEU R 95 -30.54 33.87 -19.95
C LEU R 95 -29.66 35.10 -19.97
N LEU R 96 -29.39 35.68 -18.79
CA LEU R 96 -28.65 36.93 -18.70
C LEU R 96 -27.17 36.78 -19.06
N VAL R 97 -26.74 35.54 -19.29
CA VAL R 97 -25.38 35.24 -19.71
C VAL R 97 -24.96 35.93 -21.02
N THR R 98 -25.87 35.99 -21.97
CA THR R 98 -25.58 36.46 -23.32
C THR R 98 -25.77 37.97 -23.51
N ARG R 99 -26.02 38.70 -22.41
CA ARG R 99 -26.36 40.12 -22.47
C ARG R 99 -25.36 40.94 -23.31
N LYS R 100 -25.86 41.64 -24.32
CA LYS R 100 -24.98 42.33 -25.28
C LYS R 100 -24.97 43.83 -25.08
N TRP R 101 -23.78 44.39 -25.11
CA TRP R 101 -23.60 45.81 -24.92
C TRP R 101 -23.31 46.43 -26.28
N SER R 102 -24.27 47.17 -26.83
CA SER R 102 -24.15 47.68 -28.20
C SER R 102 -24.63 49.12 -28.32
N GLU S 38 -74.94 -12.62 -43.36
CA GLU S 38 -75.75 -13.69 -43.91
C GLU S 38 -74.91 -14.94 -44.21
N PHE S 39 -73.64 -14.89 -43.81
CA PHE S 39 -72.76 -16.06 -43.92
C PHE S 39 -73.23 -17.17 -43.01
N GLN S 40 -72.89 -18.41 -43.37
CA GLN S 40 -73.17 -19.55 -42.52
C GLN S 40 -72.03 -20.55 -42.56
N SER S 41 -71.87 -21.28 -41.46
CA SER S 41 -70.91 -22.37 -41.37
C SER S 41 -71.66 -23.64 -40.99
N ILE S 42 -71.01 -24.80 -41.14
CA ILE S 42 -71.61 -26.09 -40.80
C ILE S 42 -71.84 -26.18 -39.28
N TYR S 43 -71.18 -25.31 -38.54
CA TYR S 43 -71.33 -25.25 -37.10
C TYR S 43 -72.36 -24.25 -36.60
N SER S 44 -73.14 -23.64 -37.50
CA SER S 44 -73.95 -22.50 -37.10
C SER S 44 -75.07 -22.94 -36.16
N LEU S 45 -75.82 -21.98 -35.63
CA LEU S 45 -76.68 -22.28 -34.49
C LEU S 45 -77.97 -22.97 -34.91
N ASP S 46 -78.33 -22.83 -36.19
CA ASP S 46 -79.51 -23.49 -36.72
C ASP S 46 -79.24 -24.96 -37.03
N LYS S 47 -78.01 -25.27 -37.42
CA LYS S 47 -77.63 -26.64 -37.73
C LYS S 47 -77.35 -27.45 -36.47
N LEU S 48 -76.75 -26.81 -35.46
CA LEU S 48 -76.53 -27.48 -34.17
C LEU S 48 -77.84 -27.79 -33.49
N TYR S 49 -78.74 -26.81 -33.53
CA TYR S 49 -80.06 -26.90 -32.90
C TYR S 49 -81.12 -26.53 -33.92
N PRO S 50 -81.63 -27.53 -34.64
CA PRO S 50 -82.64 -27.39 -35.71
C PRO S 50 -84.02 -26.94 -35.22
N GLU S 51 -84.33 -27.29 -33.97
CA GLU S 51 -85.66 -27.07 -33.42
C GLU S 51 -85.98 -25.58 -33.25
N SER S 52 -85.08 -24.87 -32.59
CA SER S 52 -85.21 -23.42 -32.44
C SER S 52 -84.20 -22.71 -33.33
N ARG S 53 -84.71 -22.05 -34.37
CA ARG S 53 -83.85 -21.41 -35.36
C ARG S 53 -84.00 -19.87 -35.43
N GLY S 54 -85.18 -19.37 -35.76
CA GLY S 54 -85.38 -17.95 -36.00
C GLY S 54 -84.92 -17.03 -34.87
N SER S 55 -84.59 -15.79 -35.21
CA SER S 55 -84.05 -14.81 -34.25
C SER S 55 -84.98 -14.52 -33.07
N ASP S 56 -86.28 -14.52 -33.33
CA ASP S 56 -87.27 -14.20 -32.30
C ASP S 56 -87.39 -15.30 -31.25
N THR S 57 -86.91 -16.50 -31.58
CA THR S 57 -87.09 -17.66 -30.71
C THR S 57 -86.29 -17.55 -29.40
N ALA S 58 -85.10 -16.95 -29.47
CA ALA S 58 -84.23 -16.83 -28.30
C ALA S 58 -84.74 -15.78 -27.31
N TRP S 59 -85.47 -14.80 -27.82
CA TRP S 59 -85.93 -13.66 -27.02
C TRP S 59 -87.39 -13.70 -26.54
N ARG S 60 -88.11 -14.76 -26.84
CA ARG S 60 -89.51 -14.87 -26.42
C ARG S 60 -89.58 -14.88 -24.89
N LEU S 61 -90.73 -14.52 -24.34
CA LEU S 61 -90.89 -14.54 -22.89
C LEU S 61 -91.96 -15.54 -22.47
N PRO S 62 -91.53 -16.61 -21.77
CA PRO S 62 -92.43 -17.63 -21.20
C PRO S 62 -92.99 -17.21 -19.83
N ASP S 63 -94.00 -16.35 -19.84
CA ASP S 63 -94.61 -15.84 -18.61
C ASP S 63 -95.54 -16.87 -17.98
N ASP S 64 -95.99 -17.82 -18.81
CA ASP S 64 -96.93 -18.84 -18.36
C ASP S 64 -96.24 -19.95 -17.56
N ALA S 65 -94.98 -20.22 -17.89
CA ALA S 65 -94.19 -21.25 -17.20
C ALA S 65 -94.00 -20.91 -15.72
N LYS S 66 -93.78 -19.62 -15.43
CA LYS S 66 -93.86 -19.17 -14.04
C LYS S 66 -95.06 -18.23 -13.91
N GLN S 67 -96.15 -18.79 -13.39
CA GLN S 67 -97.40 -18.07 -13.19
C GLN S 67 -97.68 -17.70 -11.73
N ALA S 68 -96.85 -18.20 -10.81
CA ALA S 68 -97.10 -18.00 -9.38
C ALA S 68 -96.55 -16.65 -8.91
N ASN S 69 -95.57 -16.13 -9.66
CA ASN S 69 -94.88 -14.88 -9.37
C ASN S 69 -94.59 -14.71 -7.88
N ASP S 70 -93.72 -15.58 -7.36
CA ASP S 70 -93.31 -15.50 -5.96
C ASP S 70 -92.79 -14.10 -5.66
N ILE S 71 -93.23 -13.53 -4.55
CA ILE S 71 -92.79 -12.20 -4.12
C ILE S 71 -92.99 -11.14 -5.23
N PRO S 72 -94.24 -10.67 -5.40
CA PRO S 72 -94.58 -9.65 -6.39
C PRO S 72 -93.96 -8.28 -6.04
N VAL S 73 -92.68 -8.13 -6.42
CA VAL S 73 -91.79 -7.07 -5.93
C VAL S 73 -92.40 -5.66 -5.91
N ASP S 74 -93.30 -5.38 -6.86
CA ASP S 74 -93.98 -4.08 -6.94
C ASP S 74 -94.66 -3.63 -5.65
N ARG S 75 -95.12 -4.60 -4.85
CA ARG S 75 -95.80 -4.33 -3.58
C ARG S 75 -94.87 -4.33 -2.36
N LEU S 76 -93.57 -4.44 -2.58
CA LEU S 76 -92.60 -4.30 -1.49
C LEU S 76 -91.95 -2.93 -1.49
N THR S 77 -91.70 -2.43 -0.29
CA THR S 77 -90.90 -1.23 -0.12
C THR S 77 -89.44 -1.63 0.03
N ILE S 78 -88.61 -1.22 -0.92
CA ILE S 78 -87.22 -1.62 -0.92
C ILE S 78 -86.29 -0.42 -0.68
N SER S 79 -85.69 -0.39 0.50
CA SER S 79 -84.88 0.75 0.90
C SER S 79 -83.40 0.41 0.91
N TYR S 80 -82.56 1.40 0.58
CA TYR S 80 -81.11 1.21 0.60
C TYR S 80 -80.41 2.21 1.49
N CYS S 81 -79.82 1.72 2.58
CA CYS S 81 -78.95 2.55 3.39
C CYS S 81 -77.53 2.33 2.87
N ARG S 82 -76.95 3.35 2.25
CA ARG S 82 -75.61 3.21 1.73
C ARG S 82 -74.61 3.83 2.68
N SER S 83 -73.81 2.99 3.32
CA SER S 83 -72.80 3.48 4.25
C SER S 83 -71.42 3.19 3.70
N SER S 84 -70.46 4.04 4.06
CA SER S 84 -69.06 3.87 3.63
C SER S 84 -68.10 4.30 4.74
N GLY S 85 -67.00 3.57 4.87
CA GLY S 85 -66.00 3.85 5.90
C GLY S 85 -64.61 3.44 5.48
N LYS S 93 -64.98 -0.23 6.17
CA LYS S 93 -65.76 -1.24 5.47
C LYS S 93 -66.95 -0.62 4.72
N VAL S 94 -67.24 -1.15 3.54
CA VAL S 94 -68.40 -0.71 2.75
C VAL S 94 -69.55 -1.73 2.93
N ASN S 95 -70.67 -1.25 3.47
CA ASN S 95 -71.83 -2.09 3.74
C ASN S 95 -73.12 -1.45 3.23
N SER S 96 -73.76 -2.08 2.25
CA SER S 96 -75.00 -1.54 1.72
C SER S 96 -76.17 -2.32 2.31
N LYS S 97 -76.95 -1.64 3.13
CA LYS S 97 -78.06 -2.28 3.80
C LYS S 97 -79.25 -2.41 2.83
N ALA S 98 -79.81 -3.61 2.74
CA ALA S 98 -81.06 -3.80 2.03
C ALA S 98 -82.21 -3.93 3.02
N GLU S 99 -83.25 -3.13 2.79
CA GLU S 99 -84.43 -3.12 3.63
C GLU S 99 -85.62 -3.71 2.87
N VAL S 100 -86.41 -4.54 3.53
CA VAL S 100 -87.61 -5.10 2.90
C VAL S 100 -88.86 -5.03 3.80
N ARG S 101 -89.89 -4.37 3.28
CA ARG S 101 -91.13 -4.12 4.02
C ARG S 101 -92.38 -4.56 3.26
N PHE S 102 -93.34 -5.12 3.98
CA PHE S 102 -94.70 -5.31 3.46
C PHE S 102 -95.64 -5.50 4.64
N HIS S 103 -96.94 -5.24 4.41
CA HIS S 103 -97.93 -5.41 5.47
C HIS S 103 -98.43 -6.86 5.43
N LEU S 104 -98.35 -7.54 6.57
CA LEU S 104 -98.70 -8.96 6.61
C LEU S 104 -100.20 -9.24 6.42
N ALA S 105 -101.04 -8.51 7.13
CA ALA S 105 -102.49 -8.68 7.00
C ALA S 105 -102.97 -8.24 5.60
N SER S 106 -102.31 -7.24 5.04
CA SER S 106 -102.70 -6.66 3.76
C SER S 106 -102.12 -7.36 2.53
N ALA S 107 -101.15 -8.25 2.74
CA ALA S 107 -100.53 -8.94 1.61
C ALA S 107 -101.39 -10.12 1.16
N ASP S 108 -101.91 -10.03 -0.05
CA ASP S 108 -102.80 -11.05 -0.59
C ASP S 108 -102.03 -12.24 -1.19
N TRP S 109 -100.82 -11.98 -1.67
CA TRP S 109 -100.05 -13.01 -2.38
C TRP S 109 -99.66 -14.19 -1.47
N ILE S 110 -99.80 -14.00 -0.16
CA ILE S 110 -99.66 -15.09 0.80
C ILE S 110 -101.03 -15.52 1.31
N ALA S 111 -101.27 -16.84 1.39
CA ALA S 111 -102.52 -17.38 1.90
C ALA S 111 -102.66 -17.08 3.41
N GLU S 112 -103.89 -17.16 3.91
CA GLU S 112 -104.18 -16.87 5.33
C GLU S 112 -103.41 -17.70 6.36
N PRO S 113 -103.30 -19.03 6.15
CA PRO S 113 -102.45 -19.79 7.10
C PRO S 113 -100.99 -19.31 7.09
N VAL S 114 -100.45 -19.05 5.90
CA VAL S 114 -99.12 -18.49 5.75
C VAL S 114 -99.01 -17.11 6.39
N ARG S 115 -100.02 -16.27 6.14
CA ARG S 115 -100.10 -14.94 6.76
C ARG S 115 -99.97 -15.00 8.27
N LEU S 116 -100.75 -15.88 8.89
CA LEU S 116 -100.84 -15.96 10.34
C LEU S 116 -99.66 -16.68 11.02
N LYS S 117 -99.08 -17.67 10.35
CA LYS S 117 -97.92 -18.38 10.92
C LYS S 117 -96.59 -17.65 10.67
N LEU S 118 -96.54 -16.79 9.66
CA LEU S 118 -95.36 -15.94 9.45
C LEU S 118 -95.35 -14.78 10.43
N ALA S 119 -96.52 -14.54 11.03
CA ALA S 119 -96.70 -13.47 12.00
C ALA S 119 -96.43 -13.98 13.42
N VAL S 120 -96.26 -15.30 13.56
CA VAL S 120 -96.00 -15.93 14.85
C VAL S 120 -94.51 -16.19 15.08
N LYS S 121 -93.90 -17.02 14.24
CA LYS S 121 -92.48 -17.35 14.39
C LYS S 121 -91.58 -16.12 14.31
N HIS S 122 -91.98 -15.17 13.47
CA HIS S 122 -91.17 -14.01 13.15
C HIS S 122 -91.52 -12.73 13.93
N LYS S 123 -92.39 -12.83 14.94
CA LYS S 123 -92.94 -11.65 15.62
C LYS S 123 -91.89 -10.66 16.13
N ASN S 124 -90.64 -11.10 16.21
CA ASN S 124 -89.53 -10.24 16.59
C ASN S 124 -89.17 -9.16 15.59
N ARG S 125 -89.31 -9.47 14.30
CA ARG S 125 -89.04 -8.49 13.25
C ARG S 125 -90.30 -7.76 12.73
N ILE S 126 -91.45 -8.01 13.34
CA ILE S 126 -92.69 -7.31 12.96
C ILE S 126 -92.76 -5.92 13.57
N ASN S 127 -93.36 -4.98 12.84
CA ASN S 127 -93.43 -3.58 13.24
C ASN S 127 -94.87 -3.18 13.60
N ARG S 128 -95.02 -2.18 14.47
CA ARG S 128 -96.33 -1.76 14.97
C ARG S 128 -97.31 -1.36 13.86
N SER S 129 -96.78 -0.99 12.69
CA SER S 129 -97.59 -0.65 11.54
C SER S 129 -97.99 -1.91 10.79
N GLY S 130 -97.58 -3.07 11.33
CA GLY S 130 -97.94 -4.36 10.77
C GLY S 130 -96.92 -4.83 9.75
N GLU S 131 -95.78 -4.14 9.72
CA GLU S 131 -94.77 -4.38 8.70
C GLU S 131 -93.85 -5.54 9.09
N LEU S 132 -93.53 -6.39 8.11
CA LEU S 132 -92.49 -7.39 8.33
C LEU S 132 -91.18 -6.86 7.74
N ILE S 133 -90.14 -6.78 8.55
CA ILE S 133 -88.93 -6.07 8.17
C ILE S 133 -87.73 -6.99 7.97
N LEU S 134 -87.18 -6.99 6.77
CA LEU S 134 -86.00 -7.80 6.44
C LEU S 134 -84.76 -6.94 6.23
N THR S 135 -83.64 -7.45 6.73
CA THR S 135 -82.35 -6.74 6.71
C THR S 135 -81.25 -7.54 6.00
N SER S 136 -80.52 -6.90 5.10
CA SER S 136 -79.35 -7.54 4.48
C SER S 136 -78.13 -6.62 4.52
N GLU S 137 -76.95 -7.20 4.65
CA GLU S 137 -75.73 -6.43 4.86
C GLU S 137 -74.58 -6.77 3.90
N CYS S 138 -74.17 -8.04 3.92
CA CYS S 138 -72.81 -8.46 3.54
C CYS S 138 -72.19 -7.89 2.25
N SER S 139 -72.88 -7.99 1.12
CA SER S 139 -72.32 -7.47 -0.13
C SER S 139 -72.34 -5.95 -0.13
N ARG S 140 -71.42 -5.32 -0.85
CA ARG S 140 -71.47 -3.87 -1.03
C ARG S 140 -72.19 -3.52 -2.33
N TYR S 141 -72.55 -4.54 -3.10
CA TYR S 141 -73.41 -4.38 -4.27
C TYR S 141 -74.84 -4.71 -3.87
N GLN S 142 -75.70 -3.70 -3.90
CA GLN S 142 -77.06 -3.83 -3.37
C GLN S 142 -77.86 -4.96 -4.04
N PHE S 143 -77.46 -5.37 -5.24
CA PHE S 143 -78.08 -6.51 -5.93
C PHE S 143 -78.15 -7.76 -5.05
N ARG S 144 -77.00 -8.16 -4.52
CA ARG S 144 -76.89 -9.36 -3.69
C ARG S 144 -77.62 -9.25 -2.36
N ASN S 145 -77.66 -8.04 -1.82
CA ASN S 145 -78.43 -7.76 -0.63
C ASN S 145 -79.93 -7.99 -0.87
N LEU S 146 -80.41 -7.47 -2.01
CA LEU S 146 -81.80 -7.72 -2.41
C LEU S 146 -82.04 -9.21 -2.52
N ALA S 147 -81.10 -9.90 -3.14
CA ALA S 147 -81.21 -11.35 -3.34
C ALA S 147 -81.26 -12.12 -2.02
N ASP S 148 -80.52 -11.62 -1.03
CA ASP S 148 -80.47 -12.22 0.31
C ASP S 148 -81.77 -12.03 1.05
N CYS S 149 -82.31 -10.82 0.97
CA CYS S 149 -83.59 -10.54 1.61
C CYS S 149 -84.72 -11.35 0.96
N LEU S 150 -84.72 -11.40 -0.37
CA LEU S 150 -85.74 -12.15 -1.12
C LEU S 150 -85.62 -13.64 -0.82
N GLN S 151 -84.39 -14.07 -0.56
CA GLN S 151 -84.12 -15.47 -0.20
C GLN S 151 -84.60 -15.82 1.21
N LYS S 152 -84.29 -14.96 2.18
CA LYS S 152 -84.77 -15.15 3.56
C LYS S 152 -86.28 -15.19 3.56
N LEU S 153 -86.88 -14.32 2.76
CA LEU S 153 -88.32 -14.26 2.59
C LEU S 153 -88.87 -15.57 2.05
N ARG S 154 -88.24 -16.09 0.98
CA ARG S 154 -88.65 -17.37 0.40
C ARG S 154 -88.48 -18.53 1.37
N ASP S 155 -87.52 -18.42 2.29
CA ASP S 155 -87.26 -19.47 3.27
C ASP S 155 -88.27 -19.45 4.41
N MET S 156 -88.68 -18.25 4.81
CA MET S 156 -89.71 -18.10 5.84
C MET S 156 -91.06 -18.56 5.28
N ILE S 157 -91.33 -18.18 4.04
CA ILE S 157 -92.57 -18.61 3.37
C ILE S 157 -92.59 -20.12 3.13
N ALA S 158 -91.45 -20.67 2.73
CA ALA S 158 -91.32 -22.12 2.55
C ALA S 158 -91.50 -22.89 3.86
N GLU S 159 -90.77 -22.49 4.89
CA GLU S 159 -90.79 -23.19 6.19
C GLU S 159 -92.18 -23.09 6.82
N ALA S 160 -92.87 -21.99 6.58
CA ALA S 160 -94.23 -21.82 7.10
C ALA S 160 -95.23 -22.64 6.31
N SER S 161 -95.09 -22.63 4.99
CA SER S 161 -96.03 -23.31 4.08
C SER S 161 -95.96 -24.83 4.20
N GLN S 162 -94.79 -25.35 4.60
CA GLN S 162 -94.66 -26.78 4.85
C GLN S 162 -95.16 -27.11 6.26
N PRO S 163 -96.31 -27.80 6.33
CA PRO S 163 -96.97 -28.11 7.61
C PRO S 163 -96.24 -29.15 8.46
N UNK S 164 -95.42 -29.98 7.80
CA UNK S 164 -94.71 -31.10 8.44
C UNK S 164 -93.48 -30.68 9.31
N UNK S 165 -93.09 -29.42 9.24
CA UNK S 165 -92.00 -28.91 10.10
C UNK S 165 -92.27 -29.10 11.64
N UNK S 166 -91.41 -29.86 12.31
CA UNK S 166 -91.55 -30.12 13.77
C UNK S 166 -90.79 -29.06 14.66
N UNK S 167 -90.28 -28.00 14.04
CA UNK S 167 -89.37 -27.00 14.70
C UNK S 167 -88.37 -27.62 15.77
N UNK S 168 -87.58 -28.61 15.35
CA UNK S 168 -86.66 -29.38 16.27
C UNK S 168 -85.89 -28.52 17.33
N UNK S 169 -86.11 -28.81 18.61
CA UNK S 169 -85.45 -28.06 19.69
C UNK S 169 -84.03 -28.62 20.05
N UNK S 170 -83.01 -27.77 20.00
CA UNK S 170 -81.68 -28.15 20.53
C UNK S 170 -81.60 -28.01 22.09
N UNK S 171 -81.19 -29.06 22.78
CA UNK S 171 -81.02 -29.01 24.25
C UNK S 171 -79.69 -28.29 24.71
N UNK S 172 -78.73 -28.11 23.79
CA UNK S 172 -77.42 -27.43 24.11
C UNK S 172 -77.53 -25.91 24.57
N UNK S 173 -78.19 -25.08 23.75
CA UNK S 173 -78.46 -23.68 24.12
C UNK S 173 -79.64 -23.50 25.14
N LEU S 174 -80.64 -24.38 25.07
CA LEU S 174 -81.84 -24.23 25.89
C LEU S 174 -81.88 -25.04 27.20
N ARG S 175 -80.81 -25.78 27.51
CA ARG S 175 -80.79 -26.58 28.76
C ARG S 175 -80.90 -25.71 30.02
N ARG S 176 -80.17 -24.60 30.03
CA ARG S 176 -80.18 -23.67 31.15
C ARG S 176 -81.53 -22.96 31.25
N SER S 177 -82.15 -22.76 30.09
CA SER S 177 -83.47 -22.16 30.00
C SER S 177 -84.56 -23.08 30.56
N ARG S 178 -84.43 -24.38 30.29
CA ARG S 178 -85.34 -25.40 30.80
C ARG S 178 -85.17 -25.59 32.32
N ILE S 179 -83.93 -25.57 32.77
CA ILE S 179 -83.63 -25.65 34.20
C ILE S 179 -84.18 -24.43 34.96
N GLU S 180 -83.87 -23.23 34.49
CA GLU S 180 -84.34 -22.00 35.13
C GLU S 180 -85.87 -21.87 35.07
N ASN S 181 -86.45 -22.38 33.98
CA ASN S 181 -87.90 -22.42 33.80
C ASN S 181 -88.58 -23.36 34.82
N MET S 182 -88.03 -24.57 34.95
CA MET S 182 -88.50 -25.51 35.98
C MET S 182 -88.36 -24.96 37.40
N ASN S 183 -87.24 -24.29 37.65
CA ASN S 183 -86.94 -23.76 38.98
C ASN S 183 -87.84 -22.59 39.36
N ARG S 184 -88.20 -21.73 38.40
CA ARG S 184 -89.17 -20.68 38.69
C ARG S 184 -90.60 -21.27 38.72
N GLU S 185 -90.75 -22.43 38.09
CA GLU S 185 -92.00 -23.21 38.15
C GLU S 185 -92.27 -23.80 39.53
N ARG S 186 -91.22 -24.18 40.25
CA ARG S 186 -91.34 -24.70 41.62
C ARG S 186 -91.73 -23.62 42.64
N LEU S 187 -91.40 -22.36 42.34
CA LEU S 187 -91.84 -21.23 43.14
C LEU S 187 -93.28 -20.82 42.79
N ARG S 188 -93.58 -20.77 41.49
CA ARG S 188 -94.95 -20.51 41.02
C ARG S 188 -95.94 -21.55 41.53
N LYS S 189 -95.41 -22.70 41.92
CA LYS S 189 -96.19 -23.89 42.27
C LYS S 189 -96.95 -23.76 43.61
N LYS S 190 -96.73 -22.64 44.32
CA LYS S 190 -97.46 -22.40 45.56
C LYS S 190 -98.95 -22.17 45.28
N ARG S 191 -99.80 -22.93 45.98
CA ARG S 191 -101.24 -22.87 45.72
C ARG S 191 -102.04 -22.26 46.86
N ILE S 192 -102.46 -21.02 46.65
CA ILE S 192 -103.35 -20.28 47.53
C ILE S 192 -104.16 -19.34 46.63
N SER S 193 -105.44 -19.16 46.94
CA SER S 193 -106.27 -18.26 46.13
C SER S 193 -105.98 -16.81 46.52
N SER S 194 -105.54 -16.01 45.54
CA SER S 194 -105.14 -14.64 45.81
C SER S 194 -105.95 -13.64 44.98
N ALA S 195 -105.90 -12.37 45.41
CA ALA S 195 -106.72 -11.29 44.89
C ALA S 195 -108.20 -11.49 45.23
N TYR T 25 -27.99 29.11 -48.15
CA TYR T 25 -27.98 27.83 -48.85
C TYR T 25 -29.38 27.33 -49.10
N ARG T 26 -29.51 26.40 -50.04
CA ARG T 26 -30.75 25.64 -50.16
C ARG T 26 -30.53 24.29 -49.49
N ALA T 27 -31.52 23.82 -48.74
CA ALA T 27 -31.43 22.49 -48.16
C ALA T 27 -31.54 21.40 -49.23
N ARG T 28 -31.09 20.19 -48.90
CA ARG T 28 -31.21 19.02 -49.79
C ARG T 28 -32.67 18.65 -50.03
N PRO T 29 -32.95 17.88 -51.09
CA PRO T 29 -34.33 17.41 -51.25
C PRO T 29 -34.73 16.52 -50.08
N PRO T 30 -35.86 16.80 -49.41
CA PRO T 30 -36.26 16.06 -48.22
C PRO T 30 -36.40 14.57 -48.51
N PRO T 31 -35.92 13.72 -47.59
CA PRO T 31 -35.96 12.27 -47.80
C PRO T 31 -37.40 11.76 -47.85
N ARG T 32 -37.73 11.04 -48.92
CA ARG T 32 -39.09 10.64 -49.18
C ARG T 32 -39.12 9.12 -49.31
N ARG T 33 -40.31 8.55 -49.26
CA ARG T 33 -40.45 7.11 -49.34
C ARG T 33 -41.26 6.74 -50.58
N SER T 34 -40.61 6.10 -51.56
CA SER T 34 -41.28 5.76 -52.80
C SER T 34 -42.33 4.68 -52.55
N GLN T 35 -43.53 4.90 -53.08
CA GLN T 35 -44.63 3.97 -52.87
C GLN T 35 -44.82 2.99 -54.04
N GLU T 36 -43.95 3.10 -55.04
CA GLU T 36 -43.95 2.13 -56.13
C GLU T 36 -43.60 0.74 -55.58
N PRO T 37 -44.29 -0.30 -56.06
CA PRO T 37 -44.03 -1.68 -55.65
C PRO T 37 -42.61 -2.10 -56.03
N ARG T 38 -41.89 -2.67 -55.07
CA ARG T 38 -40.46 -2.89 -55.24
C ARG T 38 -40.07 -4.37 -55.30
N TRP T 39 -39.40 -4.74 -56.37
CA TRP T 39 -38.98 -6.11 -56.61
C TRP T 39 -37.48 -6.24 -56.68
N PRO T 40 -36.89 -6.93 -55.70
CA PRO T 40 -35.45 -7.23 -55.68
C PRO T 40 -35.09 -8.27 -56.73
N ASP T 41 -33.91 -8.17 -57.32
CA ASP T 41 -33.48 -9.13 -58.34
C ASP T 41 -33.50 -10.56 -57.80
N PRO T 42 -34.31 -11.43 -58.44
CA PRO T 42 -34.44 -12.83 -58.03
C PRO T 42 -33.15 -13.63 -58.19
N ASP T 43 -32.44 -13.45 -59.30
CA ASP T 43 -31.25 -14.24 -59.62
C ASP T 43 -29.97 -13.69 -59.00
N ASP T 44 -30.06 -12.50 -58.39
CA ASP T 44 -28.94 -11.84 -57.72
C ASP T 44 -28.51 -12.64 -56.49
N PRO T 45 -27.21 -12.99 -56.42
CA PRO T 45 -26.71 -13.84 -55.33
C PRO T 45 -26.75 -13.14 -53.97
N LEU T 46 -26.47 -11.83 -53.97
CA LEU T 46 -26.38 -11.03 -52.75
C LEU T 46 -27.70 -10.71 -52.07
N THR T 47 -28.81 -11.01 -52.74
CA THR T 47 -30.13 -10.68 -52.22
C THR T 47 -30.41 -11.40 -50.89
N PRO T 48 -30.95 -10.68 -49.91
CA PRO T 48 -31.39 -11.28 -48.64
C PRO T 48 -32.51 -12.27 -48.90
N ARG T 49 -32.56 -13.37 -48.16
CA ARG T 49 -33.56 -14.40 -48.41
C ARG T 49 -34.97 -14.04 -47.94
N TRP T 50 -35.08 -13.15 -46.95
CA TRP T 50 -36.38 -12.77 -46.45
C TRP T 50 -37.14 -11.92 -47.45
N GLN T 51 -36.45 -11.40 -48.46
CA GLN T 51 -37.12 -10.68 -49.53
C GLN T 51 -37.50 -11.57 -50.72
N LEU T 52 -36.98 -12.79 -50.78
CA LEU T 52 -37.34 -13.69 -51.87
C LEU T 52 -38.42 -14.69 -51.47
N SER T 53 -38.92 -14.58 -50.25
CA SER T 53 -39.89 -15.53 -49.72
C SER T 53 -41.26 -15.40 -50.37
N PRO T 54 -42.00 -16.52 -50.48
CA PRO T 54 -43.38 -16.52 -50.97
C PRO T 54 -44.30 -15.56 -50.17
N ARG T 55 -43.96 -15.32 -48.91
CA ARG T 55 -44.69 -14.36 -48.06
C ARG T 55 -44.50 -12.92 -48.50
N TYR T 56 -43.28 -12.58 -48.91
CA TYR T 56 -42.99 -11.23 -49.37
C TYR T 56 -43.91 -10.84 -50.52
N ALA T 57 -44.25 -11.82 -51.36
CA ALA T 57 -45.15 -11.60 -52.48
C ALA T 57 -46.55 -11.21 -51.98
N ALA T 58 -47.09 -12.01 -51.06
CA ALA T 58 -48.43 -11.76 -50.53
C ALA T 58 -48.57 -10.39 -49.84
N LYS T 59 -47.54 -9.99 -49.10
CA LYS T 59 -47.48 -8.68 -48.44
C LYS T 59 -47.36 -7.54 -49.47
N GLN T 60 -46.64 -7.83 -50.55
CA GLN T 60 -46.54 -6.92 -51.67
C GLN T 60 -47.94 -6.64 -52.22
N PHE T 61 -48.74 -7.70 -52.42
CA PHE T 61 -50.13 -7.53 -52.83
C PHE T 61 -50.95 -6.75 -51.80
N ALA T 62 -50.76 -7.06 -50.52
CA ALA T 62 -51.54 -6.42 -49.47
C ALA T 62 -51.31 -4.92 -49.40
N ARG T 63 -50.11 -4.47 -49.78
CA ARG T 63 -49.84 -3.03 -49.79
C ARG T 63 -50.44 -2.31 -51.02
N HIS T 64 -50.28 -2.89 -52.21
CA HIS T 64 -50.92 -2.34 -53.40
C HIS T 64 -51.68 -3.42 -54.22
N GLY T 65 -50.93 -4.23 -54.96
CA GLY T 65 -51.42 -5.43 -55.62
C GLY T 65 -51.98 -5.30 -57.02
N ALA T 66 -52.58 -4.14 -57.33
CA ALA T 66 -52.87 -3.81 -58.71
C ALA T 66 -51.58 -3.28 -59.31
N ALA T 67 -50.96 -2.35 -58.59
CA ALA T 67 -49.74 -1.69 -59.03
C ALA T 67 -48.57 -2.63 -58.87
N SER T 68 -48.74 -3.60 -57.97
CA SER T 68 -47.72 -4.60 -57.69
C SER T 68 -47.65 -5.68 -58.75
N GLY T 69 -48.78 -5.96 -59.37
CA GLY T 69 -48.83 -6.97 -60.42
C GLY T 69 -48.69 -8.39 -59.92
N VAL T 70 -49.09 -8.62 -58.67
CA VAL T 70 -49.13 -9.97 -58.11
C VAL T 70 -50.41 -10.68 -58.55
N ALA T 71 -50.27 -11.90 -59.07
CA ALA T 71 -51.46 -12.67 -59.45
C ALA T 71 -52.28 -12.96 -58.19
N ALA T 72 -53.57 -12.60 -58.23
CA ALA T 72 -54.42 -12.74 -57.04
C ALA T 72 -54.69 -14.20 -56.70
N GLY T 73 -54.65 -15.07 -57.70
CA GLY T 73 -54.90 -16.48 -57.48
C GLY T 73 -53.94 -17.10 -56.50
N SER T 74 -52.71 -16.57 -56.47
CA SER T 74 -51.62 -17.13 -55.68
C SER T 74 -51.78 -16.94 -54.17
N LEU T 75 -52.74 -16.10 -53.77
CA LEU T 75 -52.90 -15.70 -52.38
C LEU T 75 -53.72 -16.69 -51.56
N TRP T 76 -54.08 -17.81 -52.17
CA TRP T 76 -54.80 -18.84 -51.45
C TRP T 76 -53.95 -20.10 -51.44
N PRO T 77 -54.22 -21.02 -50.50
CA PRO T 77 -53.47 -22.28 -50.48
C PRO T 77 -53.73 -23.14 -51.72
N SER T 78 -52.70 -23.79 -52.24
CA SER T 78 -52.82 -24.64 -53.43
C SER T 78 -53.56 -25.93 -53.11
N GLN T 79 -53.69 -26.81 -54.10
CA GLN T 79 -54.40 -28.07 -53.89
C GLN T 79 -53.69 -28.93 -52.84
N GLU T 80 -52.36 -29.04 -52.98
CA GLU T 80 -51.53 -29.79 -52.04
C GLU T 80 -51.63 -29.21 -50.64
N GLN T 81 -51.31 -27.93 -50.53
CA GLN T 81 -51.37 -27.20 -49.26
C GLN T 81 -52.73 -27.38 -48.59
N LEU T 82 -53.78 -27.41 -49.40
CA LEU T 82 -55.15 -27.54 -48.89
C LEU T 82 -55.43 -28.94 -48.35
N ARG T 83 -54.93 -29.96 -49.05
CA ARG T 83 -55.08 -31.33 -48.56
C ARG T 83 -54.30 -31.53 -47.26
N GLU T 84 -53.16 -30.85 -47.14
CA GLU T 84 -52.32 -30.98 -45.96
C GLU T 84 -52.86 -30.23 -44.75
N LEU T 85 -53.43 -29.05 -44.98
CA LEU T 85 -54.11 -28.31 -43.92
C LEU T 85 -55.37 -29.04 -43.48
N GLU T 86 -56.07 -29.63 -44.45
CA GLU T 86 -57.23 -30.46 -44.18
C GLU T 86 -56.85 -31.60 -43.24
N ALA T 87 -55.77 -32.29 -43.59
CA ALA T 87 -55.28 -33.41 -42.81
C ALA T 87 -55.03 -33.03 -41.35
N GLU T 88 -54.25 -31.97 -41.15
CA GLU T 88 -53.94 -31.48 -39.81
C GLU T 88 -55.19 -31.07 -39.04
N GLU T 89 -56.12 -30.42 -39.75
CA GLU T 89 -57.33 -29.88 -39.12
C GLU T 89 -58.24 -30.99 -38.61
N ARG T 90 -58.42 -32.05 -39.38
CA ARG T 90 -59.28 -33.15 -38.91
C ARG T 90 -58.54 -34.07 -37.94
N GLU T 91 -57.21 -34.08 -38.03
CA GLU T 91 -56.39 -34.89 -37.12
C GLU T 91 -56.30 -34.35 -35.69
N TRP T 92 -55.88 -33.09 -35.55
CA TRP T 92 -55.66 -32.51 -34.22
C TRP T 92 -56.87 -31.76 -33.65
N TYR T 93 -57.86 -31.48 -34.50
CA TYR T 93 -58.99 -30.65 -34.14
C TYR T 93 -60.30 -31.34 -34.45
N PRO T 94 -60.87 -32.00 -33.43
CA PRO T 94 -62.09 -32.82 -33.52
C PRO T 94 -63.34 -31.98 -33.85
N SER T 95 -64.51 -32.62 -33.80
CA SER T 95 -65.78 -31.94 -34.02
C SER T 95 -66.54 -31.72 -32.71
N LEU T 96 -67.28 -30.61 -32.64
CA LEU T 96 -68.00 -30.22 -31.43
C LEU T 96 -68.82 -31.36 -30.82
N ALA T 97 -69.57 -32.03 -31.68
CA ALA T 97 -70.33 -33.22 -31.30
C ALA T 97 -69.38 -34.25 -30.68
N ALA T 98 -68.29 -34.56 -31.39
CA ALA T 98 -67.29 -35.53 -30.94
C ALA T 98 -66.70 -35.21 -29.57
N MET T 99 -66.45 -33.93 -29.31
CA MET T 99 -65.89 -33.52 -28.02
C MET T 99 -66.91 -33.60 -26.88
N GLN T 100 -68.18 -33.28 -27.16
CA GLN T 100 -69.24 -33.51 -26.17
C GLN T 100 -69.34 -35.00 -25.80
N GLU T 101 -69.33 -35.84 -26.84
CA GLU T 101 -69.33 -37.30 -26.66
C GLU T 101 -68.10 -37.75 -25.85
N SER T 102 -67.00 -37.03 -26.02
CA SER T 102 -65.77 -37.31 -25.27
C SER T 102 -65.89 -36.94 -23.78
N LEU T 103 -66.59 -35.83 -23.50
CA LEU T 103 -66.82 -35.39 -22.12
C LEU T 103 -67.75 -36.34 -21.37
N ARG T 104 -68.75 -36.87 -22.09
CA ARG T 104 -69.72 -37.76 -21.48
C ARG T 104 -69.09 -39.03 -20.88
N VAL T 105 -68.06 -39.56 -21.56
CA VAL T 105 -67.27 -40.69 -21.05
C VAL T 105 -66.65 -40.39 -19.67
N GLN T 106 -65.96 -39.26 -19.59
CA GLN T 106 -65.31 -38.84 -18.35
C GLN T 106 -66.31 -38.64 -17.21
N GLN T 107 -67.38 -37.89 -17.46
CA GLN T 107 -68.37 -37.61 -16.41
C GLN T 107 -69.04 -38.91 -15.90
N LEU T 108 -69.35 -39.83 -16.82
CA LEU T 108 -69.90 -41.13 -16.44
C LEU T 108 -68.92 -41.89 -15.54
N ALA T 109 -67.64 -41.90 -15.95
CA ALA T 109 -66.59 -42.55 -15.17
C ALA T 109 -66.51 -41.99 -13.74
N GLU T 110 -66.56 -40.67 -13.62
CA GLU T 110 -66.47 -39.99 -12.33
C GLU T 110 -67.65 -40.32 -11.41
N GLU T 111 -68.86 -40.26 -11.96
CA GLU T 111 -70.06 -40.63 -11.19
C GLU T 111 -70.02 -42.09 -10.71
N GLN T 112 -69.55 -42.99 -11.58
CA GLN T 112 -69.35 -44.39 -11.21
C GLN T 112 -68.40 -44.53 -10.02
N LYS T 113 -67.25 -43.86 -10.12
CA LYS T 113 -66.26 -43.85 -9.03
C LYS T 113 -66.88 -43.35 -7.71
N ARG T 114 -67.64 -42.26 -7.79
CA ARG T 114 -68.31 -41.68 -6.63
C ARG T 114 -69.25 -42.68 -5.95
N GLN T 115 -70.09 -43.34 -6.76
CA GLN T 115 -71.05 -44.32 -6.22
C GLN T 115 -70.35 -45.55 -5.61
N ALA T 116 -69.24 -45.98 -6.23
CA ALA T 116 -68.42 -47.05 -5.67
C ALA T 116 -67.88 -46.66 -4.29
N ARG T 117 -67.39 -45.44 -4.20
CA ARG T 117 -66.95 -44.87 -2.93
C ARG T 117 -68.05 -44.93 -1.87
N GLU T 118 -69.23 -44.43 -2.23
CA GLU T 118 -70.36 -44.38 -1.30
C GLU T 118 -70.82 -45.75 -0.81
N GLN T 119 -70.89 -46.72 -1.71
CA GLN T 119 -71.26 -48.09 -1.34
C GLN T 119 -70.21 -48.72 -0.42
N LEU T 120 -68.94 -48.43 -0.72
CA LEU T 120 -67.83 -48.88 0.13
C LEU T 120 -67.95 -48.32 1.56
N ILE T 121 -68.22 -47.02 1.67
CA ILE T 121 -68.46 -46.37 2.96
C ILE T 121 -69.65 -46.98 3.71
N GLU T 122 -70.73 -47.28 2.99
CA GLU T 122 -71.90 -47.94 3.58
C GLU T 122 -71.57 -49.30 4.19
N GLU T 123 -70.94 -50.17 3.39
CA GLU T 123 -70.51 -51.50 3.86
C GLU T 123 -69.55 -51.42 5.06
N CYS T 124 -68.61 -50.48 4.97
CA CYS T 124 -67.62 -50.29 6.04
C CYS T 124 -68.24 -49.78 7.34
N MET T 125 -69.28 -48.94 7.22
CA MET T 125 -69.99 -48.43 8.40
C MET T 125 -70.94 -49.48 9.00
N ALA T 126 -71.41 -50.40 8.15
CA ALA T 126 -72.17 -51.56 8.64
C ALA T 126 -71.25 -52.53 9.37
N LYS T 127 -70.00 -52.59 8.92
CA LYS T 127 -68.99 -53.46 9.51
C LYS T 127 -68.31 -52.81 10.73
N MET T 128 -68.50 -51.50 10.90
CA MET T 128 -67.85 -50.76 11.99
C MET T 128 -68.23 -51.24 13.41
N PRO T 129 -69.54 -51.28 13.76
CA PRO T 129 -69.87 -51.69 15.14
C PRO T 129 -69.47 -53.14 15.41
N GLN T 130 -69.53 -53.94 14.36
CA GLN T 130 -69.13 -55.33 14.37
C GLN T 130 -67.65 -55.53 14.68
N MET T 131 -66.80 -54.86 13.91
CA MET T 131 -65.35 -54.93 14.10
C MET T 131 -64.92 -54.37 15.45
N ILE T 132 -65.47 -53.21 15.82
CA ILE T 132 -65.07 -52.58 17.08
C ILE T 132 -65.50 -53.45 18.27
N GLU T 133 -66.68 -54.06 18.21
CA GLU T 133 -67.11 -54.92 19.31
C GLU T 133 -66.27 -56.22 19.36
N ASN T 134 -65.99 -56.79 18.18
CA ASN T 134 -65.20 -58.01 18.07
C ASN T 134 -63.79 -57.85 18.62
N TRP T 135 -63.17 -56.70 18.34
CA TRP T 135 -61.81 -56.46 18.84
C TRP T 135 -61.79 -56.02 20.30
N ARG T 136 -62.73 -55.16 20.70
CA ARG T 136 -62.80 -54.71 22.09
C ARG T 136 -63.01 -55.88 23.07
N GLN T 137 -63.95 -56.76 22.73
CA GLN T 137 -64.22 -57.95 23.56
C GLN T 137 -63.01 -58.89 23.62
N GLN T 138 -62.26 -58.94 22.53
CA GLN T 138 -61.11 -59.84 22.41
C GLN T 138 -59.87 -59.35 23.18
N GLN T 139 -59.59 -58.05 23.09
CA GLN T 139 -58.55 -57.43 23.90
C GLN T 139 -58.89 -57.54 25.38
N GLN T 140 -60.16 -57.28 25.68
CA GLN T 140 -60.70 -57.39 27.04
C GLN T 140 -60.56 -58.82 27.56
N GLU T 141 -60.59 -59.79 26.63
CA GLU T 141 -60.39 -61.21 26.95
C GLU T 141 -58.91 -61.58 27.17
N ARG T 142 -58.03 -60.93 26.41
CA ARG T 142 -56.58 -61.13 26.54
C ARG T 142 -56.07 -60.59 27.88
N ARG T 143 -56.69 -59.51 28.36
CA ARG T 143 -56.37 -58.98 29.69
C ARG T 143 -56.68 -60.00 30.81
N UNK T 144 -57.89 -60.59 30.73
CA UNK T 144 -58.33 -61.63 31.72
C UNK T 144 -57.57 -63.03 31.60
N UNK T 145 -57.20 -63.43 30.38
CA UNK T 145 -56.29 -64.62 30.17
C UNK T 145 -54.77 -64.38 30.63
N UNK T 146 -54.22 -63.19 30.39
CA UNK T 146 -52.90 -62.78 31.00
C UNK T 146 -52.96 -62.58 32.59
N UNK T 147 -54.06 -62.04 33.10
CA UNK T 147 -54.35 -62.01 34.59
C UNK T 147 -54.54 -63.45 35.25
N UNK T 148 -55.25 -64.36 34.57
CA UNK T 148 -55.35 -65.79 35.02
C UNK T 148 -54.00 -66.63 34.86
N UNK T 149 -53.22 -66.38 33.81
CA UNK T 149 -51.83 -66.98 33.68
C UNK T 149 -50.75 -66.38 34.73
N UNK T 150 -50.78 -65.07 34.97
CA UNK T 150 -49.97 -64.45 36.08
C UNK T 150 -50.45 -64.82 37.57
N UNK T 151 -51.76 -64.95 37.78
CA UNK T 151 -52.31 -65.46 39.10
C UNK T 151 -52.21 -67.04 39.29
N UNK T 152 -52.14 -67.79 38.18
CA UNK T 152 -51.77 -69.25 38.24
C UNK T 152 -50.21 -69.53 38.35
N UNK T 153 -49.37 -68.63 37.82
CA UNK T 153 -47.87 -68.73 38.01
C UNK T 153 -47.30 -68.19 39.43
N UNK T 154 -47.90 -67.13 39.99
CA UNK T 154 -47.43 -66.48 41.26
C UNK T 154 -47.41 -67.41 42.54
N UNK T 155 -50.10 -68.91 42.07
CA UNK T 155 -50.18 -69.77 43.25
C UNK T 155 -49.04 -70.82 43.32
N PRO U 40 101.23 -12.12 -22.80
CA PRO U 40 102.19 -11.79 -23.87
C PRO U 40 101.57 -11.97 -25.25
N VAL U 41 100.47 -12.73 -25.32
CA VAL U 41 99.76 -12.97 -26.56
C VAL U 41 98.32 -12.43 -26.46
N ALA U 42 97.91 -11.62 -27.43
CA ALA U 42 96.58 -11.03 -27.41
C ALA U 42 95.60 -11.86 -28.22
N ARG U 43 94.66 -12.51 -27.54
CA ARG U 43 93.67 -13.35 -28.22
C ARG U 43 92.29 -12.70 -28.23
N TYR U 44 91.85 -12.25 -29.40
CA TYR U 44 90.52 -11.68 -29.59
C TYR U 44 89.51 -12.74 -29.96
N PRO U 45 88.29 -12.65 -29.42
CA PRO U 45 87.19 -13.52 -29.85
C PRO U 45 86.81 -13.27 -31.31
N PRO U 46 86.20 -14.27 -31.97
CA PRO U 46 85.85 -14.15 -33.39
C PRO U 46 84.76 -13.10 -33.65
N ILE U 47 84.75 -12.51 -34.85
CA ILE U 47 83.87 -11.39 -35.18
C ILE U 47 82.52 -11.81 -35.81
N VAL U 48 82.21 -13.11 -35.77
CA VAL U 48 80.93 -13.65 -36.26
C VAL U 48 79.66 -13.15 -35.53
N ALA U 49 78.51 -13.26 -36.20
CA ALA U 49 77.20 -12.89 -35.62
C ALA U 49 76.70 -13.89 -34.57
N SER U 50 75.94 -13.43 -33.59
CA SER U 50 75.41 -14.32 -32.54
C SER U 50 74.30 -15.22 -33.07
N LEU U 51 74.12 -16.39 -32.47
CA LEU U 51 73.17 -17.38 -33.01
C LEU U 51 71.71 -17.10 -32.71
N THR U 52 71.42 -16.54 -31.56
CA THR U 52 70.05 -16.52 -31.06
C THR U 52 69.30 -15.23 -31.38
N ALA U 53 69.99 -14.22 -31.89
CA ALA U 53 69.33 -12.94 -32.15
C ALA U 53 68.26 -13.03 -33.25
N LYS U 54 67.37 -12.05 -33.30
CA LYS U 54 66.28 -12.05 -34.26
C LYS U 54 66.74 -11.60 -35.64
N SER U 55 67.97 -11.10 -35.72
CA SER U 55 68.49 -10.42 -36.92
C SER U 55 68.66 -11.31 -38.17
N LYS U 56 68.77 -10.69 -39.33
CA LYS U 56 69.05 -11.41 -40.58
C LYS U 56 70.43 -12.09 -40.58
N ALA U 57 71.42 -11.39 -40.03
CA ALA U 57 72.76 -11.96 -39.91
C ALA U 57 72.74 -13.26 -39.11
N ALA U 58 72.05 -13.24 -37.98
CA ALA U 58 71.88 -14.43 -37.14
C ALA U 58 71.25 -15.58 -37.93
N ARG U 59 70.07 -15.33 -38.52
CA ARG U 59 69.35 -16.32 -39.32
C ARG U 59 70.29 -16.96 -40.34
N GLN U 60 71.02 -16.11 -41.04
CA GLN U 60 72.05 -16.56 -41.99
C GLN U 60 73.02 -17.53 -41.33
N ARG U 61 73.53 -17.16 -40.16
CA ARG U 61 74.48 -18.03 -39.51
C ARG U 61 73.89 -19.38 -39.13
N ARG U 62 72.65 -19.41 -38.67
CA ARG U 62 72.03 -20.68 -38.31
C ARG U 62 71.84 -21.58 -39.53
N VAL U 63 71.41 -20.98 -40.65
CA VAL U 63 71.36 -21.71 -41.93
C VAL U 63 72.72 -22.37 -42.20
N GLU U 64 73.77 -21.57 -41.99
CA GLU U 64 75.12 -22.07 -42.17
C GLU U 64 75.43 -23.21 -41.19
N GLN U 65 74.69 -23.25 -40.07
CA GLN U 65 74.86 -24.32 -39.09
C GLN U 65 74.18 -25.66 -39.46
N TRP U 66 72.96 -25.64 -40.00
CA TRP U 66 72.38 -26.93 -40.42
C TRP U 66 73.06 -27.42 -41.70
N GLN U 67 73.51 -26.49 -42.54
CA GLN U 67 74.33 -26.91 -43.68
C GLN U 67 75.64 -27.52 -43.21
N ALA U 68 76.19 -26.97 -42.13
CA ALA U 68 77.38 -27.55 -41.51
C ALA U 68 77.08 -28.96 -40.98
N THR U 69 75.84 -29.21 -40.61
CA THR U 69 75.44 -30.58 -40.24
C THR U 69 75.45 -31.52 -41.42
N VAL U 70 74.94 -31.06 -42.56
CA VAL U 70 74.99 -31.89 -43.77
C VAL U 70 76.42 -32.25 -44.17
N HIS U 71 77.31 -31.25 -44.13
CA HIS U 71 78.73 -31.49 -44.46
C HIS U 71 79.35 -32.63 -43.64
N ALA U 72 78.93 -32.72 -42.39
CA ALA U 72 79.53 -33.64 -41.43
C ALA U 72 78.83 -35.00 -41.42
N ALA U 73 77.89 -35.22 -42.34
CA ALA U 73 77.21 -36.51 -42.43
C ALA U 73 78.11 -37.53 -43.11
N LYS U 74 77.69 -38.80 -43.19
CA LYS U 74 78.57 -39.83 -43.71
C LYS U 74 77.94 -40.64 -44.83
N SER U 75 76.90 -41.40 -44.53
CA SER U 75 76.17 -42.13 -45.56
C SER U 75 75.43 -41.13 -46.43
N VAL U 76 75.11 -41.52 -47.66
CA VAL U 76 74.36 -40.63 -48.53
C VAL U 76 72.96 -40.42 -47.96
N ASP U 77 72.44 -41.45 -47.29
CA ASP U 77 71.11 -41.39 -46.69
C ASP U 77 70.92 -40.25 -45.71
N GLU U 78 71.89 -40.09 -44.80
CA GLU U 78 71.83 -38.99 -43.86
C GLU U 78 71.76 -37.66 -44.60
N LYS U 79 72.58 -37.54 -45.65
CA LYS U 79 72.58 -36.32 -46.45
C LYS U 79 71.21 -36.06 -47.04
N LEU U 80 70.66 -37.05 -47.73
CA LEU U 80 69.37 -36.89 -48.38
C LEU U 80 68.26 -36.58 -47.37
N ARG U 81 68.31 -37.24 -46.21
CA ARG U 81 67.29 -37.02 -45.20
C ARG U 81 67.36 -35.62 -44.63
N ILE U 82 68.56 -35.12 -44.39
CA ILE U 82 68.70 -33.78 -43.86
C ILE U 82 68.40 -32.70 -44.90
N LEU U 83 68.66 -32.98 -46.17
CA LEU U 83 68.30 -32.01 -47.20
C LEU U 83 66.79 -31.98 -47.42
N THR U 84 66.16 -33.14 -47.42
CA THR U 84 64.74 -33.23 -47.76
C THR U 84 63.71 -33.29 -46.62
N LYS U 85 64.13 -33.21 -45.36
CA LYS U 85 63.17 -33.40 -44.26
C LYS U 85 62.26 -32.18 -44.03
N MET U 86 62.71 -30.98 -44.40
CA MET U 86 61.88 -29.79 -44.28
C MET U 86 60.76 -29.83 -45.31
N GLN U 87 59.53 -29.58 -44.86
CA GLN U 87 58.36 -29.88 -45.67
C GLN U 87 57.73 -28.72 -46.48
N PHE U 88 58.36 -27.56 -46.65
CA PHE U 88 57.63 -26.39 -47.18
C PHE U 88 57.12 -26.47 -48.63
N MET U 89 56.45 -25.40 -49.05
CA MET U 89 55.69 -25.33 -50.32
C MET U 89 56.52 -25.09 -51.59
N LYS U 90 56.22 -25.82 -52.66
CA LYS U 90 57.04 -25.81 -53.87
C LYS U 90 56.26 -25.78 -55.19
N TYR U 91 56.93 -25.53 -56.31
CA TYR U 91 56.31 -25.63 -57.64
C TYR U 91 56.50 -27.01 -58.22
N VAL U 92 55.43 -27.63 -58.71
CA VAL U 92 55.56 -28.95 -59.34
C VAL U 92 55.73 -28.83 -60.84
N VAL U 93 56.93 -29.12 -61.32
CA VAL U 93 57.28 -28.96 -62.73
C VAL U 93 57.08 -30.24 -63.51
N TYR U 94 56.06 -30.27 -64.37
CA TYR U 94 55.84 -31.43 -65.23
C TYR U 94 56.77 -31.40 -66.41
N PRO U 95 57.42 -32.52 -66.69
CA PRO U 95 58.30 -32.53 -67.86
C PRO U 95 57.52 -32.31 -69.15
N GLN U 96 56.28 -32.77 -69.23
CA GLN U 96 55.51 -32.61 -70.46
C GLN U 96 54.38 -31.60 -70.28
N THR U 97 54.53 -30.43 -70.91
CA THR U 97 53.65 -29.32 -70.61
C THR U 97 52.78 -28.88 -71.79
N PHE U 98 51.63 -28.30 -71.46
CA PHE U 98 50.80 -27.69 -72.48
C PHE U 98 51.03 -26.16 -72.55
N ALA U 99 51.96 -25.66 -71.73
CA ALA U 99 52.32 -24.22 -71.69
C ALA U 99 52.90 -23.70 -73.02
N LEU U 100 52.74 -22.41 -73.28
CA LEU U 100 53.01 -21.86 -74.62
C LEU U 100 54.47 -21.78 -75.01
N ASN U 101 55.32 -21.28 -74.13
CA ASN U 101 56.72 -21.59 -74.31
C ASN U 101 57.24 -22.11 -73.00
N ALA U 102 57.39 -23.43 -72.91
CA ALA U 102 57.88 -24.03 -71.69
C ALA U 102 59.40 -24.00 -71.66
N ASP U 103 60.01 -24.31 -72.80
CA ASP U 103 61.46 -24.42 -72.93
C ASP U 103 62.21 -23.23 -72.33
N ASN U 104 61.75 -22.03 -72.66
CA ASN U 104 62.28 -20.79 -72.11
C ASN U 104 62.27 -20.83 -70.59
N TRP U 105 61.10 -21.12 -70.02
CA TRP U 105 60.92 -21.15 -68.58
C TRP U 105 61.75 -22.22 -67.88
N TYR U 106 61.89 -23.40 -68.50
CA TYR U 106 62.62 -24.48 -67.88
C TYR U 106 64.11 -24.22 -67.90
N GLN U 107 64.58 -23.58 -68.95
CA GLN U 107 65.95 -23.08 -68.90
C GLN U 107 66.05 -22.13 -67.72
N SER U 108 65.11 -21.19 -67.59
CA SER U 108 65.15 -20.23 -66.48
C SER U 108 65.22 -20.89 -65.09
N PHE U 109 64.42 -21.95 -64.86
CA PHE U 109 64.46 -22.67 -63.58
C PHE U 109 65.76 -23.39 -63.36
N THR U 110 66.16 -24.15 -64.37
CA THR U 110 67.17 -25.15 -64.22
C THR U 110 68.57 -24.66 -64.54
N LYS U 111 68.66 -23.48 -65.14
CA LYS U 111 69.96 -22.95 -65.56
C LYS U 111 70.55 -23.90 -66.60
N THR U 112 69.74 -24.20 -67.60
CA THR U 112 70.19 -24.93 -68.79
C THR U 112 70.46 -23.95 -69.94
N VAL U 113 71.51 -24.24 -70.71
CA VAL U 113 71.73 -23.54 -71.98
C VAL U 113 71.49 -24.51 -73.12
N PHE U 114 70.42 -24.29 -73.87
CA PHE U 114 70.09 -25.19 -74.98
C PHE U 114 70.87 -24.83 -76.25
N LEU U 115 71.39 -25.85 -76.92
CA LEU U 115 72.16 -25.68 -78.16
C LEU U 115 71.60 -26.59 -79.24
N SER U 116 71.23 -26.02 -80.38
CA SER U 116 70.72 -26.82 -81.49
C SER U 116 71.84 -27.67 -82.07
N GLY U 117 71.49 -28.87 -82.52
CA GLY U 117 72.47 -29.77 -83.07
C GLY U 117 73.11 -30.64 -82.01
N LEU U 118 73.50 -31.85 -82.42
CA LEU U 118 74.04 -32.83 -81.48
C LEU U 118 75.45 -32.46 -81.04
N PRO U 119 75.86 -32.87 -79.83
CA PRO U 119 77.20 -32.53 -79.32
C PRO U 119 78.33 -33.01 -80.23
N PRO U 120 79.48 -32.30 -80.21
CA PRO U 120 80.59 -32.58 -81.14
C PRO U 120 80.99 -34.05 -81.19
N THR U 121 81.29 -34.51 -82.40
CA THR U 121 81.70 -35.89 -82.63
C THR U 121 82.94 -36.24 -81.82
N PRO U 122 82.83 -37.26 -80.96
CA PRO U 122 83.99 -37.80 -80.23
C PRO U 122 84.89 -38.65 -81.16
N ALA U 123 85.76 -38.00 -81.93
CA ALA U 123 86.57 -38.64 -82.99
C ALA U 123 87.55 -39.70 -82.44
N LYS U 124 87.62 -39.81 -81.12
CA LYS U 124 88.39 -40.83 -80.42
C LYS U 124 87.87 -42.26 -80.66
N LEU U 125 86.79 -42.38 -81.42
CA LEU U 125 86.06 -43.65 -81.58
C LEU U 125 86.95 -44.85 -81.88
N GLU U 126 86.65 -45.96 -81.23
CA GLU U 126 87.16 -47.27 -81.59
C GLU U 126 86.21 -47.89 -82.63
N PRO U 127 86.78 -48.34 -83.77
CA PRO U 127 85.99 -48.66 -84.98
C PRO U 127 85.09 -49.90 -84.82
N GLU U 128 84.25 -49.89 -83.79
CA GLU U 128 83.22 -50.91 -83.58
C GLU U 128 82.12 -50.97 -84.65
N PRO U 129 81.73 -49.84 -85.25
CA PRO U 129 80.59 -49.91 -86.21
C PRO U 129 80.80 -50.80 -87.45
N THR U 130 80.86 -52.11 -87.22
CA THR U 130 80.77 -53.11 -88.28
C THR U 130 79.30 -53.52 -88.45
N LEU U 131 78.44 -52.79 -87.76
CA LEU U 131 77.01 -53.08 -87.65
C LEU U 131 76.24 -53.22 -88.95
N ASP U 132 75.33 -54.20 -88.98
CA ASP U 132 74.41 -54.37 -90.09
C ASP U 132 73.20 -53.47 -89.89
N ILE U 133 72.96 -52.63 -90.89
CA ILE U 133 71.81 -51.73 -90.86
C ILE U 133 70.55 -52.46 -91.29
N THR U 134 70.70 -53.49 -92.12
CA THR U 134 69.57 -54.28 -92.60
C THR U 134 68.99 -55.18 -91.49
N ALA U 135 69.87 -55.74 -90.67
CA ALA U 135 69.46 -56.56 -89.53
C ALA U 135 68.58 -55.76 -88.58
N LEU U 136 69.04 -54.56 -88.24
CA LEU U 136 68.31 -53.66 -87.36
C LEU U 136 67.04 -53.13 -88.01
N ARG U 137 67.08 -52.90 -89.32
CA ARG U 137 65.88 -52.54 -90.08
C ARG U 137 64.81 -53.57 -89.85
N GLU U 138 65.19 -54.82 -90.10
CA GLU U 138 64.35 -55.96 -89.85
C GLU U 138 63.80 -55.91 -88.43
N ALA U 139 64.71 -55.78 -87.46
CA ALA U 139 64.35 -55.83 -86.05
C ALA U 139 63.29 -54.79 -85.67
N VAL U 140 63.51 -53.54 -86.07
CA VAL U 140 62.57 -52.47 -85.78
C VAL U 140 61.22 -52.70 -86.49
N CYS U 141 61.28 -53.10 -87.76
CA CYS U 141 60.06 -53.36 -88.51
C CYS U 141 59.24 -54.47 -87.88
N ASP U 142 59.90 -55.40 -87.19
CA ASP U 142 59.18 -56.47 -86.49
C ASP U 142 58.20 -55.90 -85.47
N CYS U 143 58.73 -55.02 -84.62
CA CYS U 143 57.94 -54.32 -83.62
C CYS U 143 56.86 -53.45 -84.26
N LEU U 144 57.26 -52.64 -85.24
CA LEU U 144 56.31 -51.77 -85.95
C LEU U 144 55.11 -52.53 -86.52
N LEU U 145 55.38 -53.57 -87.30
CA LEU U 145 54.32 -54.33 -87.93
C LEU U 145 53.52 -55.15 -86.91
N GLN U 146 54.20 -55.73 -85.92
CA GLN U 146 53.54 -56.50 -84.89
C GLN U 146 52.55 -55.64 -84.12
N GLU U 147 52.90 -54.36 -84.00
CA GLU U 147 52.06 -53.42 -83.27
C GLU U 147 50.88 -52.95 -84.11
N HIS U 148 51.19 -52.25 -85.20
CA HIS U 148 50.13 -51.60 -85.98
C HIS U 148 49.35 -52.58 -86.85
N PHE U 149 49.83 -53.81 -87.00
CA PHE U 149 49.15 -54.76 -87.89
C PHE U 149 48.92 -56.14 -87.28
N PHE U 150 49.99 -56.89 -87.08
CA PHE U 150 49.90 -58.32 -86.76
C PHE U 150 49.15 -58.67 -85.48
N LEU U 151 49.32 -57.86 -84.44
CA LEU U 151 48.69 -58.20 -83.17
C LEU U 151 47.19 -57.91 -83.16
N ARG U 152 46.41 -58.94 -82.88
CA ARG U 152 44.97 -58.80 -82.71
C ARG U 152 44.68 -58.50 -81.26
N ARG U 153 44.18 -57.30 -81.01
CA ARG U 153 43.79 -56.88 -79.67
C ARG U 153 42.29 -57.04 -79.62
N LYS U 154 41.76 -57.40 -78.44
CA LYS U 154 40.32 -57.54 -78.28
C LYS U 154 39.65 -56.28 -78.82
N LYS U 155 38.59 -56.46 -79.61
CA LYS U 155 38.12 -55.37 -80.46
C LYS U 155 37.84 -54.10 -79.66
N ARG U 156 38.49 -53.02 -80.07
CA ARG U 156 38.33 -51.72 -79.44
C ARG U 156 37.17 -50.97 -80.08
N ALA U 157 36.18 -50.66 -79.26
CA ALA U 157 35.04 -49.84 -79.68
C ALA U 157 35.41 -48.43 -80.21
N PRO U 158 36.46 -47.78 -79.66
CA PRO U 158 36.78 -46.45 -80.20
C PRO U 158 37.18 -46.40 -81.70
N VAL U 159 37.94 -47.41 -82.15
CA VAL U 159 38.46 -47.50 -83.54
C VAL U 159 39.52 -46.42 -83.82
N ILE U 160 39.62 -45.46 -82.90
CA ILE U 160 40.61 -44.40 -82.98
C ILE U 160 42.03 -44.96 -82.78
N GLN U 161 42.12 -46.12 -82.14
CA GLN U 161 43.40 -46.80 -81.91
C GLN U 161 44.41 -45.88 -81.23
N ASP U 162 44.17 -45.61 -79.94
CA ASP U 162 44.91 -44.58 -79.19
C ASP U 162 46.41 -44.70 -79.38
N ARG U 163 47.05 -43.58 -79.73
CA ARG U 163 48.48 -43.59 -79.97
C ARG U 163 49.22 -43.85 -78.66
N GLU U 164 48.55 -43.60 -77.54
CA GLU U 164 49.12 -43.88 -76.24
C GLU U 164 49.08 -45.37 -75.95
N ALA U 165 48.02 -46.03 -76.44
CA ALA U 165 47.88 -47.48 -76.28
C ALA U 165 48.72 -48.23 -77.31
N ILE U 166 48.92 -47.63 -78.48
CA ILE U 166 49.72 -48.26 -79.54
C ILE U 166 51.23 -48.05 -79.39
N ALA U 167 51.65 -46.86 -78.98
CA ALA U 167 53.08 -46.55 -78.95
C ALA U 167 53.78 -47.18 -77.76
N SER U 168 53.10 -47.28 -76.61
CA SER U 168 53.73 -47.83 -75.40
C SER U 168 54.33 -49.23 -75.64
N PRO U 169 53.52 -50.17 -76.17
CA PRO U 169 54.14 -51.49 -76.41
C PRO U 169 55.20 -51.42 -77.49
N PHE U 170 55.03 -50.56 -78.50
CA PHE U 170 56.06 -50.45 -79.54
C PHE U 170 57.38 -49.91 -79.00
N LEU U 171 57.29 -48.93 -78.10
CA LEU U 171 58.48 -48.33 -77.51
C LEU U 171 59.21 -49.33 -76.63
N ASP U 172 58.46 -50.01 -75.76
CA ASP U 172 59.05 -51.05 -74.91
C ASP U 172 59.71 -52.16 -75.71
N GLN U 173 58.96 -52.63 -76.70
CA GLN U 173 59.43 -53.67 -77.59
C GLN U 173 60.72 -53.27 -78.31
N LEU U 174 60.73 -52.04 -78.81
CA LEU U 174 61.87 -51.49 -79.54
C LEU U 174 63.12 -51.43 -78.69
N VAL U 175 62.96 -50.94 -77.46
CA VAL U 175 64.08 -50.89 -76.51
C VAL U 175 64.62 -52.28 -76.19
N ALA U 176 63.72 -53.18 -75.80
CA ALA U 176 64.12 -54.55 -75.48
C ALA U 176 64.81 -55.24 -76.66
N SER U 177 64.34 -54.97 -77.87
CA SER U 177 64.91 -55.57 -79.07
C SER U 177 66.30 -55.02 -79.39
N LEU U 178 66.41 -53.70 -79.49
CA LEU U 178 67.70 -53.07 -79.81
C LEU U 178 68.74 -53.37 -78.74
N THR U 179 68.27 -53.59 -77.51
CA THR U 179 69.14 -53.89 -76.38
C THR U 179 70.10 -55.04 -76.64
N GLY U 180 69.58 -56.18 -77.09
CA GLY U 180 70.41 -57.36 -77.33
C GLY U 180 71.30 -57.26 -78.56
N LEU U 181 70.68 -56.88 -79.67
CA LEU U 181 71.40 -56.71 -80.92
C LEU U 181 72.58 -55.78 -80.78
N LEU U 182 72.38 -54.66 -80.08
CA LEU U 182 73.50 -53.75 -79.86
C LEU U 182 74.36 -54.18 -78.67
N SER U 183 73.84 -55.06 -77.82
CA SER U 183 74.63 -55.63 -76.72
C SER U 183 75.76 -56.50 -77.23
N VAL U 184 75.54 -57.12 -78.39
CA VAL U 184 76.61 -57.87 -79.07
C VAL U 184 77.91 -57.06 -79.21
N HIS U 185 77.77 -55.82 -79.69
CA HIS U 185 78.88 -54.90 -79.94
C HIS U 185 79.14 -53.95 -78.77
N ASN U 186 78.37 -54.10 -77.70
CA ASN U 186 78.47 -53.20 -76.54
C ASN U 186 78.27 -53.97 -75.25
N PRO U 187 79.35 -54.57 -74.73
CA PRO U 187 79.27 -55.41 -73.53
C PRO U 187 78.81 -54.66 -72.26
N VAL U 188 78.87 -53.34 -72.28
CA VAL U 188 78.39 -52.52 -71.17
C VAL U 188 76.88 -52.67 -70.98
N LEU U 189 76.16 -52.89 -72.09
CA LEU U 189 74.72 -53.06 -72.06
C LEU U 189 74.29 -54.43 -71.54
N ALA U 190 75.27 -55.31 -71.31
CA ALA U 190 74.97 -56.66 -70.82
C ALA U 190 74.63 -56.64 -69.35
N ALA U 191 75.33 -55.82 -68.58
CA ALA U 191 75.08 -55.75 -67.14
C ALA U 191 74.03 -54.69 -66.79
N ALA U 192 73.46 -54.05 -67.80
CA ALA U 192 72.59 -52.91 -67.56
C ALA U 192 71.28 -53.33 -66.92
N ALA U 193 70.67 -52.40 -66.19
CA ALA U 193 69.31 -52.61 -65.69
C ALA U 193 68.33 -51.94 -66.63
N LEU U 194 67.17 -52.56 -66.83
CA LEU U 194 66.15 -51.95 -67.64
C LEU U 194 64.90 -51.63 -66.82
N ASP U 195 64.61 -50.35 -66.68
CA ASP U 195 63.45 -49.88 -65.92
C ASP U 195 62.26 -49.64 -66.87
N CYS U 196 61.11 -50.25 -66.53
CA CYS U 196 59.88 -50.05 -67.28
C CYS U 196 58.90 -49.20 -66.46
N LYS U 197 58.69 -47.95 -66.90
CA LYS U 197 57.87 -46.98 -66.17
C LYS U 197 58.14 -46.94 -64.66
N ARG U 198 59.29 -46.43 -64.27
CA ARG U 198 59.57 -46.21 -62.85
C ARG U 198 59.82 -44.73 -62.59
N PRO U 199 59.33 -44.22 -61.44
CA PRO U 199 59.39 -42.78 -61.19
C PRO U 199 60.81 -42.27 -61.01
N VAL U 200 61.07 -41.04 -61.47
CA VAL U 200 62.32 -40.35 -61.22
C VAL U 200 62.00 -38.99 -60.63
N HIS U 201 62.43 -38.77 -59.39
CA HIS U 201 62.09 -37.54 -58.71
C HIS U 201 63.31 -36.67 -58.49
N PHE U 202 63.12 -35.36 -58.44
CA PHE U 202 64.20 -34.47 -58.04
C PHE U 202 63.67 -33.21 -57.38
N PHE U 203 64.44 -32.68 -56.44
CA PHE U 203 63.98 -31.56 -55.64
C PHE U 203 65.10 -30.52 -55.50
N TRP U 204 64.87 -29.28 -55.94
CA TRP U 204 65.97 -28.34 -55.84
C TRP U 204 65.53 -26.92 -55.52
N LEU U 205 66.50 -26.10 -55.15
CA LEU U 205 66.25 -24.71 -54.78
C LEU U 205 66.69 -23.77 -55.89
N ARG U 206 66.01 -22.64 -56.01
CA ARG U 206 66.42 -21.59 -56.95
C ARG U 206 65.95 -20.20 -56.48
N GLY U 207 66.80 -19.20 -56.65
CA GLY U 207 66.39 -17.81 -56.52
C GLY U 207 65.86 -17.36 -55.17
N GLU U 208 65.42 -16.11 -55.13
CA GLU U 208 64.85 -15.50 -53.94
C GLU U 208 63.48 -15.00 -54.28
N GLU U 209 62.58 -15.00 -53.32
CA GLU U 209 61.29 -14.39 -53.53
C GLU U 209 60.84 -13.65 -52.28
N ILE U 210 60.51 -12.36 -52.41
CA ILE U 210 59.86 -11.69 -51.29
C ILE U 210 58.38 -12.11 -51.29
N ILE U 211 57.91 -12.58 -50.13
CA ILE U 211 56.57 -13.16 -50.03
C ILE U 211 55.50 -12.08 -50.06
N PRO U 212 54.69 -12.06 -51.13
CA PRO U 212 53.70 -10.99 -51.32
C PRO U 212 52.58 -10.93 -50.27
N ARG U 213 51.92 -12.06 -50.02
CA ARG U 213 50.70 -12.09 -49.21
C ARG U 213 50.86 -13.08 -48.07
N GLY U 214 50.00 -13.00 -47.08
CA GLY U 214 50.06 -13.89 -45.91
C GLY U 214 50.60 -13.17 -44.69
N HIS U 215 50.73 -13.85 -43.56
CA HIS U 215 51.20 -13.19 -42.35
C HIS U 215 52.72 -13.17 -42.30
N ARG U 216 53.37 -13.75 -43.31
CA ARG U 216 54.83 -13.63 -43.44
C ARG U 216 55.22 -12.55 -44.45
N LYS U 217 54.23 -11.79 -44.90
CA LYS U 217 54.43 -10.79 -45.97
C LYS U 217 55.62 -9.88 -45.70
N GLY U 218 56.50 -9.77 -46.69
CA GLY U 218 57.68 -8.94 -46.57
C GLY U 218 58.97 -9.70 -46.34
N ARG U 219 58.89 -10.97 -45.93
CA ARG U 219 60.12 -11.73 -45.67
C ARG U 219 60.64 -12.47 -46.90
N VAL U 220 61.80 -13.09 -46.74
CA VAL U 220 62.54 -13.61 -47.90
C VAL U 220 62.62 -15.14 -47.90
N ASP U 221 62.14 -15.74 -48.97
CA ASP U 221 62.09 -17.20 -49.09
C ASP U 221 62.73 -17.71 -50.39
N ALA U 222 63.26 -18.92 -50.33
CA ALA U 222 63.87 -19.58 -51.48
C ALA U 222 62.81 -20.28 -52.33
N LEU U 223 62.89 -20.18 -53.65
CA LEU U 223 61.89 -20.87 -54.46
C LEU U 223 62.25 -22.35 -54.55
N ARG U 224 61.25 -23.23 -54.47
CA ARG U 224 61.53 -24.65 -54.47
C ARG U 224 60.84 -25.35 -55.64
N TYR U 225 61.48 -26.36 -56.20
CA TYR U 225 60.92 -27.04 -57.36
C TYR U 225 61.02 -28.54 -57.23
N GLN U 226 59.90 -29.20 -57.53
CA GLN U 226 59.85 -30.65 -57.52
C GLN U 226 59.54 -31.18 -58.91
N ILE U 227 60.27 -32.19 -59.33
CA ILE U 227 59.94 -32.88 -60.56
C ILE U 227 59.62 -34.31 -60.24
N ASN U 228 58.39 -34.71 -60.55
CA ASN U 228 58.03 -36.12 -60.57
C ASN U 228 57.88 -36.57 -61.98
N ASP U 229 58.79 -37.40 -62.42
CA ASP U 229 58.77 -37.85 -63.79
C ASP U 229 58.50 -39.35 -63.83
N LYS U 230 57.96 -39.85 -64.93
CA LYS U 230 57.81 -41.29 -65.07
C LYS U 230 58.25 -41.72 -66.47
N PRO U 231 59.56 -41.77 -66.71
CA PRO U 231 60.16 -42.12 -68.00
C PRO U 231 59.81 -43.51 -68.42
N HIS U 232 59.38 -43.65 -69.67
CA HIS U 232 58.88 -44.91 -70.17
C HIS U 232 59.88 -46.06 -70.04
N ASN U 233 61.14 -45.78 -70.33
CA ASN U 233 62.23 -46.75 -70.13
C ASN U 233 63.52 -46.09 -69.66
N GLN U 234 64.15 -46.64 -68.63
CA GLN U 234 65.47 -46.13 -68.27
C GLN U 234 66.53 -47.23 -68.36
N ILE U 235 67.66 -46.91 -68.97
CA ILE U 235 68.78 -47.84 -69.06
C ILE U 235 69.80 -47.45 -67.99
N ARG U 236 70.11 -48.38 -67.10
CA ARG U 236 71.03 -48.09 -66.00
C ARG U 236 72.36 -48.81 -66.08
N ILE U 237 73.42 -48.06 -65.82
CA ILE U 237 74.78 -48.58 -65.82
C ILE U 237 75.40 -48.35 -64.44
N SER U 238 76.47 -49.10 -64.15
CA SER U 238 77.17 -49.02 -62.89
C SER U 238 78.40 -48.10 -62.91
N ARG U 239 78.73 -47.53 -64.06
CA ARG U 239 79.80 -46.53 -64.12
C ARG U 239 79.40 -45.32 -64.95
N GLN U 240 80.05 -44.19 -64.73
CA GLN U 240 79.67 -42.95 -65.37
C GLN U 240 79.97 -42.95 -66.87
N LEU U 241 79.30 -42.06 -67.61
CA LEU U 241 79.57 -41.86 -69.03
C LEU U 241 80.61 -40.76 -69.26
N PRO U 242 81.30 -40.79 -70.41
CA PRO U 242 82.32 -39.78 -70.73
C PRO U 242 81.73 -38.38 -70.92
N GLU U 243 82.38 -37.38 -70.33
CA GLU U 243 81.94 -35.99 -70.44
C GLU U 243 82.02 -35.48 -71.87
N PHE U 244 81.00 -34.73 -72.30
CA PHE U 244 80.95 -34.23 -73.67
C PHE U 244 81.89 -33.05 -73.90
N VAL U 245 81.93 -32.12 -72.97
CA VAL U 245 82.92 -31.03 -73.02
C VAL U 245 83.57 -30.91 -71.62
N PRO U 246 84.69 -30.17 -71.50
CA PRO U 246 85.22 -30.05 -70.14
C PRO U 246 84.29 -29.22 -69.26
N LEU U 247 84.62 -29.12 -67.97
CA LEU U 247 83.75 -28.45 -66.99
C LEU U 247 83.84 -26.92 -67.10
N ASP U 248 84.87 -26.44 -67.80
CA ASP U 248 85.13 -25.01 -67.93
C ASP U 248 84.54 -24.42 -69.21
N TYR U 249 83.84 -25.26 -69.97
CA TYR U 249 83.28 -24.84 -71.26
C TYR U 249 82.37 -23.62 -71.11
N SER U 250 82.64 -22.58 -71.88
CA SER U 250 81.82 -21.37 -71.81
C SER U 250 81.19 -21.08 -73.16
N ILE U 251 80.05 -20.40 -73.15
CA ILE U 251 79.30 -20.15 -74.36
C ILE U 251 78.76 -18.72 -74.35
N PRO U 252 78.80 -18.05 -75.52
CA PRO U 252 78.20 -16.72 -75.70
C PRO U 252 76.73 -16.65 -75.25
N ILE U 253 75.97 -17.71 -75.56
CA ILE U 253 74.56 -17.76 -75.23
C ILE U 253 74.29 -17.70 -73.73
N GLU U 254 73.41 -16.79 -73.32
CA GLU U 254 73.08 -16.62 -71.90
C GLU U 254 71.75 -17.27 -71.54
N VAL U 255 71.67 -17.82 -70.33
CA VAL U 255 70.42 -18.38 -69.83
C VAL U 255 69.36 -17.29 -69.73
N PRO U 256 68.21 -17.53 -70.38
CA PRO U 256 67.16 -16.52 -70.51
C PRO U 256 66.48 -16.18 -69.18
N VAL U 257 66.17 -14.91 -68.96
CA VAL U 257 65.39 -14.54 -67.80
C VAL U 257 64.07 -13.92 -68.22
N MET U 258 62.97 -14.57 -67.85
CA MET U 258 61.64 -14.02 -68.08
C MET U 258 61.23 -13.21 -66.86
N SER U 259 60.61 -12.05 -67.07
CA SER U 259 60.22 -11.26 -65.93
C SER U 259 58.75 -11.50 -65.67
N CYS U 260 58.50 -12.29 -64.63
CA CYS U 260 57.20 -12.83 -64.29
C CYS U 260 57.37 -13.77 -63.10
N LYS U 261 56.27 -14.04 -62.40
CA LYS U 261 56.28 -15.12 -61.44
C LYS U 261 55.85 -16.39 -62.15
N PRO U 262 56.44 -17.54 -61.78
CA PRO U 262 56.20 -18.82 -62.45
C PRO U 262 54.72 -19.16 -62.63
N ASP U 263 53.84 -18.63 -61.78
CA ASP U 263 52.40 -18.84 -61.87
C ASP U 263 51.83 -18.49 -63.23
N LYS U 264 52.44 -17.53 -63.92
CA LYS U 264 51.91 -17.09 -65.19
C LYS U 264 52.18 -18.09 -66.30
N LEU U 265 52.95 -19.13 -66.00
CA LEU U 265 53.35 -20.11 -67.02
C LEU U 265 52.18 -20.85 -67.71
N PRO U 266 51.22 -21.43 -66.95
CA PRO U 266 50.93 -21.49 -65.51
C PRO U 266 51.77 -22.50 -64.75
N LEU U 267 51.91 -22.30 -63.46
CA LEU U 267 52.59 -23.25 -62.59
C LEU U 267 52.00 -23.17 -61.20
N PHE U 268 51.82 -24.29 -60.51
CA PHE U 268 51.11 -24.22 -59.25
C PHE U 268 51.92 -24.69 -58.07
N LYS U 269 51.91 -23.88 -57.01
CA LYS U 269 52.54 -24.27 -55.77
C LYS U 269 51.69 -25.32 -55.08
N ARG U 270 52.25 -26.51 -54.87
CA ARG U 270 51.58 -27.53 -54.07
C ARG U 270 52.54 -28.00 -52.99
N GLN U 271 52.05 -28.69 -51.98
CA GLN U 271 52.93 -29.01 -50.87
C GLN U 271 52.74 -30.45 -50.34
N TYR U 272 53.83 -31.21 -50.37
CA TYR U 272 53.83 -32.62 -50.02
C TYR U 272 55.28 -33.08 -49.98
N GLU U 273 55.53 -34.36 -49.75
CA GLU U 273 56.90 -34.87 -49.60
C GLU U 273 57.82 -34.54 -50.79
N ASN U 274 59.08 -34.23 -50.48
CA ASN U 274 60.04 -33.92 -51.54
C ASN U 274 61.17 -34.95 -51.57
N THR U 275 61.20 -35.76 -52.62
CA THR U 275 62.18 -36.84 -52.70
C THR U 275 63.12 -36.71 -53.90
N ILE U 276 64.38 -37.08 -53.67
CA ILE U 276 65.34 -37.25 -54.75
C ILE U 276 65.49 -38.74 -54.99
N PHE U 277 64.98 -39.20 -56.11
CA PHE U 277 64.93 -40.64 -56.36
C PHE U 277 65.22 -40.93 -57.82
N ILE U 278 66.17 -41.81 -58.06
CA ILE U 278 66.62 -42.10 -59.39
C ILE U 278 65.84 -43.23 -60.04
N GLY U 279 64.89 -43.78 -59.31
CA GLY U 279 64.18 -44.96 -59.78
C GLY U 279 64.70 -46.18 -59.05
N SER U 280 65.76 -45.96 -58.27
CA SER U 280 66.32 -47.00 -57.42
C SER U 280 66.91 -46.39 -56.16
N LYS U 281 66.73 -47.05 -55.02
CA LYS U 281 67.17 -46.50 -53.75
C LYS U 281 68.68 -46.41 -53.71
N THR U 282 69.19 -45.60 -52.79
CA THR U 282 70.61 -45.33 -52.69
C THR U 282 71.47 -46.60 -52.54
N ALA U 283 70.89 -47.64 -51.95
CA ALA U 283 71.61 -48.90 -51.71
C ALA U 283 71.87 -49.72 -52.98
N ASP U 284 71.33 -49.28 -54.11
CA ASP U 284 71.48 -50.00 -55.38
C ASP U 284 72.87 -49.79 -55.99
N PRO U 285 73.53 -50.89 -56.39
CA PRO U 285 74.82 -50.88 -57.11
C PRO U 285 74.82 -50.20 -58.49
N LEU U 286 73.68 -50.04 -59.16
CA LEU U 286 73.71 -49.29 -60.41
C LEU U 286 73.17 -47.88 -60.21
N CYS U 287 74.10 -46.92 -60.11
CA CYS U 287 73.76 -45.54 -59.81
C CYS U 287 73.83 -44.59 -61.00
N TYR U 288 74.18 -45.07 -62.18
CA TYR U 288 74.40 -44.11 -63.28
C TYR U 288 73.42 -44.30 -64.42
N GLY U 289 72.89 -43.18 -64.90
CA GLY U 289 71.93 -43.20 -65.98
C GLY U 289 72.63 -43.27 -67.32
N HIS U 290 72.02 -43.99 -68.25
CA HIS U 290 72.54 -44.06 -69.60
C HIS U 290 71.65 -43.22 -70.50
N THR U 291 70.48 -43.75 -70.81
CA THR U 291 69.49 -43.00 -71.60
C THR U 291 68.10 -43.03 -70.93
N GLN U 292 67.22 -42.18 -71.43
CA GLN U 292 65.81 -42.26 -71.08
C GLN U 292 64.99 -42.36 -72.35
N PHE U 293 63.76 -42.85 -72.22
CA PHE U 293 62.80 -42.86 -73.31
C PHE U 293 61.52 -42.22 -72.80
N HIS U 294 60.95 -41.32 -73.57
CA HIS U 294 59.68 -40.74 -73.16
C HIS U 294 58.64 -40.91 -74.25
N LEU U 295 57.40 -41.10 -73.86
CA LEU U 295 56.32 -41.21 -74.82
C LEU U 295 55.32 -40.09 -74.62
N LEU U 296 55.25 -39.17 -75.58
CA LEU U 296 54.36 -38.02 -75.45
C LEU U 296 52.90 -38.45 -75.20
N PRO U 297 52.27 -37.88 -74.16
CA PRO U 297 50.87 -38.22 -73.85
C PRO U 297 49.94 -37.73 -74.95
N ASP U 298 48.69 -38.20 -74.94
CA ASP U 298 47.72 -37.92 -76.00
C ASP U 298 47.60 -36.44 -76.41
N LYS U 299 47.46 -35.57 -75.41
CA LYS U 299 47.20 -34.15 -75.65
C LYS U 299 48.21 -33.46 -76.55
N LEU U 300 49.43 -33.98 -76.57
CA LEU U 300 50.53 -33.32 -77.27
C LEU U 300 50.76 -33.83 -78.71
N LYS U 301 49.85 -34.67 -79.21
CA LYS U 301 49.85 -35.08 -80.62
C LYS U 301 49.92 -33.86 -81.56
N ARG U 302 50.69 -33.99 -82.63
CA ARG U 302 50.85 -32.91 -83.60
C ARG U 302 49.51 -32.38 -84.13
N GLU U 303 48.63 -33.29 -84.53
CA GLU U 303 47.36 -32.89 -85.16
C GLU U 303 46.54 -32.00 -84.24
N LYS U 304 46.58 -32.32 -82.94
CA LYS U 304 45.81 -31.57 -81.96
C LYS U 304 46.40 -30.17 -81.78
N LEU U 305 47.73 -30.07 -81.78
CA LEU U 305 48.37 -28.77 -81.69
C LEU U 305 48.08 -27.92 -82.92
N LEU U 306 48.04 -28.53 -84.11
CA LEU U 306 47.70 -27.78 -85.31
C LEU U 306 46.26 -27.30 -85.26
N LYS U 307 45.35 -28.13 -84.75
CA LYS U 307 43.97 -27.71 -84.58
C LYS U 307 43.85 -26.62 -83.52
N GLN U 308 44.84 -26.53 -82.65
CA GLN U 308 44.84 -25.51 -81.60
C GLN U 308 45.40 -24.19 -82.09
N ASN U 309 45.72 -24.14 -83.38
CA ASN U 309 46.32 -22.98 -84.01
C ASN U 309 47.71 -22.75 -83.41
N CYS U 310 48.45 -23.84 -83.28
CA CYS U 310 49.79 -23.82 -82.69
C CYS U 310 50.82 -24.42 -83.64
N ALA U 311 51.77 -23.61 -84.10
CA ALA U 311 52.74 -24.09 -85.07
C ALA U 311 54.05 -24.45 -84.39
N ASP U 312 54.72 -23.44 -83.86
CA ASP U 312 56.03 -23.59 -83.21
C ASP U 312 56.02 -24.60 -82.05
N GLN U 313 54.87 -24.67 -81.37
CA GLN U 313 54.70 -25.49 -80.18
C GLN U 313 55.24 -26.90 -80.31
N ILE U 314 54.98 -27.51 -81.46
CA ILE U 314 55.37 -28.89 -81.73
C ILE U 314 56.82 -29.12 -81.34
N GLU U 315 57.69 -28.18 -81.71
CA GLU U 315 59.10 -28.30 -81.39
C GLU U 315 59.34 -28.08 -79.89
N VAL U 316 58.81 -26.98 -79.37
CA VAL U 316 59.03 -26.59 -77.97
C VAL U 316 58.67 -27.71 -77.00
N VAL U 317 57.50 -28.30 -77.19
CA VAL U 317 57.03 -29.39 -76.35
C VAL U 317 58.05 -30.51 -76.23
N PHE U 318 58.73 -30.83 -77.33
CA PHE U 318 59.84 -31.77 -77.26
C PHE U 318 60.96 -31.23 -76.38
N ARG U 319 61.53 -30.08 -76.78
CA ARG U 319 62.71 -29.53 -76.09
C ARG U 319 62.46 -29.52 -74.62
N ALA U 320 61.45 -28.75 -74.24
CA ALA U 320 61.08 -28.55 -72.84
C ALA U 320 61.07 -29.88 -72.11
N ASN U 321 60.39 -30.88 -72.68
CA ASN U 321 60.36 -32.19 -72.05
C ASN U 321 61.75 -32.66 -71.63
N ALA U 322 62.65 -32.87 -72.59
CA ALA U 322 63.99 -33.34 -72.25
C ALA U 322 64.65 -32.44 -71.20
N ILE U 323 64.54 -31.12 -71.39
CA ILE U 323 65.30 -30.21 -70.53
C ILE U 323 64.87 -30.41 -69.10
N ALA U 324 63.61 -30.79 -68.90
CA ALA U 324 63.15 -31.03 -67.55
C ALA U 324 63.61 -32.40 -67.06
N SER U 325 63.40 -33.42 -67.88
CA SER U 325 63.56 -34.78 -67.39
C SER U 325 65.00 -35.08 -67.12
N LEU U 326 65.82 -34.89 -68.14
CA LEU U 326 67.23 -35.22 -68.06
C LEU U 326 67.85 -34.50 -66.89
N PHE U 327 67.48 -33.23 -66.69
CA PHE U 327 67.98 -32.48 -65.54
C PHE U 327 67.76 -33.26 -64.26
N ALA U 328 66.51 -33.60 -63.98
CA ALA U 328 66.20 -34.41 -62.81
C ALA U 328 66.99 -35.73 -62.85
N TRP U 329 66.94 -36.42 -63.99
CA TRP U 329 67.60 -37.72 -64.17
C TRP U 329 69.07 -37.61 -63.85
N THR U 330 69.64 -36.45 -64.17
CA THR U 330 71.04 -36.21 -63.90
C THR U 330 71.23 -35.76 -62.46
N GLY U 331 70.37 -34.87 -62.01
CA GLY U 331 70.51 -34.27 -60.70
C GLY U 331 70.49 -35.36 -59.66
N ALA U 332 69.54 -36.27 -59.79
CA ALA U 332 69.40 -37.39 -58.88
C ALA U 332 70.67 -38.21 -58.84
N GLN U 333 71.27 -38.42 -60.00
CA GLN U 333 72.55 -39.11 -60.08
C GLN U 333 73.60 -38.36 -59.27
N ALA U 334 73.69 -37.06 -59.51
CA ALA U 334 74.68 -36.22 -58.84
C ALA U 334 74.56 -36.35 -57.34
N MET U 335 73.35 -36.17 -56.84
CA MET U 335 73.10 -36.15 -55.41
C MET U 335 73.36 -37.52 -54.79
N TYR U 336 73.36 -38.56 -55.60
CA TYR U 336 73.64 -39.89 -55.09
C TYR U 336 75.11 -40.09 -54.79
N GLN U 337 75.94 -39.26 -55.39
CA GLN U 337 77.36 -39.32 -55.13
C GLN U 337 77.74 -38.34 -54.02
N GLY U 338 76.76 -37.69 -53.43
CA GLY U 338 77.02 -36.85 -52.29
C GLY U 338 77.33 -35.38 -52.61
N PHE U 339 77.26 -35.01 -53.88
CA PHE U 339 77.33 -33.58 -54.23
C PHE U 339 75.98 -32.94 -53.96
N TRP U 340 75.98 -31.72 -53.48
CA TRP U 340 74.74 -31.00 -53.21
C TRP U 340 75.00 -29.52 -53.42
N SER U 341 74.07 -28.67 -52.98
CA SER U 341 74.19 -27.22 -53.20
C SER U 341 75.55 -26.64 -52.83
N GLU U 342 75.99 -26.84 -51.60
CA GLU U 342 77.24 -26.25 -51.17
C GLU U 342 78.50 -27.06 -51.55
N ALA U 343 78.31 -28.25 -52.13
CA ALA U 343 79.45 -29.06 -52.59
C ALA U 343 79.85 -28.88 -54.06
N ASP U 344 79.05 -28.16 -54.83
CA ASP U 344 79.18 -28.09 -56.30
C ASP U 344 79.27 -29.48 -56.92
N VAL U 345 80.07 -29.62 -57.97
CA VAL U 345 80.34 -30.93 -58.57
C VAL U 345 81.76 -30.96 -59.13
N THR U 346 82.50 -32.03 -58.89
CA THR U 346 83.85 -32.19 -59.44
C THR U 346 83.88 -32.71 -60.89
N ARG U 347 83.13 -33.77 -61.14
CA ARG U 347 83.09 -34.42 -62.44
C ARG U 347 81.71 -34.30 -63.08
N PRO U 348 81.62 -33.65 -64.24
CA PRO U 348 80.38 -33.46 -65.00
C PRO U 348 79.58 -34.75 -65.19
N PHE U 349 78.28 -34.72 -64.90
CA PHE U 349 77.41 -35.87 -65.07
C PHE U 349 76.63 -35.79 -66.36
N VAL U 350 76.67 -36.87 -67.14
CA VAL U 350 76.06 -36.83 -68.45
C VAL U 350 74.97 -37.88 -68.58
N SER U 351 73.90 -37.53 -69.29
CA SER U 351 72.88 -38.51 -69.64
C SER U 351 72.31 -38.26 -71.02
N GLN U 352 71.57 -39.24 -71.53
CA GLN U 352 70.99 -39.16 -72.86
C GLN U 352 69.46 -39.35 -72.81
N GLY U 353 68.76 -38.95 -73.86
CA GLY U 353 67.32 -39.19 -73.94
C GLY U 353 66.77 -39.27 -75.36
N VAL U 354 65.67 -40.01 -75.48
CA VAL U 354 64.93 -40.23 -76.72
C VAL U 354 63.48 -39.83 -76.47
N ILE U 355 62.99 -38.83 -77.18
CA ILE U 355 61.60 -38.45 -76.98
C ILE U 355 60.77 -38.81 -78.20
N THR U 356 59.67 -39.52 -77.98
CA THR U 356 58.95 -40.14 -79.09
C THR U 356 57.45 -39.87 -79.09
N ASP U 357 56.92 -39.58 -80.27
CA ASP U 357 55.48 -39.73 -80.51
C ASP U 357 55.41 -40.57 -81.76
N GLY U 358 54.91 -41.80 -81.68
CA GLY U 358 55.47 -42.92 -82.42
C GLY U 358 56.05 -42.74 -83.82
N LYS U 359 55.50 -41.84 -84.63
CA LYS U 359 56.06 -41.56 -85.96
C LYS U 359 57.33 -40.67 -85.94
N TYR U 360 57.63 -40.08 -84.78
CA TYR U 360 58.63 -39.01 -84.68
C TYR U 360 59.52 -39.13 -83.44
N PHE U 361 60.81 -38.84 -83.63
CA PHE U 361 61.79 -38.91 -82.57
C PHE U 361 62.57 -37.61 -82.40
N SER U 362 63.03 -37.37 -81.19
CA SER U 362 63.98 -36.31 -80.91
C SER U 362 65.05 -36.89 -80.01
N PHE U 363 66.26 -36.33 -80.09
CA PHE U 363 67.40 -36.84 -79.34
C PHE U 363 68.04 -35.74 -78.52
N PHE U 364 68.29 -36.03 -77.24
CA PHE U 364 68.86 -35.00 -76.39
C PHE U 364 70.00 -35.53 -75.55
N CYS U 365 71.08 -34.75 -75.47
CA CYS U 365 72.16 -35.06 -74.55
C CYS U 365 72.23 -33.98 -73.50
N TYR U 366 72.39 -34.40 -72.25
CA TYR U 366 72.39 -33.46 -71.16
C TYR U 366 73.63 -33.59 -70.27
N GLN U 367 74.37 -32.50 -70.16
CA GLN U 367 75.51 -32.44 -69.26
C GLN U 367 75.26 -31.45 -68.12
N LEU U 368 75.25 -31.99 -66.90
CA LEU U 368 75.13 -31.16 -65.72
C LEU U 368 76.51 -30.72 -65.25
N ASN U 369 76.67 -29.44 -64.97
CA ASN U 369 77.92 -28.97 -64.41
C ASN U 369 77.64 -28.38 -63.04
N THR U 370 76.87 -27.30 -63.05
CA THR U 370 76.51 -26.61 -61.83
C THR U 370 75.38 -27.35 -61.13
N LEU U 371 75.59 -27.78 -59.88
CA LEU U 371 74.46 -28.23 -59.09
C LEU U 371 74.02 -27.17 -58.12
N ALA U 372 74.77 -26.07 -58.06
CA ALA U 372 74.47 -25.08 -57.05
C ALA U 372 73.56 -24.03 -57.66
N LEU U 373 72.28 -24.14 -57.34
CA LEU U 373 71.29 -23.21 -57.81
C LEU U 373 70.74 -22.27 -56.73
N THR U 374 71.20 -22.44 -55.49
CA THR U 374 70.77 -21.57 -54.40
C THR U 374 71.35 -20.18 -54.59
N ALA U 375 70.53 -19.16 -54.36
CA ALA U 375 70.88 -17.77 -54.70
C ALA U 375 72.29 -17.38 -54.23
N GLN U 376 72.65 -17.83 -53.03
CA GLN U 376 73.99 -17.63 -52.48
C GLN U 376 75.09 -18.19 -53.39
N ALA U 377 74.97 -19.47 -53.75
CA ALA U 377 75.92 -20.10 -54.66
C ALA U 377 75.87 -19.45 -56.05
N ASP U 378 74.68 -19.07 -56.49
CA ASP U 378 74.49 -18.43 -57.79
C ASP U 378 75.30 -17.16 -57.96
N GLN U 379 75.30 -16.30 -56.93
CA GLN U 379 75.87 -14.96 -57.06
C GLN U 379 77.22 -14.89 -57.75
N ASN U 380 78.17 -15.71 -57.31
CA ASN U 380 79.54 -15.68 -57.83
C ASN U 380 79.89 -16.75 -58.88
N ASN U 381 78.93 -17.61 -59.23
CA ASN U 381 79.24 -18.84 -59.98
C ASN U 381 79.13 -18.77 -61.51
N PRO U 382 80.25 -19.01 -62.21
CA PRO U 382 80.40 -18.93 -63.67
C PRO U 382 79.71 -20.01 -64.53
N ARG U 383 79.68 -21.26 -64.09
CA ARG U 383 79.25 -22.37 -64.97
C ARG U 383 77.78 -22.42 -65.38
N LYS U 384 77.49 -23.19 -66.43
CA LYS U 384 76.12 -23.40 -66.89
C LYS U 384 75.88 -24.89 -67.21
N ASN U 385 74.62 -25.32 -67.23
CA ASN U 385 74.27 -26.69 -67.62
C ASN U 385 73.88 -26.78 -69.07
N ILE U 386 74.41 -27.75 -69.79
CA ILE U 386 74.22 -27.73 -71.23
C ILE U 386 73.39 -28.89 -71.76
N CYS U 387 72.42 -28.58 -72.61
CA CYS U 387 71.65 -29.60 -73.28
C CYS U 387 71.73 -29.40 -74.78
N TRP U 388 72.31 -30.36 -75.48
CA TRP U 388 72.24 -30.34 -76.93
C TRP U 388 71.06 -31.19 -77.40
N GLY U 389 70.40 -30.77 -78.47
CA GLY U 389 69.23 -31.50 -78.93
C GLY U 389 69.05 -31.46 -80.43
N THR U 390 68.31 -32.43 -80.93
CA THR U 390 68.09 -32.59 -82.35
C THR U 390 66.73 -32.05 -82.74
N GLN U 391 66.65 -31.46 -83.94
CA GLN U 391 65.35 -31.17 -84.52
C GLN U 391 64.55 -32.47 -84.64
N SER U 392 63.24 -32.38 -84.46
CA SER U 392 62.38 -33.55 -84.58
C SER U 392 62.39 -34.06 -86.02
N LYS U 393 61.94 -35.30 -86.22
CA LYS U 393 62.19 -36.04 -87.46
C LYS U 393 61.33 -37.30 -87.54
N PRO U 394 60.77 -37.58 -88.72
CA PRO U 394 59.92 -38.76 -88.90
C PRO U 394 60.77 -40.02 -88.92
N LEU U 395 60.17 -41.17 -88.62
CA LEU U 395 60.87 -42.46 -88.67
C LEU U 395 60.39 -43.20 -89.90
N TYR U 396 59.12 -43.59 -89.88
CA TYR U 396 58.45 -44.28 -90.98
C TYR U 396 57.31 -43.40 -91.51
N GLU U 397 57.00 -43.52 -92.80
CA GLU U 397 55.83 -42.82 -93.33
C GLU U 397 54.77 -43.82 -93.76
N THR U 398 53.59 -43.74 -93.12
CA THR U 398 52.39 -44.45 -93.59
C THR U 398 52.51 -45.98 -93.64
N ILE U 399 52.50 -46.65 -92.49
CA ILE U 399 52.29 -48.12 -92.47
C ILE U 399 50.99 -48.47 -93.20
N GLU U 400 51.10 -49.37 -94.18
CA GLU U 400 49.94 -49.87 -94.92
C GLU U 400 50.03 -51.40 -95.15
N ASP U 401 49.08 -52.15 -94.58
CA ASP U 401 48.97 -53.61 -94.80
C ASP U 401 50.27 -54.37 -94.59
N ASN U 402 50.86 -54.20 -93.41
CA ASN U 402 52.12 -54.84 -92.98
C ASN U 402 53.37 -54.37 -93.75
N ASN U 403 53.20 -53.45 -94.69
CA ASN U 403 54.34 -52.76 -95.28
C ASN U 403 54.56 -51.37 -94.66
N VAL U 404 55.81 -51.05 -94.37
CA VAL U 404 56.17 -49.68 -93.95
C VAL U 404 56.75 -48.90 -95.12
N LYS U 405 56.11 -47.81 -95.52
CA LYS U 405 56.48 -47.17 -96.77
C LYS U 405 57.82 -46.45 -96.67
N GLY U 406 57.83 -45.31 -95.99
CA GLY U 406 59.06 -44.55 -95.83
C GLY U 406 59.87 -45.11 -94.69
N PHE U 407 61.19 -45.12 -94.83
CA PHE U 407 62.05 -45.47 -93.69
C PHE U 407 63.28 -44.56 -93.64
N ASN U 408 63.41 -43.79 -92.56
CA ASN U 408 64.54 -42.88 -92.41
C ASN U 408 65.66 -43.54 -91.62
N ASP U 409 66.76 -43.78 -92.31
CA ASP U 409 67.88 -44.51 -91.75
C ASP U 409 68.64 -43.67 -90.73
N ASP U 410 68.51 -42.35 -90.84
CA ASP U 410 69.17 -41.41 -89.94
C ASP U 410 68.79 -41.67 -88.49
N VAL U 411 67.51 -41.99 -88.29
CA VAL U 411 66.98 -42.28 -86.96
C VAL U 411 67.59 -43.56 -86.39
N LEU U 412 67.65 -44.62 -87.18
CA LEU U 412 68.28 -45.85 -86.73
C LEU U 412 69.76 -45.67 -86.42
N LEU U 413 70.47 -45.03 -87.34
CA LEU U 413 71.88 -44.73 -87.20
C LEU U 413 72.14 -43.96 -85.91
N GLN U 414 71.26 -43.01 -85.60
CA GLN U 414 71.45 -42.19 -84.41
C GLN U 414 71.11 -42.92 -83.13
N LEU U 415 70.08 -43.78 -83.20
CA LEU U 415 69.77 -44.68 -82.09
C LEU U 415 70.97 -45.53 -81.75
N VAL U 416 71.62 -46.03 -82.79
CA VAL U 416 72.86 -46.78 -82.65
C VAL U 416 73.93 -45.91 -81.99
N GLN U 417 74.07 -44.68 -82.47
CA GLN U 417 75.05 -43.74 -81.89
C GLN U 417 74.89 -43.60 -80.39
N PHE U 418 73.65 -43.37 -79.94
CA PHE U 418 73.36 -43.24 -78.52
C PHE U 418 73.62 -44.51 -77.75
N LEU U 419 73.02 -45.59 -78.24
CA LEU U 419 73.09 -46.87 -77.54
C LEU U 419 74.50 -47.47 -77.51
N LEU U 420 75.40 -46.95 -78.34
CA LEU U 420 76.74 -47.52 -78.46
C LEU U 420 77.74 -46.83 -77.52
N ASN U 421 77.24 -45.91 -76.71
CA ASN U 421 78.06 -45.17 -75.75
C ASN U 421 78.60 -46.02 -74.62
N ARG U 422 79.90 -45.95 -74.39
CA ARG U 422 80.52 -46.72 -73.33
C ARG U 422 81.12 -45.80 -72.30
N PRO U 423 81.31 -46.28 -71.07
CA PRO U 423 82.20 -45.61 -70.13
C PRO U 423 83.64 -45.83 -70.58
N LYS U 424 84.54 -44.88 -70.34
CA LYS U 424 85.95 -45.07 -70.66
C LYS U 424 86.49 -46.33 -69.97
N GLU U 425 87.34 -47.07 -70.67
CA GLU U 425 87.85 -48.34 -70.15
C GLU U 425 89.20 -48.16 -69.49
N ASP U 426 89.24 -48.36 -68.17
CA ASP U 426 90.48 -48.21 -67.42
C ASP U 426 90.90 -49.53 -66.78
N PHE V 35 32.94 24.01 88.47
CA PHE V 35 34.13 23.44 87.87
C PHE V 35 35.11 23.00 88.94
N ARG V 36 35.45 21.72 88.93
CA ARG V 36 36.34 21.17 89.93
C ARG V 36 37.68 20.75 89.30
N GLU V 37 38.73 21.49 89.62
CA GLU V 37 40.06 21.17 89.11
C GLU V 37 40.79 20.28 90.11
N VAL V 38 41.40 19.21 89.61
CA VAL V 38 42.17 18.31 90.46
C VAL V 38 43.68 18.54 90.29
N VAL V 39 44.31 19.03 91.35
CA VAL V 39 45.73 19.39 91.32
C VAL V 39 46.60 18.24 91.84
N GLU V 40 47.75 18.04 91.20
CA GLU V 40 48.66 16.95 91.57
C GLU V 40 50.13 17.38 91.56
N ILE V 41 50.89 16.92 92.55
CA ILE V 41 52.29 17.29 92.69
C ILE V 41 53.18 16.06 92.91
N LEU V 42 54.38 16.08 92.34
CA LEU V 42 55.42 15.11 92.67
C LEU V 42 56.53 15.78 93.47
N ASP V 43 56.61 15.46 94.76
CA ASP V 43 57.63 16.07 95.63
C ASP V 43 58.26 15.06 96.60
N GLY V 44 59.59 14.93 96.55
CA GLY V 44 60.30 14.01 97.41
C GLY V 44 59.81 12.57 97.34
N LYS V 45 59.54 12.12 96.12
CA LYS V 45 59.00 10.78 95.82
C LYS V 45 57.63 10.55 96.48
N THR V 46 56.91 11.63 96.76
CA THR V 46 55.54 11.54 97.23
C THR V 46 54.62 12.21 96.21
N THR V 47 53.52 11.54 95.91
CA THR V 47 52.54 12.06 94.95
C THR V 47 51.33 12.61 95.71
N ILE V 48 51.09 13.91 95.58
CA ILE V 48 50.00 14.55 96.31
C ILE V 48 48.85 14.92 95.37
N ILE V 49 47.65 14.43 95.69
CA ILE V 49 46.46 14.74 94.90
C ILE V 49 45.45 15.52 95.74
N GLU V 50 44.88 16.58 95.18
CA GLU V 50 44.02 17.47 95.94
C GLU V 50 42.89 18.09 95.09
N GLY V 51 41.71 18.25 95.69
CA GLY V 51 40.59 18.87 95.01
C GLY V 51 40.57 20.39 95.15
N ARG V 52 40.12 21.07 94.09
CA ARG V 52 40.05 22.52 94.06
C ARG V 52 38.76 22.99 93.38
N ILE V 53 37.98 23.84 94.05
CA ILE V 53 36.72 24.30 93.46
C ILE V 53 36.77 25.76 93.02
N THR V 54 36.63 25.97 91.72
CA THR V 54 36.55 27.32 91.13
C THR V 54 35.08 27.76 91.06
N GLU V 55 34.84 28.93 90.50
CA GLU V 55 33.48 29.49 90.50
C GLU V 55 32.70 29.17 89.24
N THR V 56 31.54 28.56 89.43
CA THR V 56 30.62 28.35 88.32
C THR V 56 29.68 29.53 88.19
N PRO V 57 29.38 29.92 86.94
CA PRO V 57 28.35 30.96 86.78
C PRO V 57 26.98 30.45 87.20
N GLN V 58 26.23 31.25 87.95
CA GLN V 58 24.83 30.93 88.24
C GLN V 58 24.01 31.15 86.97
N GLU V 59 22.86 30.50 86.87
CA GLU V 59 22.00 30.65 85.69
C GLU V 59 21.46 32.07 85.60
N SER V 60 21.18 32.53 84.38
CA SER V 60 20.73 33.90 84.16
C SER V 60 19.45 34.21 84.94
N PRO V 61 19.27 35.49 85.34
CA PRO V 61 18.26 35.88 86.33
C PRO V 61 16.81 35.50 86.01
N ASN V 62 16.35 35.79 84.80
CA ASN V 62 14.92 35.71 84.52
C ASN V 62 14.52 34.93 83.26
N PRO V 63 14.31 33.61 83.39
CA PRO V 63 13.83 32.79 82.28
C PRO V 63 12.41 33.10 81.84
N PRO V 64 12.19 33.30 80.53
CA PRO V 64 10.88 33.58 79.91
C PRO V 64 9.77 32.59 80.27
N ASN V 65 10.09 31.31 80.46
CA ASN V 65 9.07 30.31 80.83
C ASN V 65 9.40 29.59 82.13
N PRO V 66 9.32 30.32 83.26
CA PRO V 66 9.75 29.81 84.57
C PRO V 66 9.12 28.46 84.89
N THR V 67 7.86 28.30 84.49
CA THR V 67 7.12 27.06 84.66
C THR V 67 7.80 25.88 83.96
N GLY V 68 8.49 26.20 82.86
CA GLY V 68 9.16 25.21 82.03
C GLY V 68 10.13 24.30 82.76
N GLN V 69 10.21 23.07 82.28
CA GLN V 69 10.99 21.99 82.89
C GLN V 69 12.47 22.00 82.51
N CYS V 70 12.74 21.76 81.23
CA CYS V 70 14.08 21.50 80.71
C CYS V 70 14.79 22.77 80.25
N PRO V 71 16.09 22.88 80.54
CA PRO V 71 16.88 24.10 80.32
C PRO V 71 16.67 24.77 78.96
N ILE V 72 16.42 23.99 77.91
CA ILE V 72 16.16 24.57 76.59
C ILE V 72 14.82 25.28 76.55
N CYS V 73 13.86 24.71 77.26
CA CYS V 73 12.46 25.09 77.11
C CYS V 73 12.06 26.33 77.89
N ARG V 74 12.61 26.49 79.09
CA ARG V 74 12.27 27.66 79.87
C ARG V 74 12.93 28.90 79.26
N TRP V 75 13.98 28.68 78.50
CA TRP V 75 14.62 29.77 77.80
C TRP V 75 14.02 29.94 76.42
N ASN V 76 13.01 29.11 76.15
CA ASN V 76 12.14 29.23 74.98
C ASN V 76 12.90 29.02 73.68
N LEU V 77 13.94 28.19 73.76
CA LEU V 77 14.85 27.96 72.66
C LEU V 77 14.53 26.71 71.85
N LYS V 78 13.47 25.99 72.25
CA LYS V 78 13.09 24.78 71.54
C LYS V 78 12.69 25.06 70.09
N HIS V 79 13.06 24.14 69.20
CA HIS V 79 12.81 24.26 67.77
C HIS V 79 13.40 25.52 67.15
N LYS V 80 14.46 26.04 67.77
CA LYS V 80 15.02 27.29 67.31
C LYS V 80 16.51 27.16 66.98
N TYR V 81 17.32 26.78 67.95
CA TYR V 81 18.76 26.64 67.70
C TYR V 81 19.10 25.66 66.57
N ASN V 82 20.15 26.00 65.84
CA ASN V 82 20.68 25.16 64.78
C ASN V 82 22.15 24.89 65.08
N TYR V 83 22.83 24.09 64.25
CA TYR V 83 24.26 23.83 64.40
C TYR V 83 25.08 25.12 64.32
N GLU V 84 24.47 26.16 63.77
CA GLU V 84 25.17 27.41 63.56
C GLU V 84 25.29 28.19 64.86
N ASP V 85 24.43 27.90 65.84
CA ASP V 85 24.44 28.71 67.06
C ASP V 85 25.44 28.10 68.03
N VAL V 86 26.58 28.76 68.12
CA VAL V 86 27.73 28.25 68.86
C VAL V 86 27.58 28.58 70.33
N LEU V 87 27.12 29.81 70.59
CA LEU V 87 26.95 30.33 71.94
C LEU V 87 26.07 29.42 72.80
N LEU V 88 25.07 28.80 72.15
CA LEU V 88 24.18 27.89 72.85
C LEU V 88 24.82 26.52 73.05
N LEU V 89 25.46 26.01 72.01
CA LEU V 89 26.02 24.67 72.09
C LEU V 89 27.15 24.60 73.10
N SER V 90 28.09 25.55 73.05
CA SER V 90 29.28 25.52 73.91
C SER V 90 28.94 25.40 75.41
N GLN V 91 27.76 25.88 75.80
CA GLN V 91 27.37 25.83 77.20
C GLN V 91 27.19 24.39 77.68
N PHE V 92 26.95 23.45 76.77
CA PHE V 92 27.15 22.04 77.10
C PHE V 92 28.25 21.41 76.26
N ILE V 93 29.42 21.21 76.88
CA ILE V 93 30.55 20.44 76.35
C ILE V 93 31.67 20.51 77.36
N ARG V 94 32.78 19.86 77.06
CA ARG V 94 33.91 19.81 77.97
C ARG V 94 35.07 20.64 77.42
N PRO V 95 35.96 21.11 78.31
CA PRO V 95 37.12 21.93 77.88
C PRO V 95 37.91 21.29 76.74
N HIS V 96 37.92 19.96 76.67
CA HIS V 96 38.64 19.26 75.61
C HIS V 96 37.77 18.82 74.44
N GLY V 97 36.50 19.22 74.44
CA GLY V 97 35.68 19.10 73.25
C GLY V 97 34.58 18.06 73.15
N GLY V 98 34.41 17.23 74.18
CA GLY V 98 33.38 16.21 74.14
C GLY V 98 32.04 16.62 74.72
N MET V 99 31.00 15.88 74.38
CA MET V 99 29.65 16.10 74.87
C MET V 99 29.49 15.93 76.39
N LEU V 100 28.74 16.82 77.03
CA LEU V 100 28.46 16.76 78.47
C LEU V 100 27.37 15.72 78.79
N PRO V 101 27.42 15.08 79.97
CA PRO V 101 26.40 14.06 80.29
C PRO V 101 25.05 14.67 80.64
N ARG V 102 24.00 13.87 80.50
CA ARG V 102 22.62 14.37 80.57
C ARG V 102 22.14 14.58 82.01
N ARG V 103 22.55 13.71 82.93
CA ARG V 103 22.14 13.83 84.32
C ARG V 103 22.64 15.14 84.94
N ILE V 104 23.75 15.65 84.44
CA ILE V 104 24.28 16.93 84.90
C ILE V 104 23.56 18.09 84.23
N THR V 105 23.32 17.97 82.93
CA THR V 105 22.64 19.03 82.21
C THR V 105 21.14 19.00 82.45
N GLY V 106 20.56 17.80 82.37
CA GLY V 106 19.16 17.64 82.70
C GLY V 106 18.23 18.00 81.56
N LEU V 107 18.70 17.80 80.34
CA LEU V 107 17.89 18.15 79.18
C LEU V 107 16.81 17.12 78.85
N CYS V 108 15.66 17.62 78.39
CA CYS V 108 14.60 16.76 77.88
C CYS V 108 15.19 15.89 76.78
N GLN V 109 15.06 14.58 76.92
CA GLN V 109 15.81 13.60 76.14
C GLN V 109 15.89 13.92 74.65
N GLU V 110 14.74 14.32 74.12
CA GLU V 110 14.61 14.81 72.77
C GLU V 110 15.68 15.86 72.50
N GLU V 111 15.82 16.81 73.42
CA GLU V 111 16.69 17.95 73.19
C GLU V 111 18.15 17.54 73.36
N HIS V 112 18.38 16.50 74.14
CA HIS V 112 19.75 16.03 74.33
C HIS V 112 20.32 15.41 73.06
N LEU V 113 19.55 14.54 72.41
CA LEU V 113 20.06 13.97 71.16
C LEU V 113 20.29 15.04 70.08
N LYS V 114 19.42 16.04 70.08
CA LYS V 114 19.49 17.15 69.14
C LYS V 114 20.74 17.95 69.38
N ILE V 115 21.07 18.19 70.64
CA ILE V 115 22.27 18.94 70.97
C ILE V 115 23.52 18.13 70.63
N GLU V 116 23.47 16.81 70.76
CA GLU V 116 24.59 15.99 70.27
C GLU V 116 24.87 16.16 68.78
N GLU V 117 23.83 15.95 67.97
CA GLU V 117 24.00 16.04 66.53
C GLU V 117 24.44 17.43 66.12
N CYS V 118 23.86 18.43 66.78
CA CYS V 118 24.26 19.81 66.56
C CYS V 118 25.73 20.03 66.88
N VAL V 119 26.19 19.51 68.01
CA VAL V 119 27.58 19.70 68.42
C VAL V 119 28.56 19.02 67.46
N LYS V 120 28.24 17.81 67.02
CA LYS V 120 29.10 17.12 66.05
C LYS V 120 29.17 17.86 64.72
N MET V 121 28.02 18.33 64.24
CA MET V 121 28.00 19.09 63.01
C MET V 121 28.84 20.35 63.15
N ALA V 122 28.75 20.96 64.32
CA ALA V 122 29.50 22.17 64.63
C ALA V 122 30.99 21.92 64.63
N HIS V 123 31.42 20.78 65.16
CA HIS V 123 32.83 20.40 65.14
C HIS V 123 33.35 20.19 63.74
N ARG V 124 32.63 19.38 62.97
CA ARG V 124 33.05 19.08 61.61
C ARG V 124 32.99 20.33 60.73
N ALA V 125 32.22 21.33 61.15
CA ALA V 125 32.12 22.58 60.40
C ALA V 125 33.23 23.56 60.76
N GLY V 126 34.16 23.13 61.62
CA GLY V 126 35.31 23.95 61.94
C GLY V 126 34.95 25.21 62.69
N LEU V 127 34.05 25.03 63.66
CA LEU V 127 33.66 26.07 64.60
C LEU V 127 34.08 25.46 65.92
N LEU V 128 34.12 26.25 66.99
CA LEU V 128 34.71 25.80 68.24
C LEU V 128 36.16 25.34 68.08
N PRO V 129 37.03 26.16 67.45
CA PRO V 129 38.43 25.75 67.28
C PRO V 129 39.18 25.76 68.61
N ASN V 130 38.59 26.39 69.62
CA ASN V 130 39.19 26.45 70.94
C ASN V 130 39.17 25.11 71.67
N HIS V 131 38.13 24.31 71.40
CA HIS V 131 37.85 23.10 72.16
C HIS V 131 38.47 21.81 71.63
N ARG V 132 39.30 21.91 70.59
CA ARG V 132 40.11 20.77 70.18
C ARG V 132 41.17 20.52 71.25
N PRO V 133 41.44 19.24 71.59
CA PRO V 133 42.52 18.89 72.54
C PRO V 133 43.88 19.40 72.06
N LYS V 134 44.81 19.63 72.98
CA LYS V 134 46.06 20.30 72.64
C LYS V 134 47.27 19.35 72.69
N LEU V 135 47.74 18.96 71.50
CA LEU V 135 48.96 18.18 71.39
C LEU V 135 49.97 18.93 70.53
N PRO V 136 51.12 19.30 71.13
CA PRO V 136 52.19 20.07 70.49
C PRO V 136 52.71 19.49 69.17
N GLU V 137 52.79 18.16 69.09
CA GLU V 137 53.27 17.47 67.90
C GLU V 137 52.28 17.63 66.74
N GLY V 138 51.07 18.06 67.09
CA GLY V 138 49.94 18.07 66.19
C GLY V 138 49.78 19.23 65.26
N PHE V 139 50.44 20.34 65.62
CA PHE V 139 50.37 21.57 64.85
C PHE V 139 51.59 21.68 63.93
N VAL V 140 52.48 20.70 64.06
CA VAL V 140 53.57 20.46 63.10
C VAL V 140 53.14 19.87 61.73
N PRO V 141 52.32 18.79 61.71
CA PRO V 141 52.09 18.04 60.47
C PRO V 141 51.16 18.71 59.46
N LYS V 142 51.73 19.53 58.57
CA LYS V 142 50.97 20.16 57.49
C LYS V 142 50.11 19.15 56.72
N SER V 143 48.84 19.47 56.59
CA SER V 143 47.95 18.68 55.74
C SER V 143 47.30 19.67 54.79
N LYS V 144 46.75 19.17 53.69
CA LYS V 144 46.00 20.03 52.79
C LYS V 144 44.90 20.67 53.60
N PRO V 145 44.86 22.02 53.62
CA PRO V 145 44.03 22.78 54.55
C PRO V 145 42.63 22.23 54.60
N ARG V 146 42.06 22.20 55.80
CA ARG V 146 40.82 21.50 56.04
C ARG V 146 39.78 21.90 55.02
N LEU V 147 39.17 20.91 54.37
CA LEU V 147 38.10 21.18 53.43
C LEU V 147 36.92 21.79 54.18
N ASN V 148 36.49 22.98 53.77
CA ASN V 148 35.40 23.60 54.48
C ASN V 148 34.13 22.85 54.18
N ARG V 149 33.47 22.35 55.20
CA ARG V 149 32.21 21.69 55.01
C ARG V 149 31.27 22.11 56.11
N TYR V 150 29.98 21.96 55.89
CA TYR V 150 29.03 22.38 56.90
C TYR V 150 27.77 21.53 56.80
N LEU V 151 27.08 21.35 57.93
CA LEU V 151 25.91 20.51 57.98
C LEU V 151 26.23 19.08 57.59
N THR V 152 27.36 18.56 58.05
CA THR V 152 27.76 17.20 57.69
C THR V 152 27.28 16.16 58.72
N ARG V 153 26.45 15.23 58.24
CA ARG V 153 25.79 14.26 59.13
C ARG V 153 26.70 13.16 59.63
N TRP V 154 27.39 12.49 58.72
CA TRP V 154 28.28 11.40 59.11
C TRP V 154 29.67 11.92 59.47
N SER V 155 30.57 11.01 59.83
CA SER V 155 31.98 11.33 60.00
C SER V 155 32.69 11.25 58.65
N PRO V 156 33.77 12.02 58.46
CA PRO V 156 34.57 11.99 57.22
C PRO V 156 35.10 10.61 56.80
N ARG V 157 35.39 9.73 57.75
CA ARG V 157 36.01 8.44 57.44
C ARG V 157 35.09 7.41 56.82
N SER V 158 33.93 7.23 57.44
CA SER V 158 33.04 6.13 57.17
C SER V 158 32.28 6.21 55.85
N VAL V 159 32.24 7.38 55.24
CA VAL V 159 31.49 7.57 53.99
C VAL V 159 32.23 6.94 52.81
N LYS V 160 31.49 6.16 52.00
CA LYS V 160 32.02 5.57 50.78
C LYS V 160 31.53 6.31 49.55
N PRO V 161 32.46 6.67 48.65
CA PRO V 161 32.08 7.45 47.46
C PRO V 161 31.03 6.71 46.65
N ILE V 162 29.94 7.36 46.21
CA ILE V 162 28.91 6.61 45.49
C ILE V 162 29.23 6.64 44.01
N TYR V 163 29.61 5.47 43.50
CA TYR V 163 30.05 5.33 42.13
C TYR V 163 28.89 5.16 41.20
N ASN V 164 27.77 4.66 41.70
CA ASN V 164 26.68 4.32 40.80
C ASN V 164 25.52 5.27 40.62
N LYS V 165 25.36 6.33 41.43
CA LYS V 165 24.30 7.31 41.12
C LYS V 165 22.98 6.59 40.93
N GLY V 166 22.64 6.39 39.68
CA GLY V 166 21.44 5.69 39.28
C GLY V 166 20.55 6.71 38.59
N HIS V 167 19.57 6.21 37.83
CA HIS V 167 18.80 7.08 36.97
C HIS V 167 17.66 7.79 37.70
N ARG V 168 16.84 8.51 36.95
CA ARG V 168 15.79 9.35 37.50
C ARG V 168 14.94 8.63 38.56
N TRP V 169 14.60 7.38 38.30
CA TRP V 169 13.70 6.66 39.18
C TRP V 169 14.35 6.04 40.43
N ASN V 170 15.53 5.44 40.33
CA ASN V 170 16.20 5.00 41.56
C ASN V 170 17.52 5.73 41.77
N LYS V 171 17.55 6.62 42.74
CA LYS V 171 18.71 7.47 42.89
C LYS V 171 19.32 7.26 44.26
N VAL V 172 20.64 7.31 44.37
CA VAL V 172 21.25 7.29 45.68
C VAL V 172 21.36 8.73 46.17
N ARG V 173 20.86 9.01 47.38
CA ARG V 173 20.84 10.38 47.90
C ARG V 173 21.95 10.66 48.92
N MET V 174 22.58 11.83 48.81
CA MET V 174 23.59 12.27 49.75
C MET V 174 22.95 13.04 50.93
N PRO V 175 23.03 12.48 52.15
CA PRO V 175 22.37 13.07 53.32
C PRO V 175 22.97 14.42 53.72
N VAL V 176 22.15 15.39 54.09
CA VAL V 176 22.64 16.70 54.53
C VAL V 176 21.90 17.18 55.78
N GLY V 177 22.64 17.40 56.86
CA GLY V 177 22.02 17.72 58.14
C GLY V 177 21.43 16.45 58.73
N SER V 178 20.84 16.53 59.91
CA SER V 178 20.27 15.32 60.52
C SER V 178 18.78 15.47 60.72
N PRO V 179 18.03 14.37 60.54
CA PRO V 179 16.57 14.42 60.63
C PRO V 179 16.07 14.82 62.02
N LEU V 180 16.94 14.77 63.03
CA LEU V 180 16.57 15.23 64.36
C LEU V 180 16.19 16.72 64.36
N LEU V 181 16.71 17.46 63.39
CA LEU V 181 16.48 18.88 63.29
C LEU V 181 15.30 19.23 62.37
N LYS V 182 14.57 18.22 61.92
CA LYS V 182 13.47 18.44 60.99
C LYS V 182 12.29 19.19 61.62
N ASP V 183 12.32 19.40 62.94
CA ASP V 183 11.23 20.10 63.61
C ASP V 183 11.49 21.60 63.85
N ASN V 184 12.61 22.12 63.37
CA ASN V 184 12.90 23.54 63.48
C ASN V 184 11.90 24.40 62.72
N VAL V 185 11.70 25.62 63.20
CA VAL V 185 10.76 26.54 62.55
C VAL V 185 11.24 26.92 61.15
N SER V 186 10.30 26.95 60.21
CA SER V 186 10.59 27.38 58.86
C SER V 186 9.88 28.69 58.57
N TYR V 187 10.66 29.75 58.40
CA TYR V 187 10.08 31.05 58.12
C TYR V 187 9.69 31.13 56.65
N SER V 188 10.36 30.35 55.83
CA SER V 188 10.07 30.31 54.41
C SER V 188 8.73 29.62 54.14
N GLY V 189 8.29 28.83 55.10
CA GLY V 189 7.09 28.01 54.95
C GLY V 189 7.45 26.72 54.24
N ARG V 190 8.60 26.72 53.59
CA ARG V 190 9.14 25.58 52.84
C ARG V 190 9.91 24.63 53.75
N PRO V 191 9.51 23.34 53.75
CA PRO V 191 10.19 22.28 54.53
C PRO V 191 11.61 21.98 54.00
N LEU V 192 12.54 21.72 54.91
CA LEU V 192 13.96 21.53 54.58
C LEU V 192 14.26 20.33 53.70
N LEU V 193 15.28 20.42 52.85
CA LEU V 193 15.66 19.26 52.06
C LEU V 193 16.74 18.45 52.75
N LEU V 194 16.35 17.28 53.25
CA LEU V 194 17.30 16.45 53.99
C LEU V 194 18.21 15.63 53.08
N TYR V 195 17.76 15.36 51.86
CA TYR V 195 18.53 14.49 51.00
C TYR V 195 18.76 15.04 49.61
N HIS V 196 20.04 15.21 49.30
CA HIS V 196 20.48 15.64 47.99
C HIS V 196 21.97 15.36 47.85
N UNK W 1 -2.32 -47.99 120.42
CA UNK W 1 -2.54 -47.00 119.33
C UNK W 1 -1.21 -46.58 118.57
N UNK W 2 -0.07 -46.57 119.27
CA UNK W 2 1.26 -46.33 118.63
C UNK W 2 1.89 -47.62 117.97
N UNK W 3 1.72 -48.77 118.63
CA UNK W 3 2.10 -50.08 118.06
C UNK W 3 1.25 -50.48 116.79
N UNK W 4 -0.05 -50.18 116.81
CA UNK W 4 -0.93 -50.41 115.64
C UNK W 4 -0.68 -49.42 114.43
N UNK W 5 -0.32 -48.17 114.72
CA UNK W 5 0.09 -47.22 113.66
C UNK W 5 1.55 -47.49 113.08
N UNK W 6 2.50 -47.89 113.95
CA UNK W 6 3.84 -48.37 113.47
C UNK W 6 3.80 -49.78 112.71
N UNK W 7 2.94 -50.70 113.16
CA UNK W 7 2.68 -51.96 112.41
C UNK W 7 1.83 -51.74 111.07
N UNK W 8 0.91 -50.78 111.07
CA UNK W 8 0.18 -50.37 109.80
C UNK W 8 1.09 -49.59 108.75
N UNK W 9 1.93 -48.66 109.21
CA UNK W 9 2.97 -48.03 108.34
C UNK W 9 4.15 -49.03 107.90
N UNK W 10 4.50 -49.98 108.78
CA UNK W 10 5.44 -51.09 108.41
C UNK W 10 4.81 -52.16 107.40
N UNK W 11 3.54 -52.49 107.57
CA UNK W 11 2.81 -53.34 106.58
C UNK W 11 2.46 -52.59 105.20
N UNK W 12 2.23 -51.27 105.25
CA UNK W 12 2.11 -50.41 104.00
C UNK W 12 3.50 -50.10 103.24
N UNK W 13 4.58 -49.83 103.98
CA UNK W 13 5.96 -49.78 103.38
C UNK W 13 6.52 -51.21 102.92
N UNK W 14 6.14 -52.28 103.63
CA UNK W 14 6.39 -53.70 103.14
C UNK W 14 5.50 -54.14 101.88
N UNK W 15 4.21 -53.79 101.88
CA UNK W 15 3.38 -53.96 100.65
C UNK W 15 3.85 -53.06 99.41
N UNK W 16 4.24 -51.81 99.67
CA UNK W 16 4.85 -50.92 98.63
C UNK W 16 6.32 -51.37 98.14
N UNK W 17 7.15 -51.90 99.05
CA UNK W 17 8.47 -52.52 98.65
C UNK W 17 8.34 -53.94 97.91
N UNK W 18 7.37 -54.78 98.33
CA UNK W 18 7.06 -56.03 97.57
C UNK W 18 6.34 -55.76 96.16
N UNK W 19 5.44 -54.79 96.10
CA UNK W 19 4.86 -54.34 94.78
C UNK W 19 5.90 -53.55 93.85
N UNK W 20 6.80 -52.77 94.45
CA UNK W 20 7.96 -52.17 93.70
C UNK W 20 9.05 -53.25 93.22
N UNK W 21 9.30 -54.29 94.02
CA UNK W 21 10.14 -55.45 93.55
C UNK W 21 9.40 -56.39 92.47
N UNK W 22 8.09 -56.58 92.61
CA UNK W 22 7.29 -57.26 91.55
C UNK W 22 7.12 -56.41 90.17
N UNK W 23 6.98 -55.09 90.27
CA UNK W 23 6.99 -54.20 89.04
C UNK W 23 8.46 -53.94 88.45
N UNK W 24 9.49 -53.95 89.30
CA UNK W 24 10.91 -53.94 88.81
C UNK W 24 11.35 -55.32 88.18
N UNK W 25 10.83 -56.43 88.70
CA UNK W 25 10.98 -57.74 88.01
C UNK W 25 10.02 -57.90 86.73
N UNK W 26 8.91 -57.15 86.69
CA UNK W 26 8.00 -57.12 85.46
C UNK W 26 8.53 -56.25 84.20
N UNK W 27 9.13 -55.08 84.44
CA UNK W 27 9.59 -54.17 83.37
C UNK W 27 10.72 -54.72 82.44
N UNK W 28 12.26 -56.37 84.60
CA UNK W 28 13.38 -56.78 83.78
C UNK W 28 13.03 -57.98 82.84
N UNK W 29 -36.78 -72.70 59.26
CA UNK W 29 -37.78 -73.37 60.12
C UNK W 29 -37.42 -73.40 61.67
N UNK W 30 -38.31 -72.89 62.52
CA UNK W 30 -38.12 -72.99 63.98
C UNK W 30 -39.17 -73.88 64.72
N UNK W 31 -38.73 -75.02 65.25
CA UNK W 31 -39.54 -75.82 66.16
C UNK W 31 -38.74 -76.37 67.36
N UNK W 32 -39.02 -75.87 68.55
CA UNK W 32 -38.33 -76.33 69.75
C UNK W 32 -39.11 -77.42 70.53
N UNK W 33 -38.74 -78.68 70.36
CA UNK W 33 -39.36 -79.78 71.13
C UNK W 33 -39.07 -79.70 72.66
N UNK W 34 -40.10 -79.47 73.47
CA UNK W 34 -39.94 -79.47 74.94
C UNK W 34 -40.14 -80.87 75.63
N UNK W 35 -39.09 -81.39 76.25
CA UNK W 35 -39.21 -82.55 77.14
C UNK W 35 -39.58 -82.17 78.60
N UNK W 36 -42.14 -84.35 78.46
CA UNK W 36 -42.35 -83.58 79.68
C UNK W 36 -41.75 -84.24 81.03
N UNK W 37 -31.94 -81.09 88.96
CA UNK W 37 -30.71 -81.91 88.84
C UNK W 37 -30.96 -83.48 88.77
N UNK W 38 -29.94 -84.27 89.09
CA UNK W 38 -30.00 -85.75 89.02
C UNK W 38 -30.71 -86.46 90.26
N UNK W 39 -30.56 -85.91 91.46
CA UNK W 39 -31.26 -86.44 92.69
C UNK W 39 -32.83 -86.20 92.69
N UNK W 40 -33.25 -85.04 92.20
CA UNK W 40 -34.70 -84.73 91.98
C UNK W 40 -35.31 -85.46 90.72
N UNK W 41 -34.50 -85.71 89.69
CA UNK W 41 -34.92 -86.55 88.53
C UNK W 41 -34.98 -88.11 88.85
N UNK W 42 -34.04 -88.60 89.65
CA UNK W 42 -34.11 -89.99 90.19
C UNK W 42 -35.19 -90.19 91.34
N UNK W 43 -35.43 -89.15 92.14
CA UNK W 43 -36.57 -89.17 93.13
C UNK W 43 -38.01 -88.93 92.47
N UNK W 44 -38.06 -88.18 91.37
CA UNK W 44 -39.32 -88.06 90.54
C UNK W 44 -39.56 -89.28 89.53
N UNK W 45 -38.49 -89.98 89.14
CA UNK W 45 -38.62 -91.23 88.31
C UNK W 45 -38.92 -92.58 89.16
N UNK W 46 -38.30 -92.72 90.33
CA UNK W 46 -38.42 -93.95 91.18
C UNK W 46 -39.88 -94.37 91.58
N UNK W 47 -41.00 -91.48 91.99
CA UNK W 47 -42.36 -91.81 92.34
C UNK W 47 -43.17 -92.41 91.15
ZN ZN X . 12.11 20.21 77.28
#